data_6XWL
#
_entry.id   6XWL
#
_cell.length_a   83.237
_cell.length_b   83.237
_cell.length_c   420.309
_cell.angle_alpha   90.000
_cell.angle_beta   90.000
_cell.angle_gamma   120.000
#
_symmetry.space_group_name_H-M   'P 31'
#
loop_
_entity.id
_entity.type
_entity.pdbx_description
1 polymer 'Cystathionine beta-synthase'
2 non-polymer "PYRIDOXAL-5'-PHOSPHATE"
#
_entity_poly.entity_id   1
_entity_poly.type   'polypeptide(L)'
_entity_poly.pdbx_seq_one_letter_code
;MNGKFADGPYSGILDSVLDAIGNTPMVRMKRLAKVYGLECDLLAKCEFMSAGGSVKDRIGKAMVEKAEREGRLKAGDTLI
EPTSGNTGIGLALAAAVRGYRMIVTMPAKMSAEKSNIMKCLGAEIVRTPTEAAWNDENSHMGVAAKLQRELENAHILDQY
NNTANPMVHYDVTAEEIITQCDGDIDMVVIGAGTGGTITGIGRKIKERCPKCKVVGVDPKGSILAVPDSLNDEKRLQSYE
VEGIGYDFVPGVLDRKVVDEWVKVGDAESFTTARAIIRNEGLFVGGSSGANVWGALQAARQLKKGQKCVVLLPDSSRNYM
SKFISDEWMAEHGFAPEDGAKVKEREKQFGGARIRDLLSETGATSDVPFVTARLSVEDVIKMMHETKVKEVIVTEDSEAD
GKTKLVGVLSEDHIAHSLQSGRCAMQSPVKDIAFKKLAKALPSAYLRDVAKALDFSPYVCVMDEKPSTKKQAGMGEHERA
KISLRKAGNSRECPHFLGVITRIDLLHWLATKQK
;
_entity_poly.pdbx_strand_id   F,A,B,C,D,E
#
# COMPACT_ATOMS: atom_id res chain seq x y z
N ALA A 6 -50.75 -0.23 28.19
CA ALA A 6 -51.45 -0.64 29.41
C ALA A 6 -50.50 -0.66 30.60
N ASP A 7 -50.79 -1.53 31.57
CA ASP A 7 -49.93 -1.72 32.75
C ASP A 7 -49.83 -3.22 33.01
N GLY A 8 -48.81 -3.85 32.44
CA GLY A 8 -48.57 -5.27 32.66
C GLY A 8 -47.42 -5.65 33.58
N PRO A 9 -46.24 -4.99 33.46
CA PRO A 9 -45.10 -5.42 34.28
C PRO A 9 -45.06 -4.81 35.68
N TYR A 10 -45.67 -3.63 35.86
CA TYR A 10 -45.62 -2.93 37.14
C TYR A 10 -47.00 -2.72 37.74
N SER A 11 -48.03 -3.37 37.19
CA SER A 11 -49.37 -3.24 37.73
C SER A 11 -49.48 -3.81 39.15
N GLY A 12 -48.55 -4.67 39.56
CA GLY A 12 -48.53 -5.19 40.91
C GLY A 12 -47.48 -4.50 41.77
N ILE A 13 -47.28 -5.06 42.96
CA ILE A 13 -46.24 -4.61 43.87
C ILE A 13 -45.01 -5.49 43.66
N LEU A 14 -43.84 -4.89 43.89
CA LEU A 14 -42.56 -5.56 43.70
C LEU A 14 -41.93 -5.85 45.05
N ASP A 15 -41.37 -7.05 45.19
CA ASP A 15 -40.80 -7.46 46.47
C ASP A 15 -39.49 -6.74 46.75
N SER A 16 -38.75 -6.35 45.71
CA SER A 16 -37.47 -5.69 45.90
C SER A 16 -37.12 -4.93 44.62
N VAL A 17 -35.98 -4.24 44.65
CA VAL A 17 -35.53 -3.45 43.51
C VAL A 17 -35.07 -4.34 42.36
N LEU A 18 -34.61 -5.55 42.67
CA LEU A 18 -34.13 -6.45 41.62
C LEU A 18 -35.24 -6.79 40.62
N ASP A 19 -36.49 -6.81 41.07
CA ASP A 19 -37.61 -7.07 40.17
C ASP A 19 -38.00 -5.87 39.34
N ALA A 20 -37.29 -4.75 39.45
CA ALA A 20 -37.61 -3.54 38.69
C ALA A 20 -36.56 -3.19 37.65
N ILE A 21 -35.58 -4.05 37.43
CA ILE A 21 -34.53 -3.79 36.45
C ILE A 21 -34.93 -4.40 35.13
N GLY A 22 -34.56 -3.73 34.05
CA GLY A 22 -34.94 -4.17 32.71
C GLY A 22 -36.22 -3.51 32.25
N ASN A 23 -36.88 -4.17 31.29
CA ASN A 23 -38.13 -3.67 30.72
C ASN A 23 -37.98 -2.25 30.16
N THR A 24 -36.78 -1.95 29.64
CA THR A 24 -36.48 -0.60 29.21
C THR A 24 -37.16 -0.31 27.87
N PRO A 25 -37.82 0.83 27.71
CA PRO A 25 -38.51 1.12 26.46
C PRO A 25 -37.55 1.48 25.33
N MET A 26 -38.05 1.38 24.11
CA MET A 26 -37.32 1.70 22.89
C MET A 26 -37.88 2.98 22.32
N VAL A 27 -37.02 3.96 22.09
CA VAL A 27 -37.43 5.28 21.62
C VAL A 27 -36.84 5.55 20.25
N ARG A 28 -37.61 6.22 19.39
CA ARG A 28 -37.14 6.57 18.07
C ARG A 28 -36.47 7.94 18.13
N MET A 29 -35.22 8.01 17.68
CA MET A 29 -34.44 9.25 17.72
C MET A 29 -34.57 9.98 16.38
N LYS A 30 -35.79 10.47 16.13
CA LYS A 30 -36.06 11.19 14.88
C LYS A 30 -35.26 12.49 14.80
N ARG A 31 -35.22 13.24 15.91
CA ARG A 31 -34.56 14.54 15.88
C ARG A 31 -33.06 14.42 15.67
N LEU A 32 -32.42 13.47 16.34
CA LEU A 32 -30.98 13.29 16.15
C LEU A 32 -30.66 12.83 14.73
N ALA A 33 -31.48 11.94 14.18
CA ALA A 33 -31.29 11.50 12.80
C ALA A 33 -31.44 12.67 11.84
N LYS A 34 -32.44 13.52 12.06
CA LYS A 34 -32.62 14.70 11.22
C LYS A 34 -31.43 15.65 11.34
N VAL A 35 -30.87 15.77 12.55
CA VAL A 35 -29.70 16.64 12.74
C VAL A 35 -28.50 16.10 11.98
N TYR A 36 -28.26 14.79 12.08
CA TYR A 36 -27.11 14.18 11.44
C TYR A 36 -27.37 13.71 10.01
N GLY A 37 -28.62 13.79 9.54
CA GLY A 37 -28.93 13.42 8.18
C GLY A 37 -28.95 11.92 7.94
N LEU A 38 -29.63 11.20 8.83
CA LEU A 38 -29.75 9.74 8.73
C LEU A 38 -31.17 9.38 8.33
N GLU A 39 -31.31 8.71 7.18
CA GLU A 39 -32.62 8.48 6.60
C GLU A 39 -33.42 7.43 7.38
N CYS A 40 -32.78 6.33 7.75
CA CYS A 40 -33.49 5.22 8.37
C CYS A 40 -33.96 5.60 9.78
N ASP A 41 -34.71 4.70 10.41
CA ASP A 41 -35.22 4.91 11.75
C ASP A 41 -34.18 4.42 12.76
N LEU A 42 -33.65 5.34 13.56
CA LEU A 42 -32.68 5.03 14.59
C LEU A 42 -33.41 4.75 15.90
N LEU A 43 -33.42 3.49 16.31
CA LEU A 43 -34.06 3.09 17.56
C LEU A 43 -33.02 3.03 18.66
N ALA A 44 -33.41 3.46 19.85
CA ALA A 44 -32.51 3.53 21.00
C ALA A 44 -33.12 2.69 22.12
N LYS A 45 -32.38 1.69 22.58
CA LYS A 45 -32.77 0.87 23.72
C LYS A 45 -32.26 1.56 24.98
N CYS A 46 -33.15 2.28 25.67
CA CYS A 46 -32.75 3.12 26.80
C CYS A 46 -32.52 2.24 28.03
N GLU A 47 -31.44 1.46 27.97
CA GLU A 47 -31.06 0.60 29.08
C GLU A 47 -30.68 1.38 30.32
N PHE A 48 -30.30 2.65 30.17
CA PHE A 48 -29.86 3.46 31.30
C PHE A 48 -31.00 3.81 32.26
N MET A 49 -32.24 3.50 31.93
CA MET A 49 -33.37 3.83 32.79
C MET A 49 -33.76 2.70 33.73
N SER A 50 -32.94 1.64 33.81
CA SER A 50 -33.19 0.59 34.78
C SER A 50 -33.01 1.13 36.20
N ALA A 51 -33.37 0.30 37.18
CA ALA A 51 -33.32 0.72 38.58
C ALA A 51 -31.90 1.13 38.98
N GLY A 52 -30.90 0.36 38.58
CA GLY A 52 -29.52 0.72 38.85
C GLY A 52 -28.90 1.64 37.82
N GLY A 53 -29.63 2.00 36.77
CA GLY A 53 -29.12 2.92 35.77
C GLY A 53 -28.02 2.37 34.88
N SER A 54 -28.07 1.08 34.55
CA SER A 54 -27.04 0.49 33.72
C SER A 54 -27.57 -0.81 33.13
N VAL A 55 -26.95 -1.24 32.03
CA VAL A 55 -27.30 -2.52 31.41
C VAL A 55 -26.83 -3.70 32.25
N LYS A 56 -25.84 -3.50 33.11
CA LYS A 56 -25.28 -4.60 33.89
C LYS A 56 -26.17 -5.05 35.04
N ASP A 57 -27.25 -4.33 35.33
CA ASP A 57 -28.19 -4.77 36.35
C ASP A 57 -28.72 -6.16 36.03
N ARG A 58 -29.07 -6.39 34.76
CA ARG A 58 -29.61 -7.68 34.34
C ARG A 58 -28.61 -8.80 34.61
N ILE A 59 -27.36 -8.61 34.20
CA ILE A 59 -26.37 -9.67 34.35
C ILE A 59 -26.03 -9.88 35.83
N GLY A 60 -26.05 -8.81 36.63
CA GLY A 60 -25.80 -8.99 38.05
C GLY A 60 -26.89 -9.79 38.73
N LYS A 61 -28.15 -9.35 38.54
CA LYS A 61 -29.28 -10.09 39.08
C LYS A 61 -29.25 -11.55 38.65
N ALA A 62 -28.98 -11.80 37.37
CA ALA A 62 -29.07 -13.16 36.87
C ALA A 62 -27.89 -14.02 37.31
N MET A 63 -26.70 -13.44 37.47
CA MET A 63 -25.59 -14.22 38.01
C MET A 63 -25.86 -14.58 39.47
N VAL A 64 -26.44 -13.65 40.24
CA VAL A 64 -26.79 -13.98 41.62
C VAL A 64 -27.88 -15.04 41.64
N GLU A 65 -28.85 -14.96 40.72
CA GLU A 65 -29.90 -15.96 40.64
C GLU A 65 -29.34 -17.33 40.30
N LYS A 66 -28.38 -17.39 39.38
CA LYS A 66 -27.76 -18.67 39.04
C LYS A 66 -26.96 -19.22 40.22
N ALA A 67 -26.21 -18.36 40.91
CA ALA A 67 -25.45 -18.81 42.07
C ALA A 67 -26.36 -19.36 43.16
N GLU A 68 -27.48 -18.69 43.41
CA GLU A 68 -28.40 -19.15 44.46
C GLU A 68 -29.16 -20.40 44.02
N ARG A 69 -29.49 -20.49 42.72
CA ARG A 69 -30.25 -21.63 42.22
C ARG A 69 -29.44 -22.92 42.23
N GLU A 70 -28.12 -22.82 42.10
CA GLU A 70 -27.24 -23.98 42.14
C GLU A 70 -26.69 -24.24 43.53
N GLY A 71 -27.18 -23.54 44.55
CA GLY A 71 -26.70 -23.74 45.90
C GLY A 71 -25.27 -23.31 46.13
N ARG A 72 -24.69 -22.54 45.21
CA ARG A 72 -23.32 -22.08 45.33
C ARG A 72 -23.20 -20.78 46.13
N LEU A 73 -24.30 -20.31 46.72
CA LEU A 73 -24.30 -19.03 47.42
C LEU A 73 -25.26 -19.12 48.59
N LYS A 74 -24.78 -18.73 49.77
CA LYS A 74 -25.58 -18.74 50.99
C LYS A 74 -25.46 -17.39 51.68
N ALA A 75 -26.46 -17.09 52.51
CA ALA A 75 -26.51 -15.81 53.21
C ALA A 75 -25.26 -15.59 54.05
N GLY A 76 -24.79 -14.34 54.09
CA GLY A 76 -23.59 -14.00 54.82
C GLY A 76 -22.32 -14.06 54.01
N ASP A 77 -22.33 -14.70 52.85
CA ASP A 77 -21.13 -14.82 52.04
C ASP A 77 -20.69 -13.46 51.50
N THR A 78 -19.46 -13.42 51.01
CA THR A 78 -18.87 -12.22 50.43
C THR A 78 -18.78 -12.37 48.92
N LEU A 79 -19.10 -11.29 48.20
CA LEU A 79 -19.08 -11.28 46.74
C LEU A 79 -18.01 -10.31 46.26
N ILE A 80 -17.15 -10.78 45.36
CA ILE A 80 -16.08 -9.98 44.78
C ILE A 80 -16.23 -10.01 43.27
N GLU A 81 -16.04 -8.86 42.63
CA GLU A 81 -16.20 -8.80 41.18
C GLU A 81 -15.41 -7.66 40.57
N PRO A 82 -14.55 -7.93 39.59
CA PRO A 82 -13.90 -6.84 38.85
C PRO A 82 -14.87 -6.23 37.84
N THR A 83 -14.89 -4.90 37.80
CA THR A 83 -15.86 -4.21 36.97
C THR A 83 -15.33 -2.83 36.60
N SER A 84 -15.89 -2.29 35.53
CA SER A 84 -15.68 -0.89 35.17
C SER A 84 -16.58 0.06 35.95
N GLY A 85 -17.51 -0.47 36.74
CA GLY A 85 -18.34 0.35 37.60
C GLY A 85 -19.81 0.00 37.61
N ASN A 86 -20.34 -0.48 36.48
CA ASN A 86 -21.76 -0.77 36.39
C ASN A 86 -22.13 -2.15 36.91
N THR A 87 -21.34 -3.17 36.56
CA THR A 87 -21.57 -4.50 37.11
C THR A 87 -21.37 -4.50 38.61
N GLY A 88 -20.41 -3.70 39.10
CA GLY A 88 -20.25 -3.52 40.53
C GLY A 88 -21.50 -2.94 41.18
N ILE A 89 -22.12 -1.96 40.53
CA ILE A 89 -23.34 -1.37 41.07
C ILE A 89 -24.48 -2.40 41.09
N GLY A 90 -24.64 -3.15 40.00
CA GLY A 90 -25.67 -4.17 39.95
C GLY A 90 -25.51 -5.22 41.04
N LEU A 91 -24.30 -5.74 41.18
CA LEU A 91 -24.05 -6.75 42.20
C LEU A 91 -24.14 -6.17 43.60
N ALA A 92 -23.81 -4.88 43.78
CA ALA A 92 -23.96 -4.25 45.07
C ALA A 92 -25.43 -4.13 45.45
N LEU A 93 -26.28 -3.77 44.49
CA LEU A 93 -27.72 -3.74 44.75
C LEU A 93 -28.23 -5.13 45.09
N ALA A 94 -27.83 -6.14 44.31
CA ALA A 94 -28.26 -7.51 44.59
C ALA A 94 -27.83 -7.96 45.97
N ALA A 95 -26.61 -7.61 46.38
CA ALA A 95 -26.09 -8.02 47.68
C ALA A 95 -26.80 -7.29 48.81
N ALA A 96 -26.98 -5.97 48.68
CA ALA A 96 -27.68 -5.21 49.70
C ALA A 96 -29.12 -5.68 49.87
N VAL A 97 -29.75 -6.14 48.79
CA VAL A 97 -31.11 -6.67 48.91
C VAL A 97 -31.10 -8.05 49.54
N ARG A 98 -30.38 -9.00 48.95
CA ARG A 98 -30.39 -10.38 49.38
C ARG A 98 -29.37 -10.70 50.46
N GLY A 99 -28.75 -9.69 51.06
CA GLY A 99 -27.89 -9.92 52.21
C GLY A 99 -26.53 -10.53 51.94
N TYR A 100 -25.79 -9.99 50.97
CA TYR A 100 -24.44 -10.43 50.68
C TYR A 100 -23.46 -9.28 50.89
N ARG A 101 -22.20 -9.64 51.10
CA ARG A 101 -21.13 -8.66 51.26
C ARG A 101 -20.47 -8.40 49.91
N MET A 102 -20.14 -7.13 49.65
CA MET A 102 -19.61 -6.72 48.36
C MET A 102 -18.22 -6.14 48.52
N ILE A 103 -17.30 -6.58 47.67
CA ILE A 103 -15.96 -6.00 47.53
C ILE A 103 -15.69 -5.83 46.04
N VAL A 104 -15.39 -4.62 45.62
CA VAL A 104 -15.27 -4.29 44.20
C VAL A 104 -13.83 -3.90 43.89
N THR A 105 -13.32 -4.37 42.75
CA THR A 105 -12.03 -3.98 42.22
C THR A 105 -12.26 -3.30 40.87
N MET A 106 -11.83 -2.05 40.75
CA MET A 106 -12.05 -1.29 39.54
C MET A 106 -10.85 -0.41 39.25
N PRO A 107 -10.52 -0.18 37.98
CA PRO A 107 -9.40 0.70 37.64
C PRO A 107 -9.63 2.12 38.12
N ALA A 108 -8.53 2.82 38.41
CA ALA A 108 -8.61 4.21 38.84
C ALA A 108 -9.13 5.14 37.75
N LYS A 109 -9.10 4.70 36.48
CA LYS A 109 -9.58 5.53 35.39
C LYS A 109 -11.07 5.85 35.55
N MET A 110 -11.83 4.93 36.13
CA MET A 110 -13.27 5.07 36.23
C MET A 110 -13.65 6.27 37.10
N SER A 111 -14.86 6.77 36.88
CA SER A 111 -15.32 7.98 37.54
C SER A 111 -15.41 7.79 39.06
N ALA A 112 -15.48 8.91 39.76
CA ALA A 112 -15.63 8.90 41.21
C ALA A 112 -17.08 8.72 41.65
N GLU A 113 -18.04 9.02 40.79
CA GLU A 113 -19.45 8.81 41.14
C GLU A 113 -19.76 7.34 41.33
N LYS A 114 -19.16 6.48 40.51
CA LYS A 114 -19.33 5.04 40.68
C LYS A 114 -18.78 4.60 42.04
N SER A 115 -17.58 5.06 42.38
CA SER A 115 -16.98 4.72 43.67
C SER A 115 -17.86 5.19 44.83
N ASN A 116 -18.36 6.43 44.75
CA ASN A 116 -19.20 6.96 45.83
C ASN A 116 -20.50 6.19 45.96
N ILE A 117 -21.14 5.85 44.84
CA ILE A 117 -22.41 5.15 44.92
C ILE A 117 -22.21 3.71 45.39
N MET A 118 -21.07 3.09 45.04
CA MET A 118 -20.81 1.74 45.54
C MET A 118 -20.44 1.79 47.02
N LYS A 119 -19.90 2.91 47.48
CA LYS A 119 -19.73 3.11 48.92
C LYS A 119 -21.08 3.27 49.61
N CYS A 120 -22.05 3.89 48.92
CA CYS A 120 -23.38 4.03 49.50
C CYS A 120 -24.07 2.67 49.70
N LEU A 121 -23.79 1.70 48.83
CA LEU A 121 -24.32 0.35 49.04
C LEU A 121 -23.50 -0.47 50.04
N GLY A 122 -22.54 0.15 50.72
CA GLY A 122 -21.78 -0.57 51.74
C GLY A 122 -20.77 -1.55 51.18
N ALA A 123 -20.20 -1.26 50.02
CA ALA A 123 -19.24 -2.15 49.39
C ALA A 123 -17.82 -1.62 49.58
N GLU A 124 -16.90 -2.53 49.91
CA GLU A 124 -15.49 -2.17 49.97
C GLU A 124 -14.95 -2.01 48.56
N ILE A 125 -14.20 -0.93 48.34
CA ILE A 125 -13.74 -0.56 47.00
C ILE A 125 -12.23 -0.41 47.03
N VAL A 126 -11.53 -1.25 46.27
CA VAL A 126 -10.09 -1.16 46.07
C VAL A 126 -9.84 -0.79 44.61
N ARG A 127 -8.90 0.11 44.39
CA ARG A 127 -8.61 0.62 43.06
C ARG A 127 -7.33 0.00 42.52
N THR A 128 -7.23 -0.04 41.19
CA THR A 128 -6.08 -0.59 40.49
C THR A 128 -5.52 0.45 39.52
N PRO A 129 -4.22 0.41 39.26
CA PRO A 129 -3.64 1.39 38.33
C PRO A 129 -4.25 1.30 36.94
N THR A 130 -4.42 2.45 36.30
CA THR A 130 -5.10 2.50 35.01
C THR A 130 -4.24 1.88 33.91
N GLU A 131 -2.93 2.11 33.94
CA GLU A 131 -2.03 1.63 32.91
C GLU A 131 -1.69 0.14 33.06
N ALA A 132 -2.19 -0.51 34.11
CA ALA A 132 -1.86 -1.91 34.35
C ALA A 132 -2.54 -2.81 33.33
N ALA A 133 -1.75 -3.68 32.70
CA ALA A 133 -2.28 -4.69 31.81
C ALA A 133 -2.99 -5.79 32.61
N TRP A 134 -3.77 -6.61 31.90
CA TRP A 134 -4.48 -7.69 32.56
C TRP A 134 -3.54 -8.75 33.12
N ASN A 135 -2.34 -8.88 32.56
CA ASN A 135 -1.37 -9.86 33.08
C ASN A 135 -0.82 -9.44 34.43
N ASP A 136 -0.85 -8.15 34.75
CA ASP A 136 -0.27 -7.67 36.01
C ASP A 136 -1.01 -8.24 37.20
N GLU A 137 -0.28 -8.47 38.29
CA GLU A 137 -0.89 -8.90 39.55
C GLU A 137 -1.66 -7.79 40.25
N ASN A 138 -1.52 -6.55 39.80
CA ASN A 138 -2.26 -5.42 40.36
C ASN A 138 -3.48 -5.04 39.53
N SER A 139 -3.85 -5.84 38.53
CA SER A 139 -5.05 -5.57 37.78
C SER A 139 -6.29 -5.93 38.60
N HIS A 140 -7.44 -5.37 38.21
CA HIS A 140 -8.67 -5.59 38.96
C HIS A 140 -9.04 -7.07 39.03
N MET A 141 -8.85 -7.80 37.93
CA MET A 141 -9.17 -9.23 37.96
C MET A 141 -8.17 -10.01 38.79
N GLY A 142 -6.88 -9.71 38.66
CA GLY A 142 -5.88 -10.37 39.47
C GLY A 142 -6.03 -10.05 40.95
N VAL A 143 -6.32 -8.78 41.26
CA VAL A 143 -6.51 -8.39 42.66
C VAL A 143 -7.78 -9.04 43.22
N ALA A 144 -8.82 -9.18 42.39
CA ALA A 144 -10.01 -9.89 42.83
C ALA A 144 -9.71 -11.35 43.13
N ALA A 145 -8.91 -12.00 42.27
CA ALA A 145 -8.50 -13.38 42.54
C ALA A 145 -7.70 -13.47 43.83
N LYS A 146 -6.80 -12.52 44.06
CA LYS A 146 -6.02 -12.51 45.30
C LYS A 146 -6.92 -12.36 46.52
N LEU A 147 -7.89 -11.45 46.45
CA LEU A 147 -8.82 -11.26 47.56
C LEU A 147 -9.64 -12.51 47.82
N GLN A 148 -10.07 -13.19 46.74
CA GLN A 148 -10.77 -14.46 46.91
C GLN A 148 -9.87 -15.49 47.61
N ARG A 149 -8.59 -15.51 47.25
CA ARG A 149 -7.66 -16.44 47.90
C ARG A 149 -7.48 -16.11 49.37
N GLU A 150 -7.50 -14.82 49.72
CA GLU A 150 -7.17 -14.39 51.07
C GLU A 150 -8.38 -14.30 52.01
N LEU A 151 -9.61 -14.35 51.48
CA LEU A 151 -10.80 -14.14 52.28
C LEU A 151 -11.63 -15.40 52.42
N GLU A 152 -12.40 -15.46 53.50
CA GLU A 152 -13.26 -16.60 53.79
C GLU A 152 -14.64 -16.40 53.16
N ASN A 153 -15.19 -17.49 52.60
CA ASN A 153 -16.52 -17.50 51.99
C ASN A 153 -16.67 -16.46 50.88
N ALA A 154 -15.55 -16.09 50.25
CA ALA A 154 -15.57 -15.12 49.16
C ALA A 154 -15.81 -15.82 47.83
N HIS A 155 -16.48 -15.12 46.92
CA HIS A 155 -16.79 -15.66 45.60
C HIS A 155 -16.58 -14.58 44.54
N ILE A 156 -16.10 -15.02 43.37
CA ILE A 156 -16.04 -14.18 42.19
C ILE A 156 -16.95 -14.79 41.13
N LEU A 157 -17.85 -13.98 40.59
CA LEU A 157 -18.76 -14.47 39.55
C LEU A 157 -18.21 -14.24 38.15
N ASP A 158 -17.21 -13.38 38.00
CA ASP A 158 -16.39 -13.28 36.79
C ASP A 158 -17.26 -13.01 35.54
N GLN A 159 -17.87 -11.83 35.55
CA GLN A 159 -18.70 -11.40 34.41
C GLN A 159 -17.97 -11.51 33.08
N TYR A 160 -16.63 -11.54 33.10
CA TYR A 160 -15.88 -11.71 31.85
C TYR A 160 -15.97 -13.14 31.33
N ASN A 161 -16.25 -14.12 32.20
CA ASN A 161 -16.34 -15.51 31.80
C ASN A 161 -17.65 -16.17 32.18
N ASN A 162 -18.51 -15.52 32.97
CA ASN A 162 -19.77 -16.14 33.38
C ASN A 162 -20.72 -16.19 32.20
N THR A 163 -21.24 -17.38 31.91
CA THR A 163 -22.12 -17.54 30.76
C THR A 163 -23.51 -16.96 31.00
N ALA A 164 -23.80 -16.50 32.22
CA ALA A 164 -25.05 -15.79 32.46
C ALA A 164 -25.06 -14.46 31.72
N ASN A 165 -23.94 -13.74 31.75
CA ASN A 165 -23.84 -12.43 31.09
C ASN A 165 -24.32 -12.45 29.64
N PRO A 166 -23.84 -13.33 28.75
CA PRO A 166 -24.36 -13.33 27.37
C PRO A 166 -25.75 -13.95 27.26
N MET A 167 -26.01 -15.02 28.02
CA MET A 167 -27.28 -15.74 27.87
C MET A 167 -28.48 -14.95 28.34
N VAL A 168 -28.29 -13.97 29.24
CA VAL A 168 -29.41 -13.15 29.67
C VAL A 168 -29.82 -12.19 28.56
N HIS A 169 -28.84 -11.48 27.99
CA HIS A 169 -29.13 -10.65 26.83
C HIS A 169 -29.66 -11.50 25.67
N TYR A 170 -29.29 -12.78 25.63
CA TYR A 170 -29.86 -13.70 24.65
C TYR A 170 -31.31 -14.04 24.96
N ASP A 171 -31.69 -14.08 26.24
CA ASP A 171 -32.99 -14.57 26.64
C ASP A 171 -34.04 -13.46 26.76
N VAL A 172 -33.73 -12.39 27.50
CA VAL A 172 -34.70 -11.36 27.86
C VAL A 172 -34.50 -10.09 27.04
N THR A 173 -33.26 -9.56 27.02
CA THR A 173 -33.03 -8.27 26.39
C THR A 173 -33.30 -8.33 24.89
N ALA A 174 -32.72 -9.32 24.20
CA ALA A 174 -32.95 -9.45 22.77
C ALA A 174 -34.42 -9.75 22.48
N GLU A 175 -35.07 -10.53 23.35
CA GLU A 175 -36.50 -10.76 23.19
C GLU A 175 -37.28 -9.46 23.33
N GLU A 176 -36.86 -8.60 24.26
CA GLU A 176 -37.48 -7.28 24.40
C GLU A 176 -37.31 -6.48 23.11
N ILE A 177 -36.10 -6.45 22.56
CA ILE A 177 -35.85 -5.71 21.32
C ILE A 177 -36.71 -6.25 20.19
N ILE A 178 -36.84 -7.58 20.09
CA ILE A 178 -37.60 -8.18 19.01
C ILE A 178 -39.09 -7.87 19.16
N THR A 179 -39.62 -7.97 20.39
CA THR A 179 -41.02 -7.66 20.61
C THR A 179 -41.31 -6.19 20.34
N GLN A 180 -40.38 -5.30 20.68
CA GLN A 180 -40.59 -3.88 20.46
C GLN A 180 -40.47 -3.50 18.99
N CYS A 181 -39.60 -4.17 18.24
CA CYS A 181 -39.44 -3.92 16.82
C CYS A 181 -40.35 -4.79 15.97
N ASP A 182 -41.14 -5.68 16.58
CA ASP A 182 -42.06 -6.57 15.86
C ASP A 182 -41.32 -7.49 14.89
N GLY A 183 -40.05 -7.77 15.17
CA GLY A 183 -39.25 -8.67 14.37
C GLY A 183 -38.42 -8.00 13.30
N ASP A 184 -38.92 -6.90 12.71
CA ASP A 184 -38.23 -6.23 11.62
C ASP A 184 -37.10 -5.39 12.21
N ILE A 185 -35.87 -5.93 12.16
CA ILE A 185 -34.67 -5.20 12.52
C ILE A 185 -33.62 -5.47 11.46
N ASP A 186 -33.02 -4.40 10.93
CA ASP A 186 -32.02 -4.50 9.88
C ASP A 186 -30.60 -4.37 10.39
N MET A 187 -30.34 -3.49 11.34
CA MET A 187 -29.02 -3.31 11.91
C MET A 187 -29.14 -3.17 13.42
N VAL A 188 -28.17 -3.73 14.13
CA VAL A 188 -28.09 -3.65 15.58
C VAL A 188 -26.66 -3.30 15.96
N VAL A 189 -26.48 -2.20 16.69
CA VAL A 189 -25.17 -1.68 17.04
C VAL A 189 -25.01 -1.78 18.54
N ILE A 190 -23.91 -2.38 18.99
CA ILE A 190 -23.68 -2.66 20.40
C ILE A 190 -22.24 -2.29 20.73
N GLY A 191 -22.04 -1.67 21.91
CA GLY A 191 -20.69 -1.41 22.38
C GLY A 191 -20.05 -2.69 22.91
N ALA A 192 -18.76 -2.81 22.67
CA ALA A 192 -18.02 -4.04 22.99
C ALA A 192 -17.18 -3.79 24.24
N GLY A 193 -17.67 -4.27 25.38
CA GLY A 193 -16.90 -4.29 26.60
C GLY A 193 -16.48 -5.72 26.92
N THR A 194 -17.19 -6.35 27.86
CA THR A 194 -17.01 -7.78 28.09
C THR A 194 -17.50 -8.61 26.90
N GLY A 195 -18.37 -8.05 26.06
CA GLY A 195 -18.85 -8.75 24.89
C GLY A 195 -20.07 -9.61 25.11
N GLY A 196 -20.58 -9.68 26.34
CA GLY A 196 -21.74 -10.53 26.60
C GLY A 196 -23.01 -10.03 25.95
N THR A 197 -23.27 -8.72 26.06
CA THR A 197 -24.50 -8.15 25.52
C THR A 197 -24.56 -8.32 24.01
N ILE A 198 -23.48 -7.96 23.32
CA ILE A 198 -23.48 -8.05 21.87
C ILE A 198 -23.62 -9.50 21.42
N THR A 199 -22.88 -10.41 22.05
CA THR A 199 -22.98 -11.83 21.72
C THR A 199 -24.42 -12.32 21.88
N GLY A 200 -24.99 -12.16 23.07
CA GLY A 200 -26.34 -12.64 23.32
C GLY A 200 -27.36 -12.05 22.36
N ILE A 201 -27.39 -10.73 22.25
CA ILE A 201 -28.43 -10.08 21.44
C ILE A 201 -28.24 -10.40 19.97
N GLY A 202 -27.01 -10.34 19.46
CA GLY A 202 -26.76 -10.68 18.08
C GLY A 202 -27.16 -12.11 17.75
N ARG A 203 -26.84 -13.05 18.63
CA ARG A 203 -27.21 -14.44 18.38
C ARG A 203 -28.72 -14.61 18.37
N LYS A 204 -29.41 -14.03 19.36
CA LYS A 204 -30.86 -14.20 19.42
C LYS A 204 -31.56 -13.54 18.24
N ILE A 205 -31.04 -12.40 17.76
CA ILE A 205 -31.69 -11.76 16.62
C ILE A 205 -31.35 -12.48 15.32
N LYS A 206 -30.11 -12.94 15.16
CA LYS A 206 -29.76 -13.72 13.98
C LYS A 206 -30.56 -15.02 13.90
N GLU A 207 -30.96 -15.56 15.05
CA GLU A 207 -31.82 -16.74 15.03
C GLU A 207 -33.20 -16.41 14.46
N ARG A 208 -33.81 -15.33 14.95
CA ARG A 208 -35.17 -14.98 14.54
C ARG A 208 -35.22 -13.98 13.39
N CYS A 209 -34.14 -13.25 13.12
CA CYS A 209 -34.08 -12.30 12.03
C CYS A 209 -32.69 -12.36 11.40
N PRO A 210 -32.46 -13.35 10.52
CA PRO A 210 -31.12 -13.51 9.95
C PRO A 210 -30.69 -12.36 9.05
N LYS A 211 -31.63 -11.58 8.52
CA LYS A 211 -31.29 -10.44 7.68
C LYS A 211 -30.61 -9.33 8.47
N CYS A 212 -30.76 -9.32 9.78
CA CYS A 212 -30.21 -8.24 10.61
C CYS A 212 -28.69 -8.30 10.64
N LYS A 213 -28.05 -7.16 10.39
CA LYS A 213 -26.61 -7.04 10.57
C LYS A 213 -26.29 -6.72 12.03
N VAL A 214 -25.11 -7.15 12.46
CA VAL A 214 -24.64 -6.92 13.82
C VAL A 214 -23.32 -6.16 13.73
N VAL A 215 -23.31 -4.95 14.26
CA VAL A 215 -22.13 -4.08 14.24
C VAL A 215 -21.67 -3.88 15.68
N GLY A 216 -20.37 -4.02 15.91
CA GLY A 216 -19.79 -3.84 17.23
C GLY A 216 -19.01 -2.55 17.30
N VAL A 217 -19.08 -1.89 18.45
CA VAL A 217 -18.38 -0.63 18.69
C VAL A 217 -17.38 -0.85 19.82
N ASP A 218 -16.11 -0.58 19.53
CA ASP A 218 -15.05 -0.65 20.51
C ASP A 218 -14.20 0.61 20.40
N PRO A 219 -13.77 1.17 21.53
CA PRO A 219 -13.04 2.45 21.48
C PRO A 219 -11.64 2.27 20.90
N LYS A 220 -11.14 3.35 20.31
CA LYS A 220 -9.79 3.34 19.78
C LYS A 220 -8.81 3.15 20.93
N GLY A 221 -8.15 2.01 20.96
CA GLY A 221 -7.31 1.63 22.07
C GLY A 221 -7.49 0.18 22.44
N SER A 222 -8.66 -0.37 22.16
CA SER A 222 -8.96 -1.76 22.44
C SER A 222 -8.49 -2.65 21.30
N ILE A 223 -8.47 -3.96 21.55
CA ILE A 223 -8.03 -4.93 20.56
C ILE A 223 -9.14 -5.94 20.27
N LEU A 224 -10.39 -5.53 20.47
CA LEU A 224 -11.51 -6.43 20.25
C LEU A 224 -12.01 -6.43 18.81
N ALA A 225 -11.62 -5.46 18.01
CA ALA A 225 -12.08 -5.39 16.63
C ALA A 225 -11.40 -6.46 15.78
N VAL A 226 -12.04 -6.83 14.68
CA VAL A 226 -11.47 -7.77 13.72
C VAL A 226 -11.57 -7.15 12.32
N PRO A 227 -10.47 -7.11 11.55
CA PRO A 227 -9.14 -7.59 11.95
C PRO A 227 -8.37 -6.60 12.83
N ASP A 228 -7.13 -6.94 13.14
CA ASP A 228 -6.29 -6.07 13.96
C ASP A 228 -5.92 -4.77 13.27
N SER A 229 -6.08 -4.70 11.94
CA SER A 229 -5.77 -3.47 11.20
C SER A 229 -6.60 -2.28 11.66
N LEU A 230 -7.68 -2.52 12.41
CA LEU A 230 -8.49 -1.43 12.94
C LEU A 230 -7.97 -0.90 14.27
N ASN A 231 -7.14 -1.68 14.97
CA ASN A 231 -6.58 -1.24 16.25
C ASN A 231 -5.29 -0.44 16.09
N ASP A 232 -4.57 -0.66 14.99
CA ASP A 232 -3.27 -0.03 14.77
C ASP A 232 -3.33 1.48 14.85
N GLU A 233 -4.52 2.08 14.78
CA GLU A 233 -4.65 3.51 15.03
C GLU A 233 -4.06 3.88 16.39
N LYS A 234 -4.58 3.28 17.46
CA LYS A 234 -4.07 3.51 18.81
C LYS A 234 -3.94 2.16 19.50
N ARG A 235 -2.80 1.50 19.31
CA ARG A 235 -2.58 0.19 19.92
C ARG A 235 -2.41 0.36 21.43
N LEU A 236 -3.36 -0.19 22.20
CA LEU A 236 -3.28 -0.23 23.65
C LEU A 236 -3.09 1.17 24.26
N GLN A 237 -3.69 2.18 23.65
CA GLN A 237 -3.65 3.53 24.18
C GLN A 237 -4.87 3.79 25.05
N SER A 238 -4.63 4.33 26.25
CA SER A 238 -5.71 4.57 27.20
C SER A 238 -6.73 5.55 26.63
N TYR A 239 -8.00 5.37 27.03
CA TYR A 239 -9.08 6.23 26.60
C TYR A 239 -9.90 6.65 27.82
N GLU A 240 -10.65 7.74 27.65
CA GLU A 240 -11.43 8.31 28.74
C GLU A 240 -12.82 7.68 28.88
N VAL A 241 -13.37 7.15 27.79
CA VAL A 241 -14.66 6.48 27.85
C VAL A 241 -14.55 5.24 28.73
N GLU A 242 -15.57 5.03 29.57
CA GLU A 242 -15.58 3.92 30.52
C GLU A 242 -16.70 2.96 30.15
N GLY A 243 -16.37 1.66 30.14
CA GLY A 243 -17.35 0.60 29.95
C GLY A 243 -17.08 -0.29 28.75
N ILE A 244 -16.42 0.24 27.73
CA ILE A 244 -16.18 -0.50 26.49
C ILE A 244 -14.68 -0.67 26.27
N GLY A 245 -14.34 -1.72 25.53
CA GLY A 245 -12.97 -1.99 25.16
C GLY A 245 -12.13 -2.62 26.26
N TYR A 246 -11.23 -3.52 25.86
CA TYR A 246 -10.33 -4.17 26.80
C TYR A 246 -9.05 -4.55 26.07
N ASP A 247 -8.05 -4.97 26.83
CA ASP A 247 -6.77 -5.42 26.28
C ASP A 247 -6.72 -6.93 26.08
N PHE A 248 -7.88 -7.59 25.99
CA PHE A 248 -7.95 -9.03 25.81
C PHE A 248 -9.38 -9.38 25.44
N VAL A 249 -9.53 -10.54 24.80
CA VAL A 249 -10.86 -11.02 24.42
C VAL A 249 -11.47 -11.78 25.60
N PRO A 250 -12.59 -11.30 26.15
CA PRO A 250 -13.22 -12.03 27.26
C PRO A 250 -13.80 -13.35 26.80
N GLY A 251 -13.99 -14.25 27.77
CA GLY A 251 -14.48 -15.58 27.45
C GLY A 251 -15.87 -15.60 26.87
N VAL A 252 -16.68 -14.60 27.19
CA VAL A 252 -18.07 -14.59 26.73
C VAL A 252 -18.22 -14.01 25.33
N LEU A 253 -17.25 -13.21 24.88
CA LEU A 253 -17.36 -12.52 23.60
C LEU A 253 -17.07 -13.50 22.46
N ASP A 254 -18.08 -13.79 21.66
CA ASP A 254 -17.94 -14.60 20.44
C ASP A 254 -17.84 -13.63 19.27
N ARG A 255 -16.61 -13.30 18.87
CA ARG A 255 -16.39 -12.31 17.83
C ARG A 255 -16.91 -12.75 16.47
N LYS A 256 -17.28 -14.02 16.32
CA LYS A 256 -17.87 -14.50 15.07
C LYS A 256 -19.33 -14.10 14.91
N VAL A 257 -19.97 -13.67 15.99
CA VAL A 257 -21.38 -13.29 15.92
C VAL A 257 -21.54 -11.93 15.24
N VAL A 258 -20.53 -11.07 15.34
CA VAL A 258 -20.60 -9.70 14.84
C VAL A 258 -20.05 -9.65 13.42
N ASP A 259 -20.71 -8.86 12.57
CA ASP A 259 -20.30 -8.72 11.18
C ASP A 259 -19.30 -7.58 10.99
N GLU A 260 -19.68 -6.37 11.39
CA GLU A 260 -18.88 -5.17 11.20
C GLU A 260 -18.31 -4.67 12.52
N TRP A 261 -17.21 -3.93 12.43
CA TRP A 261 -16.59 -3.29 13.57
C TRP A 261 -16.35 -1.81 13.25
N VAL A 262 -16.62 -0.95 14.23
CA VAL A 262 -16.45 0.49 14.07
C VAL A 262 -15.61 1.01 15.23
N LYS A 263 -14.53 1.71 14.91
CA LYS A 263 -13.69 2.34 15.92
C LYS A 263 -14.15 3.76 16.19
N VAL A 264 -14.22 4.13 17.47
CA VAL A 264 -14.66 5.45 17.89
C VAL A 264 -13.67 5.99 18.92
N GLY A 265 -13.31 7.26 18.77
CA GLY A 265 -12.44 7.93 19.73
C GLY A 265 -13.24 8.56 20.87
N ASP A 266 -12.50 9.15 21.80
CA ASP A 266 -13.13 9.80 22.95
C ASP A 266 -13.88 11.05 22.54
N ALA A 267 -13.26 11.90 21.71
CA ALA A 267 -13.88 13.16 21.34
C ALA A 267 -15.21 12.94 20.63
N GLU A 268 -15.23 12.05 19.63
CA GLU A 268 -16.47 11.78 18.91
C GLU A 268 -17.53 11.20 19.84
N SER A 269 -17.13 10.26 20.72
CA SER A 269 -18.08 9.65 21.63
C SER A 269 -18.73 10.68 22.53
N PHE A 270 -17.93 11.55 23.15
CA PHE A 270 -18.47 12.53 24.09
C PHE A 270 -19.29 13.60 23.38
N THR A 271 -18.83 14.03 22.20
CA THR A 271 -19.60 15.02 21.44
C THR A 271 -20.95 14.45 21.04
N THR A 272 -20.99 13.18 20.63
CA THR A 272 -22.26 12.56 20.28
C THR A 272 -23.14 12.33 21.49
N ALA A 273 -22.55 12.03 22.65
CA ALA A 273 -23.35 11.90 23.86
C ALA A 273 -24.01 13.23 24.23
N ARG A 274 -23.25 14.33 24.17
CA ARG A 274 -23.85 15.62 24.45
C ARG A 274 -24.89 15.99 23.39
N ALA A 275 -24.66 15.61 22.14
CA ALA A 275 -25.65 15.88 21.10
C ALA A 275 -26.93 15.09 21.34
N ILE A 276 -26.81 13.84 21.80
CA ILE A 276 -27.97 13.06 22.19
C ILE A 276 -28.74 13.76 23.30
N ILE A 277 -28.03 14.16 24.36
CA ILE A 277 -28.68 14.85 25.47
C ILE A 277 -29.39 16.10 24.99
N ARG A 278 -28.76 16.84 24.09
CA ARG A 278 -29.30 18.13 23.64
C ARG A 278 -30.53 17.95 22.77
N ASN A 279 -30.47 17.03 21.80
CA ASN A 279 -31.50 16.95 20.77
C ASN A 279 -32.60 15.95 21.11
N GLU A 280 -32.29 14.85 21.78
CA GLU A 280 -33.28 13.83 22.08
C GLU A 280 -33.82 13.91 23.50
N GLY A 281 -33.01 14.39 24.45
CA GLY A 281 -33.46 14.46 25.83
C GLY A 281 -33.26 13.18 26.61
N LEU A 282 -32.16 12.47 26.37
CA LEU A 282 -31.84 11.23 27.06
C LEU A 282 -30.58 11.45 27.89
N PHE A 283 -30.72 11.46 29.21
CA PHE A 283 -29.59 11.67 30.12
C PHE A 283 -28.80 10.38 30.15
N VAL A 284 -27.81 10.29 29.26
CA VAL A 284 -27.14 9.04 28.97
C VAL A 284 -25.63 9.23 29.12
N GLY A 285 -24.89 8.12 29.07
CA GLY A 285 -23.46 8.14 29.29
C GLY A 285 -22.64 8.18 28.01
N GLY A 286 -21.31 8.12 28.20
CA GLY A 286 -20.39 8.29 27.07
C GLY A 286 -20.35 7.10 26.13
N SER A 287 -20.31 5.88 26.67
CA SER A 287 -20.28 4.70 25.83
C SER A 287 -21.48 4.65 24.89
N SER A 288 -22.61 5.20 25.32
CA SER A 288 -23.76 5.31 24.43
C SER A 288 -23.49 6.29 23.30
N GLY A 289 -22.80 7.39 23.58
CA GLY A 289 -22.38 8.28 22.50
C GLY A 289 -21.45 7.59 21.52
N ALA A 290 -20.54 6.77 22.02
CA ALA A 290 -19.68 5.98 21.15
C ALA A 290 -20.50 5.05 20.26
N ASN A 291 -21.44 4.32 20.87
CA ASN A 291 -22.31 3.42 20.12
C ASN A 291 -23.11 4.17 19.06
N VAL A 292 -23.61 5.37 19.41
CA VAL A 292 -24.44 6.12 18.47
C VAL A 292 -23.60 6.67 17.32
N TRP A 293 -22.37 7.09 17.61
CA TRP A 293 -21.49 7.50 16.52
C TRP A 293 -21.16 6.32 15.60
N GLY A 294 -20.90 5.16 16.18
CA GLY A 294 -20.69 3.97 15.37
C GLY A 294 -21.89 3.63 14.50
N ALA A 295 -23.09 3.77 15.07
CA ALA A 295 -24.30 3.54 14.29
C ALA A 295 -24.45 4.57 13.18
N LEU A 296 -24.16 5.84 13.47
CA LEU A 296 -24.25 6.88 12.45
C LEU A 296 -23.26 6.64 11.32
N GLN A 297 -22.10 6.06 11.63
CA GLN A 297 -21.12 5.76 10.60
C GLN A 297 -21.39 4.45 9.86
N ALA A 298 -22.12 3.52 10.48
CA ALA A 298 -22.36 2.22 9.86
C ALA A 298 -23.65 2.18 9.06
N ALA A 299 -24.74 2.76 9.57
CA ALA A 299 -26.04 2.73 8.92
C ALA A 299 -26.24 3.86 7.92
N ARG A 300 -25.16 4.56 7.54
CA ARG A 300 -25.30 5.64 6.56
C ARG A 300 -25.81 5.12 5.23
N GLN A 301 -25.50 3.87 4.89
CA GLN A 301 -25.88 3.30 3.61
C GLN A 301 -27.34 2.84 3.58
N LEU A 302 -28.01 2.81 4.73
CA LEU A 302 -29.40 2.38 4.79
C LEU A 302 -30.32 3.46 4.26
N LYS A 303 -31.55 3.07 3.99
CA LYS A 303 -32.57 3.94 3.42
C LYS A 303 -33.75 4.05 4.38
N LYS A 304 -34.78 4.77 3.94
CA LYS A 304 -35.95 4.98 4.77
C LYS A 304 -36.66 3.67 5.08
N GLY A 305 -37.32 3.63 6.23
CA GLY A 305 -38.10 2.47 6.67
C GLY A 305 -37.41 1.44 7.53
N GLN A 306 -36.23 0.99 7.12
CA GLN A 306 -35.48 0.03 7.91
C GLN A 306 -35.08 0.64 9.25
N LYS A 307 -34.87 -0.23 10.25
CA LYS A 307 -34.63 0.17 11.61
C LYS A 307 -33.24 -0.26 12.05
N CYS A 308 -32.47 0.68 12.61
CA CYS A 308 -31.15 0.40 13.17
C CYS A 308 -31.23 0.62 14.68
N VAL A 309 -31.04 -0.47 15.44
CA VAL A 309 -31.19 -0.45 16.89
C VAL A 309 -29.82 -0.26 17.52
N VAL A 310 -29.73 0.66 18.48
CA VAL A 310 -28.49 0.93 19.22
C VAL A 310 -28.80 0.92 20.71
N LEU A 311 -27.90 0.31 21.48
CA LEU A 311 -28.06 0.25 22.93
C LEU A 311 -27.30 1.37 23.63
N LEU A 312 -27.92 1.91 24.68
CA LEU A 312 -27.32 2.93 25.53
C LEU A 312 -27.07 2.34 26.91
N PRO A 313 -25.85 1.88 27.20
CA PRO A 313 -25.64 1.05 28.39
C PRO A 313 -25.98 1.72 29.72
N ASP A 314 -25.39 2.88 30.01
CA ASP A 314 -25.53 3.46 31.34
C ASP A 314 -25.88 4.95 31.23
N SER A 315 -26.29 5.51 32.36
CA SER A 315 -26.84 6.85 32.44
C SER A 315 -25.75 7.88 32.72
N SER A 316 -26.16 9.17 32.72
CA SER A 316 -25.26 10.27 33.01
C SER A 316 -24.86 10.36 34.47
N ARG A 317 -25.58 9.65 35.36
CA ARG A 317 -25.28 9.72 36.78
C ARG A 317 -23.84 9.33 37.08
N ASN A 318 -23.33 8.30 36.40
CA ASN A 318 -21.97 7.85 36.63
C ASN A 318 -20.94 8.85 36.11
N TYR A 319 -21.34 9.78 35.25
CA TYR A 319 -20.43 10.79 34.71
C TYR A 319 -21.01 12.18 34.89
N MET A 320 -21.71 12.40 36.00
CA MET A 320 -22.35 13.70 36.25
C MET A 320 -21.32 14.83 36.27
N SER A 321 -20.31 14.70 37.10
CA SER A 321 -19.24 15.68 37.18
C SER A 321 -18.14 15.45 36.16
N LYS A 322 -18.16 14.33 35.45
CA LYS A 322 -17.04 14.00 34.56
C LYS A 322 -17.19 14.64 33.20
N PHE A 323 -18.25 14.34 32.46
CA PHE A 323 -18.35 14.80 31.08
C PHE A 323 -19.57 15.68 30.80
N ILE A 324 -20.56 15.73 31.69
CA ILE A 324 -21.62 16.71 31.54
C ILE A 324 -21.08 18.12 31.71
N SER A 325 -20.18 18.31 32.67
CA SER A 325 -19.59 19.62 32.91
C SER A 325 -18.68 20.03 31.75
N ASP A 326 -18.95 21.21 31.18
CA ASP A 326 -18.16 21.70 30.06
C ASP A 326 -16.72 21.99 30.46
N GLU A 327 -16.46 22.25 31.74
CA GLU A 327 -15.10 22.57 32.17
C GLU A 327 -14.16 21.39 31.95
N TRP A 328 -14.61 20.18 32.26
CA TRP A 328 -13.77 19.01 32.09
C TRP A 328 -13.57 18.69 30.61
N MET A 329 -14.61 18.87 29.79
CA MET A 329 -14.46 18.65 28.36
C MET A 329 -13.53 19.68 27.73
N ALA A 330 -13.52 20.90 28.25
CA ALA A 330 -12.54 21.89 27.80
C ALA A 330 -11.14 21.52 28.28
N GLU A 331 -11.04 20.92 29.47
CA GLU A 331 -9.74 20.46 29.96
C GLU A 331 -9.16 19.38 29.05
N HIS A 332 -10.01 18.61 28.39
CA HIS A 332 -9.57 17.57 27.46
C HIS A 332 -9.71 18.00 26.01
N GLY A 333 -10.12 19.23 25.74
CA GLY A 333 -10.21 19.76 24.39
C GLY A 333 -11.11 18.99 23.45
N PHE A 334 -12.37 18.80 23.83
CA PHE A 334 -13.35 18.11 23.01
C PHE A 334 -14.39 19.11 22.52
N ALA A 335 -14.72 19.04 21.23
CA ALA A 335 -15.78 19.88 20.67
C ALA A 335 -17.10 19.55 21.35
N PRO A 336 -17.68 20.50 22.09
CA PRO A 336 -18.86 20.18 22.91
C PRO A 336 -20.07 19.75 22.10
N GLU A 337 -20.48 20.61 21.16
CA GLU A 337 -21.63 20.36 20.31
C GLU A 337 -21.74 21.47 19.29
N ASP A 338 -22.38 21.16 18.17
CA ASP A 338 -22.70 22.19 17.18
C ASP A 338 -23.54 23.29 17.81
N GLY A 339 -24.65 22.92 18.46
CA GLY A 339 -25.45 23.88 19.20
C GLY A 339 -25.40 23.63 20.70
N ALA A 340 -24.74 24.54 21.43
CA ALA A 340 -24.65 24.46 22.88
C ALA A 340 -24.47 25.87 23.41
N LYS A 341 -24.45 26.00 24.74
CA LYS A 341 -24.34 27.33 25.34
C LYS A 341 -22.94 27.90 25.23
N VAL A 342 -21.90 27.05 25.27
CA VAL A 342 -20.54 27.55 25.19
C VAL A 342 -20.30 28.21 23.83
N LYS A 343 -20.59 27.49 22.75
CA LYS A 343 -20.40 28.06 21.41
C LYS A 343 -21.40 29.18 21.13
N GLU A 344 -22.62 29.08 21.67
CA GLU A 344 -23.58 30.17 21.49
C GLU A 344 -23.07 31.46 22.10
N ARG A 345 -22.51 31.38 23.31
CA ARG A 345 -21.96 32.57 23.95
C ARG A 345 -20.71 33.05 23.24
N GLU A 346 -19.87 32.12 22.76
CA GLU A 346 -18.71 32.53 21.97
C GLU A 346 -19.12 33.30 20.72
N LYS A 347 -20.22 32.90 20.08
CA LYS A 347 -20.68 33.57 18.88
C LYS A 347 -21.36 34.90 19.20
N GLN A 348 -22.26 34.91 20.19
CA GLN A 348 -23.05 36.11 20.48
C GLN A 348 -22.21 37.19 21.14
N PHE A 349 -21.31 36.81 22.05
CA PHE A 349 -20.51 37.75 22.81
C PHE A 349 -19.14 37.99 22.20
N GLY A 350 -18.46 36.93 21.78
CA GLY A 350 -17.13 37.08 21.23
C GLY A 350 -16.14 37.52 22.30
N GLY A 351 -15.21 38.38 21.90
CA GLY A 351 -14.19 38.88 22.80
C GLY A 351 -14.60 40.06 23.65
N ALA A 352 -15.89 40.34 23.74
CA ALA A 352 -16.35 41.49 24.50
C ALA A 352 -16.10 41.28 25.99
N ARG A 353 -15.65 42.34 26.65
CA ARG A 353 -15.38 42.35 28.08
C ARG A 353 -16.38 43.27 28.78
N ILE A 354 -16.40 43.19 30.11
CA ILE A 354 -17.37 43.97 30.86
C ILE A 354 -17.09 45.47 30.79
N ARG A 355 -15.85 45.87 30.49
CA ARG A 355 -15.58 47.29 30.32
C ARG A 355 -16.39 47.87 29.18
N ASP A 356 -16.54 47.12 28.09
CA ASP A 356 -17.34 47.59 26.96
C ASP A 356 -18.80 47.78 27.36
N LEU A 357 -19.33 46.87 28.18
CA LEU A 357 -20.71 47.01 28.64
C LEU A 357 -20.87 48.19 29.58
N LEU A 358 -19.94 48.37 30.51
CA LEU A 358 -20.02 49.50 31.44
C LEU A 358 -19.83 50.82 30.71
N SER A 359 -19.07 50.83 29.62
CA SER A 359 -18.87 52.06 28.85
C SER A 359 -20.08 52.37 27.96
N GLU A 360 -20.67 51.35 27.33
CA GLU A 360 -21.79 51.60 26.44
C GLU A 360 -23.03 52.04 27.19
N THR A 361 -23.29 51.44 28.36
CA THR A 361 -24.42 51.88 29.17
C THR A 361 -24.09 53.19 29.89
N GLY A 362 -22.92 53.27 30.49
CA GLY A 362 -22.49 54.46 31.19
C GLY A 362 -22.63 54.32 32.70
N ALA A 363 -21.53 54.04 33.39
CA ALA A 363 -21.59 53.91 34.84
C ALA A 363 -21.26 55.23 35.53
N THR A 364 -20.05 55.74 35.32
CA THR A 364 -19.58 57.01 35.86
C THR A 364 -20.00 57.20 37.33
N SER A 365 -19.90 56.15 38.12
CA SER A 365 -20.47 56.16 39.45
C SER A 365 -19.80 55.10 40.31
N ASP A 366 -19.88 55.31 41.63
CA ASP A 366 -19.34 54.39 42.62
C ASP A 366 -20.50 53.94 43.50
N VAL A 367 -20.82 52.64 43.43
CA VAL A 367 -21.97 52.10 44.18
C VAL A 367 -21.77 52.31 45.67
N PRO A 368 -22.83 52.62 46.42
CA PRO A 368 -22.68 52.87 47.86
C PRO A 368 -22.18 51.64 48.62
N PHE A 369 -21.52 51.91 49.74
CA PHE A 369 -20.84 50.89 50.53
C PHE A 369 -21.23 51.03 51.99
N VAL A 370 -21.26 49.90 52.70
CA VAL A 370 -21.67 49.87 54.10
C VAL A 370 -20.78 48.92 54.88
N THR A 371 -20.68 49.16 56.19
CA THR A 371 -19.76 48.43 57.06
C THR A 371 -20.27 47.04 57.46
N ALA A 372 -21.41 46.59 56.92
CA ALA A 372 -21.92 45.23 57.10
C ALA A 372 -22.27 44.90 58.55
N ARG A 373 -22.16 45.89 59.45
CA ARG A 373 -22.64 45.76 60.82
C ARG A 373 -23.49 46.97 61.20
N LEU A 374 -23.89 47.77 60.22
CA LEU A 374 -24.76 48.90 60.49
C LEU A 374 -26.16 48.42 60.82
N SER A 375 -26.81 49.12 61.75
CA SER A 375 -28.18 48.79 62.12
C SER A 375 -29.11 49.04 60.95
N VAL A 376 -30.24 48.34 60.94
CA VAL A 376 -31.21 48.51 59.86
C VAL A 376 -31.72 49.95 59.84
N GLU A 377 -31.78 50.59 61.00
CA GLU A 377 -32.15 52.00 61.08
C GLU A 377 -31.22 52.86 60.23
N ASP A 378 -29.91 52.75 60.50
CA ASP A 378 -28.94 53.59 59.81
C ASP A 378 -28.82 53.23 58.34
N VAL A 379 -28.96 51.95 57.99
CA VAL A 379 -28.83 51.58 56.58
C VAL A 379 -30.05 52.05 55.79
N ILE A 380 -31.24 52.00 56.40
CA ILE A 380 -32.42 52.51 55.71
C ILE A 380 -32.35 54.02 55.61
N LYS A 381 -31.82 54.69 56.64
CA LYS A 381 -31.65 56.14 56.58
C LYS A 381 -30.69 56.53 55.47
N MET A 382 -29.54 55.86 55.38
CA MET A 382 -28.58 56.18 54.34
C MET A 382 -29.10 55.84 52.95
N MET A 383 -29.89 54.77 52.83
CA MET A 383 -30.41 54.39 51.52
C MET A 383 -31.50 55.35 51.05
N HIS A 384 -32.32 55.85 51.98
CA HIS A 384 -33.31 56.86 51.61
C HIS A 384 -32.66 58.21 51.34
N GLU A 385 -31.59 58.55 52.08
CA GLU A 385 -30.92 59.83 51.87
C GLU A 385 -30.10 59.83 50.57
N THR A 386 -29.61 58.67 50.15
CA THR A 386 -28.79 58.58 48.95
C THR A 386 -29.60 58.25 47.70
N LYS A 387 -30.85 57.81 47.86
CA LYS A 387 -31.83 57.50 46.81
C LYS A 387 -31.49 56.21 46.07
N VAL A 388 -30.36 55.56 46.38
CA VAL A 388 -29.97 54.36 45.66
C VAL A 388 -30.85 53.18 46.06
N LYS A 389 -30.80 52.12 45.25
CA LYS A 389 -31.58 50.92 45.50
C LYS A 389 -30.76 49.81 46.15
N GLU A 390 -29.64 49.42 45.55
CA GLU A 390 -28.81 48.35 46.07
C GLU A 390 -27.61 48.90 46.82
N VAL A 391 -27.01 48.03 47.65
CA VAL A 391 -25.82 48.37 48.44
C VAL A 391 -24.99 47.10 48.57
N ILE A 392 -23.68 47.29 48.78
CA ILE A 392 -22.74 46.19 48.96
C ILE A 392 -22.19 46.25 50.39
N VAL A 393 -22.17 45.11 51.07
CA VAL A 393 -21.77 45.03 52.48
C VAL A 393 -20.37 44.43 52.58
N THR A 394 -19.59 44.93 53.54
CA THR A 394 -18.18 44.56 53.67
C THR A 394 -18.03 43.27 54.47
N GLU A 395 -16.80 42.93 54.84
CA GLU A 395 -16.51 41.73 55.59
C GLU A 395 -17.11 41.81 56.99
N ASP A 396 -17.22 40.64 57.63
CA ASP A 396 -17.77 40.54 58.97
C ASP A 396 -17.31 39.24 59.63
N LYS A 404 -13.58 38.42 53.67
CA LYS A 404 -13.77 38.87 52.30
C LYS A 404 -15.15 39.51 52.10
N LEU A 405 -15.63 39.52 50.87
CA LEU A 405 -16.90 40.15 50.56
C LEU A 405 -18.06 39.27 51.05
N VAL A 406 -19.11 39.92 51.53
CA VAL A 406 -20.28 39.22 52.07
C VAL A 406 -21.42 39.22 51.07
N GLY A 407 -21.77 40.37 50.50
CA GLY A 407 -22.76 40.33 49.45
C GLY A 407 -23.48 41.66 49.24
N VAL A 408 -24.70 41.55 48.72
CA VAL A 408 -25.49 42.68 48.26
C VAL A 408 -26.79 42.73 49.08
N LEU A 409 -27.41 43.91 49.10
CA LEU A 409 -28.64 44.12 49.85
C LEU A 409 -29.49 45.14 49.11
N SER A 410 -30.77 44.81 48.94
CA SER A 410 -31.73 45.67 48.24
C SER A 410 -32.83 46.10 49.19
N GLU A 411 -33.37 47.30 48.95
CA GLU A 411 -34.43 47.84 49.80
C GLU A 411 -35.69 46.99 49.75
N ASP A 412 -35.96 46.35 48.61
CA ASP A 412 -37.12 45.47 48.50
C ASP A 412 -37.05 44.34 49.54
N HIS A 413 -35.93 43.60 49.54
CA HIS A 413 -35.75 42.53 50.51
C HIS A 413 -35.71 43.07 51.93
N ILE A 414 -35.14 44.28 52.13
CA ILE A 414 -35.14 44.90 53.45
C ILE A 414 -36.56 45.04 53.98
N ALA A 415 -37.42 45.71 53.22
CA ALA A 415 -38.80 45.93 53.66
C ALA A 415 -39.55 44.61 53.82
N HIS A 416 -39.41 43.70 52.85
CA HIS A 416 -40.19 42.47 52.89
C HIS A 416 -39.76 41.56 54.04
N SER A 417 -38.47 41.57 54.39
CA SER A 417 -38.02 40.82 55.55
C SER A 417 -38.37 41.51 56.86
N LEU A 418 -38.40 42.84 56.88
CA LEU A 418 -38.82 43.57 58.07
C LEU A 418 -40.27 43.26 58.42
N GLN A 419 -41.15 43.30 57.42
CA GLN A 419 -42.55 42.97 57.68
C GLN A 419 -42.76 41.48 57.90
N SER A 420 -41.85 40.63 57.41
CA SER A 420 -41.97 39.18 57.56
C SER A 420 -41.59 38.67 58.94
N GLY A 421 -41.21 39.55 59.87
CA GLY A 421 -40.77 39.09 61.17
C GLY A 421 -39.44 38.38 61.15
N ARG A 422 -38.63 38.61 60.11
CA ARG A 422 -37.30 38.04 59.98
C ARG A 422 -36.21 39.10 60.06
N CYS A 423 -36.57 40.38 60.00
CA CYS A 423 -35.64 41.50 60.08
C CYS A 423 -36.06 42.45 61.21
N ALA A 424 -35.36 42.35 62.34
CA ALA A 424 -35.59 43.35 63.37
C ALA A 424 -34.89 44.64 62.96
N MET A 425 -35.36 45.76 63.51
CA MET A 425 -34.74 47.04 63.17
C MET A 425 -33.37 47.19 63.80
N GLN A 426 -33.16 46.60 64.98
CA GLN A 426 -31.87 46.63 65.66
C GLN A 426 -30.94 45.50 65.22
N SER A 427 -31.34 44.72 64.23
CA SER A 427 -30.57 43.57 63.78
C SER A 427 -29.41 43.99 62.88
N PRO A 428 -28.35 43.19 62.83
CA PRO A 428 -27.22 43.50 61.94
C PRO A 428 -27.57 43.23 60.49
N VAL A 429 -26.82 43.91 59.60
CA VAL A 429 -27.08 43.82 58.17
C VAL A 429 -26.82 42.41 57.65
N LYS A 430 -25.83 41.72 58.20
CA LYS A 430 -25.46 40.40 57.72
C LYS A 430 -26.63 39.41 57.73
N ASP A 431 -27.66 39.67 58.54
CA ASP A 431 -28.83 38.80 58.57
C ASP A 431 -29.61 38.83 57.27
N ILE A 432 -29.67 39.99 56.61
CA ILE A 432 -30.52 40.20 55.45
C ILE A 432 -29.73 40.26 54.16
N ALA A 433 -28.42 40.06 54.20
CA ALA A 433 -27.64 40.17 52.97
C ALA A 433 -27.72 38.90 52.15
N PHE A 434 -27.42 39.03 50.87
CA PHE A 434 -27.34 37.89 49.96
C PHE A 434 -25.93 37.34 50.01
N LYS A 435 -25.80 36.05 50.33
CA LYS A 435 -24.50 35.46 50.59
C LYS A 435 -23.90 34.79 49.35
N LYS A 436 -24.69 34.60 48.30
CA LYS A 436 -24.19 34.03 47.05
C LYS A 436 -23.71 35.17 46.17
N LEU A 437 -22.43 35.12 45.80
CA LEU A 437 -21.85 36.18 44.97
C LEU A 437 -20.64 35.62 44.25
N ALA A 438 -20.23 36.30 43.17
CA ALA A 438 -19.12 35.88 42.34
C ALA A 438 -18.18 37.06 42.13
N LYS A 439 -16.88 36.82 42.35
CA LYS A 439 -15.87 37.86 42.16
C LYS A 439 -15.47 37.95 40.70
N ALA A 440 -15.36 39.17 40.19
CA ALA A 440 -14.96 39.40 38.81
C ALA A 440 -13.98 40.57 38.75
N LEU A 441 -13.43 40.78 37.56
CA LEU A 441 -12.51 41.87 37.27
C LEU A 441 -12.81 42.44 35.90
N PRO A 442 -12.53 43.73 35.67
CA PRO A 442 -12.93 44.36 34.41
C PRO A 442 -12.44 43.65 33.16
N SER A 443 -11.29 42.97 33.24
CA SER A 443 -10.73 42.30 32.06
C SER A 443 -11.44 41.01 31.70
N ALA A 444 -12.34 40.50 32.56
CA ALA A 444 -13.02 39.25 32.28
C ALA A 444 -13.93 39.37 31.06
N TYR A 445 -13.97 38.32 30.25
CA TYR A 445 -14.81 38.29 29.07
C TYR A 445 -16.28 38.11 29.46
N LEU A 446 -17.17 38.37 28.50
CA LEU A 446 -18.59 38.17 28.74
C LEU A 446 -18.95 36.68 28.84
N ARG A 447 -18.20 35.82 28.16
CA ARG A 447 -18.52 34.39 28.20
C ARG A 447 -18.25 33.80 29.58
N ASP A 448 -17.15 34.18 30.22
CA ASP A 448 -16.82 33.61 31.52
C ASP A 448 -17.75 34.13 32.61
N VAL A 449 -18.14 35.40 32.54
CA VAL A 449 -19.10 35.92 33.52
C VAL A 449 -20.48 35.33 33.27
N ALA A 450 -20.83 35.07 32.01
CA ALA A 450 -22.09 34.40 31.73
C ALA A 450 -22.10 32.97 32.26
N LYS A 451 -20.95 32.29 32.19
CA LYS A 451 -20.85 30.96 32.78
C LYS A 451 -20.93 31.02 34.31
N ALA A 452 -20.25 32.00 34.92
CA ALA A 452 -20.30 32.12 36.38
C ALA A 452 -21.69 32.51 36.87
N LEU A 453 -22.46 33.23 36.06
CA LEU A 453 -23.82 33.59 36.42
C LEU A 453 -24.75 32.38 36.47
N ASP A 454 -24.34 31.24 35.91
CA ASP A 454 -25.13 30.02 36.00
C ASP A 454 -25.15 29.46 37.42
N PHE A 455 -24.22 29.91 38.27
CA PHE A 455 -24.12 29.42 39.65
C PHE A 455 -24.29 30.52 40.69
N SER A 456 -24.10 31.78 40.33
CA SER A 456 -24.22 32.89 41.26
C SER A 456 -25.20 33.92 40.71
N PRO A 457 -26.09 34.46 41.55
CA PRO A 457 -27.04 35.45 41.05
C PRO A 457 -26.41 36.78 40.69
N TYR A 458 -25.47 37.27 41.49
CA TYR A 458 -24.81 38.54 41.26
C TYR A 458 -23.34 38.34 40.92
N VAL A 459 -22.79 39.33 40.21
CA VAL A 459 -21.38 39.37 39.87
C VAL A 459 -20.86 40.78 40.13
N CYS A 460 -19.89 40.91 41.02
CA CYS A 460 -19.31 42.20 41.37
C CYS A 460 -17.93 42.32 40.73
N VAL A 461 -17.62 43.50 40.21
CA VAL A 461 -16.38 43.75 39.50
C VAL A 461 -15.33 44.34 40.43
N MET A 462 -14.08 44.15 40.05
CA MET A 462 -12.89 44.74 40.68
C MET A 462 -12.91 44.59 42.20
N ASP A 463 -12.84 43.35 42.65
CA ASP A 463 -12.72 43.04 44.07
C ASP A 463 -11.25 42.82 44.41
N GLU A 464 -10.79 43.50 45.47
CA GLU A 464 -9.39 43.43 45.90
C GLU A 464 -8.43 43.79 44.78
N GLU A 492 -4.53 47.71 43.64
CA GLU A 492 -4.87 49.11 43.45
C GLU A 492 -5.62 49.66 44.67
N CYS A 493 -6.91 49.38 44.73
CA CYS A 493 -7.77 49.77 45.83
C CYS A 493 -9.08 49.01 45.71
N PRO A 494 -9.78 48.72 46.81
CA PRO A 494 -11.08 48.03 46.62
C PRO A 494 -12.15 49.01 46.14
N HIS A 495 -12.18 49.21 44.83
CA HIS A 495 -13.09 50.15 44.18
C HIS A 495 -13.91 49.38 43.16
N PHE A 496 -15.02 48.81 43.62
CA PHE A 496 -15.96 48.15 42.73
C PHE A 496 -16.72 49.19 41.91
N LEU A 497 -17.03 48.84 40.67
CA LEU A 497 -17.69 49.77 39.75
C LEU A 497 -19.18 49.50 39.57
N GLY A 498 -19.64 48.29 39.85
CA GLY A 498 -21.05 47.99 39.72
C GLY A 498 -21.31 46.51 39.91
N VAL A 499 -22.59 46.17 39.83
CA VAL A 499 -23.04 44.80 39.91
C VAL A 499 -23.64 44.42 38.57
N ILE A 500 -23.51 43.14 38.21
CA ILE A 500 -23.88 42.66 36.88
C ILE A 500 -24.76 41.43 37.06
N THR A 501 -25.86 41.38 36.30
CA THR A 501 -26.77 40.25 36.29
C THR A 501 -27.03 39.84 34.85
N ARG A 502 -27.74 38.72 34.69
CA ARG A 502 -28.03 38.19 33.36
C ARG A 502 -28.87 39.16 32.55
N ILE A 503 -29.76 39.90 33.21
CA ILE A 503 -30.60 40.88 32.51
C ILE A 503 -29.74 41.98 31.87
N ASP A 504 -28.61 42.33 32.51
CA ASP A 504 -27.71 43.29 31.90
C ASP A 504 -27.07 42.73 30.63
N LEU A 505 -26.72 41.45 30.64
CA LEU A 505 -26.18 40.83 29.42
C LEU A 505 -27.24 40.78 28.32
N LEU A 506 -28.49 40.53 28.69
CA LEU A 506 -29.55 40.52 27.68
C LEU A 506 -29.80 41.92 27.14
N HIS A 507 -29.70 42.94 27.99
CA HIS A 507 -29.82 44.31 27.52
C HIS A 507 -28.67 44.68 26.58
N TRP A 508 -27.46 44.19 26.88
CA TRP A 508 -26.34 44.40 25.96
C TRP A 508 -26.59 43.71 24.64
N LEU A 509 -27.11 42.49 24.66
CA LEU A 509 -27.46 41.82 23.41
C LEU A 509 -28.60 42.53 22.69
N ALA A 510 -29.39 43.33 23.40
CA ALA A 510 -30.43 44.12 22.75
C ALA A 510 -29.88 45.35 22.03
N THR A 511 -28.67 45.79 22.38
CA THR A 511 -28.04 46.88 21.65
C THR A 511 -27.35 46.42 20.38
N LYS A 512 -27.22 45.11 20.18
CA LYS A 512 -26.69 44.49 18.98
C LYS A 512 -27.81 43.73 18.28
N GLN A 513 -27.49 43.17 17.11
CA GLN A 513 -28.47 42.41 16.34
C GLN A 513 -27.91 41.07 15.88
N ALA B 6 -46.34 -8.53 32.30
CA ALA B 6 -45.87 -8.80 30.94
C ALA B 6 -45.22 -7.55 30.34
N ASP B 7 -45.68 -7.17 29.14
CA ASP B 7 -45.20 -5.96 28.47
C ASP B 7 -46.40 -5.30 27.78
N GLY B 8 -47.06 -4.37 28.48
CA GLY B 8 -48.13 -3.60 27.90
C GLY B 8 -47.81 -2.15 27.55
N PRO B 9 -47.08 -1.42 28.44
CA PRO B 9 -46.83 0.01 28.14
C PRO B 9 -45.63 0.26 27.24
N TYR B 10 -44.64 -0.62 27.26
CA TYR B 10 -43.40 -0.42 26.52
C TYR B 10 -43.16 -1.49 25.48
N SER B 11 -44.10 -2.42 25.28
CA SER B 11 -43.95 -3.43 24.25
C SER B 11 -43.87 -2.82 22.86
N GLY B 12 -44.41 -1.62 22.67
CA GLY B 12 -44.37 -0.94 21.38
C GLY B 12 -43.16 -0.05 21.24
N ILE B 13 -43.18 0.73 20.16
CA ILE B 13 -42.12 1.69 19.85
C ILE B 13 -42.58 3.08 20.28
N LEU B 14 -41.67 3.84 20.87
CA LEU B 14 -41.99 5.16 21.39
C LEU B 14 -41.52 6.24 20.42
N ASP B 15 -42.33 7.30 20.28
CA ASP B 15 -42.02 8.36 19.34
C ASP B 15 -41.02 9.36 19.91
N SER B 16 -41.01 9.57 21.22
CA SER B 16 -40.10 10.51 21.84
C SER B 16 -39.96 10.16 23.32
N VAL B 17 -39.11 10.91 24.01
CA VAL B 17 -38.87 10.68 25.43
C VAL B 17 -40.10 11.06 26.25
N LEU B 18 -40.92 11.99 25.75
CA LEU B 18 -42.13 12.38 26.47
C LEU B 18 -43.07 11.18 26.67
N ASP B 19 -43.06 10.22 25.75
CA ASP B 19 -43.89 9.03 25.88
C ASP B 19 -43.32 8.01 26.87
N ALA B 20 -42.21 8.34 27.54
CA ALA B 20 -41.61 7.46 28.54
C ALA B 20 -41.70 8.04 29.94
N ILE B 21 -42.55 9.03 30.14
CA ILE B 21 -42.71 9.68 31.43
C ILE B 21 -43.75 8.94 32.25
N GLY B 22 -43.42 8.68 33.52
CA GLY B 22 -44.35 8.00 34.41
C GLY B 22 -44.19 6.50 34.39
N ASN B 23 -45.29 5.78 34.67
CA ASN B 23 -45.28 4.32 34.71
C ASN B 23 -44.25 3.77 35.69
N THR B 24 -44.03 4.50 36.78
CA THR B 24 -42.99 4.17 37.74
C THR B 24 -43.43 3.02 38.65
N PRO B 25 -42.55 2.06 38.91
CA PRO B 25 -42.94 0.90 39.72
C PRO B 25 -43.08 1.25 41.20
N MET B 26 -43.83 0.38 41.89
CA MET B 26 -44.04 0.49 43.33
C MET B 26 -43.29 -0.65 44.01
N VAL B 27 -42.36 -0.31 44.90
CA VAL B 27 -41.51 -1.32 45.52
C VAL B 27 -41.80 -1.39 47.01
N ARG B 28 -41.70 -2.59 47.57
CA ARG B 28 -41.91 -2.79 48.99
C ARG B 28 -40.58 -2.62 49.74
N MET B 29 -40.58 -1.75 50.75
CA MET B 29 -39.39 -1.50 51.55
C MET B 29 -39.42 -2.37 52.80
N LYS B 30 -39.22 -3.67 52.58
CA LYS B 30 -39.23 -4.62 53.70
C LYS B 30 -37.97 -4.46 54.55
N ARG B 31 -36.82 -4.30 53.91
CA ARG B 31 -35.56 -4.21 54.66
C ARG B 31 -35.51 -2.96 55.53
N LEU B 32 -35.93 -1.81 54.99
CA LEU B 32 -35.90 -0.59 55.78
C LEU B 32 -36.91 -0.64 56.92
N ALA B 33 -38.08 -1.22 56.68
CA ALA B 33 -39.06 -1.40 57.74
C ALA B 33 -38.52 -2.29 58.85
N LYS B 34 -37.85 -3.38 58.47
CA LYS B 34 -37.22 -4.25 59.47
C LYS B 34 -36.15 -3.50 60.25
N VAL B 35 -35.38 -2.64 59.57
CA VAL B 35 -34.33 -1.88 60.23
C VAL B 35 -34.93 -0.93 61.27
N TYR B 36 -35.95 -0.17 60.87
CA TYR B 36 -36.55 0.82 61.75
C TYR B 36 -37.67 0.27 62.62
N GLY B 37 -37.97 -1.02 62.51
CA GLY B 37 -39.02 -1.61 63.32
C GLY B 37 -40.41 -1.16 62.92
N LEU B 38 -40.68 -1.18 61.62
CA LEU B 38 -41.98 -0.77 61.09
C LEU B 38 -42.80 -2.02 60.77
N GLU B 39 -43.98 -2.12 61.40
CA GLU B 39 -44.81 -3.31 61.23
C GLU B 39 -45.53 -3.30 59.88
N CYS B 40 -46.10 -2.17 59.50
CA CYS B 40 -46.88 -2.09 58.28
C CYS B 40 -45.98 -2.24 57.05
N ASP B 41 -46.62 -2.34 55.88
CA ASP B 41 -45.91 -2.46 54.61
C ASP B 41 -45.65 -1.06 54.06
N LEU B 42 -44.39 -0.65 54.06
CA LEU B 42 -43.98 0.66 53.56
C LEU B 42 -43.71 0.53 52.07
N LEU B 43 -44.67 0.98 51.25
CA LEU B 43 -44.53 0.97 49.81
C LEU B 43 -43.95 2.29 49.33
N ALA B 44 -43.13 2.22 48.28
CA ALA B 44 -42.46 3.38 47.73
C ALA B 44 -42.82 3.50 46.26
N LYS B 45 -43.41 4.64 45.88
CA LYS B 45 -43.69 4.96 44.49
C LYS B 45 -42.44 5.60 43.90
N CYS B 46 -41.64 4.79 43.20
CA CYS B 46 -40.32 5.22 42.72
C CYS B 46 -40.47 6.15 41.50
N GLU B 47 -41.02 7.33 41.76
CA GLU B 47 -41.20 8.32 40.71
C GLU B 47 -39.87 8.79 40.14
N PHE B 48 -38.76 8.57 40.85
CA PHE B 48 -37.45 9.00 40.38
C PHE B 48 -36.94 8.15 39.21
N MET B 49 -37.64 7.07 38.86
CA MET B 49 -37.23 6.21 37.76
C MET B 49 -37.79 6.65 36.42
N SER B 50 -38.45 7.80 36.37
CA SER B 50 -38.98 8.31 35.11
C SER B 50 -37.83 8.70 34.17
N ALA B 51 -38.20 9.08 32.95
CA ALA B 51 -37.20 9.43 31.94
C ALA B 51 -36.35 10.61 32.39
N GLY B 52 -36.96 11.61 33.03
CA GLY B 52 -36.24 12.74 33.56
C GLY B 52 -35.72 12.57 34.96
N GLY B 53 -36.03 11.47 35.62
CA GLY B 53 -35.54 11.22 36.96
C GLY B 53 -36.18 12.09 38.02
N SER B 54 -37.44 12.48 37.85
CA SER B 54 -38.14 13.30 38.82
C SER B 54 -39.64 13.18 38.59
N VAL B 55 -40.40 13.55 39.61
CA VAL B 55 -41.86 13.53 39.50
C VAL B 55 -42.37 14.68 38.63
N LYS B 56 -41.58 15.75 38.48
CA LYS B 56 -42.03 16.91 37.72
C LYS B 56 -42.11 16.67 36.22
N ASP B 57 -41.57 15.54 35.72
CA ASP B 57 -41.72 15.21 34.31
C ASP B 57 -43.19 15.20 33.90
N ARG B 58 -44.03 14.62 34.74
CA ARG B 58 -45.46 14.52 34.43
C ARG B 58 -46.08 15.90 34.27
N ILE B 59 -45.83 16.80 35.24
CA ILE B 59 -46.46 18.11 35.18
C ILE B 59 -45.87 18.95 34.06
N GLY B 60 -44.58 18.76 33.74
CA GLY B 60 -44.01 19.48 32.62
C GLY B 60 -44.63 19.08 31.30
N LYS B 61 -44.62 17.78 31.01
CA LYS B 61 -45.30 17.26 29.83
C LYS B 61 -46.76 17.71 29.79
N ALA B 62 -47.43 17.72 30.94
CA ALA B 62 -48.84 18.02 30.98
C ALA B 62 -49.11 19.49 30.70
N MET B 63 -48.32 20.38 31.29
CA MET B 63 -48.47 21.81 30.99
C MET B 63 -48.18 22.10 29.53
N VAL B 64 -47.18 21.42 28.96
CA VAL B 64 -46.86 21.63 27.55
C VAL B 64 -48.02 21.15 26.67
N GLU B 65 -48.59 19.98 26.98
CA GLU B 65 -49.70 19.46 26.19
C GLU B 65 -50.94 20.33 26.34
N LYS B 66 -51.19 20.85 27.54
CA LYS B 66 -52.33 21.75 27.73
C LYS B 66 -52.15 23.04 26.94
N ALA B 67 -50.94 23.61 26.97
CA ALA B 67 -50.67 24.82 26.19
C ALA B 67 -50.86 24.57 24.71
N GLU B 68 -50.34 23.45 24.20
CA GLU B 68 -50.47 23.16 22.77
C GLU B 68 -51.89 22.81 22.38
N ARG B 69 -52.67 22.28 23.33
CA ARG B 69 -54.05 21.88 23.02
C ARG B 69 -54.95 23.08 22.79
N GLU B 70 -54.68 24.19 23.47
CA GLU B 70 -55.49 25.39 23.36
C GLU B 70 -54.95 26.39 22.34
N GLY B 71 -53.92 26.00 21.59
CA GLY B 71 -53.31 26.90 20.64
C GLY B 71 -52.57 28.07 21.25
N ARG B 72 -52.30 28.02 22.55
CA ARG B 72 -51.57 29.08 23.23
C ARG B 72 -50.07 29.01 23.02
N LEU B 73 -49.58 28.05 22.25
CA LEU B 73 -48.14 27.86 22.10
C LEU B 73 -47.83 27.40 20.68
N LYS B 74 -46.90 28.09 20.04
CA LYS B 74 -46.47 27.78 18.68
C LYS B 74 -44.96 27.51 18.67
N ALA B 75 -44.51 26.85 17.60
CA ALA B 75 -43.10 26.51 17.48
C ALA B 75 -42.23 27.76 17.48
N GLY B 76 -41.07 27.66 18.11
CA GLY B 76 -40.16 28.79 18.22
C GLY B 76 -40.38 29.67 19.44
N ASP B 77 -41.45 29.47 20.18
CA ASP B 77 -41.72 30.28 21.36
C ASP B 77 -40.74 29.95 22.48
N THR B 78 -40.72 30.81 23.49
CA THR B 78 -39.83 30.69 24.63
C THR B 78 -40.65 30.35 25.89
N LEU B 79 -40.10 29.46 26.72
CA LEU B 79 -40.74 29.05 27.96
C LEU B 79 -39.90 29.48 29.14
N ILE B 80 -40.51 30.19 30.08
CA ILE B 80 -39.86 30.64 31.30
C ILE B 80 -40.60 30.02 32.49
N GLU B 81 -39.85 29.41 33.40
CA GLU B 81 -40.48 28.69 34.50
C GLU B 81 -39.61 28.73 35.76
N PRO B 82 -40.15 29.20 36.89
CA PRO B 82 -39.42 29.08 38.15
C PRO B 82 -39.55 27.67 38.70
N THR B 83 -38.42 27.15 39.22
CA THR B 83 -38.39 25.78 39.67
C THR B 83 -37.26 25.60 40.68
N SER B 84 -37.39 24.56 41.50
CA SER B 84 -36.28 24.11 42.33
C SER B 84 -35.29 23.25 41.55
N GLY B 85 -35.59 22.94 40.29
CA GLY B 85 -34.66 22.20 39.44
C GLY B 85 -35.29 21.08 38.64
N ASN B 86 -36.32 20.44 39.19
CA ASN B 86 -36.91 19.29 38.50
C ASN B 86 -37.93 19.73 37.44
N THR B 87 -38.79 20.70 37.76
CA THR B 87 -39.72 21.21 36.76
C THR B 87 -38.97 21.86 35.61
N GLY B 88 -37.84 22.51 35.91
CA GLY B 88 -37.02 23.05 34.85
C GLY B 88 -36.48 21.98 33.92
N ILE B 89 -36.06 20.84 34.49
CA ILE B 89 -35.56 19.76 33.66
C ILE B 89 -36.69 19.16 32.82
N GLY B 90 -37.87 18.97 33.41
CA GLY B 90 -38.99 18.45 32.66
C GLY B 90 -39.39 19.35 31.49
N LEU B 91 -39.50 20.65 31.77
CA LEU B 91 -39.85 21.59 30.70
C LEU B 91 -38.75 21.70 29.66
N ALA B 92 -37.48 21.58 30.07
CA ALA B 92 -36.39 21.61 29.10
C ALA B 92 -36.41 20.38 28.21
N LEU B 93 -36.75 19.22 28.77
CA LEU B 93 -36.92 18.03 27.95
C LEU B 93 -38.06 18.20 26.95
N ALA B 94 -39.21 18.66 27.44
CA ALA B 94 -40.36 18.88 26.56
C ALA B 94 -40.03 19.89 25.46
N ALA B 95 -39.23 20.90 25.78
CA ALA B 95 -38.89 21.94 24.80
C ALA B 95 -37.89 21.42 23.79
N ALA B 96 -36.87 20.69 24.24
CA ALA B 96 -35.92 20.10 23.31
C ALA B 96 -36.60 19.09 22.38
N VAL B 97 -37.62 18.40 22.87
CA VAL B 97 -38.35 17.46 22.02
C VAL B 97 -39.21 18.22 21.02
N ARG B 98 -40.13 19.07 21.51
CA ARG B 98 -41.11 19.73 20.66
C ARG B 98 -40.62 21.07 20.12
N GLY B 99 -39.35 21.40 20.30
CA GLY B 99 -38.78 22.58 19.65
C GLY B 99 -39.15 23.91 20.27
N TYR B 100 -38.99 24.04 21.59
CA TYR B 100 -39.24 25.29 22.29
C TYR B 100 -37.96 25.79 22.94
N ARG B 101 -37.92 27.10 23.17
CA ARG B 101 -36.80 27.74 23.85
C ARG B 101 -37.05 27.72 25.36
N MET B 102 -35.98 27.53 26.13
CA MET B 102 -36.09 27.42 27.58
C MET B 102 -35.25 28.48 28.27
N ILE B 103 -35.84 29.13 29.26
CA ILE B 103 -35.14 30.04 30.16
C ILE B 103 -35.61 29.73 31.58
N VAL B 104 -34.68 29.32 32.44
CA VAL B 104 -35.01 28.80 33.76
C VAL B 104 -34.51 29.79 34.81
N THR B 105 -35.36 30.06 35.81
CA THR B 105 -34.98 30.84 36.98
C THR B 105 -35.09 29.93 38.20
N MET B 106 -33.99 29.75 38.91
CA MET B 106 -33.94 28.87 40.07
C MET B 106 -33.02 29.46 41.11
N PRO B 107 -33.32 29.26 42.40
CA PRO B 107 -32.46 29.81 43.46
C PRO B 107 -31.05 29.23 43.40
N ALA B 108 -30.09 30.02 43.90
CA ALA B 108 -28.70 29.60 43.92
C ALA B 108 -28.46 28.43 44.87
N LYS B 109 -29.37 28.20 45.83
CA LYS B 109 -29.21 27.10 46.77
C LYS B 109 -29.24 25.75 46.07
N MET B 110 -30.01 25.64 44.98
CA MET B 110 -30.17 24.37 44.30
C MET B 110 -28.83 23.87 43.76
N SER B 111 -28.71 22.54 43.68
CA SER B 111 -27.46 21.91 43.29
C SER B 111 -27.03 22.33 41.89
N ALA B 112 -25.72 22.20 41.64
CA ALA B 112 -25.16 22.53 40.34
C ALA B 112 -25.44 21.46 39.29
N GLU B 113 -25.75 20.24 39.72
CA GLU B 113 -26.06 19.18 38.75
C GLU B 113 -27.31 19.53 37.95
N LYS B 114 -28.33 20.08 38.60
CA LYS B 114 -29.54 20.49 37.90
C LYS B 114 -29.24 21.55 36.85
N SER B 115 -28.46 22.56 37.24
CA SER B 115 -28.09 23.62 36.31
C SER B 115 -27.31 23.07 35.12
N ASN B 116 -26.34 22.19 35.37
CA ASN B 116 -25.57 21.60 34.28
C ASN B 116 -26.44 20.75 33.37
N ILE B 117 -27.42 20.05 33.95
CA ILE B 117 -28.29 19.18 33.16
C ILE B 117 -29.17 20.03 32.23
N MET B 118 -29.79 21.08 32.77
CA MET B 118 -30.61 21.93 31.92
C MET B 118 -29.75 22.80 30.99
N LYS B 119 -28.46 22.94 31.27
CA LYS B 119 -27.56 23.56 30.30
C LYS B 119 -27.28 22.63 29.14
N CYS B 120 -27.09 21.34 29.42
CA CYS B 120 -26.96 20.36 28.36
C CYS B 120 -28.21 20.29 27.48
N LEU B 121 -29.36 20.68 28.02
CA LEU B 121 -30.60 20.73 27.26
C LEU B 121 -30.82 22.08 26.59
N GLY B 122 -29.85 22.98 26.66
CA GLY B 122 -29.97 24.26 25.98
C GLY B 122 -30.88 25.28 26.65
N ALA B 123 -30.93 25.29 27.98
CA ALA B 123 -31.79 26.19 28.73
C ALA B 123 -30.93 27.26 29.40
N GLU B 124 -31.27 28.52 29.15
CA GLU B 124 -30.61 29.63 29.84
C GLU B 124 -31.08 29.68 31.29
N ILE B 125 -30.14 29.77 32.22
CA ILE B 125 -30.44 29.65 33.65
C ILE B 125 -30.07 30.94 34.35
N VAL B 126 -31.06 31.61 34.94
CA VAL B 126 -30.86 32.77 35.79
C VAL B 126 -30.97 32.32 37.23
N ARG B 127 -30.00 32.71 38.05
CA ARG B 127 -29.98 32.32 39.46
C ARG B 127 -30.46 33.47 40.33
N THR B 128 -31.13 33.12 41.42
CA THR B 128 -31.68 34.07 42.36
C THR B 128 -31.11 33.83 43.76
N PRO B 129 -30.99 34.87 44.58
CA PRO B 129 -30.45 34.69 45.93
C PRO B 129 -31.31 33.76 46.76
N THR B 130 -30.64 32.94 47.59
CA THR B 130 -31.34 31.94 48.39
C THR B 130 -32.24 32.58 49.44
N GLU B 131 -31.74 33.60 50.13
CA GLU B 131 -32.45 34.20 51.25
C GLU B 131 -33.61 35.10 50.82
N ALA B 132 -33.78 35.33 49.52
CA ALA B 132 -34.81 36.23 49.04
C ALA B 132 -36.18 35.57 49.09
N ALA B 133 -37.15 36.27 49.70
CA ALA B 133 -38.52 35.79 49.73
C ALA B 133 -39.17 35.97 48.36
N TRP B 134 -40.40 35.45 48.25
CA TRP B 134 -41.10 35.52 46.96
C TRP B 134 -41.51 36.94 46.61
N ASN B 135 -41.76 37.78 47.63
CA ASN B 135 -42.18 39.16 47.37
C ASN B 135 -41.07 40.00 46.76
N ASP B 136 -39.81 39.59 46.92
CA ASP B 136 -38.69 40.42 46.50
C ASP B 136 -38.65 40.56 44.98
N GLU B 137 -37.97 41.61 44.52
CA GLU B 137 -37.75 41.84 43.10
C GLU B 137 -36.86 40.75 42.49
N ASN B 138 -36.12 40.01 43.30
CA ASN B 138 -35.16 39.04 42.82
C ASN B 138 -35.61 37.60 43.04
N SER B 139 -36.87 37.38 43.40
CA SER B 139 -37.39 36.02 43.51
C SER B 139 -37.43 35.36 42.14
N HIS B 140 -37.29 34.03 42.13
CA HIS B 140 -37.29 33.31 40.86
C HIS B 140 -38.59 33.53 40.09
N MET B 141 -39.71 33.63 40.80
CA MET B 141 -40.97 33.97 40.14
C MET B 141 -40.97 35.43 39.70
N GLY B 142 -40.39 36.31 40.49
CA GLY B 142 -40.31 37.71 40.09
C GLY B 142 -39.42 37.92 38.88
N VAL B 143 -38.24 37.29 38.88
CA VAL B 143 -37.36 37.38 37.72
C VAL B 143 -38.00 36.69 36.51
N ALA B 144 -38.77 35.62 36.74
CA ALA B 144 -39.50 35.00 35.65
C ALA B 144 -40.50 35.96 35.04
N ALA B 145 -41.25 36.68 35.88
CA ALA B 145 -42.21 37.66 35.39
C ALA B 145 -41.51 38.78 34.63
N LYS B 146 -40.37 39.25 35.14
CA LYS B 146 -39.63 40.31 34.47
C LYS B 146 -39.15 39.85 33.09
N LEU B 147 -38.58 38.65 33.02
CA LEU B 147 -38.13 38.11 31.73
C LEU B 147 -39.31 37.91 30.78
N GLN B 148 -40.47 37.52 31.31
CA GLN B 148 -41.66 37.39 30.49
C GLN B 148 -42.07 38.74 29.90
N ARG B 149 -42.00 39.79 30.71
CA ARG B 149 -42.37 41.13 30.23
C ARG B 149 -41.38 41.61 29.18
N GLU B 150 -40.08 41.46 29.43
CA GLU B 150 -39.08 42.07 28.56
C GLU B 150 -38.84 41.31 27.26
N LEU B 151 -39.29 40.07 27.16
CA LEU B 151 -38.97 39.23 26.02
C LEU B 151 -40.18 39.02 25.11
N GLU B 152 -39.89 38.79 23.84
CA GLU B 152 -40.93 38.61 22.82
C GLU B 152 -41.28 37.14 22.69
N ASN B 153 -42.58 36.85 22.55
CA ASN B 153 -43.10 35.50 22.42
C ASN B 153 -42.73 34.62 23.62
N ALA B 154 -42.62 35.23 24.79
CA ALA B 154 -42.30 34.51 26.01
C ALA B 154 -43.57 33.96 26.66
N HIS B 155 -43.43 32.82 27.33
CA HIS B 155 -44.54 32.17 27.99
C HIS B 155 -44.10 31.67 29.36
N ILE B 156 -45.00 31.77 30.34
CA ILE B 156 -44.80 31.21 31.68
C ILE B 156 -46.00 30.34 32.01
N LEU B 157 -45.75 29.06 32.27
CA LEU B 157 -46.83 28.16 32.62
C LEU B 157 -47.12 28.13 34.12
N ASP B 158 -46.19 28.64 34.94
CA ASP B 158 -46.44 28.92 36.36
C ASP B 158 -46.94 27.68 37.11
N GLN B 159 -46.07 26.68 37.19
CA GLN B 159 -46.40 25.43 37.87
C GLN B 159 -46.94 25.64 39.28
N TYR B 160 -46.67 26.80 39.88
CA TYR B 160 -47.22 27.10 41.20
C TYR B 160 -48.73 27.31 41.17
N ASN B 161 -49.29 27.67 40.02
CA ASN B 161 -50.72 27.91 39.89
C ASN B 161 -51.38 27.16 38.74
N ASN B 162 -50.61 26.53 37.85
CA ASN B 162 -51.20 25.86 36.70
C ASN B 162 -52.04 24.67 37.16
N THR B 163 -53.27 24.58 36.64
CA THR B 163 -54.19 23.52 37.03
C THR B 163 -53.72 22.15 36.58
N ALA B 164 -52.80 22.07 35.61
CA ALA B 164 -52.33 20.78 35.14
C ALA B 164 -51.54 20.05 36.22
N ASN B 165 -50.77 20.79 37.02
CA ASN B 165 -49.93 20.17 38.05
C ASN B 165 -50.74 19.30 39.01
N PRO B 166 -51.78 19.80 39.67
CA PRO B 166 -52.55 18.89 40.55
C PRO B 166 -53.44 17.93 39.79
N MET B 167 -54.05 18.39 38.69
CA MET B 167 -55.02 17.55 37.97
C MET B 167 -54.37 16.32 37.35
N VAL B 168 -53.07 16.39 37.03
CA VAL B 168 -52.44 15.25 36.37
C VAL B 168 -51.98 14.22 37.40
N HIS B 169 -51.46 14.66 38.54
CA HIS B 169 -51.29 13.74 39.65
C HIS B 169 -52.62 13.13 40.08
N TYR B 170 -53.71 13.87 39.87
CA TYR B 170 -55.04 13.34 40.13
C TYR B 170 -55.47 12.34 39.06
N ASP B 171 -54.99 12.50 37.83
CA ASP B 171 -55.47 11.71 36.69
C ASP B 171 -54.67 10.42 36.50
N VAL B 172 -53.35 10.49 36.39
CA VAL B 172 -52.53 9.36 36.02
C VAL B 172 -51.74 8.80 37.20
N THR B 173 -51.12 9.67 38.01
CA THR B 173 -50.27 9.20 39.10
C THR B 173 -51.10 8.50 40.17
N ALA B 174 -52.10 9.19 40.70
CA ALA B 174 -52.95 8.59 41.72
C ALA B 174 -53.69 7.37 41.17
N GLU B 175 -54.10 7.42 39.90
CA GLU B 175 -54.71 6.24 39.30
C GLU B 175 -53.72 5.10 39.20
N GLU B 176 -52.45 5.41 38.92
CA GLU B 176 -51.42 4.38 38.90
C GLU B 176 -51.29 3.71 40.26
N ILE B 177 -51.17 4.51 41.32
CA ILE B 177 -50.98 3.93 42.65
C ILE B 177 -52.24 3.19 43.11
N ILE B 178 -53.42 3.66 42.68
CA ILE B 178 -54.66 2.96 43.02
C ILE B 178 -54.72 1.61 42.32
N THR B 179 -54.39 1.57 41.03
CA THR B 179 -54.45 0.32 40.29
C THR B 179 -53.43 -0.68 40.80
N GLN B 180 -52.23 -0.21 41.18
CA GLN B 180 -51.22 -1.16 41.64
C GLN B 180 -51.46 -1.59 43.08
N CYS B 181 -51.96 -0.70 43.94
CA CYS B 181 -52.33 -1.10 45.30
C CYS B 181 -53.68 -1.79 45.36
N ASP B 182 -54.37 -1.94 44.22
CA ASP B 182 -55.66 -2.63 44.14
C ASP B 182 -56.73 -1.95 45.01
N GLY B 183 -56.60 -0.64 45.20
CA GLY B 183 -57.57 0.13 45.95
C GLY B 183 -57.29 0.24 47.43
N ASP B 184 -56.73 -0.80 48.04
CA ASP B 184 -56.49 -0.83 49.48
C ASP B 184 -55.26 0.03 49.78
N ILE B 185 -55.51 1.27 50.21
CA ILE B 185 -54.46 2.18 50.64
C ILE B 185 -54.87 2.74 52.00
N ASP B 186 -53.96 2.70 52.96
CA ASP B 186 -54.24 3.15 54.32
C ASP B 186 -53.62 4.49 54.67
N MET B 187 -52.35 4.72 54.31
CA MET B 187 -51.70 6.00 54.58
C MET B 187 -50.94 6.45 53.34
N VAL B 188 -50.95 7.76 53.11
CA VAL B 188 -50.27 8.37 51.96
C VAL B 188 -49.38 9.49 52.50
N VAL B 189 -48.08 9.38 52.26
CA VAL B 189 -47.11 10.38 52.69
C VAL B 189 -46.52 11.04 51.45
N ILE B 190 -46.69 12.36 51.34
CA ILE B 190 -46.22 13.12 50.20
C ILE B 190 -45.43 14.33 50.69
N GLY B 191 -44.34 14.65 50.00
CA GLY B 191 -43.63 15.88 50.28
C GLY B 191 -44.38 17.08 49.73
N ALA B 192 -44.32 18.18 50.47
CA ALA B 192 -45.07 19.39 50.13
C ALA B 192 -44.12 20.40 49.51
N GLY B 193 -44.21 20.55 48.19
CA GLY B 193 -43.50 21.60 47.48
C GLY B 193 -44.47 22.68 47.02
N THR B 194 -44.82 22.67 45.74
CA THR B 194 -45.93 23.49 45.28
C THR B 194 -47.27 22.94 45.76
N GLY B 195 -47.31 21.67 46.15
CA GLY B 195 -48.50 21.06 46.71
C GLY B 195 -49.46 20.46 45.69
N GLY B 196 -49.19 20.61 44.39
CA GLY B 196 -50.06 20.00 43.40
C GLY B 196 -50.06 18.49 43.47
N THR B 197 -48.89 17.89 43.70
CA THR B 197 -48.80 16.44 43.78
C THR B 197 -49.65 15.90 44.91
N ILE B 198 -49.45 16.43 46.12
CA ILE B 198 -50.17 15.91 47.28
C ILE B 198 -51.66 16.20 47.15
N THR B 199 -52.03 17.38 46.67
CA THR B 199 -53.43 17.71 46.45
C THR B 199 -54.10 16.70 45.52
N GLY B 200 -53.55 16.56 44.31
CA GLY B 200 -54.17 15.67 43.34
C GLY B 200 -54.22 14.23 43.82
N ILE B 201 -53.10 13.71 44.33
CA ILE B 201 -53.05 12.31 44.73
C ILE B 201 -53.99 12.05 45.90
N GLY B 202 -53.92 12.89 46.93
CA GLY B 202 -54.81 12.70 48.07
C GLY B 202 -56.27 12.79 47.70
N ARG B 203 -56.63 13.74 46.83
CA ARG B 203 -58.03 13.87 46.44
C ARG B 203 -58.50 12.64 45.67
N LYS B 204 -57.70 12.19 44.69
CA LYS B 204 -58.13 11.03 43.90
C LYS B 204 -58.18 9.77 44.73
N ILE B 205 -57.29 9.61 45.72
CA ILE B 205 -57.34 8.39 46.52
C ILE B 205 -58.46 8.45 47.56
N LYS B 206 -58.74 9.64 48.11
CA LYS B 206 -59.85 9.75 49.04
C LYS B 206 -61.21 9.65 48.35
N GLU B 207 -61.27 9.92 47.05
CA GLU B 207 -62.52 9.71 46.33
C GLU B 207 -62.89 8.24 46.28
N ARG B 208 -61.94 7.37 45.92
CA ARG B 208 -62.20 5.95 45.78
C ARG B 208 -61.80 5.13 47.00
N CYS B 209 -61.03 5.71 47.92
CA CYS B 209 -60.65 5.04 49.17
C CYS B 209 -60.68 6.08 50.28
N PRO B 210 -61.87 6.44 50.77
CA PRO B 210 -61.96 7.53 51.75
C PRO B 210 -61.37 7.20 53.10
N LYS B 211 -61.23 5.92 53.46
CA LYS B 211 -60.65 5.55 54.74
C LYS B 211 -59.15 5.81 54.82
N CYS B 212 -58.51 6.13 53.70
CA CYS B 212 -57.07 6.36 53.69
C CYS B 212 -56.73 7.70 54.33
N LYS B 213 -55.68 7.69 55.16
CA LYS B 213 -55.17 8.91 55.77
C LYS B 213 -54.12 9.54 54.86
N VAL B 214 -54.09 10.87 54.85
CA VAL B 214 -53.15 11.63 54.04
C VAL B 214 -52.35 12.55 54.94
N VAL B 215 -51.05 12.31 55.04
CA VAL B 215 -50.14 13.11 55.85
C VAL B 215 -49.12 13.76 54.92
N GLY B 216 -48.90 15.06 55.12
CA GLY B 216 -47.96 15.81 54.31
C GLY B 216 -46.65 16.05 55.03
N VAL B 217 -45.57 16.08 54.26
CA VAL B 217 -44.23 16.32 54.77
C VAL B 217 -43.80 17.72 54.38
N ASP B 218 -43.43 18.52 55.37
CA ASP B 218 -42.96 19.89 55.16
C ASP B 218 -41.66 20.07 55.92
N PRO B 219 -40.61 20.58 55.27
CA PRO B 219 -39.32 20.71 55.95
C PRO B 219 -39.35 21.83 56.99
N LYS B 220 -38.50 21.67 58.00
CA LYS B 220 -38.36 22.71 59.03
C LYS B 220 -37.81 23.99 58.39
N GLY B 221 -38.64 25.03 58.35
CA GLY B 221 -38.28 26.27 57.69
C GLY B 221 -39.43 26.83 56.87
N SER B 222 -40.29 25.95 56.37
CA SER B 222 -41.43 26.35 55.56
C SER B 222 -42.65 26.60 56.43
N ILE B 223 -43.66 27.22 55.83
CA ILE B 223 -44.88 27.59 56.56
C ILE B 223 -46.08 26.93 55.91
N LEU B 224 -45.90 25.75 55.31
CA LEU B 224 -46.99 25.05 54.66
C LEU B 224 -47.78 24.17 55.61
N ALA B 225 -47.16 23.68 56.68
CA ALA B 225 -47.86 22.84 57.64
C ALA B 225 -48.89 23.65 58.43
N VAL B 226 -49.90 22.96 58.93
CA VAL B 226 -50.94 23.59 59.74
C VAL B 226 -51.06 22.85 61.06
N PRO B 227 -51.20 23.55 62.19
CA PRO B 227 -51.18 25.01 62.25
C PRO B 227 -49.75 25.57 62.28
N ASP B 228 -49.63 26.90 62.48
CA ASP B 228 -48.31 27.51 62.52
C ASP B 228 -47.50 27.07 63.75
N SER B 229 -48.15 26.47 64.75
CA SER B 229 -47.43 26.00 65.93
C SER B 229 -46.36 24.98 65.59
N LEU B 230 -46.44 24.35 64.41
CA LEU B 230 -45.40 23.43 63.97
C LEU B 230 -44.25 24.17 63.32
N ASN B 231 -44.51 25.29 62.64
CA ASN B 231 -43.47 26.03 61.96
C ASN B 231 -42.65 26.90 62.90
N ASP B 232 -43.21 27.28 64.05
CA ASP B 232 -42.53 28.16 64.99
C ASP B 232 -41.19 27.61 65.45
N GLU B 233 -40.95 26.31 65.26
CA GLU B 233 -39.64 25.74 65.56
C GLU B 233 -38.54 26.44 64.75
N LYS B 234 -38.78 26.61 63.45
CA LYS B 234 -37.80 27.27 62.58
C LYS B 234 -38.59 27.96 61.47
N ARG B 235 -38.80 29.27 61.61
CA ARG B 235 -39.59 30.03 60.66
C ARG B 235 -38.68 30.74 59.67
N LEU B 236 -38.90 30.50 58.37
CA LEU B 236 -38.26 31.24 57.29
C LEU B 236 -36.74 31.10 57.31
N GLN B 237 -36.23 29.99 57.85
CA GLN B 237 -34.80 29.72 57.85
C GLN B 237 -34.49 28.71 56.74
N SER B 238 -33.47 29.03 55.95
CA SER B 238 -33.12 28.19 54.80
C SER B 238 -32.75 26.78 55.24
N TYR B 239 -33.02 25.82 54.37
CA TYR B 239 -32.71 24.42 54.63
C TYR B 239 -31.95 23.84 53.45
N GLU B 240 -31.10 22.85 53.73
CA GLU B 240 -30.25 22.28 52.70
C GLU B 240 -31.02 21.36 51.76
N VAL B 241 -32.14 20.80 52.21
CA VAL B 241 -32.98 20.00 51.33
C VAL B 241 -33.61 20.92 50.29
N GLU B 242 -33.62 20.47 49.04
CA GLU B 242 -34.17 21.27 47.94
C GLU B 242 -35.30 20.50 47.27
N GLY B 243 -36.40 21.21 47.00
CA GLY B 243 -37.55 20.66 46.30
C GLY B 243 -38.85 20.77 47.07
N ILE B 244 -38.78 20.77 48.40
CA ILE B 244 -39.97 20.83 49.23
C ILE B 244 -39.93 22.10 50.08
N GLY B 245 -41.12 22.52 50.50
CA GLY B 245 -41.24 23.67 51.37
C GLY B 245 -41.16 25.00 50.66
N TYR B 246 -41.98 25.96 51.09
CA TYR B 246 -41.98 27.30 50.52
C TYR B 246 -42.41 28.28 51.60
N ASP B 247 -42.27 29.57 51.29
CA ASP B 247 -42.68 30.64 52.19
C ASP B 247 -44.05 31.21 51.81
N PHE B 248 -44.87 30.43 51.11
CA PHE B 248 -46.20 30.85 50.68
C PHE B 248 -46.95 29.62 50.20
N VAL B 249 -48.27 29.68 50.27
CA VAL B 249 -49.14 28.60 49.83
C VAL B 249 -49.46 28.80 48.36
N PRO B 250 -49.03 27.92 47.47
CA PRO B 250 -49.36 28.07 46.05
C PRO B 250 -50.84 27.83 45.80
N GLY B 251 -51.29 28.29 44.62
CA GLY B 251 -52.69 28.15 44.28
C GLY B 251 -53.14 26.72 44.12
N VAL B 252 -52.23 25.82 43.77
CA VAL B 252 -52.58 24.42 43.54
C VAL B 252 -52.60 23.61 44.83
N LEU B 253 -52.09 24.14 45.93
CA LEU B 253 -52.04 23.42 47.20
C LEU B 253 -53.38 23.58 47.93
N ASP B 254 -54.08 22.47 48.11
CA ASP B 254 -55.34 22.45 48.87
C ASP B 254 -55.02 21.89 50.25
N ARG B 255 -54.70 22.80 51.18
CA ARG B 255 -54.31 22.40 52.54
C ARG B 255 -55.43 21.69 53.29
N LYS B 256 -56.65 21.66 52.74
CA LYS B 256 -57.75 20.97 53.39
C LYS B 256 -57.78 19.47 53.06
N VAL B 257 -57.01 19.04 52.07
CA VAL B 257 -56.96 17.62 51.72
C VAL B 257 -56.12 16.83 52.70
N VAL B 258 -55.11 17.45 53.31
CA VAL B 258 -54.17 16.75 54.17
C VAL B 258 -54.74 16.63 55.58
N ASP B 259 -54.53 15.47 56.20
CA ASP B 259 -54.95 15.23 57.57
C ASP B 259 -53.87 15.62 58.58
N GLU B 260 -52.69 15.05 58.44
CA GLU B 260 -51.57 15.31 59.34
C GLU B 260 -50.47 16.08 58.61
N TRP B 261 -49.60 16.70 59.40
CA TRP B 261 -48.38 17.31 58.91
C TRP B 261 -47.21 16.85 59.77
N VAL B 262 -46.07 16.59 59.13
CA VAL B 262 -44.88 16.12 59.82
C VAL B 262 -43.72 17.03 59.45
N LYS B 263 -43.18 17.74 60.45
CA LYS B 263 -42.00 18.56 60.25
C LYS B 263 -40.75 17.71 60.32
N VAL B 264 -39.89 17.83 59.32
CA VAL B 264 -38.65 17.04 59.24
C VAL B 264 -37.49 17.99 58.96
N GLY B 265 -36.38 17.75 59.65
CA GLY B 265 -35.19 18.54 59.44
C GLY B 265 -34.35 18.03 58.28
N ASP B 266 -33.23 18.71 58.06
CA ASP B 266 -32.32 18.30 56.99
C ASP B 266 -31.52 17.07 57.37
N ALA B 267 -31.05 17.01 58.62
CA ALA B 267 -30.24 15.87 59.06
C ALA B 267 -31.02 14.57 58.96
N GLU B 268 -32.26 14.56 59.48
CA GLU B 268 -33.08 13.37 59.41
C GLU B 268 -33.37 12.98 57.96
N SER B 269 -33.70 13.96 57.13
CA SER B 269 -33.99 13.68 55.72
C SER B 269 -32.78 13.04 55.03
N PHE B 270 -31.60 13.59 55.25
CA PHE B 270 -30.42 13.10 54.54
C PHE B 270 -29.98 11.73 55.06
N THR B 271 -30.03 11.53 56.39
CA THR B 271 -29.67 10.22 56.91
C THR B 271 -30.69 9.16 56.50
N THR B 272 -31.95 9.53 56.35
CA THR B 272 -32.94 8.57 55.88
C THR B 272 -32.76 8.27 54.40
N ALA B 273 -32.36 9.26 53.60
CA ALA B 273 -32.06 8.99 52.20
C ALA B 273 -30.86 8.06 52.08
N ARG B 274 -29.82 8.29 52.88
CA ARG B 274 -28.67 7.39 52.89
C ARG B 274 -29.08 5.99 53.32
N ALA B 275 -29.99 5.88 54.31
CA ALA B 275 -30.46 4.58 54.75
C ALA B 275 -31.26 3.88 53.66
N ILE B 276 -32.07 4.64 52.92
CA ILE B 276 -32.80 4.08 51.78
C ILE B 276 -31.82 3.50 50.78
N ILE B 277 -30.82 4.29 50.38
CA ILE B 277 -29.84 3.81 49.40
C ILE B 277 -29.12 2.58 49.92
N ARG B 278 -28.80 2.56 51.22
CA ARG B 278 -28.02 1.46 51.79
C ARG B 278 -28.83 0.17 51.86
N ASN B 279 -30.06 0.25 52.37
CA ASN B 279 -30.82 -0.95 52.69
C ASN B 279 -31.72 -1.43 51.56
N GLU B 280 -32.30 -0.51 50.78
CA GLU B 280 -33.19 -0.87 49.70
C GLU B 280 -32.51 -0.89 48.34
N GLY B 281 -31.57 0.03 48.11
CA GLY B 281 -30.91 0.12 46.81
C GLY B 281 -31.66 1.00 45.84
N LEU B 282 -32.22 2.10 46.34
CA LEU B 282 -32.96 3.05 45.52
C LEU B 282 -32.19 4.38 45.54
N PHE B 283 -31.66 4.77 44.38
CA PHE B 283 -30.90 6.00 44.26
C PHE B 283 -31.88 7.17 44.26
N VAL B 284 -32.18 7.66 45.46
CA VAL B 284 -33.22 8.67 45.64
C VAL B 284 -32.55 9.98 46.09
N GLY B 285 -33.38 11.04 46.16
CA GLY B 285 -32.91 12.34 46.58
C GLY B 285 -33.20 12.62 48.05
N GLY B 286 -32.89 13.85 48.45
CA GLY B 286 -33.07 14.24 49.84
C GLY B 286 -34.53 14.34 50.24
N SER B 287 -35.37 14.90 49.36
CA SER B 287 -36.79 14.97 49.65
C SER B 287 -37.41 13.60 49.83
N SER B 288 -36.85 12.58 49.16
CA SER B 288 -37.30 11.22 49.39
C SER B 288 -37.01 10.77 50.81
N GLY B 289 -35.82 11.10 51.32
CA GLY B 289 -35.50 10.82 52.70
C GLY B 289 -36.41 11.57 53.66
N ALA B 290 -36.73 12.82 53.35
CA ALA B 290 -37.68 13.58 54.17
C ALA B 290 -39.04 12.89 54.22
N ASN B 291 -39.55 12.50 53.06
CA ASN B 291 -40.85 11.82 53.01
C ASN B 291 -40.81 10.49 53.75
N VAL B 292 -39.69 9.77 53.66
CA VAL B 292 -39.60 8.47 54.30
C VAL B 292 -39.50 8.62 55.82
N TRP B 293 -38.79 9.64 56.30
CA TRP B 293 -38.78 9.89 57.74
C TRP B 293 -40.14 10.33 58.24
N GLY B 294 -40.85 11.14 57.45
CA GLY B 294 -42.22 11.47 57.79
C GLY B 294 -43.11 10.25 57.88
N ALA B 295 -42.93 9.31 56.94
CA ALA B 295 -43.70 8.07 56.98
C ALA B 295 -43.34 7.24 58.20
N LEU B 296 -42.05 7.17 58.55
CA LEU B 296 -41.63 6.42 59.72
C LEU B 296 -42.17 7.05 61.00
N GLN B 297 -42.38 8.36 61.00
CA GLN B 297 -42.97 9.01 62.17
C GLN B 297 -44.49 8.86 62.21
N ALA B 298 -45.14 8.79 61.07
CA ALA B 298 -46.60 8.80 61.02
C ALA B 298 -47.22 7.41 61.06
N ALA B 299 -46.68 6.45 60.31
CA ALA B 299 -47.30 5.15 60.13
C ALA B 299 -46.92 4.15 61.22
N ARG B 300 -46.37 4.62 62.34
CA ARG B 300 -46.02 3.71 63.42
C ARG B 300 -47.24 3.09 64.09
N GLN B 301 -48.40 3.75 64.01
CA GLN B 301 -49.62 3.23 64.62
C GLN B 301 -50.23 2.08 63.82
N LEU B 302 -49.77 1.83 62.61
CA LEU B 302 -50.31 0.76 61.79
C LEU B 302 -49.65 -0.58 62.15
N LYS B 303 -50.26 -1.66 61.67
CA LYS B 303 -49.78 -3.02 61.88
C LYS B 303 -49.58 -3.70 60.53
N LYS B 304 -49.29 -5.00 60.57
CA LYS B 304 -49.09 -5.76 59.35
C LYS B 304 -50.37 -5.79 58.52
N GLY B 305 -50.20 -6.09 57.23
CA GLY B 305 -51.32 -6.16 56.31
C GLY B 305 -51.60 -4.84 55.62
N GLN B 306 -51.93 -3.81 56.39
CA GLN B 306 -52.21 -2.50 55.81
C GLN B 306 -50.94 -1.90 55.21
N LYS B 307 -51.14 -1.08 54.18
CA LYS B 307 -50.04 -0.57 53.36
C LYS B 307 -50.01 0.95 53.40
N CYS B 308 -48.81 1.51 53.60
CA CYS B 308 -48.61 2.96 53.59
C CYS B 308 -47.68 3.30 52.44
N VAL B 309 -48.17 4.09 51.49
CA VAL B 309 -47.43 4.46 50.29
C VAL B 309 -46.77 5.81 50.51
N VAL B 310 -45.51 5.92 50.08
CA VAL B 310 -44.75 7.15 50.18
C VAL B 310 -44.07 7.42 48.85
N LEU B 311 -43.96 8.71 48.51
CA LEU B 311 -43.39 9.12 47.24
C LEU B 311 -41.89 9.34 47.33
N LEU B 312 -41.18 8.98 46.26
CA LEU B 312 -39.75 9.25 46.10
C LEU B 312 -39.61 10.21 44.93
N PRO B 313 -39.54 11.53 45.19
CA PRO B 313 -39.69 12.50 44.08
C PRO B 313 -38.61 12.43 43.02
N ASP B 314 -37.33 12.50 43.40
CA ASP B 314 -36.26 12.59 42.41
C ASP B 314 -35.09 11.71 42.83
N SER B 315 -34.19 11.48 41.88
CA SER B 315 -33.10 10.55 42.02
C SER B 315 -31.84 11.23 42.57
N SER B 316 -30.80 10.43 42.80
CA SER B 316 -29.53 10.94 43.29
C SER B 316 -28.74 11.71 42.23
N ARG B 317 -29.16 11.63 40.96
CA ARG B 317 -28.43 12.30 39.89
C ARG B 317 -28.29 13.79 40.15
N ASN B 318 -29.35 14.43 40.65
CA ASN B 318 -29.32 15.86 40.91
C ASN B 318 -28.45 16.23 42.10
N TYR B 319 -28.04 15.24 42.92
CA TYR B 319 -27.24 15.52 44.10
C TYR B 319 -26.05 14.57 44.20
N MET B 320 -25.49 14.17 43.06
CA MET B 320 -24.39 13.21 43.06
C MET B 320 -23.20 13.74 43.85
N SER B 321 -22.72 14.93 43.49
CA SER B 321 -21.62 15.55 44.21
C SER B 321 -22.08 16.32 45.44
N LYS B 322 -23.38 16.40 45.69
CA LYS B 322 -23.86 17.25 46.79
C LYS B 322 -23.96 16.49 48.11
N PHE B 323 -24.78 15.43 48.17
CA PHE B 323 -25.00 14.76 49.44
C PHE B 323 -24.64 13.29 49.45
N ILE B 324 -24.33 12.69 48.30
CA ILE B 324 -23.76 11.33 48.32
C ILE B 324 -22.36 11.36 48.90
N SER B 325 -21.58 12.39 48.59
CA SER B 325 -20.22 12.50 49.10
C SER B 325 -20.23 12.72 50.61
N ASP B 326 -19.51 11.85 51.33
CA ASP B 326 -19.44 11.95 52.78
C ASP B 326 -18.72 13.23 53.24
N GLU B 327 -17.88 13.82 52.39
CA GLU B 327 -17.19 15.05 52.77
C GLU B 327 -18.17 16.18 53.01
N TRP B 328 -19.17 16.33 52.14
CA TRP B 328 -20.19 17.36 52.32
C TRP B 328 -21.06 17.08 53.54
N MET B 329 -21.29 15.81 53.85
CA MET B 329 -22.00 15.46 55.07
C MET B 329 -21.19 15.83 56.31
N ALA B 330 -19.86 15.68 56.23
CA ALA B 330 -19.01 16.04 57.35
C ALA B 330 -18.94 17.55 57.52
N GLU B 331 -18.89 18.29 56.41
CA GLU B 331 -18.86 19.75 56.50
C GLU B 331 -20.13 20.31 57.12
N HIS B 332 -21.25 19.60 56.98
CA HIS B 332 -22.52 20.01 57.56
C HIS B 332 -22.82 19.32 58.89
N GLY B 333 -22.02 18.33 59.28
CA GLY B 333 -22.24 17.63 60.54
C GLY B 333 -23.52 16.82 60.57
N PHE B 334 -23.78 16.08 59.51
CA PHE B 334 -24.95 15.20 59.44
C PHE B 334 -24.52 13.76 59.70
N ALA B 335 -25.30 13.06 60.53
CA ALA B 335 -25.05 11.66 60.81
C ALA B 335 -25.12 10.86 59.51
N PRO B 336 -24.02 10.20 59.08
CA PRO B 336 -24.06 9.57 57.75
C PRO B 336 -25.08 8.45 57.62
N GLU B 337 -25.02 7.44 58.47
CA GLU B 337 -25.94 6.32 58.49
C GLU B 337 -25.61 5.45 59.69
N ASP B 338 -26.56 4.61 60.08
CA ASP B 338 -26.28 3.59 61.09
C ASP B 338 -25.28 2.58 60.54
N GLY B 339 -25.60 1.98 59.40
CA GLY B 339 -24.68 1.08 58.73
C GLY B 339 -24.09 1.71 57.48
N ALA B 340 -22.81 2.08 57.55
CA ALA B 340 -22.13 2.70 56.42
C ALA B 340 -20.63 2.44 56.55
N LYS B 341 -19.89 2.85 55.52
CA LYS B 341 -18.44 2.63 55.52
C LYS B 341 -17.73 3.55 56.50
N VAL B 342 -18.23 4.77 56.69
CA VAL B 342 -17.55 5.74 57.55
C VAL B 342 -17.50 5.23 58.99
N LYS B 343 -18.67 4.86 59.54
CA LYS B 343 -18.70 4.38 60.91
C LYS B 343 -18.04 3.02 61.04
N GLU B 344 -18.14 2.16 60.02
CA GLU B 344 -17.45 0.89 60.04
C GLU B 344 -15.94 1.08 60.17
N ARG B 345 -15.38 2.01 59.40
CA ARG B 345 -13.95 2.29 59.47
C ARG B 345 -13.58 2.95 60.79
N GLU B 346 -14.41 3.88 61.27
CA GLU B 346 -14.17 4.49 62.57
C GLU B 346 -14.11 3.44 63.68
N LYS B 347 -14.96 2.42 63.57
CA LYS B 347 -14.99 1.37 64.59
C LYS B 347 -13.82 0.41 64.45
N GLN B 348 -13.51 -0.03 63.23
CA GLN B 348 -12.50 -1.07 63.04
C GLN B 348 -11.09 -0.52 63.17
N PHE B 349 -10.81 0.65 62.58
CA PHE B 349 -9.46 1.20 62.64
C PHE B 349 -9.22 2.00 63.91
N GLY B 350 -10.22 2.77 64.35
CA GLY B 350 -10.04 3.58 65.54
C GLY B 350 -9.02 4.67 65.32
N GLY B 351 -8.21 4.92 66.35
CA GLY B 351 -7.19 5.94 66.28
C GLY B 351 -5.86 5.46 65.72
N ALA B 352 -5.89 4.32 65.03
CA ALA B 352 -4.66 3.75 64.48
C ALA B 352 -4.11 4.63 63.36
N ARG B 353 -2.81 4.88 63.41
CA ARG B 353 -2.10 5.61 62.37
C ARG B 353 -1.07 4.69 61.73
N ILE B 354 -0.62 5.08 60.53
CA ILE B 354 0.26 4.19 59.76
C ILE B 354 1.61 4.00 60.44
N ARG B 355 1.97 4.86 61.40
CA ARG B 355 3.14 4.60 62.23
C ARG B 355 3.00 3.27 62.96
N ASP B 356 1.85 3.05 63.60
CA ASP B 356 1.61 1.80 64.32
C ASP B 356 1.67 0.62 63.38
N LEU B 357 1.12 0.74 62.17
CA LEU B 357 1.13 -0.37 61.23
C LEU B 357 2.54 -0.67 60.74
N LEU B 358 3.30 0.37 60.36
CA LEU B 358 4.67 0.15 59.89
C LEU B 358 5.55 -0.38 61.00
N SER B 359 5.23 -0.09 62.27
CA SER B 359 6.05 -0.59 63.36
C SER B 359 5.67 -2.03 63.73
N GLU B 360 4.37 -2.35 63.74
CA GLU B 360 3.95 -3.71 64.05
C GLU B 360 4.30 -4.69 62.93
N THR B 361 4.32 -4.20 61.68
CA THR B 361 4.75 -5.06 60.58
C THR B 361 6.22 -5.40 60.68
N GLY B 362 7.06 -4.43 61.02
CA GLY B 362 8.49 -4.60 61.00
C GLY B 362 9.17 -4.10 59.76
N ALA B 363 8.57 -3.15 59.04
CA ALA B 363 9.08 -2.67 57.76
C ALA B 363 10.20 -1.66 58.00
N THR B 364 11.34 -2.18 58.44
CA THR B 364 12.56 -1.39 58.58
C THR B 364 13.30 -1.24 57.25
N SER B 365 12.67 -1.60 56.14
CA SER B 365 13.26 -1.51 54.82
C SER B 365 12.77 -0.25 54.10
N ASP B 366 13.51 0.13 53.06
CA ASP B 366 13.19 1.30 52.25
C ASP B 366 13.13 0.89 50.79
N VAL B 367 12.03 1.24 50.13
CA VAL B 367 11.86 0.90 48.71
C VAL B 367 12.88 1.70 47.89
N PRO B 368 13.59 1.07 46.95
CA PRO B 368 14.60 1.80 46.18
C PRO B 368 13.99 2.94 45.36
N PHE B 369 14.87 3.84 44.93
CA PHE B 369 14.48 5.03 44.18
C PHE B 369 15.22 5.08 42.85
N VAL B 370 14.58 5.70 41.86
CA VAL B 370 15.19 5.92 40.55
C VAL B 370 14.87 7.34 40.10
N THR B 371 15.70 7.84 39.19
CA THR B 371 15.66 9.24 38.71
C THR B 371 14.48 9.53 37.78
N ALA B 372 13.56 8.61 37.56
CA ALA B 372 12.35 8.80 36.75
C ALA B 372 12.65 9.07 35.28
N ARG B 373 13.91 8.96 34.85
CA ARG B 373 14.27 9.07 33.45
C ARG B 373 15.19 7.93 33.03
N LEU B 374 15.28 6.88 33.84
CA LEU B 374 16.15 5.76 33.53
C LEU B 374 15.56 4.93 32.38
N SER B 375 16.44 4.25 31.66
CA SER B 375 16.01 3.35 30.62
C SER B 375 15.48 2.05 31.22
N VAL B 376 14.74 1.30 30.41
CA VAL B 376 14.15 0.05 30.89
C VAL B 376 15.24 -0.99 31.14
N GLU B 377 16.32 -0.96 30.36
CA GLU B 377 17.42 -1.91 30.56
C GLU B 377 18.04 -1.74 31.94
N ASP B 378 18.42 -0.50 32.28
CA ASP B 378 19.09 -0.26 33.55
C ASP B 378 18.14 -0.46 34.73
N VAL B 379 16.87 -0.10 34.56
CA VAL B 379 15.93 -0.30 35.67
C VAL B 379 15.65 -1.79 35.87
N ILE B 380 15.67 -2.58 34.79
CA ILE B 380 15.52 -4.02 34.93
C ILE B 380 16.74 -4.62 35.62
N LYS B 381 17.93 -4.15 35.25
CA LYS B 381 19.15 -4.60 35.93
C LYS B 381 19.10 -4.29 37.42
N MET B 382 18.69 -3.06 37.77
CA MET B 382 18.62 -2.68 39.17
C MET B 382 17.54 -3.49 39.91
N MET B 383 16.40 -3.73 39.26
CA MET B 383 15.33 -4.50 39.90
C MET B 383 15.77 -5.94 40.15
N HIS B 384 16.54 -6.52 39.22
CA HIS B 384 17.00 -7.89 39.39
C HIS B 384 18.14 -7.99 40.39
N GLU B 385 18.98 -6.96 40.49
CA GLU B 385 20.12 -7.02 41.41
C GLU B 385 19.73 -6.66 42.83
N THR B 386 18.72 -5.80 43.02
CA THR B 386 18.33 -5.35 44.34
C THR B 386 17.34 -6.30 45.03
N LYS B 387 16.76 -7.24 44.30
CA LYS B 387 15.83 -8.28 44.75
C LYS B 387 14.47 -7.71 45.18
N VAL B 388 14.28 -6.39 45.13
CA VAL B 388 13.00 -5.81 45.48
C VAL B 388 12.07 -5.83 44.27
N LYS B 389 10.76 -5.79 44.54
CA LYS B 389 9.76 -5.91 43.49
C LYS B 389 9.32 -4.56 42.95
N GLU B 390 8.91 -3.64 43.81
CA GLU B 390 8.39 -2.35 43.41
C GLU B 390 9.46 -1.26 43.50
N VAL B 391 9.26 -0.20 42.73
CA VAL B 391 10.14 0.96 42.73
C VAL B 391 9.26 2.19 42.49
N ILE B 392 9.63 3.31 43.14
CA ILE B 392 8.93 4.57 42.96
C ILE B 392 9.87 5.55 42.28
N VAL B 393 9.36 6.23 41.24
CA VAL B 393 10.19 7.12 40.46
C VAL B 393 10.19 8.50 41.10
N THR B 394 11.38 9.08 41.28
CA THR B 394 11.55 10.30 42.04
C THR B 394 11.32 11.53 41.15
N GLU B 395 11.64 12.70 41.67
CA GLU B 395 11.45 13.96 40.94
C GLU B 395 12.66 14.87 41.11
N LEU B 405 6.26 14.12 42.10
CA LEU B 405 6.19 12.67 41.95
C LEU B 405 5.58 12.29 40.60
N VAL B 406 6.08 11.19 40.02
CA VAL B 406 5.56 10.67 38.76
C VAL B 406 4.77 9.39 38.98
N GLY B 407 5.28 8.46 39.80
CA GLY B 407 4.47 7.31 40.14
C GLY B 407 5.31 6.11 40.57
N VAL B 408 4.73 4.93 40.35
CA VAL B 408 5.29 3.66 40.80
C VAL B 408 5.46 2.75 39.60
N LEU B 409 6.28 1.71 39.78
CA LEU B 409 6.59 0.76 38.72
C LEU B 409 6.93 -0.59 39.34
N SER B 410 6.28 -1.63 38.85
CA SER B 410 6.52 -3.00 39.33
C SER B 410 7.12 -3.83 38.21
N GLU B 411 7.85 -4.88 38.61
CA GLU B 411 8.54 -5.73 37.63
C GLU B 411 7.54 -6.45 36.72
N ASP B 412 6.40 -6.86 37.27
CA ASP B 412 5.39 -7.55 36.47
C ASP B 412 4.90 -6.67 35.33
N HIS B 413 4.54 -5.42 35.64
CA HIS B 413 4.11 -4.51 34.58
C HIS B 413 5.24 -4.24 33.59
N ILE B 414 6.47 -4.14 34.08
CA ILE B 414 7.62 -3.95 33.20
C ILE B 414 7.67 -5.05 32.16
N ALA B 415 7.70 -6.30 32.61
CA ALA B 415 7.83 -7.43 31.69
C ALA B 415 6.63 -7.53 30.76
N HIS B 416 5.42 -7.38 31.31
CA HIS B 416 4.23 -7.58 30.49
C HIS B 416 4.06 -6.47 29.46
N SER B 417 4.42 -5.23 29.81
CA SER B 417 4.34 -4.15 28.85
C SER B 417 5.44 -4.24 27.80
N LEU B 418 6.63 -4.69 28.22
CA LEU B 418 7.69 -4.93 27.24
C LEU B 418 7.28 -5.99 26.24
N GLN B 419 6.58 -7.02 26.71
CA GLN B 419 6.06 -8.04 25.79
C GLN B 419 4.85 -7.54 25.01
N SER B 420 4.06 -6.64 25.58
CA SER B 420 2.85 -6.12 24.96
C SER B 420 3.14 -5.09 23.87
N GLY B 421 4.40 -4.83 23.54
CA GLY B 421 4.72 -3.86 22.52
C GLY B 421 4.47 -2.42 22.93
N ARG B 422 4.41 -2.14 24.23
CA ARG B 422 4.26 -0.78 24.73
C ARG B 422 5.51 -0.25 25.41
N CYS B 423 6.46 -1.10 25.74
CA CYS B 423 7.64 -0.74 26.52
C CYS B 423 8.90 -1.21 25.80
N ALA B 424 9.54 -0.30 25.07
CA ALA B 424 10.83 -0.61 24.47
C ALA B 424 11.94 -0.49 25.51
N MET B 425 13.04 -1.20 25.26
CA MET B 425 14.15 -1.19 26.21
C MET B 425 14.77 0.19 26.33
N GLN B 426 14.83 0.95 25.25
CA GLN B 426 15.40 2.29 25.25
C GLN B 426 14.41 3.37 25.61
N SER B 427 13.14 3.02 25.85
CA SER B 427 12.13 4.02 26.16
C SER B 427 12.23 4.46 27.62
N PRO B 428 11.83 5.70 27.92
CA PRO B 428 11.88 6.18 29.30
C PRO B 428 10.83 5.52 30.17
N VAL B 429 11.10 5.53 31.48
CA VAL B 429 10.21 4.88 32.44
C VAL B 429 8.86 5.58 32.52
N LYS B 430 8.83 6.89 32.24
CA LYS B 430 7.61 7.68 32.41
C LYS B 430 6.42 7.10 31.64
N ASP B 431 6.67 6.37 30.55
CA ASP B 431 5.59 5.80 29.77
C ASP B 431 4.94 4.60 30.44
N ILE B 432 5.70 3.82 31.20
CA ILE B 432 5.24 2.56 31.75
C ILE B 432 4.99 2.66 33.25
N ALA B 433 5.09 3.85 33.82
CA ALA B 433 4.89 4.01 35.26
C ALA B 433 3.40 4.15 35.59
N PHE B 434 3.07 3.86 36.84
CA PHE B 434 1.70 4.02 37.35
C PHE B 434 1.51 5.45 37.82
N LYS B 435 0.63 6.19 37.16
CA LYS B 435 0.50 7.61 37.40
C LYS B 435 -0.39 7.96 38.60
N LYS B 436 -1.29 7.07 39.00
CA LYS B 436 -2.22 7.36 40.08
C LYS B 436 -1.52 7.13 41.42
N LEU B 437 -1.49 8.18 42.26
CA LEU B 437 -0.86 8.09 43.56
C LEU B 437 -1.59 9.02 44.53
N ALA B 438 -1.43 8.73 45.82
CA ALA B 438 -2.01 9.54 46.89
C ALA B 438 -0.93 9.86 47.90
N LYS B 439 -0.74 11.16 48.17
CA LYS B 439 0.28 11.60 49.11
C LYS B 439 -0.22 11.48 50.54
N ALA B 440 0.58 10.84 51.39
CA ALA B 440 0.25 10.68 52.80
C ALA B 440 1.48 10.95 53.64
N LEU B 441 1.27 11.01 54.96
CA LEU B 441 2.34 11.22 55.93
C LEU B 441 2.06 10.35 57.15
N PRO B 442 3.10 9.98 57.90
CA PRO B 442 2.90 9.04 59.03
C PRO B 442 1.86 9.48 60.04
N SER B 443 1.58 10.78 60.18
CA SER B 443 0.62 11.23 61.18
C SER B 443 -0.82 10.91 60.80
N ALA B 444 -1.09 10.61 59.53
CA ALA B 444 -2.47 10.37 59.09
C ALA B 444 -3.01 9.08 59.68
N TYR B 445 -4.29 9.09 60.03
CA TYR B 445 -4.96 7.93 60.58
C TYR B 445 -5.26 6.90 59.49
N LEU B 446 -5.59 5.68 59.91
CA LEU B 446 -5.93 4.63 58.95
C LEU B 446 -7.27 4.91 58.28
N ARG B 447 -8.17 5.62 58.95
CA ARG B 447 -9.47 5.93 58.35
C ARG B 447 -9.31 6.83 57.12
N ASP B 448 -8.47 7.88 57.22
CA ASP B 448 -8.31 8.81 56.12
C ASP B 448 -7.58 8.17 54.94
N VAL B 449 -6.59 7.31 55.21
CA VAL B 449 -5.91 6.64 54.12
C VAL B 449 -6.82 5.60 53.49
N ALA B 450 -7.68 4.95 54.29
CA ALA B 450 -8.67 4.05 53.71
C ALA B 450 -9.67 4.78 52.85
N LYS B 451 -10.01 6.02 53.21
CA LYS B 451 -10.88 6.84 52.37
C LYS B 451 -10.17 7.24 51.09
N ALA B 452 -8.91 7.65 51.19
CA ALA B 452 -8.14 8.04 50.01
C ALA B 452 -7.91 6.88 49.05
N LEU B 453 -7.84 5.65 49.59
CA LEU B 453 -7.68 4.47 48.75
C LEU B 453 -8.91 4.17 47.90
N ASP B 454 -10.03 4.83 48.16
CA ASP B 454 -11.22 4.64 47.33
C ASP B 454 -11.04 5.24 45.94
N PHE B 455 -10.08 6.14 45.77
CA PHE B 455 -9.84 6.78 44.48
C PHE B 455 -8.46 6.50 43.90
N SER B 456 -7.47 6.17 44.72
CA SER B 456 -6.13 5.90 44.26
C SER B 456 -5.71 4.48 44.62
N PRO B 457 -5.10 3.75 43.69
CA PRO B 457 -4.70 2.36 44.00
C PRO B 457 -3.58 2.27 45.03
N TYR B 458 -2.55 3.10 44.90
CA TYR B 458 -1.45 3.14 45.84
C TYR B 458 -1.52 4.41 46.67
N VAL B 459 -0.88 4.37 47.83
CA VAL B 459 -0.72 5.53 48.70
C VAL B 459 0.74 5.62 49.10
N CYS B 460 1.44 6.63 48.60
CA CYS B 460 2.84 6.85 48.91
C CYS B 460 2.98 7.85 50.03
N VAL B 461 3.94 7.63 50.91
CA VAL B 461 4.12 8.43 52.10
C VAL B 461 5.24 9.44 51.86
N MET B 462 5.32 10.45 52.73
CA MET B 462 6.40 11.43 52.77
C MET B 462 6.68 12.02 51.38
N ASP B 463 5.66 12.68 50.85
CA ASP B 463 5.78 13.32 49.54
C ASP B 463 6.41 14.70 49.68
N GLU B 492 9.73 17.72 55.38
CA GLU B 492 11.02 17.13 55.73
C GLU B 492 11.89 16.97 54.49
N CYS B 493 12.11 15.72 54.08
CA CYS B 493 12.90 15.39 52.91
C CYS B 493 12.22 14.25 52.17
N PRO B 494 12.51 14.09 50.87
CA PRO B 494 11.96 12.93 50.15
C PRO B 494 12.64 11.63 50.55
N HIS B 495 12.36 11.17 51.78
CA HIS B 495 12.97 9.98 52.35
C HIS B 495 11.90 9.02 52.84
N PHE B 496 10.88 8.80 52.01
CA PHE B 496 9.78 7.92 52.35
C PHE B 496 10.28 6.47 52.52
N LEU B 497 9.45 5.66 53.16
CA LEU B 497 9.78 4.28 53.48
C LEU B 497 9.16 3.27 52.52
N GLY B 498 7.92 3.46 52.10
CA GLY B 498 7.28 2.50 51.23
C GLY B 498 5.86 2.88 50.92
N VAL B 499 5.16 1.95 50.29
CA VAL B 499 3.79 2.15 49.82
C VAL B 499 2.84 1.36 50.71
N ILE B 500 1.61 1.86 50.82
CA ILE B 500 0.57 1.25 51.64
C ILE B 500 -0.69 1.12 50.80
N THR B 501 -1.32 -0.06 50.84
CA THR B 501 -2.48 -0.36 50.02
C THR B 501 -3.54 -1.05 50.86
N ARG B 502 -4.67 -1.37 50.23
CA ARG B 502 -5.81 -1.94 50.94
C ARG B 502 -5.50 -3.32 51.49
N ILE B 503 -4.73 -4.12 50.76
CA ILE B 503 -4.39 -5.46 51.23
C ILE B 503 -3.60 -5.40 52.52
N ASP B 504 -2.72 -4.39 52.65
CA ASP B 504 -2.00 -4.20 53.90
C ASP B 504 -2.94 -3.79 55.03
N LEU B 505 -3.98 -3.02 54.72
CA LEU B 505 -4.96 -2.68 55.75
C LEU B 505 -5.74 -3.90 56.20
N LEU B 506 -6.05 -4.81 55.27
CA LEU B 506 -6.72 -6.05 55.66
C LEU B 506 -5.80 -6.95 56.48
N HIS B 507 -4.50 -6.96 56.15
CA HIS B 507 -3.54 -7.68 56.96
C HIS B 507 -3.45 -7.10 58.37
N TRP B 508 -3.44 -5.76 58.48
CA TRP B 508 -3.46 -5.13 59.80
C TRP B 508 -4.72 -5.49 60.57
N LEU B 509 -5.86 -5.53 59.89
CA LEU B 509 -7.09 -5.97 60.53
C LEU B 509 -7.02 -7.44 60.93
N ALA B 510 -6.18 -8.23 60.27
CA ALA B 510 -6.01 -9.63 60.65
C ALA B 510 -5.02 -9.80 61.80
N THR B 511 -4.09 -8.86 61.96
CA THR B 511 -3.14 -8.95 63.08
C THR B 511 -3.84 -8.70 64.41
N LYS B 512 -4.69 -7.68 64.46
CA LYS B 512 -5.44 -7.36 65.68
C LYS B 512 -6.64 -8.29 65.79
N GLN B 513 -7.53 -7.99 66.74
CA GLN B 513 -8.75 -8.77 66.99
C GLN B 513 -8.42 -10.22 67.31
N ALA C 6 -9.50 30.77 -24.50
CA ALA C 6 -10.70 30.42 -23.77
C ALA C 6 -10.37 29.57 -22.54
N ASP C 7 -11.31 28.71 -22.15
CA ASP C 7 -11.11 27.78 -21.03
C ASP C 7 -11.71 26.43 -21.44
N GLY C 8 -10.87 25.57 -22.01
CA GLY C 8 -11.30 24.24 -22.39
C GLY C 8 -10.83 23.08 -21.52
N PRO C 9 -9.54 23.07 -21.11
CA PRO C 9 -9.06 21.91 -20.32
C PRO C 9 -9.31 22.01 -18.83
N TYR C 10 -9.40 23.23 -18.30
CA TYR C 10 -9.54 23.44 -16.86
C TYR C 10 -10.83 24.16 -16.49
N SER C 11 -11.74 24.36 -17.45
CA SER C 11 -13.01 24.99 -17.16
C SER C 11 -13.87 24.16 -16.21
N GLY C 12 -13.60 22.86 -16.11
CA GLY C 12 -14.31 22.00 -15.19
C GLY C 12 -13.53 21.72 -13.92
N ILE C 13 -14.06 20.78 -13.14
CA ILE C 13 -13.41 20.34 -11.92
C ILE C 13 -12.57 19.11 -12.23
N LEU C 14 -11.47 18.96 -11.49
CA LEU C 14 -10.55 17.85 -11.68
C LEU C 14 -10.64 16.88 -10.51
N ASP C 15 -10.66 15.58 -10.82
CA ASP C 15 -10.82 14.58 -9.78
C ASP C 15 -9.55 14.41 -8.95
N SER C 16 -8.39 14.62 -9.54
CA SER C 16 -7.12 14.43 -8.84
C SER C 16 -6.04 15.22 -9.57
N VAL C 17 -4.82 15.16 -9.03
CA VAL C 17 -3.69 15.87 -9.62
C VAL C 17 -3.28 15.23 -10.94
N LEU C 18 -3.52 13.92 -11.10
CA LEU C 18 -3.13 13.25 -12.34
C LEU C 18 -3.84 13.85 -13.55
N ASP C 19 -5.04 14.38 -13.37
CA ASP C 19 -5.76 15.03 -14.46
C ASP C 19 -5.27 16.44 -14.74
N ALA C 20 -4.26 16.92 -14.03
CA ALA C 20 -3.74 18.27 -14.22
C ALA C 20 -2.33 18.29 -14.79
N ILE C 21 -1.79 17.14 -15.20
CA ILE C 21 -0.46 17.08 -15.76
C ILE C 21 -0.54 17.20 -17.27
N GLY C 22 0.44 17.86 -17.87
CA GLY C 22 0.42 18.10 -19.29
C GLY C 22 -0.20 19.44 -19.61
N ASN C 23 -0.68 19.56 -20.85
CA ASN C 23 -1.31 20.79 -21.34
C ASN C 23 -0.40 22.00 -21.16
N THR C 24 0.91 21.78 -21.28
CA THR C 24 1.89 22.82 -21.00
C THR C 24 1.93 23.84 -22.13
N PRO C 25 1.95 25.12 -21.80
CA PRO C 25 1.93 26.16 -22.84
C PRO C 25 3.26 26.26 -23.58
N MET C 26 3.17 26.84 -24.77
CA MET C 26 4.34 27.10 -25.61
C MET C 26 4.58 28.60 -25.66
N VAL C 27 5.78 29.03 -25.28
CA VAL C 27 6.11 30.45 -25.20
C VAL C 27 7.23 30.75 -26.18
N ARG C 28 7.16 31.90 -26.84
CA ARG C 28 8.22 32.33 -27.74
C ARG C 28 9.26 33.12 -26.98
N MET C 29 10.52 32.71 -27.10
CA MET C 29 11.62 33.34 -26.37
C MET C 29 12.25 34.43 -27.22
N LYS C 30 11.47 35.51 -27.41
CA LYS C 30 11.95 36.64 -28.19
C LYS C 30 13.16 37.31 -27.54
N ARG C 31 13.10 37.51 -26.22
CA ARG C 31 14.18 38.22 -25.55
C ARG C 31 15.47 37.41 -25.57
N LEU C 32 15.40 36.11 -25.32
CA LEU C 32 16.60 35.28 -25.34
C LEU C 32 17.17 35.18 -26.74
N ALA C 33 16.31 35.04 -27.76
CA ALA C 33 16.78 35.00 -29.13
C ALA C 33 17.48 36.31 -29.50
N LYS C 34 16.89 37.44 -29.11
CA LYS C 34 17.52 38.73 -29.38
C LYS C 34 18.87 38.85 -28.66
N VAL C 35 18.95 38.33 -27.43
CA VAL C 35 20.20 38.39 -26.68
C VAL C 35 21.28 37.56 -27.36
N TYR C 36 20.94 36.34 -27.79
CA TYR C 36 21.91 35.44 -28.40
C TYR C 36 22.04 35.61 -29.90
N GLY C 37 21.22 36.44 -30.53
CA GLY C 37 21.35 36.68 -31.95
C GLY C 37 20.84 35.53 -32.81
N LEU C 38 19.65 35.03 -32.50
CA LEU C 38 19.05 33.91 -33.22
C LEU C 38 17.92 34.45 -34.09
N GLU C 39 18.03 34.26 -35.40
CA GLU C 39 17.09 34.88 -36.33
C GLU C 39 15.72 34.23 -36.26
N CYS C 40 15.67 32.89 -36.21
CA CYS C 40 14.39 32.20 -36.23
C CYS C 40 13.65 32.41 -34.90
N ASP C 41 12.41 31.93 -34.86
CA ASP C 41 11.58 32.01 -33.67
C ASP C 41 11.84 30.78 -32.80
N LEU C 42 12.38 31.01 -31.60
CA LEU C 42 12.66 29.92 -30.66
C LEU C 42 11.46 29.76 -29.74
N LEU C 43 10.73 28.67 -29.93
CA LEU C 43 9.58 28.33 -29.09
C LEU C 43 10.01 27.33 -28.04
N ALA C 44 9.46 27.48 -26.84
CA ALA C 44 9.79 26.63 -25.70
C ALA C 44 8.51 25.99 -25.17
N LYS C 45 8.51 24.66 -25.14
CA LYS C 45 7.41 23.88 -24.56
C LYS C 45 7.68 23.74 -23.07
N CYS C 46 6.99 24.55 -22.26
CA CYS C 46 7.27 24.65 -20.83
C CYS C 46 6.72 23.42 -20.11
N GLU C 47 7.40 22.29 -20.34
CA GLU C 47 7.01 21.03 -19.71
C GLU C 47 7.13 21.08 -18.19
N PHE C 48 7.97 21.99 -17.66
CA PHE C 48 8.17 22.09 -16.22
C PHE C 48 6.97 22.66 -15.49
N MET C 49 5.93 23.09 -16.20
CA MET C 49 4.75 23.69 -15.57
C MET C 49 3.65 22.67 -15.28
N SER C 50 3.93 21.39 -15.47
CA SER C 50 2.98 20.35 -15.09
C SER C 50 2.83 20.30 -13.57
N ALA C 51 1.87 19.49 -13.11
CA ALA C 51 1.60 19.39 -11.69
C ALA C 51 2.82 18.91 -10.91
N GLY C 52 3.52 17.91 -11.44
CA GLY C 52 4.74 17.44 -10.82
C GLY C 52 5.98 18.19 -11.22
N GLY C 53 5.88 19.15 -12.14
CA GLY C 53 7.01 19.95 -12.54
C GLY C 53 8.06 19.22 -13.36
N SER C 54 7.64 18.28 -14.21
CA SER C 54 8.58 17.53 -15.03
C SER C 54 7.85 16.91 -16.21
N VAL C 55 8.62 16.58 -17.24
CA VAL C 55 8.06 15.91 -18.42
C VAL C 55 7.66 14.47 -18.11
N LYS C 56 8.22 13.88 -17.05
CA LYS C 56 7.96 12.49 -16.72
C LYS C 56 6.58 12.26 -16.12
N ASP C 57 5.85 13.32 -15.78
CA ASP C 57 4.49 13.15 -15.26
C ASP C 57 3.63 12.37 -16.24
N ARG C 58 3.71 12.70 -17.53
CA ARG C 58 2.91 12.01 -18.53
C ARG C 58 3.24 10.52 -18.57
N ILE C 59 4.53 10.19 -18.62
CA ILE C 59 4.91 8.79 -18.75
C ILE C 59 4.58 8.03 -17.48
N GLY C 60 4.66 8.67 -16.31
CA GLY C 60 4.28 8.00 -15.08
C GLY C 60 2.79 7.69 -15.06
N LYS C 61 1.96 8.73 -15.27
CA LYS C 61 0.51 8.53 -15.34
C LYS C 61 0.16 7.42 -16.32
N ALA C 62 0.77 7.45 -17.51
CA ALA C 62 0.38 6.51 -18.55
C ALA C 62 0.89 5.10 -18.26
N MET C 63 2.05 4.96 -17.63
CA MET C 63 2.50 3.62 -17.26
C MET C 63 1.60 3.02 -16.18
N VAL C 64 1.17 3.82 -15.21
CA VAL C 64 0.23 3.29 -14.23
C VAL C 64 -1.11 2.95 -14.88
N GLU C 65 -1.57 3.80 -15.82
CA GLU C 65 -2.82 3.51 -16.51
C GLU C 65 -2.73 2.23 -17.34
N LYS C 66 -1.59 2.02 -18.01
CA LYS C 66 -1.38 0.80 -18.79
C LYS C 66 -1.33 -0.43 -17.87
N ALA C 67 -0.60 -0.32 -16.75
CA ALA C 67 -0.52 -1.44 -15.82
C ALA C 67 -1.90 -1.79 -15.26
N GLU C 68 -2.71 -0.79 -14.93
CA GLU C 68 -4.04 -1.06 -14.40
C GLU C 68 -4.98 -1.58 -15.48
N ARG C 69 -4.82 -1.12 -16.73
CA ARG C 69 -5.68 -1.57 -17.80
C ARG C 69 -5.43 -3.02 -18.16
N GLU C 70 -4.21 -3.51 -17.94
CA GLU C 70 -3.85 -4.89 -18.21
C GLU C 70 -3.99 -5.78 -16.97
N GLY C 71 -4.57 -5.26 -15.90
CA GLY C 71 -4.81 -6.01 -14.68
C GLY C 71 -3.59 -6.44 -13.90
N ARG C 72 -2.42 -5.86 -14.19
CA ARG C 72 -1.20 -6.21 -13.46
C ARG C 72 -0.99 -5.39 -12.19
N LEU C 73 -1.99 -4.61 -11.78
CA LEU C 73 -1.83 -3.72 -10.64
C LEU C 73 -3.14 -3.64 -9.87
N LYS C 74 -3.07 -3.88 -8.56
CA LYS C 74 -4.22 -3.82 -7.67
C LYS C 74 -3.86 -2.98 -6.45
N ALA C 75 -4.89 -2.45 -5.80
CA ALA C 75 -4.69 -1.58 -4.64
C ALA C 75 -3.90 -2.31 -3.55
N GLY C 76 -3.02 -1.56 -2.89
CA GLY C 76 -2.17 -2.11 -1.85
C GLY C 76 -0.82 -2.62 -2.33
N ASP C 77 -0.64 -2.82 -3.63
CA ASP C 77 0.61 -3.32 -4.15
C ASP C 77 1.72 -2.28 -3.97
N THR C 78 2.96 -2.75 -4.14
CA THR C 78 4.14 -1.91 -4.05
C THR C 78 4.70 -1.67 -5.45
N LEU C 79 5.10 -0.43 -5.72
CA LEU C 79 5.64 -0.05 -7.02
C LEU C 79 7.08 0.41 -6.84
N ILE C 80 7.99 -0.15 -7.62
CA ILE C 80 9.40 0.19 -7.59
C ILE C 80 9.85 0.54 -9.01
N GLU C 81 10.68 1.57 -9.11
CA GLU C 81 11.13 2.06 -10.41
C GLU C 81 12.47 2.78 -10.32
N PRO C 82 13.46 2.39 -11.13
CA PRO C 82 14.70 3.16 -11.19
C PRO C 82 14.51 4.46 -11.95
N THR C 83 15.08 5.53 -11.41
CA THR C 83 14.82 6.86 -11.96
C THR C 83 16.00 7.78 -11.70
N SER C 84 16.09 8.82 -12.53
CA SER C 84 16.96 9.95 -12.28
C SER C 84 16.33 10.97 -11.34
N GLY C 85 15.04 10.82 -11.02
CA GLY C 85 14.39 11.68 -10.06
C GLY C 85 13.02 12.18 -10.44
N ASN C 86 12.76 12.43 -11.73
CA ASN C 86 11.51 13.03 -12.13
C ASN C 86 10.39 12.00 -12.34
N THR C 87 10.68 10.91 -13.06
CA THR C 87 9.70 9.84 -13.19
C THR C 87 9.40 9.20 -11.85
N GLY C 88 10.40 9.13 -10.97
CA GLY C 88 10.12 8.70 -9.60
C GLY C 88 9.10 9.59 -8.93
N ILE C 89 9.20 10.90 -9.14
CA ILE C 89 8.24 11.83 -8.57
C ILE C 89 6.85 11.60 -9.17
N GLY C 90 6.79 11.43 -10.49
CA GLY C 90 5.51 11.18 -11.14
C GLY C 90 4.84 9.91 -10.62
N LEU C 91 5.60 8.82 -10.55
CA LEU C 91 5.04 7.57 -10.07
C LEU C 91 4.70 7.64 -8.58
N ALA C 92 5.44 8.44 -7.81
CA ALA C 92 5.09 8.64 -6.41
C ALA C 92 3.78 9.37 -6.27
N LEU C 93 3.55 10.39 -7.10
CA LEU C 93 2.25 11.07 -7.11
C LEU C 93 1.13 10.10 -7.49
N ALA C 94 1.36 9.30 -8.55
CA ALA C 94 0.37 8.33 -8.96
C ALA C 94 0.05 7.34 -7.85
N ALA C 95 1.07 6.90 -7.12
CA ALA C 95 0.87 5.93 -6.04
C ALA C 95 0.15 6.56 -4.86
N ALA C 96 0.56 7.76 -4.46
CA ALA C 96 -0.10 8.46 -3.36
C ALA C 96 -1.56 8.73 -3.68
N VAL C 97 -1.88 8.97 -4.94
CA VAL C 97 -3.27 9.19 -5.32
C VAL C 97 -4.05 7.88 -5.32
N ARG C 98 -3.57 6.89 -6.08
CA ARG C 98 -4.28 5.63 -6.25
C ARG C 98 -3.93 4.59 -5.20
N GLY C 99 -3.24 4.98 -4.12
CA GLY C 99 -3.03 4.10 -2.99
C GLY C 99 -2.01 2.99 -3.17
N TYR C 100 -0.83 3.33 -3.69
CA TYR C 100 0.26 2.38 -3.84
C TYR C 100 1.47 2.85 -3.05
N ARG C 101 2.35 1.90 -2.71
CA ARG C 101 3.59 2.21 -2.04
C ARG C 101 4.71 2.36 -3.06
N MET C 102 5.59 3.32 -2.84
CA MET C 102 6.65 3.66 -3.80
C MET C 102 8.01 3.45 -3.18
N ILE C 103 8.90 2.80 -3.92
CA ILE C 103 10.32 2.68 -3.58
C ILE C 103 11.11 2.98 -4.85
N VAL C 104 11.97 3.99 -4.78
CA VAL C 104 12.70 4.49 -5.95
C VAL C 104 14.18 4.23 -5.78
N THR C 105 14.85 3.90 -6.88
CA THR C 105 16.29 3.72 -6.93
C THR C 105 16.87 4.82 -7.80
N MET C 106 17.77 5.63 -7.23
CA MET C 106 18.35 6.75 -7.96
C MET C 106 19.81 6.92 -7.57
N PRO C 107 20.66 7.32 -8.51
CA PRO C 107 22.07 7.54 -8.18
C PRO C 107 22.26 8.68 -7.19
N ALA C 108 23.35 8.60 -6.43
CA ALA C 108 23.67 9.66 -5.47
C ALA C 108 23.98 10.99 -6.16
N LYS C 109 24.29 10.96 -7.47
CA LYS C 109 24.58 12.18 -8.20
C LYS C 109 23.39 13.15 -8.18
N MET C 110 22.17 12.62 -8.18
CA MET C 110 21.00 13.46 -8.28
C MET C 110 20.86 14.36 -7.05
N SER C 111 20.13 15.46 -7.24
CA SER C 111 20.01 16.47 -6.20
C SER C 111 19.29 15.91 -4.97
N ALA C 112 19.43 16.64 -3.86
CA ALA C 112 18.75 16.27 -2.63
C ALA C 112 17.30 16.75 -2.59
N GLU C 113 16.95 17.75 -3.40
CA GLU C 113 15.58 18.23 -3.44
C GLU C 113 14.63 17.16 -3.97
N LYS C 114 15.08 16.38 -4.97
CA LYS C 114 14.28 15.27 -5.47
C LYS C 114 14.05 14.24 -4.39
N SER C 115 15.11 13.87 -3.67
CA SER C 115 14.98 12.92 -2.56
C SER C 115 14.02 13.43 -1.50
N ASN C 116 14.14 14.72 -1.14
CA ASN C 116 13.27 15.28 -0.11
C ASN C 116 11.80 15.30 -0.57
N ILE C 117 11.56 15.65 -1.83
CA ILE C 117 10.18 15.73 -2.30
C ILE C 117 9.58 14.33 -2.43
N MET C 118 10.39 13.32 -2.77
CA MET C 118 9.87 11.95 -2.80
C MET C 118 9.69 11.40 -1.40
N LYS C 119 10.47 11.90 -0.43
CA LYS C 119 10.23 11.56 0.97
C LYS C 119 8.94 12.18 1.48
N CYS C 120 8.63 13.40 1.02
CA CYS C 120 7.37 14.03 1.40
C CYS C 120 6.17 13.26 0.86
N LEU C 121 6.32 12.60 -0.28
CA LEU C 121 5.28 11.78 -0.86
C LEU C 121 5.20 10.39 -0.24
N GLY C 122 5.95 10.14 0.83
CA GLY C 122 5.87 8.87 1.52
C GLY C 122 6.50 7.71 0.77
N ALA C 123 7.53 7.99 -0.03
CA ALA C 123 8.20 6.96 -0.81
C ALA C 123 9.52 6.59 -0.16
N GLU C 124 9.81 5.29 -0.11
CA GLU C 124 11.11 4.83 0.35
C GLU C 124 12.16 5.11 -0.71
N ILE C 125 13.31 5.64 -0.29
CA ILE C 125 14.33 6.12 -1.19
C ILE C 125 15.64 5.41 -0.85
N VAL C 126 16.13 4.60 -1.80
CA VAL C 126 17.45 3.98 -1.69
C VAL C 126 18.31 4.50 -2.83
N ARG C 127 19.56 4.82 -2.53
CA ARG C 127 20.46 5.39 -3.51
C ARG C 127 21.54 4.38 -3.92
N THR C 128 22.11 4.64 -5.09
CA THR C 128 23.15 3.82 -5.69
C THR C 128 24.37 4.68 -6.01
N PRO C 129 25.57 4.09 -6.00
CA PRO C 129 26.77 4.87 -6.30
C PRO C 129 26.74 5.45 -7.72
N THR C 130 27.28 6.67 -7.85
CA THR C 130 27.24 7.36 -9.13
C THR C 130 28.14 6.68 -10.15
N GLU C 131 29.29 6.18 -9.71
CA GLU C 131 30.26 5.55 -10.61
C GLU C 131 29.86 4.15 -11.04
N ALA C 132 28.74 3.63 -10.54
CA ALA C 132 28.32 2.27 -10.89
C ALA C 132 27.85 2.22 -12.34
N ALA C 133 28.39 1.26 -13.10
CA ALA C 133 27.96 1.07 -14.47
C ALA C 133 26.55 0.48 -14.53
N TRP C 134 25.95 0.58 -15.71
CA TRP C 134 24.58 0.09 -15.89
C TRP C 134 24.50 -1.43 -15.76
N ASN C 135 25.57 -2.14 -16.12
CA ASN C 135 25.59 -3.59 -15.99
C ASN C 135 25.75 -4.04 -14.54
N ASP C 136 26.29 -3.19 -13.67
CA ASP C 136 26.51 -3.58 -12.28
C ASP C 136 25.19 -3.87 -11.58
N GLU C 137 25.23 -4.83 -10.65
CA GLU C 137 24.08 -5.09 -9.81
C GLU C 137 23.88 -4.03 -8.74
N ASN C 138 24.83 -3.10 -8.60
CA ASN C 138 24.71 -1.98 -7.68
C ASN C 138 24.19 -0.72 -8.36
N SER C 139 23.82 -0.83 -9.63
CA SER C 139 23.16 0.27 -10.33
C SER C 139 21.70 0.36 -9.91
N HIS C 140 21.09 1.51 -10.19
CA HIS C 140 19.70 1.72 -9.81
C HIS C 140 18.79 0.65 -10.41
N MET C 141 19.04 0.27 -11.66
CA MET C 141 18.22 -0.76 -12.30
C MET C 141 18.46 -2.13 -11.69
N GLY C 142 19.72 -2.47 -11.43
CA GLY C 142 20.02 -3.75 -10.79
C GLY C 142 19.47 -3.83 -9.38
N VAL C 143 19.59 -2.75 -8.61
CA VAL C 143 19.06 -2.74 -7.26
C VAL C 143 17.53 -2.80 -7.29
N ALA C 144 16.91 -2.16 -8.29
CA ALA C 144 15.47 -2.27 -8.44
C ALA C 144 15.06 -3.71 -8.74
N ALA C 145 15.81 -4.39 -9.62
CA ALA C 145 15.52 -5.79 -9.90
C ALA C 145 15.67 -6.65 -8.64
N LYS C 146 16.72 -6.40 -7.86
CA LYS C 146 16.90 -7.14 -6.61
C LYS C 146 15.74 -6.91 -5.65
N LEU C 147 15.30 -5.65 -5.52
CA LEU C 147 14.16 -5.36 -4.66
C LEU C 147 12.90 -6.04 -5.16
N GLN C 148 12.71 -6.10 -6.48
CA GLN C 148 11.58 -6.83 -7.04
C GLN C 148 11.66 -8.30 -6.67
N ARG C 149 12.87 -8.88 -6.71
CA ARG C 149 13.03 -10.28 -6.33
C ARG C 149 12.72 -10.49 -4.86
N GLU C 150 13.09 -9.53 -4.00
CA GLU C 150 13.00 -9.71 -2.56
C GLU C 150 11.67 -9.24 -1.96
N LEU C 151 10.85 -8.51 -2.69
CA LEU C 151 9.64 -7.93 -2.14
C LEU C 151 8.39 -8.60 -2.70
N GLU C 152 7.32 -8.57 -1.91
CA GLU C 152 6.05 -9.17 -2.29
C GLU C 152 5.17 -8.15 -3.00
N ASN C 153 4.48 -8.62 -4.04
CA ASN C 153 3.55 -7.81 -4.83
C ASN C 153 4.22 -6.58 -5.44
N ALA C 154 5.53 -6.62 -5.64
CA ALA C 154 6.27 -5.51 -6.23
C ALA C 154 6.26 -5.63 -7.75
N HIS C 155 6.31 -4.48 -8.42
CA HIS C 155 6.32 -4.43 -9.87
C HIS C 155 7.34 -3.42 -10.33
N ILE C 156 7.96 -3.70 -11.47
CA ILE C 156 8.86 -2.77 -12.15
C ILE C 156 8.23 -2.41 -13.49
N LEU C 157 8.05 -1.12 -13.73
CA LEU C 157 7.49 -0.65 -14.99
C LEU C 157 8.57 -0.34 -16.02
N ASP C 158 9.82 -0.14 -15.58
CA ASP C 158 11.00 -0.14 -16.43
C ASP C 158 10.86 0.86 -17.57
N GLN C 159 10.82 2.14 -17.17
CA GLN C 159 10.70 3.24 -18.12
C GLN C 159 11.74 3.16 -19.25
N TYR C 160 12.84 2.44 -19.04
CA TYR C 160 13.85 2.29 -20.09
C TYR C 160 13.39 1.36 -21.21
N ASN C 161 12.42 0.49 -20.95
CA ASN C 161 11.91 -0.43 -21.95
C ASN C 161 10.41 -0.38 -22.15
N ASN C 162 9.67 0.34 -21.30
CA ASN C 162 8.22 0.38 -21.42
C ASN C 162 7.80 1.20 -22.64
N THR C 163 6.99 0.58 -23.51
CA THR C 163 6.57 1.23 -24.74
C THR C 163 5.53 2.33 -24.51
N ALA C 164 5.03 2.49 -23.28
CA ALA C 164 4.15 3.60 -23.00
C ALA C 164 4.88 4.93 -23.08
N ASN C 165 6.09 4.98 -22.52
CA ASN C 165 6.90 6.21 -22.53
C ASN C 165 7.01 6.86 -23.90
N PRO C 166 7.41 6.17 -24.97
CA PRO C 166 7.46 6.86 -26.27
C PRO C 166 6.09 7.09 -26.88
N MET C 167 5.16 6.14 -26.71
CA MET C 167 3.87 6.24 -27.36
C MET C 167 3.02 7.38 -26.82
N VAL C 168 3.26 7.81 -25.58
CA VAL C 168 2.52 8.95 -25.05
C VAL C 168 2.96 10.24 -25.72
N HIS C 169 4.28 10.48 -25.75
CA HIS C 169 4.79 11.64 -26.47
C HIS C 169 4.45 11.56 -27.95
N TYR C 170 4.26 10.36 -28.49
CA TYR C 170 3.77 10.22 -29.85
C TYR C 170 2.31 10.59 -29.96
N ASP C 171 1.54 10.33 -28.91
CA ASP C 171 0.09 10.50 -28.91
C ASP C 171 -0.36 11.85 -28.37
N VAL C 172 0.17 12.27 -27.23
CA VAL C 172 -0.32 13.45 -26.51
C VAL C 172 0.62 14.64 -26.67
N THR C 173 1.91 14.45 -26.37
CA THR C 173 2.84 15.59 -26.35
C THR C 173 3.02 16.18 -27.74
N ALA C 174 3.32 15.33 -28.73
CA ALA C 174 3.52 15.81 -30.09
C ALA C 174 2.25 16.44 -30.65
N GLU C 175 1.08 15.90 -30.30
CA GLU C 175 -0.17 16.53 -30.73
C GLU C 175 -0.30 17.92 -30.13
N GLU C 176 0.09 18.09 -28.87
CA GLU C 176 0.08 19.41 -28.25
C GLU C 176 1.01 20.37 -28.99
N ILE C 177 2.25 19.92 -29.27
CA ILE C 177 3.22 20.77 -29.95
C ILE C 177 2.71 21.16 -31.34
N ILE C 178 2.13 20.20 -32.07
CA ILE C 178 1.66 20.48 -33.42
C ILE C 178 0.46 21.43 -33.39
N THR C 179 -0.47 21.22 -32.46
CA THR C 179 -1.62 22.11 -32.34
C THR C 179 -1.18 23.52 -31.96
N GLN C 180 -0.15 23.64 -31.12
CA GLN C 180 0.33 24.96 -30.72
C GLN C 180 1.09 25.65 -31.85
N CYS C 181 1.82 24.88 -32.67
CA CYS C 181 2.52 25.44 -33.81
C CYS C 181 1.69 25.46 -35.09
N ASP C 182 0.45 24.94 -35.04
CA ASP C 182 -0.45 24.91 -36.20
C ASP C 182 0.13 24.12 -37.36
N GLY C 183 1.00 23.15 -37.05
CA GLY C 183 1.60 22.28 -38.04
C GLY C 183 2.96 22.74 -38.53
N ASP C 184 3.19 24.04 -38.59
CA ASP C 184 4.44 24.59 -39.10
C ASP C 184 5.52 24.47 -38.03
N ILE C 185 6.35 23.43 -38.14
CA ILE C 185 7.53 23.26 -37.29
C ILE C 185 8.70 22.87 -38.18
N ASP C 186 9.80 23.60 -38.06
CA ASP C 186 10.99 23.34 -38.88
C ASP C 186 12.06 22.56 -38.14
N MET C 187 12.30 22.89 -36.88
CA MET C 187 13.29 22.18 -36.07
C MET C 187 12.74 21.96 -34.67
N VAL C 188 13.08 20.81 -34.09
CA VAL C 188 12.69 20.47 -32.72
C VAL C 188 13.92 19.89 -32.02
N VAL C 189 14.27 20.49 -30.88
CA VAL C 189 15.48 20.16 -30.14
C VAL C 189 15.07 19.53 -28.82
N ILE C 190 15.65 18.36 -28.52
CA ILE C 190 15.24 17.59 -27.35
C ILE C 190 16.49 17.01 -26.68
N GLY C 191 16.50 17.04 -25.35
CA GLY C 191 17.56 16.36 -24.60
C GLY C 191 17.30 14.86 -24.57
N ALA C 192 18.39 14.09 -24.66
CA ALA C 192 18.30 12.64 -24.79
C ALA C 192 18.66 11.99 -23.45
N GLY C 193 17.62 11.54 -22.73
CA GLY C 193 17.80 10.74 -21.55
C GLY C 193 17.45 9.29 -21.82
N THR C 194 16.26 8.87 -21.39
CA THR C 194 15.75 7.57 -21.77
C THR C 194 15.44 7.48 -23.27
N GLY C 195 15.23 8.62 -23.93
CA GLY C 195 15.00 8.64 -25.36
C GLY C 195 13.57 8.48 -25.81
N GLY C 196 12.62 8.31 -24.88
CA GLY C 196 11.24 8.10 -25.29
C GLY C 196 10.60 9.34 -25.89
N THR C 197 10.80 10.49 -25.24
CA THR C 197 10.17 11.72 -25.70
C THR C 197 10.65 12.11 -27.09
N ILE C 198 11.96 12.06 -27.31
CA ILE C 198 12.51 12.47 -28.60
C ILE C 198 11.99 11.58 -29.71
N THR C 199 12.02 10.27 -29.49
CA THR C 199 11.51 9.32 -30.48
C THR C 199 10.05 9.60 -30.80
N GLY C 200 9.21 9.62 -29.76
CA GLY C 200 7.79 9.83 -29.97
C GLY C 200 7.45 11.11 -30.70
N ILE C 201 7.91 12.25 -30.18
CA ILE C 201 7.53 13.52 -30.79
C ILE C 201 8.16 13.68 -32.17
N GLY C 202 9.44 13.32 -32.32
CA GLY C 202 10.06 13.43 -33.63
C GLY C 202 9.37 12.59 -34.68
N ARG C 203 8.99 11.35 -34.34
CA ARG C 203 8.28 10.52 -35.30
C ARG C 203 6.90 11.08 -35.63
N LYS C 204 6.15 11.51 -34.60
CA LYS C 204 4.82 12.04 -34.85
C LYS C 204 4.88 13.31 -35.68
N ILE C 205 5.92 14.12 -35.51
CA ILE C 205 6.05 15.34 -36.30
C ILE C 205 6.48 15.01 -37.72
N LYS C 206 7.41 14.05 -37.88
CA LYS C 206 7.80 13.62 -39.22
C LYS C 206 6.63 13.02 -39.98
N GLU C 207 5.64 12.47 -39.26
CA GLU C 207 4.45 11.93 -39.94
C GLU C 207 3.64 13.05 -40.59
N ARG C 208 3.36 14.13 -39.86
CA ARG C 208 2.55 15.22 -40.39
C ARG C 208 3.38 16.37 -40.96
N CYS C 209 4.66 16.47 -40.61
CA CYS C 209 5.55 17.50 -41.14
C CYS C 209 6.90 16.87 -41.39
N PRO C 210 7.06 16.14 -42.50
CA PRO C 210 8.33 15.45 -42.74
C PRO C 210 9.50 16.37 -42.99
N LYS C 211 9.25 17.63 -43.38
CA LYS C 211 10.33 18.58 -43.61
C LYS C 211 11.03 18.97 -42.31
N CYS C 212 10.39 18.75 -41.16
CA CYS C 212 10.98 19.17 -39.89
C CYS C 212 12.19 18.32 -39.57
N LYS C 213 13.29 18.99 -39.22
CA LYS C 213 14.47 18.30 -38.74
C LYS C 213 14.35 18.00 -37.25
N VAL C 214 14.97 16.91 -36.82
CA VAL C 214 14.97 16.48 -35.42
C VAL C 214 16.41 16.37 -34.97
N VAL C 215 16.80 17.22 -34.02
CA VAL C 215 18.15 17.25 -33.48
C VAL C 215 18.08 16.88 -32.01
N GLY C 216 18.99 16.00 -31.57
CA GLY C 216 19.04 15.55 -30.20
C GLY C 216 20.22 16.17 -29.47
N VAL C 217 20.03 16.40 -28.17
CA VAL C 217 21.05 16.99 -27.31
C VAL C 217 21.46 15.93 -26.31
N ASP C 218 22.77 15.64 -26.26
CA ASP C 218 23.31 14.66 -25.34
C ASP C 218 24.50 15.23 -24.60
N PRO C 219 24.60 14.99 -23.29
CA PRO C 219 25.70 15.58 -22.53
C PRO C 219 27.02 14.89 -22.81
N LYS C 220 28.10 15.64 -22.66
CA LYS C 220 29.45 15.09 -22.81
C LYS C 220 29.69 14.08 -21.70
N GLY C 221 29.79 12.79 -22.07
CA GLY C 221 29.90 11.72 -21.09
C GLY C 221 29.05 10.53 -21.46
N SER C 222 27.95 10.76 -22.17
CA SER C 222 27.08 9.69 -22.61
C SER C 222 27.56 9.13 -23.95
N ILE C 223 26.96 8.00 -24.34
CA ILE C 223 27.31 7.34 -25.60
C ILE C 223 26.08 7.25 -26.49
N LEU C 224 25.12 8.16 -26.29
CA LEU C 224 23.88 8.15 -27.06
C LEU C 224 23.98 8.93 -28.37
N ALA C 225 25.02 9.74 -28.55
CA ALA C 225 25.14 10.54 -29.76
C ALA C 225 25.46 9.68 -30.97
N VAL C 226 25.13 10.20 -32.15
CA VAL C 226 25.42 9.53 -33.41
C VAL C 226 26.13 10.52 -34.33
N PRO C 227 27.32 10.18 -34.88
CA PRO C 227 28.01 8.93 -34.60
C PRO C 227 28.80 8.97 -33.29
N ASP C 228 29.55 7.91 -33.00
CA ASP C 228 30.33 7.86 -31.76
C ASP C 228 31.47 8.89 -31.74
N SER C 229 31.86 9.42 -32.90
CA SER C 229 32.94 10.39 -32.98
C SER C 229 32.67 11.66 -32.17
N LEU C 230 31.42 11.88 -31.75
CA LEU C 230 31.08 13.04 -30.93
C LEU C 230 31.26 12.79 -29.44
N ASN C 231 31.33 11.53 -29.01
CA ASN C 231 31.49 11.21 -27.60
C ASN C 231 32.94 11.16 -27.16
N ASP C 232 33.87 10.89 -28.09
CA ASP C 232 35.27 10.70 -27.76
C ASP C 232 35.87 11.86 -26.99
N GLU C 233 35.20 13.02 -26.96
CA GLU C 233 35.64 14.11 -26.10
C GLU C 233 35.74 13.65 -24.66
N LYS C 234 34.62 13.19 -24.08
CA LYS C 234 34.62 12.69 -22.71
C LYS C 234 33.84 11.39 -22.66
N ARG C 235 34.51 10.28 -22.95
CA ARG C 235 33.85 8.98 -22.93
C ARG C 235 33.59 8.52 -21.50
N LEU C 236 32.31 8.38 -21.15
CA LEU C 236 31.88 7.83 -19.86
C LEU C 236 32.44 8.61 -18.67
N GLN C 237 32.61 9.92 -18.82
CA GLN C 237 33.02 10.78 -17.73
C GLN C 237 31.78 11.39 -17.08
N SER C 238 31.72 11.32 -15.75
CA SER C 238 30.56 11.81 -15.01
C SER C 238 30.37 13.31 -15.23
N TYR C 239 29.11 13.73 -15.23
CA TYR C 239 28.75 15.13 -15.40
C TYR C 239 27.74 15.53 -14.33
N GLU C 240 27.61 16.84 -14.11
CA GLU C 240 26.74 17.37 -13.08
C GLU C 240 25.30 17.53 -13.53
N VAL C 241 25.05 17.71 -14.82
CA VAL C 241 23.69 17.82 -15.32
C VAL C 241 22.93 16.53 -15.07
N GLU C 242 21.69 16.64 -14.62
CA GLU C 242 20.86 15.51 -14.26
C GLU C 242 19.67 15.40 -15.21
N GLY C 243 19.42 14.20 -15.71
CA GLY C 243 18.24 13.89 -16.50
C GLY C 243 18.54 13.37 -17.90
N ILE C 244 19.68 13.75 -18.45
CA ILE C 244 20.03 13.38 -19.83
C ILE C 244 21.30 12.53 -19.82
N GLY C 245 21.43 11.72 -20.87
CA GLY C 245 22.62 10.91 -21.07
C GLY C 245 22.69 9.65 -20.22
N TYR C 246 23.27 8.60 -20.79
CA TYR C 246 23.44 7.33 -20.11
C TYR C 246 24.68 6.64 -20.65
N ASP C 247 25.09 5.57 -19.97
CA ASP C 247 26.23 4.77 -20.39
C ASP C 247 25.81 3.57 -21.23
N PHE C 248 24.63 3.62 -21.83
CA PHE C 248 24.09 2.54 -22.65
C PHE C 248 22.88 3.06 -23.40
N VAL C 249 22.57 2.42 -24.51
CA VAL C 249 21.41 2.80 -25.31
C VAL C 249 20.17 2.14 -24.74
N PRO C 250 19.19 2.91 -24.25
CA PRO C 250 17.97 2.32 -23.71
C PRO C 250 17.16 1.64 -24.79
N GLY C 251 16.31 0.71 -24.36
CA GLY C 251 15.49 -0.04 -25.31
C GLY C 251 14.51 0.84 -26.07
N VAL C 252 14.12 1.98 -25.47
CA VAL C 252 13.11 2.83 -26.08
C VAL C 252 13.71 3.80 -27.10
N LEU C 253 15.00 4.11 -27.00
CA LEU C 253 15.62 5.11 -27.87
C LEU C 253 15.84 4.53 -29.26
N ASP C 254 15.14 5.08 -30.25
CA ASP C 254 15.32 4.74 -31.65
C ASP C 254 16.17 5.85 -32.27
N ARG C 255 17.48 5.63 -32.29
CA ARG C 255 18.42 6.64 -32.77
C ARG C 255 18.29 6.92 -34.26
N LYS C 256 17.53 6.09 -34.99
CA LYS C 256 17.34 6.30 -36.43
C LYS C 256 16.38 7.43 -36.75
N VAL C 257 15.57 7.87 -35.77
CA VAL C 257 14.61 8.93 -36.04
C VAL C 257 15.27 10.29 -36.12
N VAL C 258 16.38 10.49 -35.42
CA VAL C 258 17.01 11.81 -35.31
C VAL C 258 18.08 11.97 -36.36
N ASP C 259 18.15 13.18 -36.93
CA ASP C 259 19.14 13.51 -37.96
C ASP C 259 20.42 14.05 -37.35
N GLU C 260 20.32 15.10 -36.55
CA GLU C 260 21.47 15.80 -35.99
C GLU C 260 21.62 15.49 -34.51
N TRP C 261 22.86 15.54 -34.03
CA TRP C 261 23.18 15.39 -32.62
C TRP C 261 24.11 16.51 -32.19
N VAL C 262 23.88 17.05 -31.00
CA VAL C 262 24.67 18.15 -30.46
C VAL C 262 25.14 17.77 -29.07
N LYS C 263 26.45 17.87 -28.83
CA LYS C 263 27.02 17.62 -27.53
C LYS C 263 27.08 18.92 -26.73
N VAL C 264 26.69 18.86 -25.46
CA VAL C 264 26.69 20.01 -24.57
C VAL C 264 27.34 19.62 -23.26
N GLY C 265 28.21 20.50 -22.74
CA GLY C 265 28.83 20.30 -21.45
C GLY C 265 28.00 20.85 -20.31
N ASP C 266 28.53 20.68 -19.10
CA ASP C 266 27.84 21.17 -17.91
C ASP C 266 27.85 22.69 -17.86
N ALA C 267 29.00 23.30 -18.14
CA ALA C 267 29.13 24.76 -18.04
C ALA C 267 28.15 25.45 -18.97
N GLU C 268 28.11 25.03 -20.24
CA GLU C 268 27.20 25.64 -21.20
C GLU C 268 25.75 25.44 -20.78
N SER C 269 25.41 24.23 -20.31
CA SER C 269 24.04 23.94 -19.90
C SER C 269 23.61 24.86 -18.77
N PHE C 270 24.44 24.98 -17.73
CA PHE C 270 24.06 25.79 -16.58
C PHE C 270 24.04 27.27 -16.91
N THR C 271 25.01 27.74 -17.70
CA THR C 271 25.01 29.14 -18.10
C THR C 271 23.77 29.49 -18.92
N THR C 272 23.38 28.60 -19.83
CA THR C 272 22.18 28.86 -20.63
C THR C 272 20.91 28.76 -19.81
N ALA C 273 20.86 27.85 -18.83
CA ALA C 273 19.70 27.79 -17.94
C ALA C 273 19.56 29.08 -17.13
N ARG C 274 20.67 29.58 -16.60
CA ARG C 274 20.62 30.83 -15.85
C ARG C 274 20.25 31.98 -16.77
N ALA C 275 20.71 31.95 -18.02
CA ALA C 275 20.34 32.98 -18.98
C ALA C 275 18.85 32.91 -19.31
N ILE C 276 18.30 31.71 -19.40
CA ILE C 276 16.86 31.54 -19.59
C ILE C 276 16.11 32.20 -18.45
N ILE C 277 16.49 31.86 -17.21
CA ILE C 277 15.83 32.43 -16.04
C ILE C 277 15.94 33.96 -16.08
N ARG C 278 17.11 34.48 -16.49
CA ARG C 278 17.34 35.92 -16.45
C ARG C 278 16.53 36.66 -17.50
N ASN C 279 16.52 36.15 -18.74
CA ASN C 279 15.98 36.91 -19.86
C ASN C 279 14.50 36.61 -20.14
N GLU C 280 14.08 35.36 -19.95
CA GLU C 280 12.69 34.99 -20.24
C GLU C 280 11.82 34.90 -19.00
N GLY C 281 12.38 34.55 -17.85
CA GLY C 281 11.59 34.40 -16.66
C GLY C 281 10.94 33.04 -16.52
N LEU C 282 11.64 31.99 -16.91
CA LEU C 282 11.14 30.61 -16.81
C LEU C 282 12.00 29.87 -15.79
N PHE C 283 11.42 29.53 -14.65
CA PHE C 283 12.14 28.85 -13.58
C PHE C 283 12.31 27.40 -14.00
N VAL C 284 13.44 27.12 -14.64
CA VAL C 284 13.65 25.87 -15.35
C VAL C 284 14.95 25.22 -14.86
N GLY C 285 15.16 23.96 -15.27
CA GLY C 285 16.29 23.18 -14.83
C GLY C 285 17.47 23.22 -15.79
N GLY C 286 18.49 22.44 -15.43
CA GLY C 286 19.74 22.46 -16.18
C GLY C 286 19.64 21.79 -17.54
N SER C 287 18.97 20.63 -17.60
CA SER C 287 18.80 19.95 -18.88
C SER C 287 18.11 20.82 -19.90
N SER C 288 17.23 21.72 -19.45
CA SER C 288 16.61 22.68 -20.36
C SER C 288 17.63 23.65 -20.90
N GLY C 289 18.58 24.09 -20.07
CA GLY C 289 19.67 24.92 -20.56
C GLY C 289 20.52 24.19 -21.58
N ALA C 290 20.78 22.89 -21.34
CA ALA C 290 21.50 22.09 -22.32
C ALA C 290 20.74 22.04 -23.65
N ASN C 291 19.44 21.77 -23.59
CA ASN C 291 18.62 21.72 -24.80
C ASN C 291 18.64 23.07 -25.54
N VAL C 292 18.58 24.17 -24.80
CA VAL C 292 18.53 25.48 -25.43
C VAL C 292 19.87 25.83 -26.06
N TRP C 293 20.98 25.46 -25.40
CA TRP C 293 22.29 25.65 -26.00
C TRP C 293 22.42 24.83 -27.28
N GLY C 294 21.97 23.57 -27.25
CA GLY C 294 21.95 22.77 -28.46
C GLY C 294 21.13 23.39 -29.57
N ALA C 295 19.97 23.96 -29.22
CA ALA C 295 19.13 24.63 -30.21
C ALA C 295 19.83 25.84 -30.79
N LEU C 296 20.47 26.65 -29.94
CA LEU C 296 21.19 27.83 -30.41
C LEU C 296 22.35 27.46 -31.31
N GLN C 297 22.98 26.31 -31.07
CA GLN C 297 24.07 25.88 -31.94
C GLN C 297 23.59 25.20 -33.21
N ALA C 298 22.39 24.62 -33.20
CA ALA C 298 21.87 23.90 -34.36
C ALA C 298 21.01 24.78 -35.25
N ALA C 299 20.13 25.58 -34.68
CA ALA C 299 19.20 26.41 -35.44
C ALA C 299 19.78 27.78 -35.78
N ARG C 300 21.09 27.97 -35.63
CA ARG C 300 21.71 29.25 -35.96
C ARG C 300 21.56 29.58 -37.44
N GLN C 301 21.50 28.57 -38.30
CA GLN C 301 21.43 28.76 -39.74
C GLN C 301 20.03 29.08 -40.24
N LEU C 302 19.01 28.97 -39.38
CA LEU C 302 17.65 29.23 -39.80
C LEU C 302 17.40 30.72 -39.97
N LYS C 303 16.29 31.05 -40.62
CA LYS C 303 15.93 32.43 -40.94
C LYS C 303 14.59 32.77 -40.30
N LYS C 304 14.11 33.99 -40.60
CA LYS C 304 12.87 34.48 -40.03
C LYS C 304 11.69 33.62 -40.48
N GLY C 305 10.69 33.55 -39.63
CA GLY C 305 9.47 32.78 -39.92
C GLY C 305 9.48 31.35 -39.44
N GLN C 306 10.57 30.63 -39.70
CA GLN C 306 10.68 29.26 -39.26
C GLN C 306 10.68 29.19 -37.73
N LYS C 307 10.24 28.04 -37.21
CA LYS C 307 10.08 27.85 -35.78
C LYS C 307 10.98 26.71 -35.32
N CYS C 308 11.74 26.95 -34.26
CA CYS C 308 12.58 25.94 -33.63
C CYS C 308 12.01 25.66 -32.24
N VAL C 309 11.50 24.46 -32.04
CA VAL C 309 10.84 24.09 -30.79
C VAL C 309 11.83 23.36 -29.90
N VAL C 310 11.90 23.77 -28.64
CA VAL C 310 12.76 23.14 -27.64
C VAL C 310 11.91 22.86 -26.40
N LEU C 311 12.10 21.69 -25.82
CA LEU C 311 11.38 21.31 -24.61
C LEU C 311 12.20 21.63 -23.37
N LEU C 312 11.51 22.05 -22.31
CA LEU C 312 12.12 22.33 -21.03
C LEU C 312 11.65 21.28 -20.04
N PRO C 313 12.42 20.21 -19.81
CA PRO C 313 11.87 19.04 -19.10
C PRO C 313 11.38 19.32 -17.69
N ASP C 314 12.22 19.89 -16.82
CA ASP C 314 11.87 20.02 -15.42
C ASP C 314 12.21 21.42 -14.92
N SER C 315 11.67 21.76 -13.75
CA SER C 315 11.74 23.11 -13.21
C SER C 315 12.96 23.27 -12.31
N SER C 316 13.14 24.50 -11.82
CA SER C 316 14.23 24.84 -10.91
C SER C 316 14.04 24.26 -9.51
N ARG C 317 12.83 23.77 -9.20
CA ARG C 317 12.56 23.26 -7.86
C ARG C 317 13.53 22.14 -7.49
N ASN C 318 13.85 21.26 -8.43
CA ASN C 318 14.76 20.15 -8.15
C ASN C 318 16.20 20.59 -7.98
N TYR C 319 16.55 21.81 -8.38
CA TYR C 319 17.93 22.31 -8.27
C TYR C 319 17.95 23.65 -7.56
N MET C 320 17.07 23.85 -6.59
CA MET C 320 17.01 25.11 -5.86
C MET C 320 18.33 25.43 -5.18
N SER C 321 18.84 24.50 -4.38
CA SER C 321 20.11 24.68 -3.70
C SER C 321 21.31 24.27 -4.54
N LYS C 322 21.10 23.64 -5.71
CA LYS C 322 22.24 23.14 -6.47
C LYS C 322 22.84 24.19 -7.40
N PHE C 323 22.07 24.70 -8.35
CA PHE C 323 22.67 25.57 -9.36
C PHE C 323 22.06 26.97 -9.42
N ILE C 324 20.92 27.21 -8.77
CA ILE C 324 20.44 28.58 -8.64
C ILE C 324 21.41 29.38 -7.75
N SER C 325 21.92 28.76 -6.70
CA SER C 325 22.87 29.42 -5.81
C SER C 325 24.20 29.62 -6.52
N ASP C 326 24.68 30.88 -6.55
CA ASP C 326 25.93 31.20 -7.22
C ASP C 326 27.14 30.56 -6.54
N GLU C 327 27.06 30.24 -5.25
CA GLU C 327 28.20 29.68 -4.55
C GLU C 327 28.58 28.31 -5.12
N TRP C 328 27.59 27.47 -5.41
CA TRP C 328 27.88 26.15 -5.96
C TRP C 328 28.40 26.23 -7.38
N MET C 329 27.87 27.17 -8.18
CA MET C 329 28.36 27.34 -9.54
C MET C 329 29.79 27.87 -9.55
N ALA C 330 30.14 28.70 -8.57
CA ALA C 330 31.52 29.12 -8.43
C ALA C 330 32.40 27.97 -7.94
N GLU C 331 31.87 27.09 -7.09
CA GLU C 331 32.64 25.93 -6.64
C GLU C 331 32.98 25.00 -7.80
N HIS C 332 32.17 25.00 -8.86
CA HIS C 332 32.41 24.17 -10.03
C HIS C 332 33.00 24.97 -11.19
N GLY C 333 33.30 26.25 -10.98
CA GLY C 333 33.94 27.07 -11.99
C GLY C 333 33.14 27.22 -13.27
N PHE C 334 31.89 27.63 -13.15
CA PHE C 334 31.01 27.85 -14.30
C PHE C 334 30.75 29.34 -14.47
N ALA C 335 30.85 29.83 -15.70
CA ALA C 335 30.53 31.22 -15.99
C ALA C 335 29.07 31.48 -15.66
N PRO C 336 28.77 32.33 -14.69
CA PRO C 336 27.38 32.45 -14.22
C PRO C 336 26.44 32.94 -15.31
N GLU C 337 26.73 34.10 -15.90
CA GLU C 337 25.90 34.66 -16.96
C GLU C 337 26.54 35.92 -17.54
N ASP C 338 26.21 36.24 -18.80
CA ASP C 338 26.64 37.51 -19.37
C ASP C 338 26.10 38.69 -18.57
N GLY C 339 24.78 38.71 -18.36
CA GLY C 339 24.18 39.69 -17.48
C GLY C 339 23.62 39.04 -16.24
N ALA C 340 24.26 39.30 -15.10
CA ALA C 340 23.84 38.76 -13.82
C ALA C 340 24.32 39.71 -12.73
N LYS C 341 23.95 39.40 -11.48
CA LYS C 341 24.33 40.27 -10.38
C LYS C 341 25.81 40.11 -10.04
N VAL C 342 26.36 38.90 -10.21
CA VAL C 342 27.77 38.67 -9.88
C VAL C 342 28.67 39.52 -10.76
N LYS C 343 28.51 39.43 -12.07
CA LYS C 343 29.34 40.20 -12.98
C LYS C 343 29.04 41.69 -12.90
N GLU C 344 27.78 42.06 -12.64
CA GLU C 344 27.45 43.48 -12.47
C GLU C 344 28.19 44.07 -11.28
N ARG C 345 28.22 43.35 -10.16
CA ARG C 345 28.94 43.83 -8.99
C ARG C 345 30.45 43.80 -9.23
N GLU C 346 30.94 42.78 -9.95
CA GLU C 346 32.36 42.74 -10.31
C GLU C 346 32.75 43.97 -11.13
N LYS C 347 31.86 44.42 -12.01
CA LYS C 347 32.16 45.60 -12.83
C LYS C 347 32.06 46.87 -12.00
N GLN C 348 30.99 47.00 -11.21
CA GLN C 348 30.74 48.26 -10.50
C GLN C 348 31.73 48.48 -9.36
N PHE C 349 32.10 47.42 -8.64
CA PHE C 349 32.96 47.53 -7.47
C PHE C 349 34.43 47.29 -7.77
N GLY C 350 34.73 46.24 -8.55
CA GLY C 350 36.12 45.93 -8.80
C GLY C 350 36.82 45.48 -7.53
N GLY C 351 38.08 45.89 -7.40
CA GLY C 351 38.87 45.54 -6.24
C GLY C 351 38.67 46.41 -5.02
N ALA C 352 37.62 47.24 -5.00
CA ALA C 352 37.38 48.13 -3.87
C ALA C 352 36.96 47.34 -2.64
N ARG C 353 37.50 47.73 -1.50
CA ARG C 353 37.19 47.12 -0.22
C ARG C 353 36.45 48.11 0.66
N ILE C 354 35.89 47.60 1.77
CA ILE C 354 35.13 48.47 2.66
C ILE C 354 36.04 49.47 3.36
N ARG C 355 37.34 49.19 3.41
CA ARG C 355 38.31 50.15 3.96
C ARG C 355 38.26 51.47 3.21
N ASP C 356 38.18 51.42 1.88
CA ASP C 356 38.12 52.66 1.10
C ASP C 356 36.85 53.44 1.39
N LEU C 357 35.72 52.73 1.58
CA LEU C 357 34.46 53.42 1.89
C LEU C 357 34.50 54.04 3.27
N LEU C 358 35.05 53.30 4.25
CA LEU C 358 35.17 53.84 5.60
C LEU C 358 36.15 55.01 5.65
N SER C 359 37.14 55.03 4.75
CA SER C 359 38.07 56.15 4.70
C SER C 359 37.43 57.36 4.04
N GLU C 360 36.63 57.15 2.99
CA GLU C 360 35.97 58.26 2.33
C GLU C 360 34.89 58.86 3.23
N THR C 361 34.18 58.02 3.99
CA THR C 361 33.17 58.53 4.91
C THR C 361 33.81 59.15 6.14
N GLY C 362 34.82 58.50 6.71
CA GLY C 362 35.51 59.02 7.87
C GLY C 362 35.14 58.28 9.15
N SER C 365 35.41 57.32 14.17
CA SER C 365 34.43 56.24 14.21
C SER C 365 33.49 56.39 15.40
N ASP C 366 32.19 56.33 15.14
CA ASP C 366 31.17 56.44 16.18
C ASP C 366 30.29 55.19 16.10
N VAL C 367 30.38 54.36 17.14
CA VAL C 367 29.68 53.07 17.22
C VAL C 367 29.48 52.71 18.68
N PRO C 368 28.41 53.18 19.33
CA PRO C 368 28.20 52.84 20.74
C PRO C 368 27.92 51.35 20.92
N PHE C 369 28.25 50.86 22.12
CA PHE C 369 28.11 49.45 22.46
C PHE C 369 27.33 49.33 23.76
N VAL C 370 26.58 48.24 23.89
CA VAL C 370 25.72 48.00 25.05
C VAL C 370 25.81 46.53 25.42
N THR C 371 25.63 46.25 26.72
CA THR C 371 25.76 44.89 27.26
C THR C 371 24.54 44.03 26.99
N ALA C 372 23.58 44.52 26.22
CA ALA C 372 22.39 43.79 25.75
C ALA C 372 21.42 43.41 26.86
N ARG C 373 21.65 43.85 28.10
CA ARG C 373 20.67 43.65 29.15
C ARG C 373 20.37 44.93 29.92
N LEU C 374 20.79 46.09 29.43
CA LEU C 374 20.44 47.34 30.09
C LEU C 374 18.97 47.64 29.82
N SER C 375 18.30 48.22 30.82
CA SER C 375 16.91 48.61 30.66
C SER C 375 16.80 49.70 29.61
N VAL C 376 15.64 49.78 28.96
CA VAL C 376 15.44 50.78 27.91
C VAL C 376 15.55 52.18 28.51
N GLU C 377 15.20 52.35 29.79
CA GLU C 377 15.36 53.64 30.45
C GLU C 377 16.81 54.09 30.39
N ASP C 378 17.73 53.23 30.83
CA ASP C 378 19.15 53.61 30.86
C ASP C 378 19.71 53.79 29.46
N VAL C 379 19.23 53.01 28.48
CA VAL C 379 19.77 53.15 27.13
C VAL C 379 19.27 54.44 26.49
N ILE C 380 18.01 54.83 26.74
CA ILE C 380 17.55 56.11 26.18
C ILE C 380 18.23 57.27 26.90
N LYS C 381 18.50 57.14 28.20
CA LYS C 381 19.24 58.18 28.91
C LYS C 381 20.65 58.34 28.32
N MET C 382 21.34 57.22 28.10
CA MET C 382 22.67 57.25 27.50
C MET C 382 22.64 57.74 26.07
N MET C 383 21.56 57.45 25.33
CA MET C 383 21.44 57.89 23.95
C MET C 383 21.19 59.39 23.89
N HIS C 384 20.46 59.94 24.85
CA HIS C 384 20.31 61.38 24.95
C HIS C 384 21.63 62.05 25.36
N GLU C 385 22.41 61.39 26.22
CA GLU C 385 23.69 61.96 26.61
C GLU C 385 24.72 61.87 25.50
N THR C 386 24.65 60.84 24.65
CA THR C 386 25.61 60.64 23.58
C THR C 386 25.17 61.18 22.22
N LYS C 387 23.88 61.50 22.05
CA LYS C 387 23.27 62.09 20.86
C LYS C 387 23.17 61.11 19.68
N VAL C 388 23.69 59.88 19.82
CA VAL C 388 23.70 58.94 18.71
C VAL C 388 22.30 58.44 18.41
N LYS C 389 22.13 57.83 17.23
CA LYS C 389 20.86 57.27 16.80
C LYS C 389 20.80 55.76 17.00
N GLU C 390 21.76 55.03 16.43
CA GLU C 390 21.80 53.57 16.48
C GLU C 390 22.79 53.10 17.53
N VAL C 391 22.67 51.82 17.90
CA VAL C 391 23.55 51.21 18.88
C VAL C 391 23.72 49.73 18.54
N ILE C 392 24.84 49.16 18.98
CA ILE C 392 25.15 47.75 18.79
C ILE C 392 25.18 47.11 20.17
N VAL C 393 24.49 45.98 20.34
CA VAL C 393 24.37 45.35 21.64
C VAL C 393 25.28 44.12 21.72
N THR C 394 25.90 43.93 22.87
CA THR C 394 26.92 42.92 23.16
C THR C 394 27.72 42.46 21.93
N LYS C 404 29.59 36.26 22.20
CA LYS C 404 28.69 36.21 21.05
C LYS C 404 28.29 37.62 20.60
N LEU C 405 27.24 37.70 19.78
CA LEU C 405 26.74 38.97 19.30
C LEU C 405 25.25 38.84 19.03
N VAL C 406 24.49 39.87 19.38
CA VAL C 406 23.04 39.85 19.22
C VAL C 406 22.59 40.71 18.04
N GLY C 407 23.03 41.96 17.98
CA GLY C 407 22.66 42.73 16.80
C GLY C 407 22.67 44.23 17.07
N VAL C 408 21.82 44.92 16.31
CA VAL C 408 21.74 46.38 16.28
C VAL C 408 20.35 46.80 16.76
N LEU C 409 20.26 48.03 17.28
CA LEU C 409 19.00 48.55 17.78
C LEU C 409 18.98 50.07 17.60
N SER C 410 17.86 50.59 17.12
CA SER C 410 17.67 52.01 16.89
C SER C 410 16.58 52.54 17.82
N GLU C 411 16.72 53.82 18.21
CA GLU C 411 15.76 54.43 19.12
C GLU C 411 14.37 54.50 18.51
N ASP C 412 14.28 54.58 17.19
CA ASP C 412 12.98 54.58 16.53
C ASP C 412 12.19 53.32 16.86
N HIS C 413 12.79 52.15 16.63
CA HIS C 413 12.12 50.89 16.97
C HIS C 413 11.93 50.77 18.48
N ILE C 414 12.85 51.31 19.28
CA ILE C 414 12.67 51.31 20.74
C ILE C 414 11.36 51.97 21.11
N ALA C 415 11.16 53.22 20.65
CA ALA C 415 9.94 53.95 20.96
C ALA C 415 8.71 53.23 20.39
N HIS C 416 8.79 52.77 19.15
CA HIS C 416 7.62 52.15 18.53
C HIS C 416 7.23 50.85 19.20
N SER C 417 8.20 50.09 19.71
CA SER C 417 7.89 48.88 20.46
C SER C 417 7.40 49.21 21.86
N LEU C 418 7.90 50.28 22.46
CA LEU C 418 7.40 50.70 23.76
C LEU C 418 5.93 51.09 23.69
N GLN C 419 5.56 51.87 22.68
CA GLN C 419 4.16 52.24 22.52
C GLN C 419 3.31 51.09 22.01
N SER C 420 3.91 50.10 21.35
CA SER C 420 3.16 48.96 20.83
C SER C 420 2.79 47.94 21.90
N GLY C 421 3.18 48.17 23.15
CA GLY C 421 2.88 47.22 24.21
C GLY C 421 3.64 45.91 24.12
N ARG C 422 4.76 45.88 23.40
CA ARG C 422 5.59 44.69 23.31
C ARG C 422 6.96 44.86 23.95
N CYS C 423 7.36 46.08 24.28
CA CYS C 423 8.64 46.35 24.93
C CYS C 423 8.36 47.16 26.20
N ALA C 424 8.38 46.48 27.35
CA ALA C 424 8.22 47.18 28.62
C ALA C 424 9.49 47.95 28.95
N MET C 425 9.34 48.93 29.87
CA MET C 425 10.49 49.73 30.25
C MET C 425 11.50 48.94 31.06
N GLN C 426 11.06 47.95 31.82
CA GLN C 426 11.97 47.10 32.60
C GLN C 426 12.50 45.92 31.79
N SER C 427 12.18 45.84 30.49
CA SER C 427 12.59 44.72 29.68
C SER C 427 14.05 44.87 29.23
N PRO C 428 14.74 43.76 28.98
CA PRO C 428 16.11 43.86 28.47
C PRO C 428 16.14 44.25 27.00
N VAL C 429 17.26 44.85 26.60
CA VAL C 429 17.39 45.37 25.25
C VAL C 429 17.43 44.24 24.22
N LYS C 430 18.09 43.12 24.56
CA LYS C 430 18.28 42.02 23.62
C LYS C 430 16.96 41.49 23.06
N ASP C 431 15.85 41.69 23.77
CA ASP C 431 14.56 41.21 23.28
C ASP C 431 14.11 41.98 22.05
N ILE C 432 14.41 43.28 21.97
CA ILE C 432 13.88 44.16 20.93
C ILE C 432 14.93 44.51 19.89
N ALA C 433 16.13 43.93 19.97
CA ALA C 433 17.17 44.25 19.01
C ALA C 433 16.96 43.48 17.71
N PHE C 434 17.64 43.94 16.66
CA PHE C 434 17.61 43.29 15.36
C PHE C 434 18.68 42.20 15.33
N LYS C 435 18.26 40.96 15.09
CA LYS C 435 19.14 39.81 15.26
C LYS C 435 19.85 39.37 13.98
N LYS C 436 19.45 39.88 12.82
CA LYS C 436 20.12 39.54 11.57
C LYS C 436 21.26 40.52 11.30
N LEU C 437 22.48 40.01 11.23
CA LEU C 437 23.65 40.84 10.96
C LEU C 437 24.75 39.96 10.41
N ALA C 438 25.75 40.61 9.79
CA ALA C 438 26.87 39.91 9.17
C ALA C 438 28.18 40.51 9.65
N LYS C 439 29.09 39.66 10.08
CA LYS C 439 30.40 40.10 10.54
C LYS C 439 31.34 40.30 9.36
N ALA C 440 32.08 41.41 9.36
CA ALA C 440 33.02 41.70 8.30
C ALA C 440 34.32 42.24 8.89
N LEU C 441 35.30 42.45 8.01
CA LEU C 441 36.60 43.01 8.36
C LEU C 441 37.01 43.98 7.26
N PRO C 442 37.80 45.01 7.59
CA PRO C 442 38.07 46.07 6.62
C PRO C 442 38.62 45.60 5.28
N SER C 443 39.35 44.48 5.24
CA SER C 443 39.94 43.99 4.00
C SER C 443 38.94 43.37 3.05
N ALA C 444 37.70 43.12 3.49
CA ALA C 444 36.71 42.49 2.62
C ALA C 444 36.34 43.40 1.46
N TYR C 445 36.14 42.81 0.28
CA TYR C 445 35.80 43.56 -0.91
C TYR C 445 34.35 44.04 -0.84
N LEU C 446 34.02 44.98 -1.73
CA LEU C 446 32.65 45.46 -1.81
C LEU C 446 31.71 44.42 -2.42
N ARG C 447 32.23 43.56 -3.32
CA ARG C 447 31.37 42.57 -3.95
C ARG C 447 30.92 41.50 -2.95
N ASP C 448 31.81 41.05 -2.07
CA ASP C 448 31.41 40.02 -1.12
C ASP C 448 30.47 40.56 -0.06
N VAL C 449 30.68 41.81 0.38
CA VAL C 449 29.74 42.38 1.34
C VAL C 449 28.40 42.67 0.68
N ALA C 450 28.41 43.03 -0.61
CA ALA C 450 27.15 43.19 -1.33
C ALA C 450 26.43 41.85 -1.47
N LYS C 451 27.18 40.76 -1.63
CA LYS C 451 26.58 39.43 -1.64
C LYS C 451 25.99 39.08 -0.28
N ALA C 452 26.72 39.38 0.79
CA ALA C 452 26.22 39.10 2.14
C ALA C 452 25.00 39.95 2.49
N LEU C 453 24.89 41.15 1.91
CA LEU C 453 23.73 42.00 2.14
C LEU C 453 22.46 41.45 1.54
N ASP C 454 22.56 40.46 0.65
CA ASP C 454 21.36 39.82 0.09
C ASP C 454 20.60 39.01 1.14
N PHE C 455 21.23 38.69 2.28
CA PHE C 455 20.61 37.90 3.31
C PHE C 455 20.49 38.59 4.65
N SER C 456 21.29 39.63 4.91
CA SER C 456 21.27 40.34 6.18
C SER C 456 21.08 41.83 5.93
N PRO C 457 20.22 42.49 6.72
CA PRO C 457 19.99 43.92 6.49
C PRO C 457 21.19 44.79 6.84
N TYR C 458 21.89 44.51 7.93
CA TYR C 458 23.04 45.28 8.35
C TYR C 458 24.31 44.45 8.22
N VAL C 459 25.44 45.14 8.07
CA VAL C 459 26.76 44.52 8.06
C VAL C 459 27.66 45.36 8.93
N CYS C 460 28.18 44.76 10.00
CA CYS C 460 29.05 45.44 10.95
C CYS C 460 30.47 44.93 10.78
N VAL C 461 31.44 45.85 10.91
CA VAL C 461 32.84 45.49 10.73
C VAL C 461 33.42 45.12 12.10
N MET C 462 34.48 44.31 12.08
CA MET C 462 35.17 43.91 13.29
C MET C 462 36.66 43.83 13.01
N ASP C 463 37.43 43.62 14.08
CA ASP C 463 38.88 43.45 13.96
C ASP C 463 39.25 41.96 13.92
N GLU C 492 42.80 42.24 18.08
CA GLU C 492 42.82 42.09 19.53
C GLU C 492 41.41 42.12 20.09
N CYS C 493 41.11 43.17 20.85
CA CYS C 493 39.76 43.36 21.35
C CYS C 493 38.80 43.63 20.19
N PRO C 494 37.51 43.31 20.36
CA PRO C 494 36.55 43.60 19.29
C PRO C 494 36.27 45.10 19.17
N HIS C 495 36.88 45.70 18.15
CA HIS C 495 36.83 47.15 17.92
C HIS C 495 36.17 47.37 16.56
N PHE C 496 34.86 47.51 16.55
CA PHE C 496 34.14 47.79 15.32
C PHE C 496 34.43 49.22 14.85
N LEU C 497 34.48 49.39 13.53
CA LEU C 497 34.81 50.68 12.93
C LEU C 497 33.58 51.40 12.39
N GLY C 498 32.52 50.68 12.07
CA GLY C 498 31.30 51.29 11.58
C GLY C 498 30.32 50.24 11.12
N VAL C 499 29.14 50.72 10.74
CA VAL C 499 28.09 49.87 10.20
C VAL C 499 27.82 50.30 8.76
N ILE C 500 27.48 49.33 7.91
CA ILE C 500 27.32 49.56 6.48
C ILE C 500 26.02 48.91 6.02
N THR C 501 25.29 49.62 5.16
CA THR C 501 24.07 49.14 4.54
C THR C 501 24.17 49.35 3.04
N ARG C 502 23.16 48.82 2.32
CA ARG C 502 23.17 48.94 0.86
C ARG C 502 23.17 50.40 0.42
N ILE C 503 22.51 51.28 1.19
CA ILE C 503 22.50 52.69 0.85
C ILE C 503 23.90 53.27 0.87
N ASP C 504 24.77 52.79 1.76
CA ASP C 504 26.16 53.23 1.76
C ASP C 504 26.88 52.77 0.49
N LEU C 505 26.60 51.55 0.03
CA LEU C 505 27.20 51.09 -1.21
C LEU C 505 26.72 51.91 -2.40
N LEU C 506 25.45 52.30 -2.40
CA LEU C 506 24.93 53.14 -3.48
C LEU C 506 25.54 54.54 -3.42
N HIS C 507 25.76 55.06 -2.21
CA HIS C 507 26.42 56.36 -2.06
C HIS C 507 27.85 56.29 -2.58
N TRP C 508 28.54 55.17 -2.33
CA TRP C 508 29.87 54.99 -2.90
C TRP C 508 29.79 54.91 -4.43
N LEU C 509 28.79 54.21 -4.96
CA LEU C 509 28.60 54.17 -6.40
C LEU C 509 28.29 55.54 -6.98
N ALA C 510 27.81 56.47 -6.16
CA ALA C 510 27.60 57.84 -6.61
C ALA C 510 28.91 58.62 -6.70
N THR C 511 29.98 58.14 -6.05
CA THR C 511 31.28 58.78 -6.14
C THR C 511 32.06 58.36 -7.39
N LYS C 512 31.58 57.39 -8.14
CA LYS C 512 32.21 56.97 -9.39
C LYS C 512 31.32 57.35 -10.58
N GLN C 513 31.84 57.10 -11.78
CA GLN C 513 31.13 57.43 -13.00
C GLN C 513 31.17 56.28 -14.00
N ALA D 6 -1.11 -22.48 -56.55
CA ALA D 6 0.01 -22.14 -57.44
C ALA D 6 1.33 -22.18 -56.69
N ASP D 7 2.28 -21.37 -57.14
CA ASP D 7 3.59 -21.25 -56.49
C ASP D 7 3.96 -19.77 -56.45
N GLY D 8 3.59 -19.11 -55.36
CA GLY D 8 3.94 -17.72 -55.16
C GLY D 8 5.04 -17.42 -54.15
N PRO D 9 5.05 -18.11 -52.98
CA PRO D 9 6.07 -17.77 -51.96
C PRO D 9 7.39 -18.51 -52.15
N TYR D 10 7.35 -19.69 -52.78
CA TYR D 10 8.53 -20.51 -52.92
C TYR D 10 8.92 -20.75 -54.38
N SER D 11 8.29 -20.05 -55.32
CA SER D 11 8.65 -20.20 -56.73
C SER D 11 10.08 -19.73 -57.01
N GLY D 12 10.64 -18.88 -56.14
CA GLY D 12 12.01 -18.43 -56.29
C GLY D 12 12.95 -19.15 -55.33
N ILE D 13 14.18 -18.64 -55.28
CA ILE D 13 15.20 -19.14 -54.36
C ILE D 13 15.18 -18.28 -53.11
N LEU D 14 15.56 -18.88 -51.99
CA LEU D 14 15.57 -18.23 -50.69
C LEU D 14 17.02 -17.96 -50.28
N ASP D 15 17.26 -16.76 -49.74
CA ASP D 15 18.62 -16.38 -49.40
C ASP D 15 19.14 -17.12 -48.18
N SER D 16 18.25 -17.50 -47.26
CA SER D 16 18.65 -18.18 -46.04
C SER D 16 17.44 -18.89 -45.47
N VAL D 17 17.64 -19.56 -44.32
CA VAL D 17 16.57 -20.30 -43.68
C VAL D 17 15.55 -19.34 -43.07
N LEU D 18 15.98 -18.12 -42.70
CA LEU D 18 15.07 -17.15 -42.12
C LEU D 18 13.93 -16.80 -43.08
N ASP D 19 14.18 -16.85 -44.38
CA ASP D 19 13.14 -16.57 -45.37
C ASP D 19 12.16 -17.72 -45.55
N ALA D 20 12.31 -18.79 -44.77
CA ALA D 20 11.44 -19.96 -44.84
C ALA D 20 10.55 -20.11 -43.62
N ILE D 21 10.50 -19.09 -42.77
CA ILE D 21 9.71 -19.12 -41.54
C ILE D 21 8.33 -18.58 -41.85
N GLY D 22 7.30 -19.18 -41.25
CA GLY D 22 5.94 -18.79 -41.51
C GLY D 22 5.32 -19.57 -42.66
N ASN D 23 4.29 -18.97 -43.25
CA ASN D 23 3.58 -19.55 -44.40
C ASN D 23 3.06 -20.95 -44.09
N THR D 24 2.68 -21.20 -42.85
CA THR D 24 2.28 -22.55 -42.44
C THR D 24 0.89 -22.86 -42.97
N PRO D 25 0.67 -24.04 -43.53
CA PRO D 25 -0.64 -24.35 -44.10
C PRO D 25 -1.69 -24.62 -43.03
N MET D 26 -2.95 -24.48 -43.43
CA MET D 26 -4.10 -24.75 -42.59
C MET D 26 -4.79 -26.01 -43.11
N VAL D 27 -4.98 -26.99 -42.23
CA VAL D 27 -5.54 -28.29 -42.61
C VAL D 27 -6.84 -28.50 -41.85
N ARG D 28 -7.82 -29.11 -42.51
CA ARG D 28 -9.09 -29.42 -41.88
C ARG D 28 -8.99 -30.82 -41.26
N MET D 29 -9.30 -30.90 -39.96
CA MET D 29 -9.20 -32.17 -39.23
C MET D 29 -10.55 -32.88 -39.26
N LYS D 30 -10.90 -33.35 -40.46
CA LYS D 30 -12.15 -34.07 -40.65
C LYS D 30 -12.18 -35.36 -39.84
N ARG D 31 -11.09 -36.13 -39.90
CA ARG D 31 -11.07 -37.43 -39.24
C ARG D 31 -11.12 -37.29 -37.73
N LEU D 32 -10.36 -36.34 -37.17
CA LEU D 32 -10.38 -36.15 -35.72
C LEU D 32 -11.74 -35.65 -35.24
N ALA D 33 -12.34 -34.73 -36.00
CA ALA D 33 -13.68 -34.26 -35.65
C ALA D 33 -14.70 -35.39 -35.70
N LYS D 34 -14.63 -36.24 -36.73
CA LYS D 34 -15.54 -37.37 -36.81
C LYS D 34 -15.32 -38.35 -35.66
N VAL D 35 -14.06 -38.53 -35.26
CA VAL D 35 -13.76 -39.42 -34.15
C VAL D 35 -14.35 -38.88 -32.84
N TYR D 36 -14.18 -37.59 -32.59
CA TYR D 36 -14.67 -36.99 -31.35
C TYR D 36 -16.10 -36.51 -31.43
N GLY D 37 -16.72 -36.52 -32.61
CA GLY D 37 -18.11 -36.12 -32.73
C GLY D 37 -18.31 -34.62 -32.65
N LEU D 38 -17.50 -33.86 -33.37
CA LEU D 38 -17.56 -32.41 -33.39
C LEU D 38 -18.12 -31.96 -34.72
N GLU D 39 -19.26 -31.26 -34.69
CA GLU D 39 -19.99 -30.95 -35.93
C GLU D 39 -19.26 -29.92 -36.78
N CYS D 40 -18.77 -28.85 -36.17
CA CYS D 40 -18.16 -27.78 -36.95
C CYS D 40 -16.84 -28.24 -37.56
N ASP D 41 -16.26 -27.37 -38.39
CA ASP D 41 -14.98 -27.65 -39.02
C ASP D 41 -13.87 -27.17 -38.11
N LEU D 42 -13.07 -28.10 -37.60
CA LEU D 42 -11.92 -27.76 -36.76
C LEU D 42 -10.70 -27.67 -37.65
N LEU D 43 -10.22 -26.44 -37.87
CA LEU D 43 -9.05 -26.19 -38.69
C LEU D 43 -7.82 -26.06 -37.80
N ALA D 44 -6.70 -26.56 -38.28
CA ALA D 44 -5.44 -26.56 -37.55
C ALA D 44 -4.41 -25.80 -38.36
N LYS D 45 -3.83 -24.76 -37.75
CA LYS D 45 -2.74 -24.00 -38.35
C LYS D 45 -1.44 -24.71 -38.03
N CYS D 46 -0.91 -25.45 -39.00
CA CYS D 46 0.24 -26.33 -38.78
C CYS D 46 1.53 -25.52 -38.69
N GLU D 47 1.66 -24.80 -37.56
CA GLU D 47 2.85 -24.00 -37.31
C GLU D 47 4.09 -24.86 -37.16
N PHE D 48 3.94 -26.14 -36.83
CA PHE D 48 5.09 -27.02 -36.65
C PHE D 48 5.82 -27.32 -37.95
N MET D 49 5.30 -26.86 -39.09
CA MET D 49 5.90 -27.12 -40.39
C MET D 49 6.86 -26.02 -40.82
N SER D 50 7.14 -25.06 -39.93
CA SER D 50 8.16 -24.06 -40.20
C SER D 50 9.54 -24.71 -40.25
N ALA D 51 10.53 -23.92 -40.66
CA ALA D 51 11.89 -24.44 -40.80
C ALA D 51 12.41 -24.98 -39.47
N GLY D 52 12.22 -24.23 -38.38
CA GLY D 52 12.60 -24.70 -37.07
C GLY D 52 11.57 -25.51 -36.35
N GLY D 53 10.38 -25.69 -36.95
CA GLY D 53 9.36 -26.52 -36.33
C GLY D 53 8.70 -25.94 -35.10
N SER D 54 8.52 -24.63 -35.05
CA SER D 54 7.91 -24.01 -33.88
C SER D 54 7.40 -22.62 -34.25
N VAL D 55 6.46 -22.12 -33.45
CA VAL D 55 5.94 -20.76 -33.64
C VAL D 55 6.98 -19.72 -33.29
N LYS D 56 7.97 -20.08 -32.46
CA LYS D 56 8.96 -19.11 -32.01
C LYS D 56 9.95 -18.73 -33.10
N ASP D 57 9.95 -19.46 -34.23
CA ASP D 57 10.78 -19.06 -35.36
C ASP D 57 10.41 -17.65 -35.82
N ARG D 58 9.11 -17.37 -35.91
CA ARG D 58 8.63 -16.06 -36.35
C ARG D 58 9.12 -14.98 -35.40
N ILE D 59 8.93 -15.17 -34.09
CA ILE D 59 9.30 -14.14 -33.14
C ILE D 59 10.80 -13.98 -33.08
N GLY D 60 11.56 -15.06 -33.26
CA GLY D 60 13.01 -14.94 -33.28
C GLY D 60 13.49 -14.12 -34.47
N LYS D 61 13.05 -14.51 -35.67
CA LYS D 61 13.39 -13.76 -36.87
C LYS D 61 13.04 -12.29 -36.72
N ALA D 62 11.82 -11.99 -36.25
CA ALA D 62 11.37 -10.62 -36.22
C ALA D 62 12.01 -9.80 -35.11
N MET D 63 12.28 -10.41 -33.95
CA MET D 63 12.99 -9.72 -32.89
C MET D 63 14.43 -9.43 -33.29
N VAL D 64 15.08 -10.36 -33.99
CA VAL D 64 16.44 -10.08 -34.47
C VAL D 64 16.40 -8.96 -35.52
N GLU D 65 15.40 -8.99 -36.40
CA GLU D 65 15.28 -7.92 -37.39
C GLU D 65 15.04 -6.57 -36.73
N LYS D 66 14.19 -6.54 -35.69
CA LYS D 66 13.95 -5.30 -34.97
C LYS D 66 15.20 -4.79 -34.26
N ALA D 67 15.95 -5.70 -33.63
CA ALA D 67 17.20 -5.30 -32.97
C ALA D 67 18.20 -4.74 -33.98
N GLU D 68 18.31 -5.38 -35.15
CA GLU D 68 19.25 -4.92 -36.16
C GLU D 68 18.82 -3.62 -36.82
N ARG D 69 17.51 -3.41 -36.99
CA ARG D 69 17.03 -2.19 -37.65
C ARG D 69 17.26 -0.96 -36.80
N GLU D 70 17.33 -1.12 -35.48
CA GLU D 70 17.58 -0.02 -34.56
C GLU D 70 19.07 0.16 -34.24
N GLY D 71 19.95 -0.56 -34.94
CA GLY D 71 21.37 -0.43 -34.70
C GLY D 71 21.84 -0.95 -33.37
N ARG D 72 21.02 -1.73 -32.66
CA ARG D 72 21.36 -2.27 -31.37
C ARG D 72 22.11 -3.60 -31.46
N LEU D 73 22.49 -4.03 -32.67
CA LEU D 73 23.11 -5.32 -32.85
C LEU D 73 24.15 -5.23 -33.97
N LYS D 74 25.36 -5.71 -33.70
CA LYS D 74 26.44 -5.69 -34.67
C LYS D 74 27.07 -7.08 -34.74
N ALA D 75 27.72 -7.34 -35.88
CA ALA D 75 28.33 -8.64 -36.10
C ALA D 75 29.36 -8.97 -35.02
N GLY D 76 29.40 -10.25 -34.64
CA GLY D 76 30.31 -10.71 -33.60
C GLY D 76 29.73 -10.69 -32.20
N ASP D 77 28.61 -9.99 -31.98
CA ASP D 77 28.02 -9.91 -30.66
C ASP D 77 27.47 -11.27 -30.22
N THR D 78 27.19 -11.36 -28.93
CA THR D 78 26.62 -12.57 -28.33
C THR D 78 25.16 -12.30 -27.99
N LEU D 79 24.30 -13.28 -28.26
CA LEU D 79 22.87 -13.16 -27.99
C LEU D 79 22.49 -14.20 -26.95
N ILE D 80 21.81 -13.75 -25.89
CA ILE D 80 21.35 -14.63 -24.81
C ILE D 80 19.87 -14.41 -24.60
N GLU D 81 19.14 -15.51 -24.38
CA GLU D 81 17.69 -15.43 -24.21
C GLU D 81 17.17 -16.62 -23.39
N PRO D 82 16.42 -16.36 -22.32
CA PRO D 82 15.77 -17.46 -21.61
C PRO D 82 14.57 -17.95 -22.37
N THR D 83 14.45 -19.28 -22.47
CA THR D 83 13.41 -19.89 -23.29
C THR D 83 13.08 -21.28 -22.77
N SER D 84 11.90 -21.75 -23.15
CA SER D 84 11.51 -23.14 -22.92
C SER D 84 12.09 -24.09 -23.97
N GLY D 85 12.73 -23.57 -25.02
CA GLY D 85 13.39 -24.42 -25.99
C GLY D 85 13.16 -24.03 -27.44
N ASN D 86 11.99 -23.47 -27.75
CA ASN D 86 11.68 -23.14 -29.13
C ASN D 86 12.22 -21.77 -29.53
N THR D 87 12.07 -20.77 -28.65
CA THR D 87 12.67 -19.47 -28.91
C THR D 87 14.18 -19.58 -28.98
N GLY D 88 14.77 -20.46 -28.16
CA GLY D 88 16.19 -20.74 -28.28
C GLY D 88 16.55 -21.27 -29.65
N ILE D 89 15.72 -22.17 -30.20
CA ILE D 89 15.99 -22.72 -31.53
C ILE D 89 15.91 -21.62 -32.58
N GLY D 90 14.86 -20.80 -32.52
CA GLY D 90 14.72 -19.73 -33.49
C GLY D 90 15.87 -18.74 -33.45
N LEU D 91 16.22 -18.27 -32.26
CA LEU D 91 17.32 -17.32 -32.15
C LEU D 91 18.66 -17.95 -32.47
N ALA D 92 18.81 -19.26 -32.22
CA ALA D 92 20.05 -19.94 -32.60
C ALA D 92 20.17 -20.03 -34.12
N LEU D 93 19.07 -20.30 -34.81
CA LEU D 93 19.09 -20.28 -36.27
C LEU D 93 19.44 -18.88 -36.78
N ALA D 94 18.80 -17.85 -36.20
CA ALA D 94 19.08 -16.48 -36.61
C ALA D 94 20.55 -16.13 -36.39
N ALA D 95 21.13 -16.58 -35.28
CA ALA D 95 22.52 -16.26 -34.98
C ALA D 95 23.48 -17.02 -35.89
N ALA D 96 23.22 -18.32 -36.09
CA ALA D 96 24.06 -19.11 -36.98
C ALA D 96 24.02 -18.58 -38.40
N VAL D 97 22.89 -18.01 -38.82
CA VAL D 97 22.81 -17.42 -40.16
C VAL D 97 23.55 -16.08 -40.21
N ARG D 98 23.18 -15.16 -39.32
CA ARG D 98 23.73 -13.81 -39.35
C ARG D 98 25.00 -13.65 -38.53
N GLY D 99 25.60 -14.76 -38.08
CA GLY D 99 26.91 -14.70 -37.45
C GLY D 99 26.96 -14.16 -36.04
N TYR D 100 26.07 -14.65 -35.17
CA TYR D 100 26.06 -14.28 -33.76
C TYR D 100 26.27 -15.52 -32.89
N ARG D 101 26.71 -15.28 -31.67
CA ARG D 101 26.86 -16.34 -30.68
C ARG D 101 25.61 -16.43 -29.82
N MET D 102 25.20 -17.66 -29.50
CA MET D 102 23.97 -17.92 -28.77
C MET D 102 24.28 -18.61 -27.45
N ILE D 103 23.67 -18.12 -26.37
CA ILE D 103 23.69 -18.77 -25.07
C ILE D 103 22.27 -18.77 -24.53
N VAL D 104 21.73 -19.95 -24.27
CA VAL D 104 20.33 -20.11 -23.87
C VAL D 104 20.26 -20.64 -22.46
N THR D 105 19.28 -20.16 -21.70
CA THR D 105 19.00 -20.64 -20.35
C THR D 105 17.61 -21.27 -20.37
N MET D 106 17.53 -22.55 -19.99
CA MET D 106 16.28 -23.27 -20.02
C MET D 106 16.18 -24.21 -18.83
N PRO D 107 14.99 -24.40 -18.27
CA PRO D 107 14.83 -25.33 -17.15
C PRO D 107 15.17 -26.76 -17.55
N ALA D 108 15.60 -27.54 -16.55
CA ALA D 108 15.90 -28.95 -16.77
C ALA D 108 14.67 -29.75 -17.15
N LYS D 109 13.47 -29.22 -16.88
CA LYS D 109 12.23 -29.91 -17.24
C LYS D 109 12.13 -30.16 -18.73
N MET D 110 12.67 -29.25 -19.55
CA MET D 110 12.54 -29.36 -21.00
C MET D 110 13.26 -30.60 -21.52
N SER D 111 12.82 -31.04 -22.70
CA SER D 111 13.33 -32.27 -23.29
C SER D 111 14.82 -32.14 -23.61
N ALA D 112 15.45 -33.30 -23.83
CA ALA D 112 16.86 -33.34 -24.20
C ALA D 112 17.08 -33.11 -25.69
N GLU D 113 16.05 -33.35 -26.52
CA GLU D 113 16.20 -33.10 -27.95
C GLU D 113 16.38 -31.62 -28.25
N LYS D 114 15.71 -30.74 -27.49
CA LYS D 114 15.92 -29.31 -27.66
C LYS D 114 17.36 -28.93 -27.33
N SER D 115 17.88 -29.45 -26.22
CA SER D 115 19.27 -29.20 -25.85
C SER D 115 20.23 -29.70 -26.94
N ASN D 116 19.98 -30.91 -27.45
CA ASN D 116 20.85 -31.47 -28.48
C ASN D 116 20.81 -30.64 -29.77
N ILE D 117 19.62 -30.19 -30.17
CA ILE D 117 19.52 -29.42 -31.41
C ILE D 117 20.13 -28.03 -31.24
N MET D 118 20.05 -27.44 -30.05
CA MET D 118 20.72 -26.16 -29.84
C MET D 118 22.23 -26.34 -29.70
N LYS D 119 22.68 -27.51 -29.26
CA LYS D 119 24.10 -27.82 -29.28
C LYS D 119 24.60 -28.00 -30.70
N CYS D 120 23.78 -28.60 -31.57
CA CYS D 120 24.16 -28.76 -32.97
C CYS D 120 24.28 -27.41 -33.66
N LEU D 121 23.50 -26.43 -33.24
CA LEU D 121 23.59 -25.07 -33.77
C LEU D 121 24.72 -24.27 -33.15
N GLY D 122 25.57 -24.89 -32.34
CA GLY D 122 26.70 -24.20 -31.77
C GLY D 122 26.36 -23.22 -30.68
N ALA D 123 25.29 -23.46 -29.93
CA ALA D 123 24.85 -22.56 -28.87
C ALA D 123 25.24 -23.11 -27.52
N GLU D 124 25.73 -22.23 -26.64
CA GLU D 124 25.98 -22.61 -25.26
C GLU D 124 24.67 -22.76 -24.51
N ILE D 125 24.57 -23.82 -23.71
CA ILE D 125 23.34 -24.20 -23.06
C ILE D 125 23.58 -24.30 -21.55
N VAL D 126 22.91 -23.45 -20.78
CA VAL D 126 22.93 -23.49 -19.33
C VAL D 126 21.55 -23.88 -18.84
N ARG D 127 21.50 -24.77 -17.86
CA ARG D 127 20.23 -25.28 -17.35
C ARG D 127 19.92 -24.65 -15.99
N THR D 128 18.62 -24.61 -15.67
CA THR D 128 18.14 -24.08 -14.41
C THR D 128 17.21 -25.09 -13.75
N PRO D 129 17.15 -25.10 -12.42
CA PRO D 129 16.25 -26.04 -11.74
C PRO D 129 14.79 -25.76 -12.08
N THR D 130 14.02 -26.85 -12.20
CA THR D 130 12.61 -26.71 -12.58
C THR D 130 11.80 -26.06 -11.47
N GLU D 131 12.12 -26.36 -10.21
CA GLU D 131 11.37 -25.84 -9.07
C GLU D 131 11.67 -24.39 -8.76
N ALA D 132 12.60 -23.76 -9.48
CA ALA D 132 12.97 -22.37 -9.21
C ALA D 132 11.85 -21.44 -9.62
N ALA D 133 11.46 -20.54 -8.72
CA ALA D 133 10.45 -19.55 -9.05
C ALA D 133 11.00 -18.52 -10.03
N TRP D 134 10.09 -17.77 -10.65
CA TRP D 134 10.50 -16.77 -11.63
C TRP D 134 11.26 -15.61 -11.00
N ASN D 135 10.96 -15.29 -9.73
CA ASN D 135 11.68 -14.22 -9.06
C ASN D 135 13.09 -14.62 -8.65
N ASP D 136 13.36 -15.92 -8.50
CA ASP D 136 14.67 -16.36 -8.09
C ASP D 136 15.72 -16.00 -9.13
N GLU D 137 16.93 -15.70 -8.67
CA GLU D 137 18.04 -15.49 -9.58
C GLU D 137 18.55 -16.79 -10.19
N ASN D 138 18.02 -17.93 -9.74
CA ASN D 138 18.37 -19.23 -10.31
C ASN D 138 17.39 -19.66 -11.39
N SER D 139 16.42 -18.81 -11.72
CA SER D 139 15.53 -19.05 -12.84
C SER D 139 16.24 -18.72 -14.16
N HIS D 140 15.69 -19.24 -15.25
CA HIS D 140 16.30 -19.02 -16.55
C HIS D 140 16.43 -17.53 -16.87
N MET D 141 15.42 -16.73 -16.51
CA MET D 141 15.47 -15.30 -16.77
C MET D 141 16.49 -14.61 -15.87
N GLY D 142 16.53 -14.97 -14.59
CA GLY D 142 17.52 -14.38 -13.70
C GLY D 142 18.94 -14.75 -14.08
N VAL D 143 19.16 -16.01 -14.46
CA VAL D 143 20.48 -16.45 -14.88
C VAL D 143 20.87 -15.76 -16.19
N ALA D 144 19.89 -15.54 -17.08
CA ALA D 144 20.17 -14.80 -18.30
C ALA D 144 20.58 -13.36 -17.99
N ALA D 145 19.88 -12.71 -17.06
CA ALA D 145 20.27 -11.36 -16.66
C ALA D 145 21.68 -11.34 -16.08
N LYS D 146 22.00 -12.32 -15.23
CA LYS D 146 23.33 -12.39 -14.66
C LYS D 146 24.39 -12.58 -15.74
N LEU D 147 24.12 -13.45 -16.72
CA LEU D 147 25.06 -13.65 -17.82
C LEU D 147 25.24 -12.37 -18.63
N GLN D 148 24.16 -11.63 -18.85
CA GLN D 148 24.28 -10.34 -19.52
C GLN D 148 25.17 -9.39 -18.73
N ARG D 149 25.03 -9.40 -17.40
CA ARG D 149 25.87 -8.54 -16.57
C ARG D 149 27.33 -8.96 -16.65
N GLU D 150 27.59 -10.27 -16.74
CA GLU D 150 28.95 -10.79 -16.67
C GLU D 150 29.64 -10.93 -18.02
N LEU D 151 28.91 -10.82 -19.12
CA LEU D 151 29.48 -11.06 -20.45
C LEU D 151 29.58 -9.77 -21.24
N GLU D 152 30.54 -9.75 -22.17
CA GLU D 152 30.77 -8.59 -23.03
C GLU D 152 29.96 -8.72 -24.31
N ASN D 153 29.39 -7.59 -24.75
CA ASN D 153 28.61 -7.50 -25.98
C ASN D 153 27.42 -8.45 -26.00
N ALA D 154 26.93 -8.85 -24.83
CA ALA D 154 25.77 -9.73 -24.75
C ALA D 154 24.49 -8.90 -24.72
N HIS D 155 23.42 -9.48 -25.29
CA HIS D 155 22.12 -8.81 -25.33
C HIS D 155 21.02 -9.81 -25.03
N ILE D 156 19.98 -9.34 -24.34
CA ILE D 156 18.75 -10.10 -24.13
C ILE D 156 17.61 -9.37 -24.80
N LEU D 157 16.87 -10.08 -25.65
CA LEU D 157 15.73 -9.50 -26.33
C LEU D 157 14.43 -9.68 -25.54
N ASP D 158 14.42 -10.58 -24.55
CA ASP D 158 13.36 -10.66 -23.55
C ASP D 158 11.98 -10.86 -24.19
N GLN D 159 11.83 -12.03 -24.83
CA GLN D 159 10.56 -12.39 -25.45
C GLN D 159 9.38 -12.26 -24.49
N TYR D 160 9.63 -12.28 -23.17
CA TYR D 160 8.57 -12.08 -22.21
C TYR D 160 8.10 -10.63 -22.15
N ASN D 161 8.93 -9.69 -22.58
CA ASN D 161 8.57 -8.28 -22.57
C ASN D 161 8.73 -7.59 -23.93
N ASN D 162 9.31 -8.26 -24.93
CA ASN D 162 9.52 -7.63 -26.23
C ASN D 162 8.20 -7.48 -26.96
N THR D 163 7.89 -6.24 -27.38
CA THR D 163 6.63 -5.97 -28.05
C THR D 163 6.60 -6.46 -29.49
N ALA D 164 7.73 -6.94 -30.02
CA ALA D 164 7.73 -7.55 -31.35
C ALA D 164 6.96 -8.86 -31.34
N ASN D 165 7.15 -9.69 -30.32
CA ASN D 165 6.50 -10.99 -30.21
C ASN D 165 4.99 -10.94 -30.45
N PRO D 166 4.21 -10.10 -29.76
CA PRO D 166 2.77 -10.07 -30.07
C PRO D 166 2.44 -9.39 -31.38
N MET D 167 3.17 -8.33 -31.73
CA MET D 167 2.84 -7.55 -32.91
C MET D 167 3.10 -8.31 -34.21
N VAL D 168 3.98 -9.31 -34.19
CA VAL D 168 4.21 -10.10 -35.40
C VAL D 168 3.00 -11.01 -35.67
N HIS D 169 2.57 -11.75 -34.66
CA HIS D 169 1.34 -12.53 -34.79
C HIS D 169 0.13 -11.64 -35.07
N TYR D 170 0.20 -10.38 -34.62
CA TYR D 170 -0.84 -9.42 -34.97
C TYR D 170 -0.77 -9.02 -36.44
N ASP D 171 0.43 -8.99 -37.01
CA ASP D 171 0.66 -8.49 -38.36
C ASP D 171 0.64 -9.59 -39.41
N VAL D 172 1.36 -10.68 -39.17
CA VAL D 172 1.60 -11.71 -40.17
C VAL D 172 0.77 -12.97 -39.91
N THR D 173 0.85 -13.51 -38.70
CA THR D 173 0.22 -14.80 -38.42
C THR D 173 -1.30 -14.69 -38.51
N ALA D 174 -1.89 -13.71 -37.81
CA ALA D 174 -3.33 -13.55 -37.84
C ALA D 174 -3.84 -13.22 -39.24
N GLU D 175 -3.07 -12.42 -39.99
CA GLU D 175 -3.43 -12.15 -41.38
C GLU D 175 -3.39 -13.42 -42.21
N GLU D 176 -2.42 -14.29 -41.95
CA GLU D 176 -2.37 -15.58 -42.64
C GLU D 176 -3.62 -16.41 -42.34
N ILE D 177 -3.98 -16.50 -41.06
CA ILE D 177 -5.16 -17.27 -40.67
C ILE D 177 -6.41 -16.70 -41.31
N ILE D 178 -6.54 -15.37 -41.33
CA ILE D 178 -7.74 -14.74 -41.88
C ILE D 178 -7.82 -14.94 -43.38
N THR D 179 -6.68 -14.79 -44.08
CA THR D 179 -6.67 -15.00 -45.52
C THR D 179 -6.98 -16.45 -45.86
N GLN D 180 -6.51 -17.39 -45.04
CA GLN D 180 -6.78 -18.80 -45.33
C GLN D 180 -8.23 -19.16 -45.03
N CYS D 181 -8.83 -18.53 -44.02
CA CYS D 181 -10.24 -18.76 -43.72
C CYS D 181 -11.17 -17.78 -44.43
N ASP D 182 -10.62 -16.86 -45.22
CA ASP D 182 -11.41 -15.89 -45.98
C ASP D 182 -12.27 -15.00 -45.08
N GLY D 183 -11.82 -14.80 -43.84
CA GLY D 183 -12.50 -13.93 -42.90
C GLY D 183 -13.46 -14.63 -41.96
N ASP D 184 -14.12 -15.69 -42.42
CA ASP D 184 -15.10 -16.39 -41.61
C ASP D 184 -14.39 -17.27 -40.59
N ILE D 185 -14.27 -16.76 -39.37
CA ILE D 185 -13.74 -17.52 -38.24
C ILE D 185 -14.61 -17.24 -37.03
N ASP D 186 -15.07 -18.31 -36.37
CA ASP D 186 -15.96 -18.19 -35.22
C ASP D 186 -15.25 -18.36 -33.88
N MET D 187 -14.33 -19.31 -33.78
CA MET D 187 -13.60 -19.53 -32.53
C MET D 187 -12.12 -19.78 -32.85
N VAL D 188 -11.26 -19.29 -31.96
CA VAL D 188 -9.81 -19.48 -32.08
C VAL D 188 -9.28 -19.89 -30.71
N VAL D 189 -8.66 -21.06 -30.63
CA VAL D 189 -8.18 -21.62 -29.38
C VAL D 189 -6.66 -21.69 -29.45
N ILE D 190 -5.99 -21.10 -28.45
CA ILE D 190 -4.53 -20.95 -28.47
C ILE D 190 -3.98 -21.27 -27.09
N GLY D 191 -2.84 -21.96 -27.05
CA GLY D 191 -2.15 -22.19 -25.79
C GLY D 191 -1.43 -20.93 -25.33
N ALA D 192 -1.44 -20.72 -24.01
CA ALA D 192 -0.92 -19.50 -23.40
C ALA D 192 0.43 -19.79 -22.74
N GLY D 193 1.50 -19.36 -23.40
CA GLY D 193 2.83 -19.39 -22.79
C GLY D 193 3.25 -18.00 -22.38
N THR D 194 4.11 -17.37 -23.17
CA THR D 194 4.39 -15.95 -22.97
C THR D 194 3.17 -15.10 -23.25
N GLY D 195 2.21 -15.62 -24.02
CA GLY D 195 0.97 -14.92 -24.32
C GLY D 195 1.02 -14.01 -25.54
N GLY D 196 2.17 -13.92 -26.22
CA GLY D 196 2.26 -13.02 -27.36
C GLY D 196 1.42 -13.46 -28.55
N THR D 197 1.50 -14.75 -28.88
CA THR D 197 0.80 -15.26 -30.05
C THR D 197 -0.71 -15.10 -29.90
N ILE D 198 -1.24 -15.55 -28.76
CA ILE D 198 -2.69 -15.52 -28.55
C ILE D 198 -3.18 -14.07 -28.54
N THR D 199 -2.49 -13.19 -27.83
CA THR D 199 -2.87 -11.78 -27.80
C THR D 199 -2.88 -11.18 -29.20
N GLY D 200 -1.75 -11.31 -29.91
CA GLY D 200 -1.67 -10.70 -31.24
C GLY D 200 -2.75 -11.19 -32.18
N ILE D 201 -2.87 -12.52 -32.33
CA ILE D 201 -3.81 -13.03 -33.32
C ILE D 201 -5.25 -12.78 -32.89
N GLY D 202 -5.57 -12.98 -31.61
CA GLY D 202 -6.91 -12.70 -31.14
C GLY D 202 -7.32 -11.26 -31.34
N ARG D 203 -6.41 -10.32 -31.05
CA ARG D 203 -6.74 -8.90 -31.24
C ARG D 203 -6.92 -8.58 -32.72
N LYS D 204 -6.02 -9.06 -33.57
CA LYS D 204 -6.15 -8.79 -35.00
C LYS D 204 -7.42 -9.42 -35.56
N ILE D 205 -7.84 -10.56 -35.01
CA ILE D 205 -9.05 -11.22 -35.48
C ILE D 205 -10.28 -10.48 -34.99
N LYS D 206 -10.27 -10.02 -33.74
CA LYS D 206 -11.38 -9.22 -33.23
C LYS D 206 -11.52 -7.92 -34.00
N GLU D 207 -10.40 -7.40 -34.52
CA GLU D 207 -10.46 -6.20 -35.35
C GLU D 207 -11.18 -6.46 -36.67
N ARG D 208 -10.82 -7.55 -37.37
CA ARG D 208 -11.38 -7.84 -38.67
C ARG D 208 -12.57 -8.78 -38.62
N CYS D 209 -12.74 -9.52 -37.53
CA CYS D 209 -13.88 -10.42 -37.35
C CYS D 209 -14.29 -10.36 -35.89
N PRO D 210 -15.03 -9.32 -35.49
CA PRO D 210 -15.37 -9.15 -34.06
C PRO D 210 -16.26 -10.25 -33.51
N LYS D 211 -17.00 -10.96 -34.35
CA LYS D 211 -17.85 -12.04 -33.86
C LYS D 211 -17.05 -13.24 -33.35
N CYS D 212 -15.78 -13.35 -33.75
CA CYS D 212 -14.98 -14.51 -33.40
C CYS D 212 -14.67 -14.54 -31.90
N LYS D 213 -14.91 -15.69 -31.28
CA LYS D 213 -14.52 -15.90 -29.90
C LYS D 213 -13.05 -16.33 -29.82
N VAL D 214 -12.40 -15.96 -28.73
CA VAL D 214 -11.01 -16.30 -28.49
C VAL D 214 -10.93 -17.02 -27.15
N VAL D 215 -10.49 -18.28 -27.17
CA VAL D 215 -10.37 -19.11 -25.99
C VAL D 215 -8.89 -19.41 -25.77
N GLY D 216 -8.43 -19.28 -24.53
CA GLY D 216 -7.04 -19.55 -24.18
C GLY D 216 -6.92 -20.85 -23.42
N VAL D 217 -5.82 -21.56 -23.68
CA VAL D 217 -5.54 -22.85 -23.05
C VAL D 217 -4.28 -22.70 -22.22
N ASP D 218 -4.37 -23.00 -20.93
CA ASP D 218 -3.23 -22.97 -20.03
C ASP D 218 -3.22 -24.24 -19.20
N PRO D 219 -2.06 -24.84 -18.98
CA PRO D 219 -2.01 -26.12 -18.26
C PRO D 219 -2.32 -25.95 -16.80
N LYS D 220 -2.84 -27.04 -16.21
CA LYS D 220 -3.11 -27.06 -14.77
C LYS D 220 -1.80 -26.91 -14.02
N GLY D 221 -1.62 -25.78 -13.34
CA GLY D 221 -0.35 -25.46 -12.71
C GLY D 221 -0.01 -24.01 -12.90
N SER D 222 -0.49 -23.42 -13.98
CA SER D 222 -0.25 -22.01 -14.27
C SER D 222 -1.28 -21.13 -13.57
N ILE D 223 -1.02 -19.83 -13.56
CA ILE D 223 -1.89 -18.86 -12.93
C ILE D 223 -2.34 -17.83 -13.96
N LEU D 224 -2.34 -18.22 -15.23
CA LEU D 224 -2.72 -17.33 -16.31
C LEU D 224 -4.21 -17.35 -16.61
N ALA D 225 -4.96 -18.32 -16.08
CA ALA D 225 -6.38 -18.40 -16.36
C ALA D 225 -7.14 -17.30 -15.63
N VAL D 226 -8.32 -16.98 -16.15
CA VAL D 226 -9.20 -15.99 -15.55
C VAL D 226 -10.59 -16.58 -15.37
N PRO D 227 -11.16 -16.56 -14.16
CA PRO D 227 -10.53 -16.06 -12.93
C PRO D 227 -9.60 -17.10 -12.29
N ASP D 228 -9.06 -16.78 -11.12
CA ASP D 228 -8.19 -17.72 -10.43
C ASP D 228 -8.90 -18.97 -9.96
N SER D 229 -10.24 -18.95 -9.89
CA SER D 229 -10.98 -20.11 -9.43
C SER D 229 -10.74 -21.35 -10.30
N LEU D 230 -10.15 -21.20 -11.48
CA LEU D 230 -9.85 -22.34 -12.33
C LEU D 230 -8.49 -22.97 -12.05
N ASN D 231 -7.55 -22.24 -11.45
CA ASN D 231 -6.23 -22.83 -11.19
C ASN D 231 -6.13 -23.55 -9.85
N ASP D 232 -7.01 -23.23 -8.89
CA ASP D 232 -6.91 -23.77 -7.54
C ASP D 232 -6.84 -25.30 -7.51
N GLU D 233 -7.18 -25.96 -8.61
CA GLU D 233 -6.98 -27.39 -8.74
C GLU D 233 -5.53 -27.79 -8.48
N LYS D 234 -4.60 -27.23 -9.26
CA LYS D 234 -3.18 -27.58 -9.21
C LYS D 234 -2.30 -26.34 -9.21
N ARG D 235 -2.59 -25.38 -8.33
CA ARG D 235 -1.86 -24.12 -8.30
C ARG D 235 -0.38 -24.34 -8.05
N LEU D 236 0.44 -23.93 -9.02
CA LEU D 236 1.91 -23.95 -8.96
C LEU D 236 2.45 -25.37 -8.76
N GLN D 237 1.77 -26.36 -9.31
CA GLN D 237 2.27 -27.73 -9.36
C GLN D 237 2.91 -27.98 -10.71
N SER D 238 4.12 -28.53 -10.71
CA SER D 238 4.84 -28.77 -11.95
C SER D 238 4.07 -29.72 -12.86
N TYR D 239 4.22 -29.52 -14.17
CA TYR D 239 3.56 -30.34 -15.18
C TYR D 239 4.59 -30.76 -16.22
N GLU D 240 4.25 -31.81 -16.97
CA GLU D 240 5.17 -32.37 -17.96
C GLU D 240 5.09 -31.66 -19.32
N VAL D 241 3.94 -31.07 -19.64
CA VAL D 241 3.83 -30.34 -20.91
C VAL D 241 4.79 -29.16 -20.92
N GLU D 242 5.45 -28.94 -22.05
CA GLU D 242 6.45 -27.90 -22.20
C GLU D 242 5.97 -26.86 -23.20
N GLY D 243 6.10 -25.58 -22.82
CA GLY D 243 5.86 -24.47 -23.73
C GLY D 243 4.77 -23.52 -23.26
N ILE D 244 3.81 -24.02 -22.48
CA ILE D 244 2.66 -23.23 -22.06
C ILE D 244 2.65 -23.12 -20.53
N GLY D 245 2.03 -22.05 -20.05
CA GLY D 245 1.86 -21.84 -18.62
C GLY D 245 3.10 -21.29 -17.93
N TYR D 246 2.89 -20.44 -16.94
CA TYR D 246 3.98 -19.87 -16.16
C TYR D 246 3.48 -19.58 -14.75
N ASP D 247 4.43 -19.24 -13.88
CA ASP D 247 4.13 -18.87 -12.50
C ASP D 247 3.98 -17.36 -12.32
N PHE D 248 3.71 -16.64 -13.40
CA PHE D 248 3.57 -15.19 -13.39
C PHE D 248 3.00 -14.76 -14.72
N VAL D 249 2.36 -13.59 -14.72
CA VAL D 249 1.79 -13.03 -15.95
C VAL D 249 2.90 -12.30 -16.68
N PRO D 250 3.29 -12.74 -17.88
CA PRO D 250 4.34 -12.04 -18.62
C PRO D 250 3.89 -10.66 -19.05
N GLY D 251 4.87 -9.80 -19.33
CA GLY D 251 4.57 -8.44 -19.72
C GLY D 251 3.82 -8.34 -21.03
N VAL D 252 3.97 -9.34 -21.89
CA VAL D 252 3.36 -9.31 -23.21
C VAL D 252 1.91 -9.79 -23.20
N LEU D 253 1.53 -10.60 -22.22
CA LEU D 253 0.20 -11.21 -22.20
C LEU D 253 -0.84 -10.19 -21.78
N ASP D 254 -1.74 -9.84 -22.71
CA ASP D 254 -2.89 -8.99 -22.44
C ASP D 254 -4.10 -9.91 -22.26
N ARG D 255 -4.38 -10.27 -21.00
CA ARG D 255 -5.44 -11.21 -20.70
C ARG D 255 -6.83 -10.67 -21.00
N LYS D 256 -6.95 -9.36 -21.31
CA LYS D 256 -8.24 -8.78 -21.62
C LYS D 256 -8.75 -9.13 -23.01
N VAL D 257 -7.88 -9.65 -23.88
CA VAL D 257 -8.32 -9.98 -25.23
C VAL D 257 -9.11 -11.28 -25.26
N VAL D 258 -8.84 -12.20 -24.34
CA VAL D 258 -9.44 -13.53 -24.36
C VAL D 258 -10.69 -13.54 -23.50
N ASP D 259 -11.72 -14.23 -23.99
CA ASP D 259 -13.00 -14.34 -23.28
C ASP D 259 -12.99 -15.54 -22.32
N GLU D 260 -12.72 -16.73 -22.84
CA GLU D 260 -12.79 -17.96 -22.08
C GLU D 260 -11.39 -18.50 -21.80
N TRP D 261 -11.28 -19.27 -20.72
CA TRP D 261 -10.05 -19.96 -20.36
C TRP D 261 -10.38 -21.42 -20.07
N VAL D 262 -9.52 -22.32 -20.53
CA VAL D 262 -9.72 -23.75 -20.38
C VAL D 262 -8.47 -24.36 -19.76
N LYS D 263 -8.63 -25.07 -18.65
CA LYS D 263 -7.53 -25.77 -18.01
C LYS D 263 -7.42 -27.19 -18.56
N VAL D 264 -6.18 -27.60 -18.84
CA VAL D 264 -5.90 -28.92 -19.40
C VAL D 264 -4.76 -29.56 -18.60
N GLY D 265 -4.92 -30.86 -18.30
CA GLY D 265 -3.88 -31.61 -17.65
C GLY D 265 -2.90 -32.21 -18.63
N ASP D 266 -1.88 -32.88 -18.08
CA ASP D 266 -0.87 -33.53 -18.92
C ASP D 266 -1.46 -34.72 -19.66
N ALA D 267 -2.23 -35.56 -18.96
CA ALA D 267 -2.77 -36.77 -19.57
C ALA D 267 -3.64 -36.44 -20.78
N GLU D 268 -4.57 -35.49 -20.63
CA GLU D 268 -5.44 -35.12 -21.73
C GLU D 268 -4.63 -34.56 -22.90
N SER D 269 -3.65 -33.69 -22.61
CA SER D 269 -2.83 -33.09 -23.66
C SER D 269 -2.10 -34.16 -24.46
N PHE D 270 -1.44 -35.09 -23.76
CA PHE D 270 -0.64 -36.10 -24.46
C PHE D 270 -1.54 -37.09 -25.20
N THR D 271 -2.66 -37.48 -24.60
CA THR D 271 -3.58 -38.38 -25.29
C THR D 271 -4.14 -37.75 -26.55
N THR D 272 -4.49 -36.46 -26.49
CA THR D 272 -5.00 -35.78 -27.67
C THR D 272 -3.92 -35.56 -28.72
N ALA D 273 -2.68 -35.31 -28.30
CA ALA D 273 -1.59 -35.21 -29.27
C ALA D 273 -1.38 -36.53 -30.00
N ARG D 274 -1.38 -37.64 -29.26
CA ARG D 274 -1.23 -38.94 -29.91
C ARG D 274 -2.42 -39.24 -30.81
N ALA D 275 -3.62 -38.81 -30.40
CA ALA D 275 -4.80 -39.00 -31.24
C ALA D 275 -4.69 -38.18 -32.53
N ILE D 276 -4.15 -36.97 -32.43
CA ILE D 276 -3.88 -36.16 -33.62
C ILE D 276 -2.95 -36.90 -34.56
N ILE D 277 -1.83 -37.38 -34.04
CA ILE D 277 -0.86 -38.11 -34.86
C ILE D 277 -1.52 -39.32 -35.50
N ARG D 278 -2.39 -40.00 -34.75
CA ARG D 278 -3.01 -41.24 -35.25
C ARG D 278 -4.03 -40.96 -36.34
N ASN D 279 -4.89 -39.96 -36.15
CA ASN D 279 -6.05 -39.79 -37.03
C ASN D 279 -5.78 -38.82 -38.17
N GLU D 280 -5.01 -37.76 -37.95
CA GLU D 280 -4.77 -36.77 -38.98
C GLU D 280 -3.42 -36.91 -39.66
N GLY D 281 -2.42 -37.44 -38.96
CA GLY D 281 -1.09 -37.56 -39.53
C GLY D 281 -0.28 -36.30 -39.41
N LEU D 282 -0.42 -35.58 -38.30
CA LEU D 282 0.32 -34.34 -38.05
C LEU D 282 1.26 -34.60 -36.87
N PHE D 283 2.56 -34.61 -37.16
CA PHE D 283 3.59 -34.87 -36.15
C PHE D 283 3.73 -33.62 -35.28
N VAL D 284 2.99 -33.60 -34.18
CA VAL D 284 2.84 -32.40 -33.36
C VAL D 284 3.28 -32.71 -31.93
N GLY D 285 3.39 -31.65 -31.13
CA GLY D 285 3.86 -31.76 -29.76
C GLY D 285 2.72 -31.83 -28.76
N GLY D 286 3.10 -31.82 -27.49
CA GLY D 286 2.11 -31.96 -26.43
C GLY D 286 1.22 -30.74 -26.30
N SER D 287 1.82 -29.54 -26.38
CA SER D 287 1.04 -28.31 -26.32
C SER D 287 -0.03 -28.26 -27.41
N SER D 288 0.25 -28.88 -28.57
CA SER D 288 -0.76 -28.95 -29.61
C SER D 288 -1.94 -29.82 -29.18
N GLY D 289 -1.64 -30.94 -28.50
CA GLY D 289 -2.72 -31.74 -27.93
C GLY D 289 -3.51 -31.00 -26.88
N ALA D 290 -2.83 -30.21 -26.05
CA ALA D 290 -3.53 -29.37 -25.07
C ALA D 290 -4.47 -28.39 -25.76
N ASN D 291 -3.96 -27.69 -26.78
CA ASN D 291 -4.79 -26.75 -27.52
C ASN D 291 -5.98 -27.44 -28.16
N VAL D 292 -5.78 -28.64 -28.71
CA VAL D 292 -6.86 -29.33 -29.39
C VAL D 292 -7.91 -29.83 -28.40
N TRP D 293 -7.47 -30.28 -27.21
CA TRP D 293 -8.44 -30.66 -26.18
C TRP D 293 -9.23 -29.44 -25.72
N GLY D 294 -8.56 -28.31 -25.53
CA GLY D 294 -9.27 -27.08 -25.18
C GLY D 294 -10.27 -26.68 -26.26
N ALA D 295 -9.90 -26.83 -27.53
CA ALA D 295 -10.82 -26.53 -28.62
C ALA D 295 -12.01 -27.47 -28.61
N LEU D 296 -11.77 -28.77 -28.40
CA LEU D 296 -12.86 -29.73 -28.35
C LEU D 296 -13.80 -29.45 -27.19
N GLN D 297 -13.28 -28.91 -26.10
CA GLN D 297 -14.13 -28.57 -24.96
C GLN D 297 -14.83 -27.23 -25.12
N ALA D 298 -14.27 -26.31 -25.90
CA ALA D 298 -14.87 -24.98 -26.04
C ALA D 298 -15.84 -24.88 -27.22
N ALA D 299 -15.46 -25.42 -28.38
CA ALA D 299 -16.29 -25.33 -29.58
C ALA D 299 -17.29 -26.48 -29.69
N ARG D 300 -17.50 -27.23 -28.60
CA ARG D 300 -18.46 -28.34 -28.64
C ARG D 300 -19.87 -27.83 -28.93
N GLN D 301 -20.18 -26.61 -28.50
CA GLN D 301 -21.51 -26.03 -28.66
C GLN D 301 -21.75 -25.47 -30.06
N LEU D 302 -20.72 -25.38 -30.89
CA LEU D 302 -20.88 -24.83 -32.23
C LEU D 302 -21.58 -25.83 -33.14
N LYS D 303 -22.03 -25.34 -34.28
CA LYS D 303 -22.78 -26.13 -35.24
C LYS D 303 -22.03 -26.21 -36.58
N LYS D 304 -22.66 -26.86 -37.55
CA LYS D 304 -22.04 -27.06 -38.86
C LYS D 304 -21.79 -25.71 -39.54
N GLY D 305 -20.76 -25.68 -40.37
CA GLY D 305 -20.40 -24.47 -41.11
C GLY D 305 -19.40 -23.57 -40.44
N GLN D 306 -19.59 -23.29 -39.15
CA GLN D 306 -18.65 -22.46 -38.41
C GLN D 306 -17.29 -23.14 -38.34
N LYS D 307 -16.25 -22.32 -38.19
CA LYS D 307 -14.87 -22.77 -38.21
C LYS D 307 -14.21 -22.47 -36.87
N CYS D 308 -13.56 -23.49 -36.29
CA CYS D 308 -12.80 -23.34 -35.05
C CYS D 308 -11.32 -23.52 -35.37
N VAL D 309 -10.53 -22.47 -35.22
CA VAL D 309 -9.11 -22.47 -35.57
C VAL D 309 -8.30 -22.81 -34.33
N VAL D 310 -7.36 -23.75 -34.47
CA VAL D 310 -6.50 -24.18 -33.39
C VAL D 310 -5.06 -24.13 -33.85
N LEU D 311 -4.17 -23.67 -32.99
CA LEU D 311 -2.75 -23.59 -33.31
C LEU D 311 -2.02 -24.84 -32.85
N LEU D 312 -1.10 -25.32 -33.67
CA LEU D 312 -0.24 -26.45 -33.33
C LEU D 312 1.18 -25.91 -33.20
N PRO D 313 1.64 -25.62 -31.99
CA PRO D 313 2.89 -24.83 -31.84
C PRO D 313 4.14 -25.48 -32.40
N ASP D 314 4.46 -26.69 -31.96
CA ASP D 314 5.73 -27.31 -32.32
C ASP D 314 5.51 -28.77 -32.71
N SER D 315 6.54 -29.35 -33.33
CA SER D 315 6.44 -30.68 -33.92
C SER D 315 6.85 -31.75 -32.91
N SER D 316 6.73 -33.01 -33.33
CA SER D 316 7.11 -34.15 -32.51
C SER D 316 8.61 -34.30 -32.34
N ARG D 317 9.41 -33.59 -33.15
CA ARG D 317 10.86 -33.74 -33.09
C ARG D 317 11.39 -33.46 -31.69
N ASN D 318 10.87 -32.43 -31.03
CA ASN D 318 11.34 -32.08 -29.69
C ASN D 318 10.95 -33.11 -28.63
N TYR D 319 10.00 -34.00 -28.93
CA TYR D 319 9.56 -35.00 -27.95
C TYR D 319 9.60 -36.40 -28.54
N MET D 320 10.57 -36.67 -29.42
CA MET D 320 10.66 -38.00 -30.04
C MET D 320 10.82 -39.09 -28.99
N SER D 321 11.80 -38.94 -28.11
CA SER D 321 12.02 -39.91 -27.05
C SER D 321 11.17 -39.64 -25.81
N LYS D 322 10.50 -38.50 -25.73
CA LYS D 322 9.77 -38.18 -24.50
C LYS D 322 8.38 -38.82 -24.48
N PHE D 323 7.50 -38.46 -25.42
CA PHE D 323 6.12 -38.90 -25.33
C PHE D 323 5.66 -39.70 -26.54
N ILE D 324 6.40 -39.72 -27.65
CA ILE D 324 6.08 -40.65 -28.72
C ILE D 324 6.29 -42.08 -28.26
N SER D 325 7.35 -42.32 -27.48
CA SER D 325 7.61 -43.65 -26.95
C SER D 325 6.56 -44.03 -25.91
N ASP D 326 5.92 -45.19 -26.12
CA ASP D 326 4.88 -45.65 -25.21
C ASP D 326 5.41 -45.99 -23.82
N GLU D 327 6.70 -46.34 -23.72
CA GLU D 327 7.26 -46.71 -22.42
C GLU D 327 7.22 -45.55 -21.44
N TRP D 328 7.56 -44.34 -21.91
CA TRP D 328 7.56 -43.17 -21.03
C TRP D 328 6.14 -42.77 -20.67
N MET D 329 5.21 -42.89 -21.62
CA MET D 329 3.82 -42.55 -21.34
C MET D 329 3.21 -43.53 -20.35
N ALA D 330 3.61 -44.80 -20.40
CA ALA D 330 3.20 -45.76 -19.37
C ALA D 330 3.88 -45.48 -18.04
N GLU D 331 5.13 -45.03 -18.05
CA GLU D 331 5.83 -44.69 -16.82
C GLU D 331 5.15 -43.55 -16.07
N HIS D 332 4.44 -42.68 -16.79
CA HIS D 332 3.73 -41.57 -16.19
C HIS D 332 2.24 -41.84 -16.05
N GLY D 333 1.78 -43.04 -16.40
CA GLY D 333 0.39 -43.44 -16.26
C GLY D 333 -0.58 -42.59 -17.04
N PHE D 334 -0.34 -42.45 -18.34
CA PHE D 334 -1.21 -41.70 -19.23
C PHE D 334 -1.89 -42.66 -20.20
N ALA D 335 -3.19 -42.48 -20.38
CA ALA D 335 -3.95 -43.27 -21.34
C ALA D 335 -3.39 -43.05 -22.75
N PRO D 336 -2.82 -44.08 -23.39
CA PRO D 336 -2.11 -43.85 -24.65
C PRO D 336 -2.99 -43.33 -25.77
N GLU D 337 -4.08 -44.05 -26.07
CA GLU D 337 -5.02 -43.65 -27.11
C GLU D 337 -6.20 -44.60 -27.15
N ASP D 338 -7.34 -44.11 -27.64
CA ASP D 338 -8.48 -44.99 -27.87
C ASP D 338 -8.13 -46.07 -28.89
N GLY D 339 -7.63 -45.65 -30.06
CA GLY D 339 -7.12 -46.59 -31.03
C GLY D 339 -5.62 -46.46 -31.19
N ALA D 340 -4.90 -47.47 -30.71
CA ALA D 340 -3.45 -47.49 -30.79
C ALA D 340 -3.00 -48.95 -30.77
N LYS D 341 -1.69 -49.16 -30.93
CA LYS D 341 -1.17 -50.52 -30.97
C LYS D 341 -1.18 -51.16 -29.59
N VAL D 342 -0.97 -50.35 -28.54
CA VAL D 342 -0.90 -50.90 -27.18
C VAL D 342 -2.24 -51.52 -26.79
N LYS D 343 -3.33 -50.76 -26.92
CA LYS D 343 -4.64 -51.28 -26.55
C LYS D 343 -5.09 -52.38 -27.50
N GLU D 344 -4.73 -52.28 -28.78
CA GLU D 344 -5.07 -53.34 -29.73
C GLU D 344 -4.43 -54.65 -29.33
N ARG D 345 -3.14 -54.62 -28.96
CA ARG D 345 -2.46 -55.84 -28.53
C ARG D 345 -2.99 -56.33 -27.19
N GLU D 346 -3.30 -55.42 -26.27
CA GLU D 346 -3.90 -55.82 -25.01
C GLU D 346 -5.23 -56.54 -25.22
N LYS D 347 -6.01 -56.08 -26.21
CA LYS D 347 -7.30 -56.70 -26.49
C LYS D 347 -7.12 -58.05 -27.18
N GLN D 348 -6.27 -58.09 -28.21
CA GLN D 348 -6.15 -59.30 -29.03
C GLN D 348 -5.44 -60.42 -28.30
N PHE D 349 -4.42 -60.07 -27.50
CA PHE D 349 -3.61 -61.08 -26.82
C PHE D 349 -4.12 -61.35 -25.41
N GLY D 350 -4.42 -60.30 -24.66
CA GLY D 350 -4.86 -60.50 -23.28
C GLY D 350 -3.75 -61.07 -22.42
N GLY D 351 -4.13 -61.98 -21.53
CA GLY D 351 -3.19 -62.62 -20.63
C GLY D 351 -2.44 -63.80 -21.23
N ALA D 352 -2.47 -63.97 -22.54
CA ALA D 352 -1.79 -65.10 -23.16
C ALA D 352 -0.28 -64.94 -23.05
N ARG D 353 0.39 -66.04 -22.73
CA ARG D 353 1.85 -66.08 -22.60
C ARG D 353 2.44 -66.96 -23.68
N ILE D 354 3.78 -66.91 -23.78
CA ILE D 354 4.47 -67.67 -24.82
C ILE D 354 4.34 -69.16 -24.56
N ARG D 355 4.13 -69.56 -23.31
CA ARG D 355 3.89 -70.97 -23.01
C ARG D 355 2.61 -71.46 -23.68
N ASP D 356 1.55 -70.65 -23.67
CA ASP D 356 0.31 -71.03 -24.32
C ASP D 356 0.49 -71.15 -25.83
N LEU D 357 1.29 -70.25 -26.42
CA LEU D 357 1.52 -70.31 -27.86
C LEU D 357 2.31 -71.56 -28.23
N LEU D 358 3.35 -71.89 -27.45
CA LEU D 358 4.09 -73.13 -27.70
C LEU D 358 3.23 -74.36 -27.43
N SER D 359 2.23 -74.24 -26.57
CA SER D 359 1.32 -75.36 -26.31
C SER D 359 0.36 -75.55 -27.48
N GLU D 360 -0.08 -74.45 -28.08
CA GLU D 360 -0.99 -74.55 -29.22
C GLU D 360 -0.29 -75.17 -30.42
N THR D 361 0.99 -74.89 -30.59
CA THR D 361 1.76 -75.51 -31.67
C THR D 361 2.02 -76.97 -31.38
N GLY D 362 2.38 -77.29 -30.14
CA GLY D 362 2.64 -78.65 -29.72
C GLY D 362 4.08 -79.04 -29.48
N ALA D 363 5.00 -78.08 -29.36
CA ALA D 363 6.40 -78.35 -29.05
C ALA D 363 7.01 -79.31 -30.07
N THR D 364 7.03 -78.86 -31.33
CA THR D 364 7.50 -79.71 -32.42
C THR D 364 8.98 -80.06 -32.26
N SER D 365 9.79 -79.09 -31.86
CA SER D 365 11.24 -79.25 -31.92
C SER D 365 11.89 -78.13 -31.09
N ASP D 366 13.13 -78.36 -30.71
CA ASP D 366 13.91 -77.41 -29.93
C ASP D 366 15.09 -76.97 -30.78
N VAL D 367 15.12 -75.69 -31.15
CA VAL D 367 16.10 -75.11 -32.06
C VAL D 367 17.52 -75.55 -31.72
N PRO D 368 18.22 -76.21 -32.64
CA PRO D 368 19.60 -76.62 -32.37
C PRO D 368 20.51 -75.42 -32.21
N PHE D 369 21.57 -75.60 -31.43
CA PHE D 369 22.50 -74.53 -31.14
C PHE D 369 23.94 -75.00 -31.36
N VAL D 370 24.80 -74.06 -31.73
CA VAL D 370 26.18 -74.33 -32.11
C VAL D 370 27.10 -73.29 -31.49
N THR D 371 28.38 -73.65 -31.37
CA THR D 371 29.42 -72.91 -30.65
C THR D 371 29.87 -71.61 -31.34
N ALA D 372 29.23 -71.18 -32.43
CA ALA D 372 29.45 -69.90 -33.08
C ALA D 372 30.84 -69.77 -33.71
N ARG D 373 31.65 -70.84 -33.70
CA ARG D 373 32.91 -70.81 -34.44
C ARG D 373 33.07 -72.06 -35.30
N LEU D 374 31.99 -72.82 -35.51
CA LEU D 374 32.05 -73.99 -36.38
C LEU D 374 32.11 -73.56 -37.84
N SER D 375 32.87 -74.31 -38.64
CA SER D 375 32.99 -74.02 -40.06
C SER D 375 31.66 -74.24 -40.76
N VAL D 376 31.47 -73.52 -41.87
CA VAL D 376 30.23 -73.62 -42.64
C VAL D 376 30.07 -75.00 -43.25
N GLU D 377 31.18 -75.66 -43.61
CA GLU D 377 31.11 -77.01 -44.18
C GLU D 377 30.44 -77.97 -43.20
N ASP D 378 30.97 -78.07 -41.99
CA ASP D 378 30.42 -78.98 -41.01
C ASP D 378 29.03 -78.55 -40.57
N VAL D 379 28.75 -77.24 -40.58
CA VAL D 379 27.44 -76.78 -40.15
C VAL D 379 26.37 -77.16 -41.18
N ILE D 380 26.69 -77.05 -42.48
CA ILE D 380 25.73 -77.47 -43.48
C ILE D 380 25.59 -78.99 -43.51
N LYS D 381 26.69 -79.71 -43.27
CA LYS D 381 26.59 -81.17 -43.20
C LYS D 381 25.68 -81.60 -42.04
N MET D 382 25.89 -81.01 -40.86
CA MET D 382 25.06 -81.35 -39.71
C MET D 382 23.62 -80.91 -39.91
N MET D 383 23.39 -79.80 -40.62
CA MET D 383 22.03 -79.34 -40.86
C MET D 383 21.31 -80.24 -41.85
N HIS D 384 22.04 -80.78 -42.84
CA HIS D 384 21.45 -81.76 -43.74
C HIS D 384 21.19 -83.08 -43.04
N GLU D 385 22.06 -83.45 -42.09
CA GLU D 385 21.85 -84.70 -41.35
C GLU D 385 20.70 -84.57 -40.35
N THR D 386 20.45 -83.36 -39.84
CA THR D 386 19.40 -83.13 -38.85
C THR D 386 18.08 -82.70 -39.46
N LYS D 387 18.06 -82.33 -40.74
CA LYS D 387 16.90 -81.94 -41.55
C LYS D 387 16.35 -80.56 -41.20
N VAL D 388 16.88 -79.90 -40.18
CA VAL D 388 16.34 -78.60 -39.78
C VAL D 388 16.69 -77.54 -40.82
N LYS D 389 15.96 -76.42 -40.78
CA LYS D 389 16.19 -75.30 -41.68
C LYS D 389 17.00 -74.18 -41.04
N GLU D 390 16.55 -73.68 -39.89
CA GLU D 390 17.21 -72.58 -39.19
C GLU D 390 18.05 -73.14 -38.05
N VAL D 391 18.96 -72.29 -37.55
CA VAL D 391 19.83 -72.67 -36.45
C VAL D 391 20.13 -71.43 -35.62
N ILE D 392 20.45 -71.64 -34.35
CA ILE D 392 20.83 -70.58 -33.42
C ILE D 392 22.27 -70.82 -33.02
N VAL D 393 23.08 -69.77 -33.01
CA VAL D 393 24.48 -69.90 -32.65
C VAL D 393 24.62 -69.43 -31.22
N THR D 394 25.47 -70.11 -30.45
CA THR D 394 25.49 -69.88 -29.02
C THR D 394 26.36 -68.68 -28.66
N GLU D 395 26.37 -68.38 -27.37
CA GLU D 395 27.11 -67.24 -26.84
C GLU D 395 28.59 -67.59 -26.77
N ASP D 396 29.42 -66.78 -27.42
CA ASP D 396 30.86 -66.97 -27.45
C ASP D 396 31.55 -65.66 -27.08
N SER D 397 32.20 -65.65 -25.92
CA SER D 397 32.94 -64.48 -25.47
C SER D 397 34.14 -64.95 -24.65
N GLU D 398 34.91 -63.99 -24.14
CA GLU D 398 36.08 -64.29 -23.33
C GLU D 398 35.69 -64.93 -22.01
N GLY D 401 32.58 -61.47 -18.03
CA GLY D 401 31.44 -62.00 -18.75
C GLY D 401 31.64 -63.44 -19.20
N LYS D 402 30.65 -64.29 -18.90
CA LYS D 402 30.74 -65.69 -19.30
C LYS D 402 30.80 -65.83 -20.81
N THR D 403 29.74 -65.42 -21.50
CA THR D 403 29.60 -65.59 -22.95
C THR D 403 28.56 -64.61 -23.45
N LYS D 404 28.70 -64.21 -24.71
CA LYS D 404 27.84 -63.21 -25.33
C LYS D 404 27.15 -63.79 -26.56
N LEU D 405 25.82 -63.72 -26.58
CA LEU D 405 25.03 -64.33 -27.63
C LEU D 405 25.25 -63.62 -28.97
N VAL D 406 25.29 -64.39 -30.05
CA VAL D 406 25.56 -63.84 -31.39
C VAL D 406 24.29 -63.74 -32.22
N GLY D 407 23.53 -64.81 -32.37
CA GLY D 407 22.28 -64.65 -33.08
C GLY D 407 21.80 -65.93 -33.75
N VAL D 408 21.05 -65.74 -34.83
CA VAL D 408 20.37 -66.78 -35.58
C VAL D 408 20.91 -66.81 -37.00
N LEU D 409 20.81 -67.97 -37.65
CA LEU D 409 21.30 -68.14 -39.01
C LEU D 409 20.49 -69.20 -39.73
N SER D 410 20.11 -68.91 -40.97
CA SER D 410 19.34 -69.82 -41.80
C SER D 410 20.18 -70.27 -42.99
N GLU D 411 19.93 -71.50 -43.45
CA GLU D 411 20.70 -72.05 -44.56
C GLU D 411 20.50 -71.23 -45.84
N ASP D 412 19.34 -70.61 -45.99
CA ASP D 412 19.09 -69.75 -47.15
C ASP D 412 20.12 -68.63 -47.22
N HIS D 413 20.28 -67.87 -46.13
CA HIS D 413 21.28 -66.82 -46.08
C HIS D 413 22.69 -67.40 -46.17
N ILE D 414 22.92 -68.58 -45.62
CA ILE D 414 24.22 -69.24 -45.73
C ILE D 414 24.61 -69.37 -47.21
N ALA D 415 23.74 -70.02 -48.00
CA ALA D 415 24.03 -70.22 -49.41
C ALA D 415 24.13 -68.89 -50.14
N HIS D 416 23.22 -67.95 -49.85
CA HIS D 416 23.20 -66.68 -50.58
C HIS D 416 24.43 -65.84 -50.30
N SER D 417 24.97 -65.91 -49.08
CA SER D 417 26.21 -65.21 -48.77
C SER D 417 27.42 -65.94 -49.31
N LEU D 418 27.37 -67.28 -49.37
CA LEU D 418 28.46 -68.03 -49.97
C LEU D 418 28.63 -67.69 -51.44
N GLN D 419 27.51 -67.67 -52.19
CA GLN D 419 27.58 -67.31 -53.60
C GLN D 419 27.84 -65.82 -53.82
N SER D 420 27.52 -64.98 -52.83
CA SER D 420 27.72 -63.54 -52.97
C SER D 420 29.17 -63.11 -52.81
N GLY D 421 30.09 -64.04 -52.55
CA GLY D 421 31.48 -63.68 -52.37
C GLY D 421 31.79 -62.91 -51.11
N ARG D 422 30.91 -62.98 -50.10
CA ARG D 422 31.15 -62.33 -48.82
C ARG D 422 31.33 -63.31 -47.68
N CYS D 423 31.00 -64.59 -47.89
CA CYS D 423 31.16 -65.63 -46.88
C CYS D 423 31.99 -66.76 -47.49
N ALA D 424 33.27 -66.80 -47.12
CA ALA D 424 34.14 -67.87 -47.60
C ALA D 424 33.78 -69.19 -46.91
N MET D 425 34.23 -70.29 -47.51
CA MET D 425 33.93 -71.60 -46.96
C MET D 425 34.65 -71.85 -45.64
N GLN D 426 35.82 -71.25 -45.45
CA GLN D 426 36.58 -71.37 -44.21
C GLN D 426 36.18 -70.32 -43.17
N SER D 427 35.15 -69.52 -43.45
CA SER D 427 34.76 -68.46 -42.53
C SER D 427 33.94 -69.02 -41.37
N PRO D 428 33.98 -68.36 -40.22
CA PRO D 428 33.16 -68.80 -39.07
C PRO D 428 31.70 -68.43 -39.26
N VAL D 429 30.85 -69.20 -38.58
CA VAL D 429 29.40 -69.03 -38.70
C VAL D 429 28.96 -67.69 -38.10
N LYS D 430 29.57 -67.29 -36.98
CA LYS D 430 29.17 -66.06 -36.29
C LYS D 430 29.26 -64.83 -37.19
N ASP D 431 30.07 -64.88 -38.24
CA ASP D 431 30.20 -63.75 -39.15
C ASP D 431 28.91 -63.50 -39.92
N ILE D 432 28.17 -64.56 -40.27
CA ILE D 432 27.02 -64.44 -41.16
C ILE D 432 25.70 -64.53 -40.40
N ALA D 433 25.74 -64.56 -39.08
CA ALA D 433 24.52 -64.68 -38.30
C ALA D 433 23.81 -63.32 -38.18
N PHE D 434 22.54 -63.38 -37.81
CA PHE D 434 21.73 -62.18 -37.60
C PHE D 434 21.92 -61.72 -36.15
N LYS D 435 22.34 -60.47 -35.98
CA LYS D 435 22.77 -60.00 -34.68
C LYS D 435 21.68 -59.33 -33.86
N LYS D 436 20.53 -59.00 -34.46
CA LYS D 436 19.42 -58.41 -33.73
C LYS D 436 18.51 -59.52 -33.23
N LEU D 437 18.36 -59.63 -31.92
CA LEU D 437 17.50 -60.66 -31.33
C LEU D 437 17.11 -60.21 -29.93
N ALA D 438 16.06 -60.83 -29.39
CA ALA D 438 15.54 -60.52 -28.07
C ALA D 438 15.38 -61.79 -27.24
N LYS D 439 15.89 -61.76 -26.02
CA LYS D 439 15.78 -62.92 -25.13
C LYS D 439 14.44 -62.88 -24.40
N ALA D 440 13.77 -64.03 -24.35
CA ALA D 440 12.48 -64.14 -23.68
C ALA D 440 12.43 -65.43 -22.88
N LEU D 441 11.36 -65.59 -22.12
CA LEU D 441 11.11 -66.78 -21.33
C LEU D 441 9.62 -67.08 -21.40
N PRO D 442 9.22 -68.36 -21.26
CA PRO D 442 7.83 -68.75 -21.53
C PRO D 442 6.75 -67.95 -20.80
N SER D 443 7.00 -67.43 -19.61
CA SER D 443 5.94 -66.72 -18.89
C SER D 443 5.67 -65.34 -19.45
N ALA D 444 6.49 -64.83 -20.36
CA ALA D 444 6.29 -63.49 -20.90
C ALA D 444 4.98 -63.43 -21.69
N TYR D 445 4.30 -62.29 -21.58
CA TYR D 445 3.02 -62.12 -22.27
C TYR D 445 3.23 -61.99 -23.77
N LEU D 446 2.14 -62.17 -24.52
CA LEU D 446 2.19 -61.98 -25.97
C LEU D 446 2.30 -60.51 -26.33
N ARG D 447 1.72 -59.63 -25.52
CA ARG D 447 1.79 -58.20 -25.84
C ARG D 447 3.21 -57.67 -25.69
N ASP D 448 3.94 -58.13 -24.67
CA ASP D 448 5.30 -57.63 -24.47
C ASP D 448 6.25 -58.16 -25.55
N VAL D 449 6.07 -59.41 -25.96
CA VAL D 449 6.93 -59.93 -27.04
C VAL D 449 6.54 -59.28 -28.36
N ALA D 450 5.26 -58.96 -28.57
CA ALA D 450 4.87 -58.23 -29.76
C ALA D 450 5.46 -56.83 -29.77
N LYS D 451 5.57 -56.20 -28.59
CA LYS D 451 6.23 -54.90 -28.49
C LYS D 451 7.72 -55.01 -28.79
N ALA D 452 8.37 -56.05 -28.26
CA ALA D 452 9.79 -56.24 -28.52
C ALA D 452 10.06 -56.57 -29.98
N LEU D 453 9.12 -57.21 -30.66
CA LEU D 453 9.27 -57.52 -32.09
C LEU D 453 9.24 -56.28 -32.97
N ASP D 454 8.82 -55.13 -32.45
CA ASP D 454 8.84 -53.90 -33.22
C ASP D 454 10.26 -53.41 -33.48
N PHE D 455 11.25 -53.90 -32.73
CA PHE D 455 12.63 -53.47 -32.87
C PHE D 455 13.59 -54.59 -33.26
N SER D 456 13.24 -55.85 -33.02
CA SER D 456 14.09 -56.98 -33.34
C SER D 456 13.32 -57.97 -34.21
N PRO D 457 13.96 -58.51 -35.25
CA PRO D 457 13.22 -59.45 -36.13
C PRO D 457 12.90 -60.77 -35.46
N TYR D 458 13.81 -61.34 -34.69
CA TYR D 458 13.59 -62.60 -34.01
C TYR D 458 13.55 -62.40 -32.50
N VAL D 459 12.85 -63.32 -31.83
CA VAL D 459 12.83 -63.38 -30.37
C VAL D 459 13.00 -64.83 -29.97
N CYS D 460 14.08 -65.13 -29.26
CA CYS D 460 14.41 -66.49 -28.85
C CYS D 460 14.21 -66.65 -27.34
N VAL D 461 13.70 -67.81 -26.95
CA VAL D 461 13.48 -68.10 -25.55
C VAL D 461 14.71 -68.82 -24.99
N MET D 462 14.88 -68.74 -23.68
CA MET D 462 16.00 -69.40 -23.02
C MET D 462 15.84 -69.41 -21.50
N ASP D 463 15.95 -70.58 -20.89
CA ASP D 463 15.88 -70.70 -19.45
C ASP D 463 17.28 -70.71 -18.83
N CYS D 493 21.47 -73.50 -17.35
CA CYS D 493 21.91 -73.85 -18.70
C CYS D 493 20.99 -73.21 -19.74
N PRO D 494 21.53 -72.90 -20.91
CA PRO D 494 20.69 -72.34 -21.99
C PRO D 494 19.81 -73.38 -22.65
N HIS D 495 18.52 -73.39 -22.32
CA HIS D 495 17.57 -74.37 -22.83
C HIS D 495 16.50 -73.60 -23.62
N PHE D 496 16.76 -73.40 -24.90
CA PHE D 496 15.78 -72.74 -25.75
C PHE D 496 14.61 -73.67 -26.06
N LEU D 497 13.41 -73.10 -26.13
CA LEU D 497 12.21 -73.87 -26.38
C LEU D 497 11.69 -73.72 -27.81
N GLY D 498 12.03 -72.62 -28.48
CA GLY D 498 11.61 -72.41 -29.85
C GLY D 498 11.97 -71.01 -30.30
N VAL D 499 11.69 -70.75 -31.57
CA VAL D 499 11.87 -69.43 -32.15
C VAL D 499 10.51 -68.87 -32.54
N ILE D 500 10.35 -67.57 -32.41
CA ILE D 500 9.07 -66.92 -32.61
C ILE D 500 9.26 -65.67 -33.47
N THR D 501 8.38 -65.49 -34.45
CA THR D 501 8.33 -64.32 -35.31
C THR D 501 6.92 -63.78 -35.33
N ARG D 502 6.75 -62.61 -35.97
CA ARG D 502 5.43 -62.00 -36.03
C ARG D 502 4.43 -62.89 -36.76
N ILE D 503 4.90 -63.63 -37.77
CA ILE D 503 4.04 -64.55 -38.49
C ILE D 503 3.51 -65.63 -37.55
N ASP D 504 4.33 -66.04 -36.57
CA ASP D 504 3.86 -66.99 -35.57
C ASP D 504 2.76 -66.38 -34.71
N LEU D 505 2.88 -65.09 -34.36
CA LEU D 505 1.83 -64.43 -33.60
C LEU D 505 0.55 -64.34 -34.41
N LEU D 506 0.65 -64.09 -35.72
CA LEU D 506 -0.54 -64.04 -36.55
C LEU D 506 -1.18 -65.42 -36.70
N HIS D 507 -0.35 -66.46 -36.81
CA HIS D 507 -0.87 -67.82 -36.86
C HIS D 507 -1.58 -68.19 -35.56
N TRP D 508 -1.03 -67.75 -34.42
CA TRP D 508 -1.71 -67.96 -33.14
C TRP D 508 -3.02 -67.19 -33.10
N LEU D 509 -3.04 -65.96 -33.62
CA LEU D 509 -4.27 -65.19 -33.72
C LEU D 509 -5.28 -65.86 -34.63
N ALA D 510 -4.83 -66.73 -35.54
CA ALA D 510 -5.75 -67.51 -36.36
C ALA D 510 -6.39 -68.66 -35.58
N THR D 511 -5.81 -69.05 -34.44
CA THR D 511 -6.41 -70.07 -33.59
C THR D 511 -7.49 -69.51 -32.67
N LYS D 512 -7.64 -68.20 -32.60
CA LYS D 512 -8.71 -67.57 -31.83
C LYS D 512 -9.69 -66.88 -32.77
N GLN D 513 -10.76 -66.36 -32.18
CA GLN D 513 -11.80 -65.68 -32.94
C GLN D 513 -12.21 -64.37 -32.27
N ALA E 6 -11.04 20.60 -23.54
CA ALA E 6 -10.46 20.92 -24.83
C ALA E 6 -9.14 21.67 -24.66
N ASP E 7 -8.82 22.52 -25.64
CA ASP E 7 -7.61 23.36 -25.60
C ASP E 7 -7.99 24.75 -26.10
N GLY E 8 -8.36 25.63 -25.18
CA GLY E 8 -8.69 26.99 -25.52
C GLY E 8 -7.67 28.06 -25.15
N PRO E 9 -7.06 27.99 -23.95
CA PRO E 9 -6.12 29.06 -23.55
C PRO E 9 -4.70 28.87 -24.04
N TYR E 10 -4.30 27.61 -24.27
CA TYR E 10 -2.92 27.31 -24.64
C TYR E 10 -2.82 26.64 -26.01
N SER E 11 -3.91 26.60 -26.78
CA SER E 11 -3.84 26.02 -28.12
C SER E 11 -2.92 26.80 -29.04
N GLY E 12 -2.67 28.07 -28.75
CA GLY E 12 -1.74 28.87 -29.52
C GLY E 12 -0.39 29.02 -28.83
N ILE E 13 0.43 29.90 -29.40
CA ILE E 13 1.71 30.27 -28.82
C ILE E 13 1.53 31.52 -27.98
N LEU E 14 2.36 31.66 -26.95
CA LEU E 14 2.29 32.77 -26.02
C LEU E 14 3.43 33.73 -26.27
N ASP E 15 3.13 35.03 -26.25
CA ASP E 15 4.14 36.02 -26.57
C ASP E 15 5.19 36.16 -25.47
N SER E 16 4.81 35.89 -24.22
CA SER E 16 5.74 36.01 -23.10
C SER E 16 5.20 35.19 -21.94
N VAL E 17 5.95 35.19 -20.84
CA VAL E 17 5.57 34.42 -19.67
C VAL E 17 4.38 35.06 -18.96
N LEU E 18 4.22 36.39 -19.09
CA LEU E 18 3.10 37.06 -18.45
C LEU E 18 1.76 36.55 -18.95
N ASP E 19 1.69 36.11 -20.20
CA ASP E 19 0.46 35.55 -20.76
C ASP E 19 0.20 34.12 -20.30
N ALA E 20 1.03 33.59 -19.40
CA ALA E 20 0.88 32.24 -18.88
C ALA E 20 0.46 32.23 -17.43
N ILE E 21 0.08 33.39 -16.89
CA ILE E 21 -0.33 33.53 -15.50
C ILE E 21 -1.83 33.31 -15.40
N GLY E 22 -2.25 32.65 -14.32
CA GLY E 22 -3.65 32.32 -14.15
C GLY E 22 -3.99 30.96 -14.72
N ASN E 23 -5.29 30.79 -15.01
CA ASN E 23 -5.82 29.55 -15.58
C ASN E 23 -5.46 28.34 -14.73
N THR E 24 -5.38 28.53 -13.42
CA THR E 24 -4.93 27.48 -12.52
C THR E 24 -6.07 26.47 -12.31
N PRO E 25 -5.79 25.18 -12.37
CA PRO E 25 -6.87 24.19 -12.23
C PRO E 25 -7.36 24.07 -10.79
N MET E 26 -8.57 23.54 -10.66
CA MET E 26 -9.19 23.29 -9.37
C MET E 26 -9.28 21.78 -9.17
N VAL E 27 -8.75 21.30 -8.04
CA VAL E 27 -8.68 19.86 -7.77
C VAL E 27 -9.52 19.54 -6.56
N ARG E 28 -10.18 18.39 -6.58
CA ARG E 28 -10.99 17.94 -5.47
C ARG E 28 -10.13 17.10 -4.53
N MET E 29 -10.08 17.51 -3.26
CA MET E 29 -9.26 16.82 -2.25
C MET E 29 -10.12 15.81 -1.49
N LYS E 30 -10.53 14.76 -2.23
CA LYS E 30 -11.33 13.70 -1.63
C LYS E 30 -10.54 12.95 -0.57
N ARG E 31 -9.28 12.62 -0.88
CA ARG E 31 -8.48 11.81 0.04
C ARG E 31 -8.17 12.57 1.32
N LEU E 32 -7.85 13.86 1.22
CA LEU E 32 -7.58 14.64 2.41
C LEU E 32 -8.83 14.78 3.28
N ALA E 33 -9.99 14.96 2.64
CA ALA E 33 -11.25 15.00 3.38
C ALA E 33 -11.50 13.69 4.10
N LYS E 34 -11.24 12.56 3.43
CA LYS E 34 -11.40 11.26 4.08
C LYS E 34 -10.44 11.12 5.26
N VAL E 35 -9.22 11.64 5.12
CA VAL E 35 -8.25 11.56 6.20
C VAL E 35 -8.73 12.37 7.41
N TYR E 36 -9.21 13.58 7.17
CA TYR E 36 -9.65 14.44 8.25
C TYR E 36 -11.12 14.27 8.60
N GLY E 37 -11.85 13.44 7.87
CA GLY E 37 -13.25 13.18 8.17
C GLY E 37 -14.17 14.32 7.80
N LEU E 38 -14.01 14.87 6.61
CA LEU E 38 -14.80 15.98 6.11
C LEU E 38 -15.75 15.49 5.03
N GLU E 39 -17.05 15.62 5.28
CA GLU E 39 -18.04 15.03 4.38
C GLU E 39 -18.14 15.78 3.06
N CYS E 40 -18.14 17.10 3.10
CA CYS E 40 -18.35 17.91 1.90
C CYS E 40 -17.16 17.78 0.95
N ASP E 41 -17.30 18.40 -0.23
CA ASP E 41 -16.26 18.39 -1.25
C ASP E 41 -15.31 19.56 -1.00
N LEU E 42 -14.06 19.24 -0.70
CA LEU E 42 -13.03 20.24 -0.47
C LEU E 42 -12.30 20.50 -1.79
N LEU E 43 -12.53 21.66 -2.38
CA LEU E 43 -11.91 22.05 -3.63
C LEU E 43 -10.69 22.93 -3.33
N ALA E 44 -9.63 22.74 -4.10
CA ALA E 44 -8.38 23.48 -3.93
C ALA E 44 -8.04 24.17 -5.23
N LYS E 45 -7.89 25.50 -5.18
CA LYS E 45 -7.48 26.30 -6.31
C LYS E 45 -5.95 26.31 -6.35
N CYS E 46 -5.37 25.51 -7.25
CA CYS E 46 -3.93 25.30 -7.30
C CYS E 46 -3.25 26.51 -7.92
N GLU E 47 -3.25 27.61 -7.16
CA GLU E 47 -2.62 28.85 -7.61
C GLU E 47 -1.13 28.71 -7.78
N PHE E 48 -0.51 27.74 -7.10
CA PHE E 48 0.94 27.55 -7.17
C PHE E 48 1.41 27.04 -8.54
N MET E 49 0.49 26.74 -9.45
CA MET E 49 0.86 26.21 -10.76
C MET E 49 1.01 27.31 -11.81
N SER E 50 0.98 28.57 -11.40
CA SER E 50 1.26 29.67 -12.31
C SER E 50 2.73 29.64 -12.75
N ALA E 51 3.06 30.49 -13.71
CA ALA E 51 4.42 30.53 -14.24
C ALA E 51 5.44 30.85 -13.16
N GLY E 52 5.14 31.82 -12.31
CA GLY E 52 5.99 32.16 -11.19
C GLY E 52 5.74 31.33 -9.95
N GLY E 53 4.76 30.43 -9.98
CA GLY E 53 4.49 29.56 -8.85
C GLY E 53 3.88 30.24 -7.65
N SER E 54 3.05 31.26 -7.86
CA SER E 54 2.43 31.97 -6.76
C SER E 54 1.21 32.73 -7.27
N VAL E 55 0.32 33.06 -6.35
CA VAL E 55 -0.86 33.85 -6.69
C VAL E 55 -0.51 35.30 -7.01
N LYS E 56 0.65 35.78 -6.56
CA LYS E 56 1.01 37.18 -6.73
C LYS E 56 1.43 37.51 -8.17
N ASP E 57 1.62 36.51 -9.02
CA ASP E 57 1.93 36.77 -10.43
C ASP E 57 0.85 37.63 -11.07
N ARG E 58 -0.41 37.31 -10.81
CA ARG E 58 -1.52 38.06 -11.38
C ARG E 58 -1.46 39.52 -10.96
N ILE E 59 -1.28 39.76 -9.66
CA ILE E 59 -1.30 41.13 -9.17
C ILE E 59 -0.08 41.89 -9.69
N GLY E 60 1.06 41.23 -9.84
CA GLY E 60 2.22 41.91 -10.38
C GLY E 60 2.02 42.31 -11.84
N LYS E 61 1.64 41.34 -12.68
CA LYS E 61 1.35 41.62 -14.08
C LYS E 61 0.34 42.75 -14.22
N ALA E 62 -0.74 42.69 -13.43
CA ALA E 62 -1.81 43.66 -13.60
C ALA E 62 -1.44 45.02 -13.05
N MET E 63 -0.60 45.08 -12.01
CA MET E 63 -0.14 46.37 -11.52
C MET E 63 0.76 47.04 -12.55
N VAL E 64 1.61 46.26 -13.23
CA VAL E 64 2.40 46.85 -14.32
C VAL E 64 1.49 47.28 -15.46
N GLU E 65 0.45 46.49 -15.75
CA GLU E 65 -0.48 46.87 -16.81
C GLU E 65 -1.20 48.17 -16.48
N LYS E 66 -1.60 48.34 -15.22
CA LYS E 66 -2.25 49.59 -14.80
C LYS E 66 -1.28 50.76 -14.86
N ALA E 67 -0.04 50.55 -14.43
CA ALA E 67 0.95 51.62 -14.52
C ALA E 67 1.19 52.05 -15.96
N GLU E 68 1.24 51.07 -16.88
CA GLU E 68 1.46 51.40 -18.28
C GLU E 68 0.24 52.07 -18.91
N ARG E 69 -0.97 51.66 -18.50
CA ARG E 69 -2.16 52.23 -19.10
C ARG E 69 -2.36 53.68 -18.69
N GLU E 70 -1.83 54.08 -17.53
CA GLU E 70 -1.92 55.46 -17.08
C GLU E 70 -0.69 56.29 -17.50
N GLY E 71 0.19 55.73 -18.32
CA GLY E 71 1.36 56.45 -18.80
C GLY E 71 2.38 56.79 -17.75
N ARG E 72 2.30 56.19 -16.56
CA ARG E 72 3.23 56.46 -15.47
C ARG E 72 4.47 55.58 -15.53
N LEU E 73 4.68 54.82 -16.61
CA LEU E 73 5.78 53.88 -16.66
C LEU E 73 6.34 53.82 -18.08
N LYS E 74 7.65 53.99 -18.20
CA LYS E 74 8.35 53.95 -19.47
C LYS E 74 9.55 53.01 -19.36
N ALA E 75 10.00 52.51 -20.51
CA ALA E 75 11.10 51.56 -20.54
C ALA E 75 12.35 52.17 -19.92
N GLY E 76 13.10 51.34 -19.21
CA GLY E 76 14.30 51.77 -18.52
C GLY E 76 14.10 52.22 -17.09
N ASP E 77 12.86 52.46 -16.68
CA ASP E 77 12.59 52.92 -15.33
C ASP E 77 12.92 51.83 -14.30
N THR E 78 12.99 52.23 -13.04
CA THR E 78 13.26 51.34 -11.93
C THR E 78 12.00 51.11 -11.13
N LEU E 79 11.77 49.86 -10.73
CA LEU E 79 10.60 49.47 -9.95
C LEU E 79 11.05 48.96 -8.60
N ILE E 80 10.43 49.48 -7.54
CA ILE E 80 10.73 49.08 -6.16
C ILE E 80 9.42 48.64 -5.51
N GLU E 81 9.48 47.56 -4.76
CA GLU E 81 8.26 47.04 -4.13
C GLU E 81 8.57 46.23 -2.88
N PRO E 82 7.97 46.58 -1.75
CA PRO E 82 8.11 45.74 -0.55
C PRO E 82 7.20 44.51 -0.67
N THR E 83 7.74 43.35 -0.34
CA THR E 83 7.02 42.10 -0.53
C THR E 83 7.55 41.05 0.43
N SER E 84 6.73 40.02 0.65
CA SER E 84 7.17 38.83 1.36
C SER E 84 7.96 37.88 0.48
N GLY E 85 8.02 38.13 -0.82
CA GLY E 85 8.84 37.33 -1.72
C GLY E 85 8.18 36.94 -3.03
N ASN E 86 6.87 36.75 -3.01
CA ASN E 86 6.16 36.29 -4.21
C ASN E 86 5.77 37.44 -5.13
N THR E 87 5.26 38.54 -4.56
CA THR E 87 4.98 39.71 -5.37
C THR E 87 6.26 40.27 -5.97
N GLY E 88 7.36 40.18 -5.24
CA GLY E 88 8.66 40.54 -5.80
C GLY E 88 9.02 39.68 -7.00
N ILE E 89 8.74 38.38 -6.93
CA ILE E 89 9.03 37.49 -8.05
C ILE E 89 8.16 37.85 -9.25
N GLY E 90 6.87 38.09 -9.01
CA GLY E 90 5.98 38.46 -10.11
C GLY E 90 6.42 39.74 -10.79
N LEU E 91 6.73 40.77 -10.00
CA LEU E 91 7.17 42.04 -10.57
C LEU E 91 8.54 41.91 -11.23
N ALA E 92 9.40 41.02 -10.73
CA ALA E 92 10.68 40.80 -11.37
C ALA E 92 10.50 40.15 -12.74
N LEU E 93 9.58 39.20 -12.84
CA LEU E 93 9.26 38.61 -14.14
C LEU E 93 8.71 39.67 -15.09
N ALA E 94 7.77 40.48 -14.60
CA ALA E 94 7.19 41.54 -15.41
C ALA E 94 8.24 42.52 -15.90
N ALA E 95 9.19 42.86 -15.03
CA ALA E 95 10.23 43.82 -15.40
C ALA E 95 11.21 43.21 -16.40
N ALA E 96 11.66 41.98 -16.15
CA ALA E 96 12.57 41.32 -17.08
C ALA E 96 11.93 41.14 -18.46
N VAL E 97 10.62 40.95 -18.52
CA VAL E 97 9.93 40.82 -19.81
C VAL E 97 9.79 42.20 -20.47
N ARG E 98 9.19 43.15 -19.77
CA ARG E 98 8.87 44.45 -20.34
C ARG E 98 10.00 45.47 -20.19
N GLY E 99 11.19 45.03 -19.80
CA GLY E 99 12.37 45.89 -19.81
C GLY E 99 12.40 46.94 -18.71
N TYR E 100 12.15 46.52 -17.47
CA TYR E 100 12.24 47.39 -16.32
C TYR E 100 13.29 46.87 -15.35
N ARG E 101 13.80 47.77 -14.51
CA ARG E 101 14.76 47.41 -13.48
C ARG E 101 14.02 47.17 -12.16
N MET E 102 14.47 46.16 -11.42
CA MET E 102 13.80 45.72 -10.20
C MET E 102 14.71 45.87 -9.00
N ILE E 103 14.16 46.43 -7.92
CA ILE E 103 14.80 46.47 -6.61
C ILE E 103 13.76 46.03 -5.59
N VAL E 104 14.07 44.98 -4.84
CA VAL E 104 13.10 44.34 -3.95
C VAL E 104 13.54 44.55 -2.51
N THR E 105 12.58 44.87 -1.64
CA THR E 105 12.79 44.98 -0.21
C THR E 105 11.94 43.93 0.48
N MET E 106 12.58 43.06 1.24
CA MET E 106 11.88 41.97 1.91
C MET E 106 12.49 41.73 3.28
N PRO E 107 11.68 41.35 4.27
CA PRO E 107 12.22 41.07 5.60
C PRO E 107 13.19 39.89 5.57
N ALA E 108 14.15 39.91 6.50
CA ALA E 108 15.12 38.82 6.59
C ALA E 108 14.49 37.50 6.98
N LYS E 109 13.28 37.52 7.57
CA LYS E 109 12.63 36.28 7.96
C LYS E 109 12.33 35.39 6.77
N MET E 110 12.07 35.98 5.60
CA MET E 110 11.68 35.22 4.43
C MET E 110 12.78 34.28 3.99
N SER E 111 12.38 33.24 3.26
CA SER E 111 13.30 32.19 2.86
C SER E 111 14.40 32.72 1.94
N ALA E 112 15.46 31.92 1.81
CA ALA E 112 16.57 32.26 0.94
C ALA E 112 16.31 31.88 -0.51
N GLU E 113 15.38 30.96 -0.76
CA GLU E 113 15.06 30.59 -2.14
C GLU E 113 14.42 31.75 -2.88
N LYS E 114 13.59 32.55 -2.21
CA LYS E 114 13.01 33.73 -2.84
C LYS E 114 14.09 34.73 -3.23
N SER E 115 15.02 34.99 -2.31
CA SER E 115 16.13 35.90 -2.61
C SER E 115 16.97 35.37 -3.77
N ASN E 116 17.26 34.08 -3.78
CA ASN E 116 18.07 33.51 -4.85
C ASN E 116 17.36 33.60 -6.20
N ILE E 117 16.05 33.34 -6.22
CA ILE E 117 15.32 33.38 -7.47
C ILE E 117 15.17 34.81 -7.97
N MET E 118 15.02 35.79 -7.07
CA MET E 118 14.95 37.17 -7.51
C MET E 118 16.32 37.69 -7.92
N LYS E 119 17.40 37.12 -7.38
CA LYS E 119 18.73 37.43 -7.90
C LYS E 119 18.93 36.83 -9.27
N CYS E 120 18.39 35.64 -9.51
CA CYS E 120 18.45 35.04 -10.83
C CYS E 120 17.67 35.85 -11.85
N LEU E 121 16.61 36.52 -11.43
CA LEU E 121 15.83 37.41 -12.29
C LEU E 121 16.46 38.78 -12.44
N GLY E 122 17.68 38.98 -11.95
CA GLY E 122 18.37 40.23 -12.12
C GLY E 122 17.86 41.38 -11.28
N ALA E 123 17.33 41.10 -10.11
CA ALA E 123 16.80 42.13 -9.23
C ALA E 123 17.77 42.41 -8.08
N GLU E 124 17.96 43.69 -7.79
CA GLU E 124 18.73 44.07 -6.60
C GLU E 124 17.88 43.84 -5.36
N ILE E 125 18.49 43.25 -4.34
CA ILE E 125 17.77 42.81 -3.15
C ILE E 125 18.39 43.45 -1.92
N VAL E 126 17.61 44.28 -1.24
CA VAL E 126 17.98 44.83 0.06
C VAL E 126 16.97 44.31 1.08
N ARG E 127 17.48 43.86 2.23
CA ARG E 127 16.64 43.29 3.26
C ARG E 127 16.52 44.23 4.45
N THR E 128 15.45 44.03 5.22
CA THR E 128 15.14 44.80 6.40
C THR E 128 14.96 43.87 7.59
N PRO E 129 15.28 44.33 8.81
CA PRO E 129 15.13 43.47 9.98
C PRO E 129 13.68 43.04 10.20
N THR E 130 13.51 41.80 10.66
CA THR E 130 12.18 41.25 10.87
C THR E 130 11.45 41.95 12.00
N GLU E 131 12.17 42.36 13.05
CA GLU E 131 11.56 42.96 14.22
C GLU E 131 11.10 44.40 13.98
N ALA E 132 11.34 44.96 12.79
CA ALA E 132 10.98 46.34 12.53
C ALA E 132 9.47 46.49 12.42
N ALA E 133 8.92 47.46 13.16
CA ALA E 133 7.51 47.77 13.08
C ALA E 133 7.21 48.50 11.76
N TRP E 134 5.92 48.58 11.42
CA TRP E 134 5.54 49.22 10.18
C TRP E 134 5.85 50.71 10.19
N ASN E 135 5.85 51.33 11.38
CA ASN E 135 6.18 52.75 11.48
C ASN E 135 7.67 53.03 11.30
N ASP E 136 8.53 52.04 11.53
CA ASP E 136 9.97 52.28 11.46
C ASP E 136 10.39 52.65 10.04
N GLU E 137 11.39 53.54 9.95
CA GLU E 137 11.99 53.87 8.66
C GLU E 137 12.90 52.77 8.15
N ASN E 138 13.21 51.77 8.97
CA ASN E 138 14.00 50.62 8.56
C ASN E 138 13.14 49.43 8.16
N SER E 139 11.82 49.62 8.09
CA SER E 139 10.93 48.60 7.58
C SER E 139 11.03 48.54 6.06
N HIS E 140 10.56 47.44 5.49
CA HIS E 140 10.62 47.26 4.05
C HIS E 140 9.92 48.39 3.30
N MET E 141 8.77 48.85 3.83
CA MET E 141 8.05 49.93 3.19
C MET E 141 8.79 51.25 3.32
N GLY E 142 9.33 51.53 4.51
CA GLY E 142 10.10 52.76 4.68
C GLY E 142 11.37 52.78 3.86
N VAL E 143 12.07 51.65 3.80
CA VAL E 143 13.29 51.58 3.00
C VAL E 143 12.96 51.71 1.51
N ALA E 144 11.83 51.14 1.09
CA ALA E 144 11.39 51.31 -0.29
C ALA E 144 11.10 52.78 -0.60
N ALA E 145 10.42 53.47 0.33
CA ALA E 145 10.17 54.90 0.16
C ALA E 145 11.47 55.68 0.07
N LYS E 146 12.44 55.35 0.92
CA LYS E 146 13.73 56.03 0.87
C LYS E 146 14.42 55.81 -0.47
N LEU E 147 14.40 54.57 -0.98
CA LEU E 147 14.99 54.29 -2.27
C LEU E 147 14.28 55.06 -3.38
N GLN E 148 12.94 55.16 -3.30
CA GLN E 148 12.20 55.96 -4.28
C GLN E 148 12.63 57.42 -4.23
N ARG E 149 12.83 57.96 -3.03
CA ARG E 149 13.27 59.35 -2.90
C ARG E 149 14.66 59.55 -3.46
N GLU E 150 15.55 58.56 -3.28
CA GLU E 150 16.95 58.72 -3.65
C GLU E 150 17.29 58.29 -5.07
N LEU E 151 16.39 57.62 -5.77
CA LEU E 151 16.69 57.06 -7.09
C LEU E 151 15.93 57.80 -8.19
N GLU E 152 16.52 57.77 -9.39
CA GLU E 152 15.93 58.42 -10.56
C GLU E 152 15.02 57.45 -11.30
N ASN E 153 13.89 57.97 -11.76
CA ASN E 153 12.90 57.19 -12.52
C ASN E 153 12.41 55.98 -11.74
N ALA E 154 12.49 56.02 -10.42
CA ALA E 154 12.04 54.91 -9.59
C ALA E 154 10.56 55.05 -9.26
N HIS E 155 9.89 53.91 -9.12
CA HIS E 155 8.48 53.88 -8.80
C HIS E 155 8.22 52.77 -7.78
N ILE E 156 7.25 53.03 -6.91
CA ILE E 156 6.73 52.02 -5.99
C ILE E 156 5.28 51.77 -6.34
N LEU E 157 4.92 50.51 -6.55
CA LEU E 157 3.55 50.17 -6.88
C LEU E 157 2.70 49.86 -5.65
N ASP E 158 3.34 49.55 -4.52
CA ASP E 158 2.70 49.52 -3.20
C ASP E 158 1.47 48.61 -3.19
N GLN E 159 1.73 47.31 -3.39
CA GLN E 159 0.66 46.30 -3.39
C GLN E 159 -0.24 46.36 -2.16
N TYR E 160 0.22 46.97 -1.07
CA TYR E 160 -0.63 47.09 0.12
C TYR E 160 -1.75 48.11 -0.05
N ASN E 161 -1.61 49.07 -0.96
CA ASN E 161 -2.63 50.08 -1.18
C ASN E 161 -3.11 50.17 -2.62
N ASN E 162 -2.46 49.51 -3.57
CA ASN E 162 -2.86 49.60 -4.97
C ASN E 162 -4.16 48.83 -5.18
N THR E 163 -5.16 49.51 -5.77
CA THR E 163 -6.46 48.89 -5.98
C THR E 163 -6.46 47.85 -7.08
N ALA E 164 -5.34 47.70 -7.81
CA ALA E 164 -5.26 46.62 -8.78
C ALA E 164 -5.26 45.26 -8.10
N ASN E 165 -4.50 45.13 -7.01
CA ASN E 165 -4.41 43.87 -6.28
C ASN E 165 -5.78 43.27 -5.95
N PRO E 166 -6.72 43.97 -5.31
CA PRO E 166 -8.03 43.34 -5.06
C PRO E 166 -8.90 43.24 -6.31
N MET E 167 -8.86 44.25 -7.18
CA MET E 167 -9.75 44.27 -8.34
C MET E 167 -9.44 43.18 -9.34
N VAL E 168 -8.20 42.68 -9.38
CA VAL E 168 -7.87 41.59 -10.30
C VAL E 168 -8.52 40.29 -9.82
N HIS E 169 -8.32 39.95 -8.54
CA HIS E 169 -9.02 38.79 -7.98
C HIS E 169 -10.53 38.98 -8.05
N TYR E 170 -11.00 40.22 -8.07
CA TYR E 170 -12.42 40.49 -8.28
C TYR E 170 -12.84 40.23 -9.74
N ASP E 171 -11.93 40.45 -10.69
CA ASP E 171 -12.30 40.42 -12.10
C ASP E 171 -12.10 39.05 -12.76
N VAL E 172 -10.93 38.45 -12.63
CA VAL E 172 -10.56 37.26 -13.39
C VAL E 172 -10.56 36.00 -12.52
N THR E 173 -9.87 36.04 -11.38
CA THR E 173 -9.68 34.83 -10.58
C THR E 173 -11.00 34.31 -10.03
N ALA E 174 -11.79 35.18 -9.40
CA ALA E 174 -13.07 34.75 -8.86
C ALA E 174 -14.01 34.28 -9.97
N GLU E 175 -13.94 34.92 -11.13
CA GLU E 175 -14.72 34.44 -12.28
C GLU E 175 -14.27 33.05 -12.69
N GLU E 176 -12.96 32.79 -12.64
CA GLU E 176 -12.45 31.45 -12.92
C GLU E 176 -13.03 30.44 -11.94
N ILE E 177 -12.99 30.77 -10.64
CA ILE E 177 -13.50 29.87 -9.61
C ILE E 177 -14.99 29.61 -9.83
N ILE E 178 -15.75 30.64 -10.18
CA ILE E 178 -17.19 30.48 -10.38
C ILE E 178 -17.48 29.63 -11.60
N THR E 179 -16.76 29.87 -12.71
CA THR E 179 -16.98 29.09 -13.91
C THR E 179 -16.61 27.62 -13.71
N GLN E 180 -15.54 27.34 -12.97
CA GLN E 180 -15.17 25.95 -12.75
C GLN E 180 -16.07 25.26 -11.73
N CYS E 181 -16.57 26.01 -10.75
CA CYS E 181 -17.51 25.46 -9.77
C CYS E 181 -18.96 25.55 -10.24
N ASP E 182 -19.20 26.13 -11.40
CA ASP E 182 -20.53 26.26 -11.99
C ASP E 182 -21.48 27.06 -11.11
N GLY E 183 -20.94 27.94 -10.27
CA GLY E 183 -21.73 28.81 -9.44
C GLY E 183 -21.99 28.29 -8.03
N ASP E 184 -22.11 26.98 -7.87
CA ASP E 184 -22.43 26.38 -6.57
C ASP E 184 -21.19 26.38 -5.69
N ILE E 185 -21.09 27.37 -4.81
CA ILE E 185 -20.05 27.42 -3.79
C ILE E 185 -20.71 27.83 -2.47
N ASP E 186 -20.45 27.06 -1.42
CA ASP E 186 -21.05 27.31 -0.11
C ASP E 186 -20.09 28.01 0.85
N MET E 187 -18.82 27.62 0.85
CA MET E 187 -17.83 28.25 1.71
C MET E 187 -16.54 28.45 0.91
N VAL E 188 -15.85 29.55 1.18
CA VAL E 188 -14.57 29.86 0.56
C VAL E 188 -13.63 30.33 1.67
N VAL E 189 -12.50 29.63 1.81
CA VAL E 189 -11.54 29.90 2.88
C VAL E 189 -10.25 30.36 2.24
N ILE E 190 -9.74 31.51 2.67
CA ILE E 190 -8.55 32.11 2.09
C ILE E 190 -7.70 32.71 3.21
N GLY E 191 -6.38 32.56 3.08
CA GLY E 191 -5.47 33.19 4.01
C GLY E 191 -5.34 34.69 3.75
N ALA E 192 -5.22 35.46 4.83
CA ALA E 192 -5.23 36.91 4.78
C ALA E 192 -3.81 37.44 4.94
N GLY E 193 -3.21 37.87 3.83
CA GLY E 193 -1.93 38.55 3.86
C GLY E 193 -2.08 40.04 3.64
N THR E 194 -1.80 40.50 2.42
CA THR E 194 -2.08 41.89 2.08
C THR E 194 -3.58 42.19 2.09
N GLY E 195 -4.43 41.16 1.97
CA GLY E 195 -5.86 41.34 2.02
C GLY E 195 -6.53 41.64 0.70
N GLY E 196 -5.78 41.78 -0.38
CA GLY E 196 -6.39 42.07 -1.66
C GLY E 196 -7.16 40.88 -2.21
N THR E 197 -6.56 39.69 -2.13
CA THR E 197 -7.18 38.49 -2.68
C THR E 197 -8.49 38.18 -1.98
N ILE E 198 -8.50 38.22 -0.64
CA ILE E 198 -9.72 37.91 0.10
C ILE E 198 -10.81 38.92 -0.22
N THR E 199 -10.47 40.20 -0.27
CA THR E 199 -11.44 41.23 -0.62
C THR E 199 -12.05 40.95 -1.99
N GLY E 200 -11.20 40.83 -3.01
CA GLY E 200 -11.68 40.59 -4.36
C GLY E 200 -12.55 39.35 -4.46
N ILE E 201 -12.05 38.23 -3.95
CA ILE E 201 -12.76 36.96 -4.13
C ILE E 201 -14.07 36.96 -3.36
N GLY E 202 -14.04 37.38 -2.08
CA GLY E 202 -15.27 37.42 -1.31
C GLY E 202 -16.31 38.33 -1.92
N ARG E 203 -15.89 39.50 -2.39
CA ARG E 203 -16.84 40.44 -2.98
C ARG E 203 -17.45 39.88 -4.26
N LYS E 204 -16.61 39.32 -5.14
CA LYS E 204 -17.12 38.83 -6.41
C LYS E 204 -18.05 37.63 -6.22
N ILE E 205 -17.78 36.76 -5.24
CA ILE E 205 -18.69 35.64 -5.04
C ILE E 205 -19.96 36.10 -4.32
N LYS E 206 -19.86 37.01 -3.36
CA LYS E 206 -21.06 37.54 -2.72
C LYS E 206 -21.96 38.26 -3.72
N GLU E 207 -21.36 38.79 -4.79
CA GLU E 207 -22.17 39.42 -5.83
C GLU E 207 -23.01 38.38 -6.58
N ARG E 208 -22.39 37.27 -6.98
CA ARG E 208 -23.10 36.25 -7.76
C ARG E 208 -23.65 35.12 -6.92
N CYS E 209 -23.15 34.92 -5.70
CA CYS E 209 -23.64 33.89 -4.79
C CYS E 209 -23.61 34.44 -3.37
N PRO E 210 -24.60 35.26 -3.00
CA PRO E 210 -24.56 35.89 -1.68
C PRO E 210 -24.71 34.93 -0.52
N LYS E 211 -25.30 33.74 -0.74
CA LYS E 211 -25.42 32.76 0.33
C LYS E 211 -24.08 32.15 0.73
N CYS E 212 -23.06 32.26 -0.12
CA CYS E 212 -21.78 31.65 0.17
C CYS E 212 -21.11 32.36 1.35
N LYS E 213 -20.66 31.57 2.32
CA LYS E 213 -19.89 32.11 3.43
C LYS E 213 -18.42 32.24 3.05
N VAL E 214 -17.78 33.25 3.63
CA VAL E 214 -16.35 33.52 3.40
C VAL E 214 -15.65 33.54 4.75
N VAL E 215 -14.70 32.62 4.93
CA VAL E 215 -13.93 32.51 6.16
C VAL E 215 -12.48 32.87 5.86
N GLY E 216 -11.89 33.68 6.72
CA GLY E 216 -10.52 34.14 6.56
C GLY E 216 -9.58 33.45 7.51
N VAL E 217 -8.36 33.20 7.05
CA VAL E 217 -7.31 32.54 7.82
C VAL E 217 -6.21 33.55 8.08
N ASP E 218 -5.88 33.75 9.36
CA ASP E 218 -4.84 34.67 9.77
C ASP E 218 -3.91 34.00 10.77
N PRO E 219 -2.60 34.18 10.64
CA PRO E 219 -1.67 33.48 11.54
C PRO E 219 -1.67 34.09 12.93
N LYS E 220 -1.37 33.25 13.91
CA LYS E 220 -1.24 33.69 15.29
C LYS E 220 -0.03 34.62 15.41
N GLY E 221 -0.29 35.89 15.67
CA GLY E 221 0.77 36.90 15.68
C GLY E 221 0.37 38.18 15.00
N SER E 222 -0.54 38.09 14.03
CA SER E 222 -1.04 39.25 13.32
C SER E 222 -2.23 39.85 14.07
N ILE E 223 -2.64 41.04 13.62
CA ILE E 223 -3.75 41.75 14.23
C ILE E 223 -4.87 41.99 13.23
N LEU E 224 -4.96 41.16 12.19
CA LEU E 224 -5.97 41.29 11.16
C LEU E 224 -7.27 40.55 11.49
N ALA E 225 -7.25 39.67 12.48
CA ALA E 225 -8.43 38.89 12.81
C ALA E 225 -9.49 39.77 13.48
N VAL E 226 -10.74 39.31 13.39
CA VAL E 226 -11.86 40.00 14.02
C VAL E 226 -12.64 39.01 14.87
N PRO E 227 -12.87 39.28 16.16
CA PRO E 227 -12.38 40.48 16.85
C PRO E 227 -10.92 40.35 17.28
N ASP E 228 -10.41 41.35 18.01
CA ASP E 228 -9.02 41.30 18.48
C ASP E 228 -8.78 40.18 19.48
N SER E 229 -9.85 39.63 20.06
CA SER E 229 -9.72 38.53 21.02
C SER E 229 -9.05 37.30 20.42
N LEU E 230 -8.89 37.23 19.10
CA LEU E 230 -8.22 36.11 18.47
C LEU E 230 -6.70 36.30 18.46
N ASN E 231 -6.21 37.52 18.65
CA ASN E 231 -4.78 37.78 18.64
C ASN E 231 -4.13 37.57 20.00
N ASP E 232 -4.89 37.70 21.09
CA ASP E 232 -4.33 37.64 22.44
C ASP E 232 -3.60 36.33 22.71
N GLU E 233 -3.78 35.30 21.88
CA GLU E 233 -2.94 34.11 21.99
C GLU E 233 -1.47 34.49 21.90
N LYS E 234 -1.06 35.09 20.79
CA LYS E 234 0.32 35.54 20.61
C LYS E 234 0.27 36.92 19.95
N ARG E 235 0.16 37.97 20.77
CA ARG E 235 0.08 39.32 20.24
C ARG E 235 1.44 39.75 19.71
N LEU E 236 1.52 40.01 18.40
CA LEU E 236 2.73 40.54 17.76
C LEU E 236 3.95 39.64 17.99
N GLN E 237 3.71 38.33 18.06
CA GLN E 237 4.79 37.36 18.16
C GLN E 237 5.13 36.84 16.77
N SER E 238 6.42 36.80 16.46
CA SER E 238 6.86 36.38 15.14
C SER E 238 6.43 34.95 14.85
N TYR E 239 6.18 34.68 13.57
CA TYR E 239 5.76 33.36 13.13
C TYR E 239 6.63 32.92 11.95
N GLU E 240 6.65 31.60 11.73
CA GLU E 240 7.48 31.02 10.69
C GLU E 240 6.79 30.99 9.33
N VAL E 241 5.46 30.93 9.31
CA VAL E 241 4.73 30.95 8.04
C VAL E 241 4.98 32.29 7.35
N GLU E 242 5.19 32.24 6.04
CA GLU E 242 5.50 33.42 5.25
C GLU E 242 4.38 33.71 4.28
N GLY E 243 3.94 34.97 4.23
CA GLY E 243 2.99 35.44 3.24
C GLY E 243 1.72 36.02 3.83
N ILE E 244 1.32 35.57 5.02
CA ILE E 244 0.06 35.99 5.62
C ILE E 244 0.33 36.72 6.93
N GLY E 245 -0.62 37.57 7.30
CA GLY E 245 -0.55 38.30 8.55
C GLY E 245 0.37 39.50 8.53
N TYR E 246 -0.02 40.55 9.25
CA TYR E 246 0.78 41.76 9.36
C TYR E 246 0.50 42.42 10.70
N ASP E 247 1.32 43.41 11.04
CA ASP E 247 1.17 44.18 12.26
C ASP E 247 0.38 45.47 12.03
N PHE E 248 -0.40 45.53 10.97
CA PHE E 248 -1.21 46.70 10.62
C PHE E 248 -2.17 46.29 9.51
N VAL E 249 -3.26 47.04 9.40
CA VAL E 249 -4.28 46.78 8.39
C VAL E 249 -3.90 47.44 7.07
N PRO E 250 -3.67 46.67 6.01
CA PRO E 250 -3.35 47.27 4.71
C PRO E 250 -4.52 48.03 4.13
N GLY E 251 -4.21 48.96 3.23
CA GLY E 251 -5.24 49.79 2.64
C GLY E 251 -6.23 49.03 1.78
N VAL E 252 -5.81 47.91 1.20
CA VAL E 252 -6.66 47.16 0.28
C VAL E 252 -7.62 46.21 0.99
N LEU E 253 -7.31 45.79 2.22
CA LEU E 253 -8.09 44.79 2.92
C LEU E 253 -9.36 45.42 3.47
N ASP E 254 -10.51 45.00 2.96
CA ASP E 254 -11.82 45.39 3.50
C ASP E 254 -12.30 44.24 4.37
N ARG E 255 -12.00 44.33 5.67
CA ARG E 255 -12.30 43.25 6.61
C ARG E 255 -13.79 42.99 6.78
N LYS E 256 -14.65 43.88 6.28
CA LYS E 256 -16.09 43.69 6.42
C LYS E 256 -16.66 42.66 5.44
N VAL E 257 -15.90 42.27 4.41
CA VAL E 257 -16.43 41.31 3.45
C VAL E 257 -16.43 39.90 4.02
N VAL E 258 -15.53 39.58 4.94
CA VAL E 258 -15.37 38.24 5.48
C VAL E 258 -16.18 38.13 6.77
N ASP E 259 -16.83 36.97 6.95
CA ASP E 259 -17.67 36.75 8.12
C ASP E 259 -16.88 36.20 9.30
N GLU E 260 -16.21 35.06 9.12
CA GLU E 260 -15.50 34.39 10.19
C GLU E 260 -14.00 34.54 10.03
N TRP E 261 -13.28 34.46 11.15
CA TRP E 261 -11.82 34.51 11.17
C TRP E 261 -11.29 33.34 11.96
N VAL E 262 -10.20 32.74 11.47
CA VAL E 262 -9.59 31.57 12.10
C VAL E 262 -8.11 31.83 12.30
N LYS E 263 -7.63 31.66 13.53
CA LYS E 263 -6.21 31.78 13.84
C LYS E 263 -5.52 30.43 13.71
N VAL E 264 -4.34 30.43 13.10
CA VAL E 264 -3.55 29.23 12.88
C VAL E 264 -2.11 29.46 13.32
N GLY E 265 -1.55 28.46 14.01
CA GLY E 265 -0.15 28.50 14.41
C GLY E 265 0.77 27.93 13.34
N ASP E 266 2.06 27.96 13.64
CA ASP E 266 3.05 27.45 12.70
C ASP E 266 2.98 25.93 12.58
N ALA E 267 2.89 25.24 13.71
CA ALA E 267 2.90 23.77 13.70
C ALA E 267 1.74 23.21 12.90
N GLU E 268 0.52 23.71 13.14
CA GLU E 268 -0.64 23.23 12.39
C GLU E 268 -0.50 23.51 10.91
N SER E 269 -0.02 24.71 10.56
CA SER E 269 0.14 25.07 9.16
C SER E 269 1.09 24.12 8.45
N PHE E 270 2.27 23.88 9.05
CA PHE E 270 3.27 23.05 8.40
C PHE E 270 2.85 21.59 8.35
N THR E 271 2.25 21.08 9.43
CA THR E 271 1.79 19.69 9.41
C THR E 271 0.69 19.49 8.37
N THR E 272 -0.22 20.46 8.23
CA THR E 272 -1.27 20.33 7.22
C THR E 272 -0.71 20.46 5.81
N ALA E 273 0.30 21.30 5.60
CA ALA E 273 0.94 21.36 4.30
C ALA E 273 1.60 20.03 3.95
N ARG E 274 2.29 19.42 4.92
CA ARG E 274 2.89 18.11 4.68
C ARG E 274 1.84 17.05 4.42
N ALA E 275 0.69 17.14 5.10
CA ALA E 275 -0.39 16.19 4.86
C ALA E 275 -0.97 16.37 3.46
N ILE E 276 -1.09 17.62 3.00
CA ILE E 276 -1.52 17.88 1.63
C ILE E 276 -0.57 17.22 0.65
N ILE E 277 0.73 17.48 0.81
CA ILE E 277 1.73 16.89 -0.08
C ILE E 277 1.64 15.36 -0.06
N ARG E 278 1.43 14.78 1.12
CA ARG E 278 1.43 13.33 1.24
C ARG E 278 0.20 12.70 0.61
N ASN E 279 -0.98 13.26 0.86
CA ASN E 279 -2.23 12.60 0.49
C ASN E 279 -2.76 13.01 -0.88
N GLU E 280 -2.58 14.27 -1.28
CA GLU E 280 -3.13 14.71 -2.55
C GLU E 280 -2.11 14.76 -3.67
N GLY E 281 -0.84 15.01 -3.35
CA GLY E 281 0.17 15.10 -4.38
C GLY E 281 0.29 16.49 -4.98
N LEU E 282 0.14 17.51 -4.15
CA LEU E 282 0.25 18.91 -4.56
C LEU E 282 1.47 19.51 -3.87
N PHE E 283 2.50 19.83 -4.66
CA PHE E 283 3.72 20.42 -4.12
C PHE E 283 3.42 21.88 -3.79
N VAL E 284 3.01 22.11 -2.55
CA VAL E 284 2.44 23.38 -2.13
C VAL E 284 3.23 23.90 -0.93
N GLY E 285 2.97 25.16 -0.57
CA GLY E 285 3.71 25.82 0.48
C GLY E 285 3.00 25.78 1.83
N GLY E 286 3.64 26.44 2.81
CA GLY E 286 3.15 26.39 4.17
C GLY E 286 1.89 27.21 4.39
N SER E 287 1.83 28.41 3.83
CA SER E 287 0.63 29.24 3.97
C SER E 287 -0.59 28.53 3.42
N SER E 288 -0.42 27.69 2.40
CA SER E 288 -1.53 26.89 1.90
C SER E 288 -1.97 25.87 2.94
N GLY E 289 -1.02 25.26 3.65
CA GLY E 289 -1.38 24.39 4.76
C GLY E 289 -2.14 25.12 5.85
N ALA E 290 -1.72 26.36 6.14
CA ALA E 290 -2.47 27.19 7.10
C ALA E 290 -3.90 27.41 6.64
N ASN E 291 -4.07 27.80 5.37
CA ASN E 291 -5.40 28.01 4.83
C ASN E 291 -6.25 26.75 4.89
N VAL E 292 -5.65 25.60 4.59
CA VAL E 292 -6.41 24.35 4.57
C VAL E 292 -6.78 23.91 5.99
N TRP E 293 -5.90 24.14 6.96
CA TRP E 293 -6.25 23.85 8.35
C TRP E 293 -7.37 24.77 8.82
N GLY E 294 -7.31 26.05 8.48
CA GLY E 294 -8.39 26.96 8.80
C GLY E 294 -9.72 26.53 8.18
N ALA E 295 -9.67 26.06 6.93
CA ALA E 295 -10.87 25.54 6.29
C ALA E 295 -11.40 24.30 7.01
N LEU E 296 -10.49 23.40 7.39
CA LEU E 296 -10.89 22.19 8.09
C LEU E 296 -11.53 22.51 9.43
N GLN E 297 -11.10 23.60 10.07
CA GLN E 297 -11.71 24.01 11.32
C GLN E 297 -13.00 24.81 11.12
N ALA E 298 -13.15 25.45 9.96
CA ALA E 298 -14.32 26.28 9.67
C ALA E 298 -15.40 25.52 8.93
N ALA E 299 -15.03 24.68 7.97
CA ALA E 299 -15.99 23.96 7.14
C ALA E 299 -16.45 22.65 7.77
N ARG E 300 -16.21 22.47 9.07
CA ARG E 300 -16.62 21.24 9.74
C ARG E 300 -18.13 21.05 9.76
N GLN E 301 -18.90 22.14 9.83
CA GLN E 301 -20.34 22.01 10.04
C GLN E 301 -21.16 21.72 8.79
N LEU E 302 -20.62 21.92 7.58
CA LEU E 302 -21.45 21.62 6.42
C LEU E 302 -21.48 20.12 6.15
N LYS E 303 -22.39 19.72 5.25
CA LYS E 303 -22.66 18.32 4.96
C LYS E 303 -22.30 18.00 3.51
N LYS E 304 -22.60 16.77 3.11
CA LYS E 304 -22.27 16.26 1.78
C LYS E 304 -22.92 17.09 0.68
N GLY E 305 -22.26 17.14 -0.46
CA GLY E 305 -22.75 17.88 -1.63
C GLY E 305 -22.23 19.28 -1.75
N GLN E 306 -22.28 20.04 -0.66
CA GLN E 306 -21.77 21.41 -0.66
C GLN E 306 -20.26 21.42 -0.90
N LYS E 307 -19.77 22.54 -1.43
CA LYS E 307 -18.37 22.67 -1.84
C LYS E 307 -17.70 23.76 -1.03
N CYS E 308 -16.53 23.46 -0.48
CA CYS E 308 -15.71 24.42 0.25
C CYS E 308 -14.42 24.65 -0.55
N VAL E 309 -14.25 25.87 -1.04
CA VAL E 309 -13.11 26.23 -1.90
C VAL E 309 -12.02 26.84 -1.03
N VAL E 310 -10.79 26.38 -1.23
CA VAL E 310 -9.62 26.86 -0.50
C VAL E 310 -8.54 27.24 -1.49
N LEU E 311 -7.85 28.35 -1.21
CA LEU E 311 -6.77 28.84 -2.05
C LEU E 311 -5.43 28.30 -1.58
N LEU E 312 -4.58 27.96 -2.55
CA LEU E 312 -3.22 27.51 -2.26
C LEU E 312 -2.24 28.56 -2.77
N PRO E 313 -1.78 29.49 -1.92
CA PRO E 313 -1.05 30.65 -2.44
C PRO E 313 0.27 30.33 -3.13
N ASP E 314 1.15 29.56 -2.50
CA ASP E 314 2.51 29.41 -2.98
C ASP E 314 2.92 27.95 -3.03
N SER E 315 3.99 27.69 -3.79
CA SER E 315 4.47 26.35 -4.07
C SER E 315 5.54 25.95 -3.06
N SER E 316 5.98 24.69 -3.16
CA SER E 316 7.06 24.21 -2.29
C SER E 316 8.42 24.77 -2.68
N ARG E 317 8.55 25.33 -3.89
CA ARG E 317 9.85 25.81 -4.36
C ARG E 317 10.42 26.88 -3.43
N ASN E 318 9.58 27.79 -2.95
CA ASN E 318 10.08 28.84 -2.06
C ASN E 318 10.42 28.30 -0.68
N TYR E 319 9.99 27.10 -0.32
CA TYR E 319 10.29 26.52 0.98
C TYR E 319 10.87 25.12 0.82
N MET E 320 11.63 24.89 -0.26
CA MET E 320 12.21 23.58 -0.51
C MET E 320 13.16 23.17 0.61
N SER E 321 14.12 24.04 0.94
CA SER E 321 15.06 23.76 2.02
C SER E 321 14.54 24.15 3.39
N LYS E 322 13.41 24.87 3.46
CA LYS E 322 12.93 25.35 4.75
C LYS E 322 12.09 24.33 5.48
N PHE E 323 10.96 23.89 4.90
CA PHE E 323 10.05 23.03 5.64
C PHE E 323 9.81 21.68 4.98
N ILE E 324 10.22 21.49 3.71
CA ILE E 324 10.22 20.14 3.15
C ILE E 324 11.26 19.28 3.86
N SER E 325 12.43 19.85 4.14
CA SER E 325 13.47 19.12 4.85
C SER E 325 13.06 18.89 6.30
N ASP E 326 13.08 17.62 6.73
CA ASP E 326 12.69 17.26 8.09
C ASP E 326 13.64 17.81 9.14
N GLU E 327 14.89 18.11 8.78
CA GLU E 327 15.86 18.60 9.76
C GLU E 327 15.43 19.94 10.34
N TRP E 328 14.94 20.85 9.49
CA TRP E 328 14.52 22.16 9.97
C TRP E 328 13.26 22.07 10.81
N MET E 329 12.32 21.20 10.42
CA MET E 329 11.11 21.03 11.21
C MET E 329 11.42 20.39 12.56
N ALA E 330 12.42 19.52 12.62
CA ALA E 330 12.88 19.00 13.90
C ALA E 330 13.58 20.08 14.72
N GLU E 331 14.29 21.00 14.05
CA GLU E 331 14.93 22.10 14.74
C GLU E 331 13.90 23.02 15.41
N HIS E 332 12.70 23.10 14.86
CA HIS E 332 11.63 23.91 15.41
C HIS E 332 10.59 23.10 16.18
N GLY E 333 10.77 21.80 16.31
CA GLY E 333 9.86 20.97 17.09
C GLY E 333 8.43 20.99 16.59
N PHE E 334 8.24 20.66 15.31
CA PHE E 334 6.93 20.62 14.68
C PHE E 334 6.52 19.19 14.39
N ALA E 335 5.26 18.87 14.68
CA ALA E 335 4.72 17.56 14.37
C ALA E 335 4.82 17.31 12.87
N PRO E 336 5.61 16.32 12.42
CA PRO E 336 5.91 16.20 10.99
C PRO E 336 4.69 15.96 10.10
N GLU E 337 3.93 14.91 10.40
CA GLU E 337 2.75 14.54 9.63
C GLU E 337 2.07 13.37 10.34
N ASP E 338 0.76 13.23 10.09
CA ASP E 338 0.06 12.06 10.59
C ASP E 338 0.70 10.78 10.04
N GLY E 339 0.81 10.69 8.72
CA GLY E 339 1.52 9.60 8.08
C GLY E 339 2.76 10.05 7.33
N ALA E 340 3.94 9.70 7.81
CA ALA E 340 5.17 10.11 7.13
C ALA E 340 6.26 9.09 7.39
N LYS E 341 7.40 9.29 6.72
CA LYS E 341 8.53 8.38 6.82
C LYS E 341 9.29 8.54 8.13
N VAL E 342 9.36 9.76 8.68
CA VAL E 342 10.12 9.99 9.91
C VAL E 342 9.53 9.20 11.06
N LYS E 343 8.23 9.35 11.30
CA LYS E 343 7.60 8.62 12.40
C LYS E 343 7.57 7.13 12.12
N GLU E 344 7.44 6.73 10.86
CA GLU E 344 7.48 5.30 10.52
C GLU E 344 8.83 4.69 10.90
N ARG E 345 9.92 5.39 10.58
CA ARG E 345 11.24 4.87 10.94
C ARG E 345 11.46 4.91 12.44
N GLU E 346 10.97 5.97 13.11
CA GLU E 346 11.05 6.03 14.56
C GLU E 346 10.31 4.87 15.20
N LYS E 347 9.18 4.47 14.61
CA LYS E 347 8.39 3.37 15.16
C LYS E 347 9.09 2.03 14.93
N GLN E 348 9.59 1.79 13.72
CA GLN E 348 10.18 0.50 13.43
C GLN E 348 11.52 0.31 14.14
N PHE E 349 12.32 1.38 14.25
CA PHE E 349 13.65 1.25 14.82
C PHE E 349 13.68 1.58 16.32
N GLY E 350 13.03 2.67 16.73
CA GLY E 350 13.09 3.05 18.13
C GLY E 350 14.50 3.44 18.53
N GLY E 351 14.87 3.08 19.77
CA GLY E 351 16.18 3.38 20.29
C GLY E 351 17.27 2.41 19.90
N ALA E 352 17.02 1.55 18.91
CA ALA E 352 18.01 0.57 18.49
C ALA E 352 19.19 1.25 17.80
N ARG E 353 20.39 0.75 18.09
CA ARG E 353 21.62 1.25 17.49
C ARG E 353 22.21 0.18 16.59
N ILE E 354 23.20 0.59 15.78
CA ILE E 354 23.81 -0.33 14.83
C ILE E 354 24.61 -1.41 15.52
N ARG E 355 25.02 -1.17 16.77
CA ARG E 355 25.71 -2.21 17.54
C ARG E 355 24.84 -3.44 17.71
N ASP E 356 23.54 -3.24 17.98
CA ASP E 356 22.63 -4.36 18.13
C ASP E 356 22.50 -5.15 16.83
N LEU E 357 22.47 -4.45 15.69
CA LEU E 357 22.38 -5.15 14.41
C LEU E 357 23.66 -5.91 14.10
N LEU E 358 24.82 -5.31 14.37
CA LEU E 358 26.08 -5.98 14.13
C LEU E 358 26.26 -7.19 15.05
N SER E 359 25.67 -7.15 16.24
CA SER E 359 25.76 -8.31 17.12
C SER E 359 24.77 -9.40 16.73
N GLU E 360 23.55 -9.01 16.34
CA GLU E 360 22.54 -10.01 15.98
C GLU E 360 22.84 -10.70 14.66
N THR E 361 23.39 -9.97 13.68
CA THR E 361 23.69 -10.59 12.39
C THR E 361 24.90 -11.51 12.50
N GLY E 362 25.96 -11.07 13.15
CA GLY E 362 27.14 -11.89 13.30
C GLY E 362 28.29 -11.49 12.40
N ALA E 363 29.28 -10.81 12.97
CA ALA E 363 30.45 -10.38 12.21
C ALA E 363 31.68 -10.49 13.10
N THR E 364 32.84 -10.19 12.54
CA THR E 364 34.09 -10.20 13.30
C THR E 364 34.96 -8.99 12.98
N SER E 365 34.37 -7.91 12.47
CA SER E 365 35.08 -6.66 12.15
C SER E 365 36.27 -6.92 11.24
N ASP E 366 36.09 -7.84 10.28
CA ASP E 366 37.18 -8.19 9.36
C ASP E 366 37.05 -7.41 8.04
N VAL E 367 37.02 -6.09 8.16
CA VAL E 367 36.88 -5.20 7.01
C VAL E 367 38.27 -4.87 6.49
N PRO E 368 38.61 -5.26 5.27
CA PRO E 368 39.94 -4.93 4.73
C PRO E 368 40.08 -3.43 4.44
N PHE E 369 41.33 -2.96 4.50
CA PHE E 369 41.65 -1.56 4.26
C PHE E 369 42.82 -1.48 3.29
N VAL E 370 42.85 -0.43 2.48
CA VAL E 370 43.90 -0.24 1.48
C VAL E 370 44.27 1.23 1.41
N THR E 371 45.51 1.49 0.99
CA THR E 371 46.08 2.83 0.97
C THR E 371 45.58 3.68 -0.19
N ALA E 372 44.60 3.20 -0.96
CA ALA E 372 43.93 3.94 -2.03
C ALA E 372 44.84 4.24 -3.21
N ARG E 373 46.07 3.73 -3.22
CA ARG E 373 46.94 3.85 -4.39
C ARG E 373 47.53 2.51 -4.80
N LEU E 374 47.01 1.40 -4.28
CA LEU E 374 47.44 0.09 -4.73
C LEU E 374 46.87 -0.19 -6.11
N SER E 375 47.66 -0.89 -6.93
CA SER E 375 47.19 -1.25 -8.26
C SER E 375 46.02 -2.21 -8.15
N VAL E 376 45.15 -2.19 -9.17
CA VAL E 376 43.98 -3.05 -9.16
C VAL E 376 44.38 -4.53 -9.18
N GLU E 377 45.52 -4.84 -9.80
CA GLU E 377 46.02 -6.22 -9.79
C GLU E 377 46.25 -6.72 -8.38
N ASP E 378 47.01 -5.97 -7.58
CA ASP E 378 47.32 -6.43 -6.23
C ASP E 378 46.07 -6.45 -5.35
N VAL E 379 45.13 -5.52 -5.56
CA VAL E 379 43.93 -5.49 -4.73
C VAL E 379 43.01 -6.66 -5.08
N ILE E 380 42.91 -7.02 -6.36
CA ILE E 380 42.10 -8.19 -6.70
C ILE E 380 42.80 -9.47 -6.24
N LYS E 381 44.14 -9.50 -6.27
CA LYS E 381 44.85 -10.66 -5.74
C LYS E 381 44.57 -10.83 -4.25
N MET E 382 44.65 -9.75 -3.48
CA MET E 382 44.37 -9.83 -2.06
C MET E 382 42.91 -10.16 -1.78
N MET E 383 42.00 -9.67 -2.63
CA MET E 383 40.58 -9.94 -2.44
C MET E 383 40.25 -11.40 -2.76
N HIS E 384 40.93 -11.98 -3.75
CA HIS E 384 40.76 -13.40 -4.02
C HIS E 384 41.41 -14.25 -2.94
N GLU E 385 42.52 -13.79 -2.37
CA GLU E 385 43.16 -14.54 -1.29
C GLU E 385 42.34 -14.48 -0.01
N THR E 386 41.57 -13.40 0.19
CA THR E 386 40.73 -13.26 1.37
C THR E 386 39.31 -13.74 1.14
N LYS E 387 38.91 -13.97 -0.12
CA LYS E 387 37.62 -14.50 -0.57
C LYS E 387 36.51 -13.48 -0.42
N VAL E 388 36.79 -12.29 0.14
CA VAL E 388 35.73 -11.30 0.35
C VAL E 388 35.31 -10.69 -1.00
N LYS E 389 34.15 -10.06 -0.99
CA LYS E 389 33.60 -9.39 -2.16
C LYS E 389 33.84 -7.88 -2.14
N GLU E 390 33.47 -7.21 -1.05
CA GLU E 390 33.63 -5.77 -0.95
C GLU E 390 34.89 -5.42 -0.16
N VAL E 391 35.32 -4.17 -0.31
CA VAL E 391 36.52 -3.66 0.36
C VAL E 391 36.30 -2.17 0.61
N ILE E 392 37.01 -1.64 1.60
CA ILE E 392 36.97 -0.23 1.94
C ILE E 392 38.33 0.38 1.66
N VAL E 393 38.34 1.47 0.90
CA VAL E 393 39.56 2.17 0.51
C VAL E 393 39.65 3.45 1.31
N THR E 394 40.86 3.78 1.75
CA THR E 394 41.09 4.90 2.66
C THR E 394 42.45 5.53 2.37
N GLU E 395 42.72 6.64 3.05
CA GLU E 395 43.96 7.39 2.89
C GLU E 395 44.69 7.46 4.21
N ASP E 396 46.02 7.40 4.15
CA ASP E 396 46.85 7.49 5.33
C ASP E 396 46.81 8.90 5.92
N SER E 397 47.51 9.08 7.04
CA SER E 397 47.55 10.36 7.73
C SER E 397 48.09 11.48 6.84
N LYS E 404 39.56 10.18 7.79
CA LYS E 404 39.98 10.32 6.41
C LYS E 404 39.70 9.02 5.64
N LEU E 405 38.56 8.99 4.95
CA LEU E 405 38.07 7.81 4.27
C LEU E 405 37.76 8.14 2.82
N VAL E 406 38.03 7.19 1.94
CA VAL E 406 37.84 7.39 0.50
C VAL E 406 36.53 6.74 0.03
N GLY E 407 36.29 5.49 0.38
CA GLY E 407 34.99 4.93 0.03
C GLY E 407 35.00 3.41 -0.01
N VAL E 408 34.08 2.87 -0.81
CA VAL E 408 33.83 1.43 -0.90
C VAL E 408 34.11 0.98 -2.33
N LEU E 409 34.45 -0.30 -2.47
CA LEU E 409 34.79 -0.85 -3.78
C LEU E 409 34.40 -2.32 -3.84
N SER E 410 33.74 -2.72 -4.94
CA SER E 410 33.33 -4.09 -5.16
C SER E 410 34.03 -4.68 -6.37
N GLU E 411 34.27 -5.99 -6.34
CA GLU E 411 34.95 -6.67 -7.44
C GLU E 411 34.12 -6.64 -8.71
N ASP E 412 32.79 -6.62 -8.60
CA ASP E 412 31.93 -6.51 -9.77
C ASP E 412 32.26 -5.25 -10.57
N HIS E 413 32.27 -4.10 -9.88
CA HIS E 413 32.63 -2.86 -10.56
C HIS E 413 34.07 -2.90 -11.06
N ILE E 414 34.96 -3.59 -10.35
CA ILE E 414 36.33 -3.77 -10.83
C ILE E 414 36.32 -4.37 -12.23
N ALA E 415 35.69 -5.54 -12.37
CA ALA E 415 35.65 -6.22 -13.66
C ALA E 415 34.94 -5.38 -14.71
N HIS E 416 33.80 -4.79 -14.37
CA HIS E 416 33.02 -4.05 -15.35
C HIS E 416 33.74 -2.79 -15.82
N SER E 417 34.51 -2.14 -14.95
CA SER E 417 35.30 -0.99 -15.35
C SER E 417 36.54 -1.42 -16.13
N LEU E 418 37.10 -2.59 -15.80
CA LEU E 418 38.23 -3.12 -16.58
C LEU E 418 37.80 -3.39 -18.02
N GLN E 419 36.64 -4.00 -18.20
CA GLN E 419 36.14 -4.24 -19.55
C GLN E 419 35.68 -2.96 -20.24
N SER E 420 35.33 -1.93 -19.47
CA SER E 420 34.88 -0.66 -20.02
C SER E 420 36.01 0.21 -20.53
N GLY E 421 37.27 -0.23 -20.40
CA GLY E 421 38.38 0.59 -20.84
C GLY E 421 38.62 1.82 -20.00
N ARG E 422 38.11 1.85 -18.77
CA ARG E 422 38.34 2.97 -17.86
C ARG E 422 39.19 2.61 -16.65
N CYS E 423 39.43 1.33 -16.41
CA CYS E 423 40.27 0.87 -15.30
C CYS E 423 41.37 0.00 -15.89
N ALA E 424 42.55 0.59 -16.04
CA ALA E 424 43.71 -0.16 -16.51
C ALA E 424 44.22 -1.09 -15.41
N MET E 425 45.02 -2.07 -15.84
CA MET E 425 45.56 -3.02 -14.87
C MET E 425 46.59 -2.38 -13.95
N GLN E 426 47.31 -1.37 -14.45
CA GLN E 426 48.26 -0.62 -13.65
C GLN E 426 47.63 0.56 -12.91
N SER E 427 46.31 0.71 -12.98
CA SER E 427 45.65 1.85 -12.37
C SER E 427 45.47 1.65 -10.87
N PRO E 428 45.42 2.73 -10.10
CA PRO E 428 45.18 2.61 -8.66
C PRO E 428 43.71 2.30 -8.37
N VAL E 429 43.48 1.75 -7.18
CA VAL E 429 42.14 1.33 -6.80
C VAL E 429 41.21 2.53 -6.68
N LYS E 430 41.73 3.67 -6.21
CA LYS E 430 40.91 4.86 -6.04
C LYS E 430 40.23 5.29 -7.33
N ASP E 431 40.75 4.88 -8.48
CA ASP E 431 40.13 5.24 -9.75
C ASP E 431 38.76 4.57 -9.90
N ILE E 432 38.63 3.34 -9.41
CA ILE E 432 37.42 2.54 -9.63
C ILE E 432 36.57 2.43 -8.37
N ALA E 433 36.95 3.08 -7.28
CA ALA E 433 36.20 2.98 -6.04
C ALA E 433 35.02 3.94 -6.05
N PHE E 434 34.06 3.67 -5.16
CA PHE E 434 32.91 4.54 -4.97
C PHE E 434 33.26 5.60 -3.92
N LYS E 435 33.19 6.87 -4.31
CA LYS E 435 33.68 7.97 -3.49
C LYS E 435 32.59 8.63 -2.64
N LYS E 436 31.32 8.32 -2.88
CA LYS E 436 30.23 8.86 -2.09
C LYS E 436 30.00 7.97 -0.87
N LEU E 437 30.10 8.56 0.32
CA LEU E 437 29.94 7.80 1.56
C LEU E 437 29.48 8.71 2.68
N ALA E 438 28.96 8.08 3.74
CA ALA E 438 28.48 8.76 4.93
C ALA E 438 29.11 8.11 6.15
N LYS E 439 29.71 8.92 7.01
CA LYS E 439 30.37 8.41 8.21
C LYS E 439 29.39 8.22 9.35
N ALA E 440 29.52 7.08 10.04
CA ALA E 440 28.70 6.76 11.20
C ALA E 440 29.59 6.18 12.29
N LEU E 441 29.00 5.96 13.46
CA LEU E 441 29.72 5.38 14.58
C LEU E 441 28.79 4.43 15.33
N PRO E 442 29.34 3.41 15.99
CA PRO E 442 28.48 2.34 16.54
C PRO E 442 27.35 2.79 17.47
N SER E 443 27.50 3.88 18.21
CA SER E 443 26.43 4.27 19.12
C SER E 443 25.26 4.94 18.41
N ALA E 444 25.41 5.28 17.12
CA ALA E 444 24.35 5.96 16.40
C ALA E 444 23.13 5.05 16.26
N TYR E 445 21.95 5.66 16.36
CA TYR E 445 20.69 4.92 16.26
C TYR E 445 20.43 4.47 14.83
N LEU E 446 19.49 3.55 14.68
CA LEU E 446 19.09 3.09 13.36
C LEU E 446 18.30 4.16 12.60
N ARG E 447 17.59 5.03 13.31
CA ARG E 447 16.80 6.05 12.64
C ARG E 447 17.70 7.07 11.93
N ASP E 448 18.81 7.46 12.58
CA ASP E 448 19.69 8.44 11.97
C ASP E 448 20.45 7.86 10.78
N VAL E 449 20.86 6.59 10.86
CA VAL E 449 21.52 5.98 9.72
C VAL E 449 20.52 5.74 8.59
N ALA E 450 19.26 5.44 8.91
CA ALA E 450 18.25 5.31 7.86
C ALA E 450 17.98 6.66 7.20
N LYS E 451 18.03 7.74 7.97
CA LYS E 451 17.91 9.08 7.39
C LYS E 451 19.10 9.40 6.50
N ALA E 452 20.31 9.06 6.96
CA ALA E 452 21.50 9.31 6.15
C ALA E 452 21.52 8.47 4.88
N LEU E 453 20.90 7.29 4.91
CA LEU E 453 20.81 6.46 3.71
C LEU E 453 19.95 7.09 2.63
N ASP E 454 19.15 8.11 2.96
CA ASP E 454 18.38 8.83 1.96
C ASP E 454 19.28 9.66 1.06
N PHE E 455 20.52 9.90 1.46
CA PHE E 455 21.47 10.71 0.71
C PHE E 455 22.72 9.95 0.29
N SER E 456 23.07 8.85 0.96
CA SER E 456 24.26 8.08 0.64
C SER E 456 23.88 6.62 0.43
N PRO E 457 24.45 5.97 -0.60
CA PRO E 457 24.11 4.55 -0.83
C PRO E 457 24.64 3.62 0.25
N TYR E 458 25.87 3.84 0.70
CA TYR E 458 26.49 3.03 1.74
C TYR E 458 26.70 3.85 3.00
N VAL E 459 26.82 3.17 4.13
CA VAL E 459 27.07 3.80 5.42
C VAL E 459 28.23 3.07 6.09
N CYS E 460 29.31 3.80 6.37
CA CYS E 460 30.51 3.26 6.97
C CYS E 460 30.63 3.71 8.42
N VAL E 461 31.12 2.81 9.27
CA VAL E 461 31.26 3.10 10.70
C VAL E 461 32.65 3.68 10.95
N MET E 462 32.79 4.40 12.05
CA MET E 462 34.07 4.98 12.43
C MET E 462 34.15 5.10 13.94
N ASP E 463 35.15 4.45 14.54
CA ASP E 463 35.42 4.54 15.97
C ASP E 463 36.53 5.56 16.18
N GLU E 464 36.17 6.72 16.71
CA GLU E 464 37.12 7.80 16.94
C GLU E 464 37.84 7.68 18.29
N LYS E 465 37.63 6.59 19.02
CA LYS E 465 38.27 6.39 20.31
C LYS E 465 39.75 6.05 20.14
N CYS E 493 42.72 2.05 17.43
CA CYS E 493 42.96 2.03 15.99
C CYS E 493 41.69 2.32 15.21
N PRO E 494 41.82 2.90 14.01
CA PRO E 494 40.65 3.13 13.17
C PRO E 494 40.15 1.84 12.53
N HIS E 495 39.32 1.10 13.25
CA HIS E 495 38.87 -0.23 12.84
C HIS E 495 37.35 -0.21 12.68
N PHE E 496 36.90 0.08 11.46
CA PHE E 496 35.48 0.00 11.14
C PHE E 496 35.03 -1.46 11.14
N LEU E 497 33.76 -1.67 11.51
CA LEU E 497 33.23 -3.02 11.66
C LEU E 497 32.43 -3.50 10.47
N GLY E 498 31.90 -2.61 9.63
CA GLY E 498 31.18 -3.06 8.46
C GLY E 498 30.51 -1.91 7.74
N VAL E 499 29.91 -2.27 6.60
CA VAL E 499 29.15 -1.33 5.78
C VAL E 499 27.70 -1.79 5.76
N ILE E 500 26.79 -0.81 5.67
CA ILE E 500 25.36 -1.05 5.81
C ILE E 500 24.62 -0.37 4.66
N THR E 501 23.66 -1.07 4.08
CA THR E 501 22.80 -0.53 3.03
C THR E 501 21.35 -0.74 3.42
N ARG E 502 20.45 -0.13 2.63
CA ARG E 502 19.03 -0.17 2.97
C ARG E 502 18.45 -1.58 2.93
N ILE E 503 18.92 -2.41 1.99
CA ILE E 503 18.39 -3.78 1.93
C ILE E 503 18.72 -4.54 3.20
N ASP E 504 19.88 -4.26 3.81
CA ASP E 504 20.20 -4.86 5.10
C ASP E 504 19.24 -4.38 6.18
N LEU E 505 18.86 -3.10 6.13
CA LEU E 505 17.89 -2.57 7.10
C LEU E 505 16.52 -3.21 6.93
N LEU E 506 16.10 -3.44 5.69
CA LEU E 506 14.79 -4.08 5.49
C LEU E 506 14.84 -5.55 5.91
N HIS E 507 15.96 -6.23 5.66
CA HIS E 507 16.10 -7.60 6.14
C HIS E 507 16.09 -7.65 7.66
N TRP E 508 16.71 -6.66 8.31
CA TRP E 508 16.66 -6.56 9.76
C TRP E 508 15.22 -6.32 10.25
N LEU E 509 14.49 -5.45 9.57
CA LEU E 509 13.08 -5.23 9.88
C LEU E 509 12.22 -6.45 9.60
N ALA E 510 12.69 -7.37 8.77
CA ALA E 510 11.95 -8.60 8.52
C ALA E 510 12.02 -9.56 9.70
N THR E 511 12.98 -9.39 10.60
CA THR E 511 13.03 -10.19 11.81
C THR E 511 12.08 -9.67 12.90
N LYS E 512 11.49 -8.49 12.70
CA LYS E 512 10.49 -7.93 13.58
C LYS E 512 9.14 -7.90 12.86
N GLN E 513 8.11 -7.51 13.61
CA GLN E 513 6.77 -7.41 13.04
C GLN E 513 6.09 -6.11 13.45
N ALA F 6 4.19 -14.47 -52.78
CA ALA F 6 2.76 -14.34 -52.50
C ALA F 6 2.25 -15.54 -51.71
N ASP F 7 0.97 -15.87 -51.90
CA ASP F 7 0.35 -17.04 -51.25
C ASP F 7 -0.53 -17.73 -52.29
N GLY F 8 0.04 -18.69 -53.01
CA GLY F 8 -0.70 -19.45 -53.98
C GLY F 8 -1.08 -20.88 -53.60
N PRO F 9 -0.15 -21.64 -52.97
CA PRO F 9 -0.49 -23.05 -52.66
C PRO F 9 -1.21 -23.24 -51.34
N TYR F 10 -1.02 -22.31 -50.41
CA TYR F 10 -1.58 -22.45 -49.06
C TYR F 10 -2.55 -21.31 -48.71
N SER F 11 -2.93 -20.49 -49.69
CA SER F 11 -3.88 -19.42 -49.41
C SER F 11 -5.24 -19.94 -48.97
N GLY F 12 -5.58 -21.19 -49.31
CA GLY F 12 -6.80 -21.82 -48.87
C GLY F 12 -6.59 -22.77 -47.72
N ILE F 13 -7.65 -23.51 -47.40
CA ILE F 13 -7.60 -24.57 -46.40
C ILE F 13 -7.37 -25.89 -47.11
N LEU F 14 -6.74 -26.83 -46.41
CA LEU F 14 -6.37 -28.12 -46.97
C LEU F 14 -7.27 -29.21 -46.40
N ASP F 15 -7.71 -30.12 -47.27
CA ASP F 15 -8.65 -31.16 -46.85
C ASP F 15 -7.99 -32.19 -45.95
N SER F 16 -6.70 -32.44 -46.11
CA SER F 16 -5.99 -33.44 -45.32
C SER F 16 -4.50 -33.13 -45.35
N VAL F 17 -3.72 -33.96 -44.66
CA VAL F 17 -2.28 -33.75 -44.60
C VAL F 17 -1.63 -34.09 -45.95
N LEU F 18 -2.25 -34.97 -46.72
CA LEU F 18 -1.68 -35.35 -48.02
C LEU F 18 -1.56 -34.16 -48.96
N ASP F 19 -2.46 -33.18 -48.84
CA ASP F 19 -2.40 -31.98 -49.67
C ASP F 19 -1.35 -30.98 -49.19
N ALA F 20 -0.56 -31.32 -48.18
CA ALA F 20 0.46 -30.42 -47.66
C ALA F 20 1.88 -30.89 -47.96
N ILE F 21 2.04 -31.92 -48.78
CA ILE F 21 3.35 -32.45 -49.12
C ILE F 21 3.86 -31.78 -50.38
N GLY F 22 5.16 -31.56 -50.44
CA GLY F 22 5.76 -30.86 -51.56
C GLY F 22 5.88 -29.37 -51.30
N ASN F 23 5.99 -28.62 -52.41
CA ASN F 23 6.12 -27.16 -52.36
C ASN F 23 7.28 -26.74 -51.47
N THR F 24 8.35 -27.54 -51.44
CA THR F 24 9.47 -27.33 -50.56
C THR F 24 10.36 -26.20 -51.08
N PRO F 25 10.78 -25.29 -50.21
CA PRO F 25 11.58 -24.15 -50.66
C PRO F 25 13.00 -24.57 -51.02
N MET F 26 13.64 -23.72 -51.83
CA MET F 26 15.03 -23.91 -52.26
C MET F 26 15.87 -22.84 -51.58
N VAL F 27 16.90 -23.26 -50.86
CA VAL F 27 17.73 -22.33 -50.10
C VAL F 27 19.16 -22.37 -50.62
N ARG F 28 19.81 -21.22 -50.67
CA ARG F 28 21.20 -21.14 -51.09
C ARG F 28 22.12 -21.29 -49.90
N MET F 29 23.06 -22.24 -49.98
CA MET F 29 24.01 -22.49 -48.90
C MET F 29 25.27 -21.66 -49.15
N LYS F 30 25.09 -20.35 -49.05
CA LYS F 30 26.21 -19.43 -49.25
C LYS F 30 27.27 -19.61 -48.17
N ARG F 31 26.84 -19.73 -46.92
CA ARG F 31 27.78 -19.84 -45.81
C ARG F 31 28.53 -21.17 -45.85
N LEU F 32 27.83 -22.26 -46.16
CA LEU F 32 28.49 -23.56 -46.24
C LEU F 32 29.49 -23.59 -47.40
N ALA F 33 29.12 -23.00 -48.53
CA ALA F 33 30.05 -22.90 -49.66
C ALA F 33 31.28 -22.09 -49.27
N LYS F 34 31.09 -20.97 -48.57
CA LYS F 34 32.22 -20.17 -48.12
C LYS F 34 33.10 -20.96 -47.16
N VAL F 35 32.49 -21.77 -46.29
CA VAL F 35 33.26 -22.59 -45.36
C VAL F 35 34.10 -23.62 -46.11
N TYR F 36 33.49 -24.29 -47.09
CA TYR F 36 34.19 -25.32 -47.84
C TYR F 36 34.93 -24.80 -49.07
N GLY F 37 34.79 -23.51 -49.38
CA GLY F 37 35.50 -22.93 -50.50
C GLY F 37 34.94 -23.32 -51.86
N LEU F 38 33.63 -23.21 -52.01
CA LEU F 38 32.95 -23.57 -53.26
C LEU F 38 32.52 -22.30 -53.97
N GLU F 39 33.00 -22.10 -55.19
CA GLU F 39 32.77 -20.84 -55.89
C GLU F 39 31.32 -20.72 -56.35
N CYS F 40 30.75 -21.79 -56.91
CA CYS F 40 29.41 -21.72 -57.47
C CYS F 40 28.37 -21.59 -56.37
N ASP F 41 27.12 -21.40 -56.79
CA ASP F 41 25.98 -21.29 -55.88
C ASP F 41 25.45 -22.68 -55.58
N LEU F 42 25.53 -23.09 -54.32
CA LEU F 42 25.05 -24.39 -53.89
C LEU F 42 23.61 -24.24 -53.42
N LEU F 43 22.67 -24.75 -54.20
CA LEU F 43 21.25 -24.71 -53.88
C LEU F 43 20.83 -26.03 -53.26
N ALA F 44 19.95 -25.96 -52.26
CA ALA F 44 19.46 -27.12 -51.53
C ALA F 44 17.95 -27.14 -51.62
N LYS F 45 17.40 -28.23 -52.13
CA LYS F 45 15.95 -28.46 -52.18
C LYS F 45 15.54 -29.10 -50.86
N CYS F 46 14.97 -28.30 -49.97
CA CYS F 46 14.67 -28.72 -48.60
C CYS F 46 13.44 -29.63 -48.60
N GLU F 47 13.64 -30.85 -49.11
CA GLU F 47 12.56 -31.83 -49.14
C GLU F 47 12.12 -32.26 -47.76
N PHE F 48 12.98 -32.10 -46.75
CA PHE F 48 12.66 -32.51 -45.39
C PHE F 48 11.57 -31.65 -44.74
N MET F 49 11.13 -30.60 -45.40
CA MET F 49 10.11 -29.71 -44.85
C MET F 49 8.70 -30.10 -45.27
N SER F 50 8.53 -31.25 -45.91
CA SER F 50 7.20 -31.74 -46.22
C SER F 50 6.45 -32.12 -44.94
N ALA F 51 5.16 -32.45 -45.11
CA ALA F 51 4.33 -32.77 -43.97
C ALA F 51 4.87 -33.97 -43.19
N GLY F 52 5.30 -35.01 -43.90
CA GLY F 52 5.92 -36.16 -43.28
C GLY F 52 7.40 -36.04 -43.04
N GLY F 53 8.00 -34.92 -43.44
CA GLY F 53 9.42 -34.70 -43.21
C GLY F 53 10.33 -35.57 -44.04
N SER F 54 9.93 -35.89 -45.27
CA SER F 54 10.73 -36.73 -46.14
C SER F 54 10.26 -36.55 -47.58
N VAL F 55 11.15 -36.90 -48.51
CA VAL F 55 10.81 -36.85 -49.92
C VAL F 55 9.81 -37.93 -50.31
N LYS F 56 9.68 -38.98 -49.50
CA LYS F 56 8.84 -40.12 -49.84
C LYS F 56 7.36 -39.84 -49.72
N ASP F 57 6.97 -38.70 -49.12
CA ASP F 57 5.56 -38.35 -49.03
C ASP F 57 4.92 -38.27 -50.42
N ARG F 58 5.61 -37.64 -51.37
CA ARG F 58 5.08 -37.53 -52.72
C ARG F 58 4.86 -38.90 -53.34
N ILE F 59 5.86 -39.78 -53.23
CA ILE F 59 5.74 -41.08 -53.86
C ILE F 59 4.67 -41.91 -53.18
N GLY F 60 4.49 -41.77 -51.86
CA GLY F 60 3.42 -42.48 -51.19
C GLY F 60 2.05 -42.03 -51.64
N LYS F 61 1.80 -40.72 -51.57
CA LYS F 61 0.54 -40.16 -52.05
C LYS F 61 0.25 -40.59 -53.49
N ALA F 62 1.25 -40.51 -54.36
CA ALA F 62 1.00 -40.79 -55.77
C ALA F 62 0.83 -42.27 -56.03
N MET F 63 1.52 -43.13 -55.27
CA MET F 63 1.32 -44.57 -55.43
C MET F 63 -0.07 -44.99 -54.98
N VAL F 64 -0.56 -44.43 -53.87
CA VAL F 64 -1.93 -44.74 -53.47
C VAL F 64 -2.93 -44.17 -54.48
N GLU F 65 -2.65 -42.98 -55.02
CA GLU F 65 -3.53 -42.40 -56.04
C GLU F 65 -3.56 -43.27 -57.30
N LYS F 66 -2.42 -43.79 -57.71
CA LYS F 66 -2.37 -44.68 -58.87
C LYS F 66 -3.12 -45.98 -58.59
N ALA F 67 -2.94 -46.54 -57.40
CA ALA F 67 -3.67 -47.76 -57.03
C ALA F 67 -5.17 -47.52 -57.10
N GLU F 68 -5.62 -46.36 -56.63
CA GLU F 68 -7.04 -46.04 -56.71
C GLU F 68 -7.49 -45.80 -58.15
N ARG F 69 -6.62 -45.25 -58.99
CA ARG F 69 -6.98 -44.96 -60.37
C ARG F 69 -7.16 -46.24 -61.18
N GLU F 70 -6.48 -47.32 -60.80
CA GLU F 70 -6.62 -48.59 -61.49
C GLU F 70 -7.66 -49.49 -60.85
N GLY F 71 -8.40 -48.99 -59.86
CA GLY F 71 -9.46 -49.74 -59.21
C GLY F 71 -9.01 -50.94 -58.42
N ARG F 72 -7.71 -51.08 -58.16
CA ARG F 72 -7.19 -52.20 -57.40
C ARG F 72 -7.15 -51.96 -55.90
N LEU F 73 -7.78 -50.89 -55.42
CA LEU F 73 -7.70 -50.53 -54.00
C LEU F 73 -9.04 -49.96 -53.54
N LYS F 74 -9.56 -50.52 -52.46
CA LYS F 74 -10.82 -50.11 -51.86
C LYS F 74 -10.63 -49.88 -50.37
N ALA F 75 -11.52 -49.09 -49.79
CA ALA F 75 -11.42 -48.76 -48.36
C ALA F 75 -11.46 -50.02 -47.52
N GLY F 76 -10.67 -50.01 -46.44
CA GLY F 76 -10.56 -51.15 -45.55
C GLY F 76 -9.45 -52.13 -45.89
N ASP F 77 -8.87 -52.04 -47.09
CA ASP F 77 -7.82 -52.95 -47.49
C ASP F 77 -6.56 -52.71 -46.66
N THR F 78 -5.63 -53.67 -46.75
CA THR F 78 -4.36 -53.62 -46.04
C THR F 78 -3.23 -53.29 -47.02
N LEU F 79 -2.32 -52.42 -46.59
CA LEU F 79 -1.19 -52.00 -47.41
C LEU F 79 0.11 -52.45 -46.75
N ILE F 80 0.97 -53.09 -47.54
CA ILE F 80 2.26 -53.56 -47.08
C ILE F 80 3.33 -52.99 -47.99
N GLU F 81 4.45 -52.55 -47.41
CA GLU F 81 5.52 -51.96 -48.21
C GLU F 81 6.87 -52.07 -47.52
N PRO F 82 7.88 -52.65 -48.17
CA PRO F 82 9.23 -52.63 -47.61
C PRO F 82 9.88 -51.26 -47.85
N THR F 83 10.52 -50.74 -46.80
CA THR F 83 11.08 -49.39 -46.87
C THR F 83 12.20 -49.26 -45.85
N SER F 84 13.03 -48.23 -46.05
CA SER F 84 14.02 -47.86 -45.06
C SER F 84 13.42 -47.02 -43.94
N GLY F 85 12.16 -46.63 -44.04
CA GLY F 85 11.48 -45.95 -42.96
C GLY F 85 10.64 -44.76 -43.35
N ASN F 86 11.05 -44.03 -44.39
CA ASN F 86 10.33 -42.82 -44.77
C ASN F 86 9.15 -43.10 -45.69
N THR F 87 9.32 -43.99 -46.67
CA THR F 87 8.20 -44.40 -47.50
C THR F 87 7.14 -45.08 -46.66
N GLY F 88 7.55 -45.84 -45.64
CA GLY F 88 6.61 -46.38 -44.68
C GLY F 88 5.81 -45.30 -43.97
N ILE F 89 6.48 -44.21 -43.60
CA ILE F 89 5.79 -43.10 -42.93
C ILE F 89 4.76 -42.47 -43.87
N GLY F 90 5.18 -42.21 -45.11
CA GLY F 90 4.26 -41.62 -46.08
C GLY F 90 3.04 -42.49 -46.33
N LEU F 91 3.26 -43.79 -46.55
CA LEU F 91 2.14 -44.68 -46.78
C LEU F 91 1.30 -44.87 -45.53
N ALA F 92 1.90 -44.80 -44.34
CA ALA F 92 1.12 -44.92 -43.11
C ALA F 92 0.20 -43.72 -42.91
N LEU F 93 0.71 -42.51 -43.15
CA LEU F 93 -0.17 -41.34 -43.08
C LEU F 93 -1.25 -41.40 -44.15
N ALA F 94 -0.88 -41.78 -45.37
CA ALA F 94 -1.87 -41.91 -46.44
C ALA F 94 -2.96 -42.91 -46.07
N ALA F 95 -2.59 -44.02 -45.44
CA ALA F 95 -3.56 -45.03 -45.07
C ALA F 95 -4.44 -44.55 -43.92
N ALA F 96 -3.84 -43.93 -42.90
CA ALA F 96 -4.63 -43.38 -41.80
C ALA F 96 -5.62 -42.34 -42.30
N VAL F 97 -5.26 -41.60 -43.35
CA VAL F 97 -6.20 -40.63 -43.91
C VAL F 97 -7.29 -41.33 -44.71
N ARG F 98 -6.90 -42.16 -45.67
CA ARG F 98 -7.84 -42.79 -46.60
C ARG F 98 -8.41 -44.10 -46.08
N GLY F 99 -8.19 -44.44 -44.81
CA GLY F 99 -8.84 -45.59 -44.21
C GLY F 99 -8.30 -46.92 -44.68
N TYR F 100 -6.99 -47.07 -44.69
CA TYR F 100 -6.34 -48.32 -45.04
C TYR F 100 -5.53 -48.84 -43.87
N ARG F 101 -5.28 -50.15 -43.87
CA ARG F 101 -4.45 -50.78 -42.85
C ARG F 101 -3.02 -50.86 -43.34
N MET F 102 -2.07 -50.62 -42.43
CA MET F 102 -0.66 -50.53 -42.78
C MET F 102 0.14 -51.61 -42.05
N ILE F 103 0.99 -52.30 -42.80
CA ILE F 103 1.98 -53.21 -42.25
C ILE F 103 3.29 -52.91 -42.95
N VAL F 104 4.32 -52.58 -42.17
CA VAL F 104 5.59 -52.10 -42.71
C VAL F 104 6.68 -53.12 -42.38
N THR F 105 7.55 -53.36 -43.36
CA THR F 105 8.71 -54.23 -43.19
C THR F 105 9.96 -53.39 -43.39
N MET F 106 10.81 -53.34 -42.38
CA MET F 106 12.03 -52.53 -42.44
C MET F 106 13.16 -53.25 -41.74
N PRO F 107 14.39 -53.11 -42.22
CA PRO F 107 15.53 -53.74 -41.55
C PRO F 107 15.75 -53.20 -40.15
N ALA F 108 16.31 -54.04 -39.29
CA ALA F 108 16.61 -53.62 -37.92
C ALA F 108 17.67 -52.53 -37.87
N LYS F 109 18.44 -52.35 -38.94
CA LYS F 109 19.46 -51.31 -38.99
C LYS F 109 18.86 -49.92 -38.84
N MET F 110 17.63 -49.73 -39.35
CA MET F 110 17.03 -48.41 -39.36
C MET F 110 16.78 -47.91 -37.94
N SER F 111 16.68 -46.59 -37.81
CA SER F 111 16.55 -45.95 -36.51
C SER F 111 15.27 -46.38 -35.81
N ALA F 112 15.23 -46.13 -34.49
CA ALA F 112 14.05 -46.44 -33.70
C ALA F 112 13.01 -45.34 -33.78
N GLU F 113 13.39 -44.12 -34.15
CA GLU F 113 12.42 -43.04 -34.28
C GLU F 113 11.44 -43.32 -35.42
N LYS F 114 11.92 -43.92 -36.51
CA LYS F 114 11.02 -44.32 -37.59
C LYS F 114 10.01 -45.35 -37.11
N SER F 115 10.49 -46.36 -36.39
CA SER F 115 9.59 -47.37 -35.84
C SER F 115 8.55 -46.76 -34.91
N ASN F 116 8.98 -45.86 -34.02
CA ASN F 116 8.06 -45.25 -33.08
C ASN F 116 7.04 -44.36 -33.79
N ILE F 117 7.47 -43.59 -34.79
CA ILE F 117 6.54 -42.69 -35.47
C ILE F 117 5.57 -43.48 -36.34
N MET F 118 6.00 -44.62 -36.91
CA MET F 118 5.05 -45.44 -37.65
C MET F 118 4.12 -46.22 -36.73
N LYS F 119 4.55 -46.49 -35.50
CA LYS F 119 3.65 -47.06 -34.51
C LYS F 119 2.61 -46.03 -34.07
N CYS F 120 3.02 -44.76 -33.98
CA CYS F 120 2.07 -43.69 -33.64
C CYS F 120 1.03 -43.51 -34.73
N LEU F 121 1.38 -43.78 -35.98
CA LEU F 121 0.44 -43.72 -37.09
C LEU F 121 -0.43 -44.96 -37.20
N GLY F 122 -0.37 -45.86 -36.22
CA GLY F 122 -1.23 -47.04 -36.22
C GLY F 122 -0.84 -48.09 -37.23
N ALA F 123 0.44 -48.23 -37.54
CA ALA F 123 0.92 -49.21 -38.50
C ALA F 123 1.56 -50.39 -37.79
N GLU F 124 1.25 -51.59 -38.27
CA GLU F 124 1.94 -52.78 -37.79
C GLU F 124 3.35 -52.83 -38.38
N ILE F 125 4.32 -53.14 -37.54
CA ILE F 125 5.73 -53.06 -37.94
C ILE F 125 6.39 -54.41 -37.69
N VAL F 126 6.89 -55.02 -38.76
CA VAL F 126 7.68 -56.25 -38.68
C VAL F 126 9.10 -55.92 -39.12
N ARG F 127 10.08 -56.43 -38.38
CA ARG F 127 11.48 -56.13 -38.64
C ARG F 127 12.17 -57.31 -39.30
N THR F 128 13.24 -57.00 -40.03
CA THR F 128 14.06 -57.98 -40.71
C THR F 128 15.52 -57.76 -40.34
N PRO F 129 16.33 -58.82 -40.34
CA PRO F 129 17.75 -58.65 -40.00
C PRO F 129 18.45 -57.77 -41.03
N THR F 130 19.36 -56.93 -40.54
CA THR F 130 20.05 -55.99 -41.42
C THR F 130 20.99 -56.72 -42.37
N GLU F 131 21.63 -57.79 -41.91
CA GLU F 131 22.60 -58.53 -42.72
C GLU F 131 21.94 -59.41 -43.78
N ALA F 132 20.62 -59.47 -43.83
CA ALA F 132 19.94 -60.35 -44.78
C ALA F 132 20.09 -59.80 -46.20
N ALA F 133 20.53 -60.66 -47.12
CA ALA F 133 20.62 -60.29 -48.52
C ALA F 133 19.23 -60.22 -49.14
N TRP F 134 19.16 -59.61 -50.32
CA TRP F 134 17.88 -59.47 -51.02
C TRP F 134 17.33 -60.81 -51.47
N ASN F 135 18.20 -61.81 -51.67
CA ASN F 135 17.74 -63.14 -52.06
C ASN F 135 17.05 -63.87 -50.91
N ASP F 136 17.34 -63.51 -49.66
CA ASP F 136 16.78 -64.21 -48.52
C ASP F 136 15.26 -64.07 -48.48
N GLU F 137 14.60 -65.14 -48.02
CA GLU F 137 13.16 -65.08 -47.76
C GLU F 137 12.86 -64.33 -46.47
N ASN F 138 13.87 -64.02 -45.67
CA ASN F 138 13.71 -63.22 -44.46
C ASN F 138 14.05 -61.75 -44.69
N SER F 139 14.29 -61.35 -45.93
CA SER F 139 14.49 -59.95 -46.24
C SER F 139 13.15 -59.23 -46.22
N HIS F 140 13.22 -57.89 -46.13
CA HIS F 140 12.00 -57.09 -46.04
C HIS F 140 11.08 -57.34 -47.23
N MET F 141 11.65 -57.49 -48.42
CA MET F 141 10.83 -57.75 -49.61
C MET F 141 10.23 -59.15 -49.57
N GLY F 142 11.04 -60.16 -49.19
CA GLY F 142 10.51 -61.52 -49.10
C GLY F 142 9.46 -61.68 -48.03
N VAL F 143 9.67 -61.10 -46.85
CA VAL F 143 8.67 -61.19 -45.80
C VAL F 143 7.43 -60.39 -46.18
N ALA F 144 7.59 -59.28 -46.90
CA ALA F 144 6.42 -58.55 -47.39
C ALA F 144 5.62 -59.42 -48.37
N ALA F 145 6.31 -60.13 -49.26
CA ALA F 145 5.62 -61.05 -50.17
C ALA F 145 4.90 -62.14 -49.39
N LYS F 146 5.54 -62.68 -48.34
CA LYS F 146 4.91 -63.69 -47.51
C LYS F 146 3.65 -63.16 -46.85
N LEU F 147 3.71 -61.95 -46.31
CA LEU F 147 2.53 -61.34 -45.68
C LEU F 147 1.42 -61.13 -46.70
N GLN F 148 1.79 -60.71 -47.92
CA GLN F 148 0.79 -60.57 -48.98
C GLN F 148 0.14 -61.91 -49.29
N ARG F 149 0.93 -62.98 -49.33
CA ARG F 149 0.38 -64.30 -49.60
C ARG F 149 -0.56 -64.76 -48.49
N GLU F 150 -0.24 -64.44 -47.23
CA GLU F 150 -0.98 -64.95 -46.10
C GLU F 150 -2.13 -64.07 -45.63
N LEU F 151 -2.23 -62.83 -46.11
CA LEU F 151 -3.22 -61.90 -45.60
C LEU F 151 -4.30 -61.60 -46.63
N GLU F 152 -5.47 -61.23 -46.13
CA GLU F 152 -6.63 -60.93 -46.97
C GLU F 152 -6.65 -59.46 -47.37
N ASN F 153 -7.00 -59.20 -48.63
CA ASN F 153 -7.12 -57.85 -49.18
C ASN F 153 -5.84 -57.04 -49.02
N ALA F 154 -4.69 -57.70 -48.91
CA ALA F 154 -3.41 -57.02 -48.75
C ALA F 154 -2.82 -56.69 -50.11
N HIS F 155 -2.08 -55.58 -50.16
CA HIS F 155 -1.43 -55.13 -51.38
C HIS F 155 -0.04 -54.62 -51.07
N ILE F 156 0.88 -54.84 -52.00
CA ILE F 156 2.22 -54.27 -51.96
C ILE F 156 2.37 -53.35 -53.15
N LEU F 157 2.78 -52.11 -52.90
CA LEU F 157 2.98 -51.15 -53.97
C LEU F 157 4.40 -51.20 -54.54
N ASP F 158 5.35 -51.76 -53.80
CA ASP F 158 6.67 -52.14 -54.33
C ASP F 158 7.40 -50.95 -54.95
N GLN F 159 7.71 -49.96 -54.10
CA GLN F 159 8.42 -48.78 -54.55
C GLN F 159 9.71 -49.11 -55.30
N TYR F 160 10.26 -50.31 -55.11
CA TYR F 160 11.46 -50.70 -55.84
C TYR F 160 11.18 -51.00 -57.31
N ASN F 161 9.93 -51.33 -57.66
CA ASN F 161 9.57 -51.64 -59.04
C ASN F 161 8.42 -50.80 -59.59
N ASN F 162 7.71 -50.05 -58.75
CA ASN F 162 6.58 -49.27 -59.22
C ASN F 162 7.05 -48.06 -60.02
N THR F 163 6.54 -47.94 -61.25
CA THR F 163 6.95 -46.83 -62.12
C THR F 163 6.36 -45.49 -61.70
N ALA F 164 5.50 -45.46 -60.69
CA ALA F 164 5.00 -44.19 -60.19
C ALA F 164 6.11 -43.40 -59.50
N ASN F 165 6.93 -44.08 -58.69
CA ASN F 165 8.02 -43.42 -57.96
C ASN F 165 8.89 -42.52 -58.83
N PRO F 166 9.43 -42.97 -59.97
CA PRO F 166 10.23 -42.03 -60.78
C PRO F 166 9.39 -41.02 -61.51
N MET F 167 8.20 -41.41 -61.99
CA MET F 167 7.38 -40.51 -62.80
C MET F 167 6.87 -39.33 -61.99
N VAL F 168 6.76 -39.47 -60.66
CA VAL F 168 6.34 -38.33 -59.84
C VAL F 168 7.43 -37.27 -59.80
N HIS F 169 8.65 -37.68 -59.48
CA HIS F 169 9.78 -36.76 -59.53
C HIS F 169 9.99 -36.21 -60.94
N TYR F 170 9.56 -36.97 -61.95
CA TYR F 170 9.60 -36.47 -63.31
C TYR F 170 8.53 -35.41 -63.56
N ASP F 171 7.39 -35.50 -62.86
CA ASP F 171 6.26 -34.64 -63.18
C ASP F 171 6.22 -33.36 -62.34
N VAL F 172 6.32 -33.47 -61.01
CA VAL F 172 6.09 -32.34 -60.11
C VAL F 172 7.38 -31.82 -59.51
N THR F 173 8.20 -32.70 -58.92
CA THR F 173 9.36 -32.24 -58.16
C THR F 173 10.39 -31.57 -59.07
N ALA F 174 10.77 -32.22 -60.17
CA ALA F 174 11.73 -31.62 -61.08
C ALA F 174 11.19 -30.33 -61.69
N GLU F 175 9.88 -30.28 -61.95
CA GLU F 175 9.28 -29.04 -62.44
C GLU F 175 9.41 -27.94 -61.38
N GLU F 176 9.26 -28.30 -60.10
CA GLU F 176 9.48 -27.35 -59.02
C GLU F 176 10.91 -26.84 -59.02
N ILE F 177 11.88 -27.76 -59.16
CA ILE F 177 13.29 -27.37 -59.18
C ILE F 177 13.57 -26.44 -60.34
N ILE F 178 12.98 -26.72 -61.50
CA ILE F 178 13.23 -25.89 -62.68
C ILE F 178 12.60 -24.51 -62.49
N THR F 179 11.39 -24.46 -61.94
CA THR F 179 10.74 -23.17 -61.70
C THR F 179 11.52 -22.35 -60.67
N GLN F 180 12.10 -23.02 -59.67
CA GLN F 180 12.86 -22.30 -58.64
C GLN F 180 14.21 -21.83 -59.16
N CYS F 181 14.82 -22.60 -60.06
CA CYS F 181 16.09 -22.21 -60.66
C CYS F 181 15.92 -21.40 -61.94
N ASP F 182 14.67 -21.19 -62.38
CA ASP F 182 14.37 -20.40 -63.58
C ASP F 182 15.01 -21.02 -64.83
N GLY F 183 15.23 -22.33 -64.80
CA GLY F 183 15.80 -23.06 -65.92
C GLY F 183 17.30 -23.25 -65.85
N ASP F 184 18.02 -22.29 -65.26
CA ASP F 184 19.48 -22.34 -65.19
C ASP F 184 19.91 -23.31 -64.11
N ILE F 185 20.25 -24.53 -64.49
CA ILE F 185 20.84 -25.52 -63.60
C ILE F 185 22.02 -26.16 -64.31
N ASP F 186 23.18 -26.17 -63.65
CA ASP F 186 24.40 -26.70 -64.23
C ASP F 186 24.73 -28.10 -63.74
N MET F 187 24.54 -28.38 -62.45
CA MET F 187 24.78 -29.70 -61.89
C MET F 187 23.67 -30.05 -60.93
N VAL F 188 23.29 -31.33 -60.88
CA VAL F 188 22.27 -31.82 -59.98
C VAL F 188 22.78 -33.11 -59.35
N VAL F 189 22.87 -33.12 -58.02
CA VAL F 189 23.42 -34.25 -57.27
C VAL F 189 22.31 -34.83 -56.40
N ILE F 190 22.13 -36.14 -56.48
CA ILE F 190 21.04 -36.82 -55.78
C ILE F 190 21.59 -38.12 -55.20
N GLY F 191 21.17 -38.44 -53.98
CA GLY F 191 21.54 -39.70 -53.38
C GLY F 191 20.76 -40.86 -53.99
N ALA F 192 21.44 -41.99 -54.17
CA ALA F 192 20.88 -43.14 -54.89
C ALA F 192 20.46 -44.21 -53.89
N GLY F 193 19.15 -44.28 -53.64
CA GLY F 193 18.57 -45.36 -52.87
C GLY F 193 17.81 -46.32 -53.77
N THR F 194 16.48 -46.19 -53.78
CA THR F 194 15.67 -46.92 -54.76
C THR F 194 15.93 -46.46 -56.18
N GLY F 195 16.46 -45.25 -56.37
CA GLY F 195 16.78 -44.74 -57.69
C GLY F 195 15.65 -44.03 -58.41
N GLY F 196 14.46 -43.94 -57.81
CA GLY F 196 13.36 -43.28 -58.49
C GLY F 196 13.54 -41.79 -58.61
N THR F 197 13.98 -41.14 -57.54
CA THR F 197 14.12 -39.68 -57.55
C THR F 197 15.18 -39.25 -58.56
N ILE F 198 16.34 -39.90 -58.55
CA ILE F 198 17.40 -39.52 -59.47
C ILE F 198 16.96 -39.75 -60.91
N THR F 199 16.32 -40.89 -61.19
CA THR F 199 15.83 -41.17 -62.53
C THR F 199 14.87 -40.07 -63.00
N GLY F 200 13.80 -39.85 -62.23
CA GLY F 200 12.81 -38.87 -62.63
C GLY F 200 13.39 -37.48 -62.82
N ILE F 201 14.12 -36.98 -61.82
CA ILE F 201 14.59 -35.60 -61.87
C ILE F 201 15.65 -35.43 -62.95
N GLY F 202 16.61 -36.37 -63.03
CA GLY F 202 17.62 -36.29 -64.06
C GLY F 202 17.03 -36.31 -65.45
N ARG F 203 16.04 -37.19 -65.69
CA ARG F 203 15.43 -37.23 -67.01
C ARG F 203 14.69 -35.92 -67.31
N LYS F 204 13.93 -35.41 -66.35
CA LYS F 204 13.15 -34.20 -66.61
C LYS F 204 14.04 -33.00 -66.87
N ILE F 205 15.18 -32.90 -66.17
CA ILE F 205 16.06 -31.77 -66.44
C ILE F 205 16.87 -31.97 -67.73
N LYS F 206 17.37 -33.18 -67.98
CA LYS F 206 18.08 -33.41 -69.23
C LYS F 206 17.19 -33.18 -70.44
N GLU F 207 15.88 -33.41 -70.29
CA GLU F 207 14.95 -33.10 -71.37
C GLU F 207 14.86 -31.60 -71.62
N ARG F 208 14.69 -30.82 -70.55
CA ARG F 208 14.49 -29.38 -70.69
C ARG F 208 15.78 -28.56 -70.54
N CYS F 209 16.82 -29.12 -69.95
CA CYS F 209 18.10 -28.44 -69.79
C CYS F 209 19.22 -29.44 -69.99
N PRO F 210 19.55 -29.77 -71.25
CA PRO F 210 20.55 -30.82 -71.51
C PRO F 210 21.95 -30.47 -71.04
N LYS F 211 22.27 -29.19 -70.85
CA LYS F 211 23.61 -28.81 -70.39
C LYS F 211 23.89 -29.26 -68.97
N CYS F 212 22.86 -29.54 -68.17
CA CYS F 212 23.05 -29.88 -66.78
C CYS F 212 23.70 -31.25 -66.62
N LYS F 213 24.75 -31.31 -65.82
CA LYS F 213 25.35 -32.58 -65.45
C LYS F 213 24.59 -33.21 -64.29
N VAL F 214 24.58 -34.54 -64.25
CA VAL F 214 23.88 -35.29 -63.20
C VAL F 214 24.89 -36.19 -62.51
N VAL F 215 25.12 -35.95 -61.22
CA VAL F 215 26.03 -36.74 -60.40
C VAL F 215 25.22 -37.43 -59.32
N GLY F 216 25.49 -38.72 -59.11
CA GLY F 216 24.78 -39.51 -58.12
C GLY F 216 25.66 -39.82 -56.93
N VAL F 217 25.04 -39.92 -55.76
CA VAL F 217 25.73 -40.22 -54.51
C VAL F 217 25.26 -41.58 -54.03
N ASP F 218 26.21 -42.50 -53.83
CA ASP F 218 25.94 -43.84 -53.34
C ASP F 218 26.88 -44.17 -52.20
N PRO F 219 26.38 -44.78 -51.13
CA PRO F 219 27.24 -45.05 -49.97
C PRO F 219 28.22 -46.18 -50.24
N LYS F 220 29.36 -46.11 -49.57
CA LYS F 220 30.38 -47.16 -49.65
C LYS F 220 29.82 -48.43 -49.02
N GLY F 221 29.58 -49.44 -49.85
CA GLY F 221 28.93 -50.66 -49.39
C GLY F 221 27.90 -51.17 -50.37
N SER F 222 27.31 -50.27 -51.13
CA SER F 222 26.32 -50.63 -52.14
C SER F 222 27.02 -50.98 -53.45
N ILE F 223 26.25 -51.52 -54.39
CA ILE F 223 26.78 -51.96 -55.68
C ILE F 223 26.12 -51.21 -56.82
N LEU F 224 25.62 -50.00 -56.55
CA LEU F 224 24.93 -49.21 -57.56
C LEU F 224 25.86 -48.31 -58.37
N ALA F 225 27.10 -48.13 -57.94
CA ALA F 225 28.03 -47.24 -58.63
C ALA F 225 28.54 -47.86 -59.94
N VAL F 226 29.01 -46.98 -60.83
CA VAL F 226 29.62 -47.37 -62.10
C VAL F 226 30.97 -46.67 -62.21
N PRO F 227 32.06 -47.40 -62.50
CA PRO F 227 32.02 -48.85 -62.68
C PRO F 227 32.03 -49.57 -61.34
N ASP F 228 32.10 -50.90 -61.37
CA ASP F 228 32.13 -51.67 -60.14
C ASP F 228 33.39 -51.39 -59.33
N SER F 229 34.42 -50.81 -59.96
CA SER F 229 35.66 -50.46 -59.29
C SER F 229 35.46 -49.50 -58.13
N LEU F 230 34.29 -48.87 -58.02
CA LEU F 230 33.99 -47.99 -56.90
C LEU F 230 33.46 -48.72 -55.69
N ASN F 231 32.97 -49.96 -55.86
CA ASN F 231 32.44 -50.73 -54.74
C ASN F 231 33.51 -51.51 -54.00
N ASP F 232 34.60 -51.88 -54.69
CA ASP F 232 35.64 -52.71 -54.09
C ASP F 232 36.22 -52.10 -52.83
N GLU F 233 35.96 -50.81 -52.58
CA GLU F 233 36.31 -50.19 -51.30
C GLU F 233 35.71 -50.98 -50.15
N LYS F 234 34.39 -51.11 -50.12
CA LYS F 234 33.68 -51.84 -49.06
C LYS F 234 32.65 -52.73 -49.74
N ARG F 235 33.05 -53.93 -50.15
CA ARG F 235 32.13 -54.83 -50.85
C ARG F 235 31.08 -55.38 -49.89
N LEU F 236 29.83 -54.96 -50.09
CA LEU F 236 28.68 -55.51 -49.37
C LEU F 236 28.85 -55.48 -47.86
N GLN F 237 29.57 -54.48 -47.35
CA GLN F 237 29.71 -54.29 -45.92
C GLN F 237 28.69 -53.26 -45.44
N SER F 238 28.00 -53.58 -44.35
CA SER F 238 26.95 -52.70 -43.85
C SER F 238 27.51 -51.34 -43.48
N TYR F 239 26.66 -50.32 -43.62
CA TYR F 239 27.00 -48.95 -43.31
C TYR F 239 25.92 -48.37 -42.41
N GLU F 240 26.26 -47.29 -41.71
CA GLU F 240 25.34 -46.71 -40.74
C GLU F 240 24.34 -45.74 -41.36
N VAL F 241 24.69 -45.09 -42.47
CA VAL F 241 23.73 -44.21 -43.13
C VAL F 241 22.56 -45.04 -43.65
N GLU F 242 21.35 -44.56 -43.43
CA GLU F 242 20.13 -45.27 -43.80
C GLU F 242 19.37 -44.50 -44.85
N GLY F 243 18.91 -45.20 -45.89
CA GLY F 243 18.05 -44.65 -46.92
C GLY F 243 18.60 -44.76 -48.32
N ILE F 244 19.93 -44.80 -48.45
CA ILE F 244 20.56 -44.84 -49.76
C ILE F 244 21.36 -46.13 -49.88
N GLY F 245 21.56 -46.57 -51.12
CA GLY F 245 22.35 -47.76 -51.38
C GLY F 245 21.60 -49.05 -51.12
N TYR F 246 21.89 -50.07 -51.93
CA TYR F 246 21.26 -51.37 -51.77
C TYR F 246 22.22 -52.45 -52.24
N ASP F 247 21.86 -53.70 -51.99
CA ASP F 247 22.65 -54.85 -52.41
C ASP F 247 22.17 -55.41 -53.74
N PHE F 248 21.47 -54.61 -54.54
CA PHE F 248 20.94 -55.02 -55.84
C PHE F 248 20.46 -53.77 -56.55
N VAL F 249 20.39 -53.86 -57.87
CA VAL F 249 19.91 -52.73 -58.68
C VAL F 249 18.38 -52.78 -58.70
N PRO F 250 17.70 -51.78 -58.16
CA PRO F 250 16.24 -51.80 -58.16
C PRO F 250 15.69 -51.67 -59.57
N GLY F 251 14.45 -52.15 -59.74
CA GLY F 251 13.81 -52.11 -61.04
C GLY F 251 13.55 -50.71 -61.54
N VAL F 252 13.42 -49.74 -60.63
CA VAL F 252 13.08 -48.38 -61.01
C VAL F 252 14.28 -47.55 -61.43
N LEU F 253 15.48 -47.91 -60.97
CA LEU F 253 16.67 -47.10 -61.23
C LEU F 253 17.15 -47.34 -62.66
N ASP F 254 17.08 -46.29 -63.49
CA ASP F 254 17.64 -46.31 -64.83
C ASP F 254 18.99 -45.61 -64.74
N ARG F 255 20.05 -46.41 -64.56
CA ARG F 255 21.38 -45.88 -64.33
C ARG F 255 21.97 -45.11 -65.50
N LYS F 256 21.33 -45.14 -66.68
CA LYS F 256 21.83 -44.41 -67.83
C LYS F 256 21.54 -42.92 -67.78
N VAL F 257 20.63 -42.48 -66.90
CA VAL F 257 20.32 -41.05 -66.86
C VAL F 257 21.42 -40.25 -66.16
N VAL F 258 22.13 -40.87 -65.24
CA VAL F 258 23.15 -40.17 -64.46
C VAL F 258 24.50 -40.42 -65.12
N ASP F 259 25.33 -39.38 -65.15
CA ASP F 259 26.64 -39.49 -65.80
C ASP F 259 27.71 -39.99 -64.82
N GLU F 260 27.91 -39.27 -63.72
CA GLU F 260 28.96 -39.58 -62.77
C GLU F 260 28.35 -40.09 -61.47
N TRP F 261 29.12 -40.93 -60.77
CA TRP F 261 28.76 -41.43 -59.44
C TRP F 261 29.92 -41.22 -58.48
N VAL F 262 29.60 -40.86 -57.25
CA VAL F 262 30.58 -40.55 -56.21
C VAL F 262 30.25 -41.38 -54.99
N LYS F 263 31.25 -42.09 -54.47
CA LYS F 263 31.10 -42.90 -53.27
C LYS F 263 31.39 -42.07 -52.02
N VAL F 264 30.55 -42.23 -51.00
CA VAL F 264 30.66 -41.50 -49.74
C VAL F 264 30.56 -42.50 -48.60
N GLY F 265 31.43 -42.33 -47.60
CA GLY F 265 31.39 -43.14 -46.40
C GLY F 265 30.46 -42.58 -45.35
N ASP F 266 30.37 -43.33 -44.24
CA ASP F 266 29.51 -42.91 -43.13
C ASP F 266 30.06 -41.67 -42.43
N ALA F 267 31.36 -41.67 -42.15
CA ALA F 267 31.97 -40.57 -41.41
C ALA F 267 31.79 -39.25 -42.14
N GLU F 268 32.11 -39.23 -43.44
CA GLU F 268 31.94 -38.01 -44.23
C GLU F 268 30.50 -37.56 -44.26
N SER F 269 29.57 -38.51 -44.46
CA SER F 269 28.15 -38.18 -44.52
C SER F 269 27.68 -37.51 -43.23
N PHE F 270 28.01 -38.11 -42.09
CA PHE F 270 27.53 -37.57 -40.81
C PHE F 270 28.23 -36.26 -40.49
N THR F 271 29.53 -36.15 -40.78
CA THR F 271 30.23 -34.90 -40.53
C THR F 271 29.65 -33.77 -41.37
N THR F 272 29.32 -34.04 -42.64
CA THR F 272 28.74 -33.02 -43.49
C THR F 272 27.31 -32.67 -43.07
N ALA F 273 26.55 -33.65 -42.58
CA ALA F 273 25.21 -33.34 -42.06
C ALA F 273 25.30 -32.43 -40.84
N ARG F 274 26.24 -32.73 -39.93
CA ARG F 274 26.44 -31.87 -38.77
C ARG F 274 26.91 -30.48 -39.18
N ALA F 275 27.75 -30.40 -40.22
CA ALA F 275 28.20 -29.11 -40.70
C ALA F 275 27.05 -28.31 -41.31
N ILE F 276 26.16 -28.99 -42.03
CA ILE F 276 24.96 -28.33 -42.55
C ILE F 276 24.13 -27.75 -41.42
N ILE F 277 23.82 -28.58 -40.43
CA ILE F 277 23.02 -28.13 -39.28
C ILE F 277 23.70 -26.96 -38.59
N ARG F 278 25.03 -27.02 -38.45
CA ARG F 278 25.76 -25.99 -37.70
C ARG F 278 25.80 -24.66 -38.44
N ASN F 279 26.12 -24.70 -39.74
CA ASN F 279 26.42 -23.48 -40.47
C ASN F 279 25.23 -22.89 -41.21
N GLU F 280 24.31 -23.71 -41.71
CA GLU F 280 23.19 -23.20 -42.48
C GLU F 280 21.91 -23.09 -41.68
N GLY F 281 21.72 -23.93 -40.67
CA GLY F 281 20.50 -23.91 -39.89
C GLY F 281 19.37 -24.71 -40.49
N LEU F 282 19.66 -25.85 -41.10
CA LEU F 282 18.67 -26.74 -41.69
C LEU F 282 18.70 -28.05 -40.91
N PHE F 283 17.62 -28.34 -40.18
CA PHE F 283 17.56 -29.57 -39.39
C PHE F 283 17.33 -30.75 -40.33
N VAL F 284 18.43 -31.36 -40.78
CA VAL F 284 18.39 -32.33 -41.88
C VAL F 284 19.05 -33.62 -41.41
N GLY F 285 18.91 -34.67 -42.24
CA GLY F 285 19.37 -35.99 -41.90
C GLY F 285 20.75 -36.32 -42.48
N GLY F 286 21.16 -37.57 -42.22
CA GLY F 286 22.49 -38.00 -42.61
C GLY F 286 22.67 -38.21 -44.10
N SER F 287 21.68 -38.84 -44.74
CA SER F 287 21.74 -39.04 -46.19
C SER F 287 21.87 -37.72 -46.92
N SER F 288 21.30 -36.65 -46.36
CA SER F 288 21.48 -35.33 -46.94
C SER F 288 22.92 -34.88 -46.82
N GLY F 289 23.57 -35.18 -45.69
CA GLY F 289 24.99 -34.91 -45.58
C GLY F 289 25.82 -35.68 -46.59
N ALA F 290 25.44 -36.93 -46.84
CA ALA F 290 26.10 -37.71 -47.90
C ALA F 290 25.95 -37.03 -49.25
N ASN F 291 24.72 -36.63 -49.59
CA ASN F 291 24.48 -35.94 -50.85
C ASN F 291 25.28 -34.65 -50.95
N VAL F 292 25.40 -33.91 -49.85
CA VAL F 292 26.11 -32.64 -49.87
C VAL F 292 27.62 -32.87 -50.02
N TRP F 293 28.14 -33.93 -49.38
CA TRP F 293 29.54 -34.27 -49.60
C TRP F 293 29.79 -34.65 -51.05
N GLY F 294 28.88 -35.44 -51.64
CA GLY F 294 28.99 -35.73 -53.05
C GLY F 294 28.96 -34.49 -53.93
N ALA F 295 28.10 -33.53 -53.57
CA ALA F 295 28.05 -32.27 -54.29
C ALA F 295 29.36 -31.51 -54.18
N LEU F 296 29.93 -31.46 -52.96
CA LEU F 296 31.18 -30.76 -52.76
C LEU F 296 32.32 -31.41 -53.54
N GLN F 297 32.25 -32.73 -53.72
CA GLN F 297 33.27 -33.43 -54.49
C GLN F 297 33.04 -33.37 -55.99
N ALA F 298 31.80 -33.16 -56.44
CA ALA F 298 31.49 -33.16 -57.86
C ALA F 298 31.52 -31.76 -58.48
N ALA F 299 30.99 -30.76 -57.78
CA ALA F 299 30.92 -29.39 -58.30
C ALA F 299 32.18 -28.59 -58.01
N ARG F 300 33.28 -29.26 -57.64
CA ARG F 300 34.52 -28.56 -57.36
C ARG F 300 35.03 -27.80 -58.58
N GLN F 301 34.76 -28.30 -59.78
CA GLN F 301 35.25 -27.69 -61.01
C GLN F 301 34.41 -26.50 -61.46
N LEU F 302 33.25 -26.28 -60.86
CA LEU F 302 32.40 -25.19 -61.30
C LEU F 302 32.94 -23.84 -60.84
N LYS F 303 32.41 -22.79 -61.46
CA LYS F 303 32.83 -21.41 -61.23
C LYS F 303 31.65 -20.60 -60.73
N LYS F 304 31.87 -19.29 -60.57
CA LYS F 304 30.83 -18.40 -60.07
C LYS F 304 29.65 -18.37 -61.05
N GLY F 305 28.47 -18.14 -60.51
CA GLY F 305 27.27 -18.06 -61.34
C GLY F 305 26.51 -19.36 -61.51
N GLN F 306 27.24 -20.44 -61.82
CA GLN F 306 26.61 -21.73 -62.00
C GLN F 306 25.96 -22.20 -60.70
N LYS F 307 24.93 -23.04 -60.84
CA LYS F 307 24.14 -23.52 -59.72
C LYS F 307 24.26 -25.03 -59.61
N CYS F 308 24.55 -25.52 -58.42
CA CYS F 308 24.60 -26.95 -58.13
C CYS F 308 23.47 -27.28 -57.16
N VAL F 309 22.50 -28.08 -57.62
CA VAL F 309 21.31 -28.39 -56.85
C VAL F 309 21.54 -29.71 -56.11
N VAL F 310 21.21 -29.73 -54.82
CA VAL F 310 21.37 -30.90 -53.97
C VAL F 310 20.06 -31.18 -53.26
N LEU F 311 19.70 -32.47 -53.17
CA LEU F 311 18.48 -32.88 -52.50
C LEU F 311 18.77 -33.25 -51.04
N LEU F 312 17.86 -32.84 -50.16
CA LEU F 312 17.92 -33.20 -48.74
C LEU F 312 16.73 -34.10 -48.43
N PRO F 313 16.90 -35.43 -48.42
CA PRO F 313 15.71 -36.30 -48.40
C PRO F 313 14.85 -36.17 -47.15
N ASP F 314 15.43 -36.32 -45.96
CA ASP F 314 14.64 -36.39 -44.74
C ASP F 314 15.27 -35.53 -43.66
N SER F 315 14.50 -35.27 -42.61
CA SER F 315 14.89 -34.34 -41.56
C SER F 315 15.64 -35.05 -40.44
N SER F 316 16.10 -34.26 -39.47
CA SER F 316 16.81 -34.79 -38.32
C SER F 316 15.91 -35.53 -37.33
N ARG F 317 14.59 -35.37 -37.46
CA ARG F 317 13.67 -35.99 -36.51
C ARG F 317 13.86 -37.51 -36.47
N ASN F 318 14.09 -38.12 -37.63
CA ASN F 318 14.27 -39.57 -37.68
C ASN F 318 15.58 -40.02 -37.04
N TYR F 319 16.52 -39.11 -36.81
CA TYR F 319 17.80 -39.46 -36.20
C TYR F 319 18.10 -38.57 -35.00
N MET F 320 17.08 -38.20 -34.24
CA MET F 320 17.28 -37.34 -33.09
C MET F 320 18.23 -37.98 -32.09
N SER F 321 17.94 -39.21 -31.68
CA SER F 321 18.81 -39.95 -30.77
C SER F 321 19.91 -40.70 -31.51
N LYS F 322 19.86 -40.76 -32.84
CA LYS F 322 20.82 -41.57 -33.57
C LYS F 322 22.14 -40.84 -33.78
N PHE F 323 22.12 -39.72 -34.51
CA PHE F 323 23.37 -39.04 -34.86
C PHE F 323 23.44 -37.58 -34.42
N ILE F 324 22.32 -36.98 -34.00
CA ILE F 324 22.39 -35.65 -33.41
C ILE F 324 23.15 -35.69 -32.08
N SER F 325 22.89 -36.72 -31.28
CA SER F 325 23.59 -36.87 -30.00
C SER F 325 25.06 -37.21 -30.25
N ASP F 326 25.95 -36.40 -29.65
CA ASP F 326 27.38 -36.60 -29.84
C ASP F 326 27.89 -37.91 -29.26
N GLU F 327 27.18 -38.47 -28.27
CA GLU F 327 27.65 -39.71 -27.64
C GLU F 327 27.66 -40.87 -28.65
N TRP F 328 26.64 -40.96 -29.50
CA TRP F 328 26.60 -42.05 -30.47
C TRP F 328 27.66 -41.88 -31.55
N MET F 329 27.90 -40.65 -31.99
CA MET F 329 28.96 -40.42 -32.97
C MET F 329 30.33 -40.69 -32.39
N ALA F 330 30.52 -40.42 -31.09
CA ALA F 330 31.77 -40.80 -30.44
C ALA F 330 31.87 -42.31 -30.29
N GLU F 331 30.74 -43.00 -30.07
CA GLU F 331 30.75 -44.45 -29.98
C GLU F 331 31.17 -45.09 -31.31
N HIS F 332 30.91 -44.42 -32.42
CA HIS F 332 31.30 -44.92 -33.74
C HIS F 332 32.54 -44.24 -34.29
N GLY F 333 33.18 -43.37 -33.51
CA GLY F 333 34.42 -42.72 -33.92
C GLY F 333 34.32 -41.89 -35.18
N PHE F 334 33.39 -40.94 -35.20
CA PHE F 334 33.20 -40.04 -36.33
C PHE F 334 33.62 -38.63 -35.93
N ALA F 335 34.37 -37.97 -36.81
CA ALA F 335 34.75 -36.59 -36.58
C ALA F 335 33.50 -35.72 -36.48
N PRO F 336 33.22 -35.11 -35.31
CA PRO F 336 31.93 -34.45 -35.12
C PRO F 336 31.70 -33.28 -36.08
N GLU F 337 32.63 -32.32 -36.08
CA GLU F 337 32.55 -31.15 -36.95
C GLU F 337 33.81 -30.30 -36.81
N ASP F 338 34.15 -29.54 -37.84
CA ASP F 338 35.24 -28.58 -37.71
C ASP F 338 34.95 -27.55 -36.62
N GLY F 339 33.79 -26.90 -36.70
CA GLY F 339 33.35 -26.03 -35.63
C GLY F 339 32.13 -26.59 -34.91
N ALA F 340 32.33 -27.02 -33.68
CA ALA F 340 31.26 -27.58 -32.87
C ALA F 340 31.60 -27.37 -31.40
N LYS F 341 30.66 -27.76 -30.53
CA LYS F 341 30.88 -27.59 -29.09
C LYS F 341 31.88 -28.59 -28.55
N VAL F 342 31.91 -29.80 -29.12
CA VAL F 342 32.80 -30.85 -28.62
C VAL F 342 34.26 -30.42 -28.76
N LYS F 343 34.66 -30.03 -29.97
CA LYS F 343 36.05 -29.62 -30.19
C LYS F 343 36.37 -28.33 -29.46
N GLU F 344 35.41 -27.42 -29.35
CA GLU F 344 35.63 -26.18 -28.60
C GLU F 344 35.93 -26.47 -27.13
N ARG F 345 35.14 -27.34 -26.51
CA ARG F 345 35.39 -27.69 -25.11
C ARG F 345 36.67 -28.50 -24.95
N GLU F 346 36.95 -29.40 -25.90
CA GLU F 346 38.22 -30.12 -25.87
C GLU F 346 39.41 -29.16 -25.93
N LYS F 347 39.27 -28.08 -26.69
CA LYS F 347 40.34 -27.11 -26.80
C LYS F 347 40.49 -26.29 -25.53
N GLN F 348 39.37 -25.80 -24.98
CA GLN F 348 39.46 -24.91 -23.82
C GLN F 348 39.85 -25.67 -22.55
N PHE F 349 39.31 -26.87 -22.36
CA PHE F 349 39.52 -27.62 -21.12
C PHE F 349 40.66 -28.62 -21.19
N GLY F 350 40.74 -29.41 -22.27
CA GLY F 350 41.76 -30.43 -22.35
C GLY F 350 41.58 -31.50 -21.30
N GLY F 351 42.71 -31.99 -20.76
CA GLY F 351 42.70 -33.02 -19.74
C GLY F 351 42.50 -32.56 -18.32
N ALA F 352 42.06 -31.32 -18.11
CA ALA F 352 41.87 -30.80 -16.76
C ALA F 352 40.70 -31.50 -16.06
N ARG F 353 40.89 -31.80 -14.78
CA ARG F 353 39.88 -32.43 -13.95
C ARG F 353 39.41 -31.45 -12.87
N ILE F 354 38.31 -31.80 -12.21
CA ILE F 354 37.73 -30.88 -11.24
C ILE F 354 38.61 -30.70 -10.00
N ARG F 355 39.50 -31.65 -9.71
CA ARG F 355 40.44 -31.47 -8.62
C ARG F 355 41.32 -30.25 -8.87
N ASP F 356 41.77 -30.08 -10.11
CA ASP F 356 42.57 -28.91 -10.47
C ASP F 356 41.77 -27.63 -10.31
N LEU F 357 40.48 -27.67 -10.65
CA LEU F 357 39.63 -26.49 -10.50
C LEU F 357 39.44 -26.13 -9.04
N LEU F 358 39.19 -27.13 -8.18
CA LEU F 358 39.04 -26.86 -6.75
C LEU F 358 40.34 -26.37 -6.14
N SER F 359 41.48 -26.78 -6.69
CA SER F 359 42.75 -26.28 -6.16
C SER F 359 43.05 -24.86 -6.64
N GLU F 360 42.77 -24.57 -7.92
CA GLU F 360 43.06 -23.25 -8.47
C GLU F 360 42.11 -22.19 -7.90
N THR F 361 40.84 -22.53 -7.70
CA THR F 361 39.90 -21.57 -7.14
C THR F 361 40.16 -21.35 -5.65
N GLY F 362 40.38 -22.43 -4.91
CA GLY F 362 40.61 -22.33 -3.49
C GLY F 362 39.39 -22.82 -2.73
N ALA F 363 39.47 -24.05 -2.23
CA ALA F 363 38.32 -24.72 -1.63
C ALA F 363 38.37 -24.64 -0.11
N THR F 364 37.20 -24.50 0.49
CA THR F 364 37.06 -24.55 1.95
C THR F 364 37.15 -26.01 2.40
N SER F 365 36.90 -26.26 3.69
CA SER F 365 36.98 -27.61 4.21
C SER F 365 36.00 -28.53 3.51
N ASP F 366 34.71 -28.26 3.63
CA ASP F 366 33.68 -29.04 2.97
C ASP F 366 32.39 -28.22 2.92
N VAL F 367 31.39 -28.76 2.22
CA VAL F 367 30.11 -28.10 2.04
C VAL F 367 29.18 -28.48 3.18
N PRO F 368 28.28 -27.60 3.61
CA PRO F 368 27.37 -27.95 4.71
C PRO F 368 26.47 -29.11 4.32
N PHE F 369 26.02 -29.85 5.33
CA PHE F 369 25.25 -31.07 5.11
C PHE F 369 23.98 -31.07 5.96
N VAL F 370 22.93 -31.67 5.39
CA VAL F 370 21.63 -31.77 6.05
C VAL F 370 21.00 -33.10 5.69
N THR F 371 20.17 -33.62 6.59
CA THR F 371 19.55 -34.93 6.40
C THR F 371 18.33 -34.91 5.49
N ALA F 372 18.01 -33.78 4.87
CA ALA F 372 16.95 -33.64 3.88
C ALA F 372 15.56 -33.90 4.45
N ARG F 373 15.44 -34.09 5.76
CA ARG F 373 14.14 -34.21 6.41
C ARG F 373 13.99 -33.27 7.60
N LEU F 374 14.92 -32.34 7.76
CA LEU F 374 14.79 -31.32 8.79
C LEU F 374 13.75 -30.28 8.40
N SER F 375 13.05 -29.76 9.40
CA SER F 375 12.04 -28.74 9.16
C SER F 375 12.68 -27.46 8.62
N VAL F 376 11.90 -26.70 7.86
CA VAL F 376 12.41 -25.47 7.27
C VAL F 376 12.86 -24.48 8.34
N GLU F 377 12.20 -24.50 9.51
CA GLU F 377 12.62 -23.66 10.62
C GLU F 377 14.05 -23.97 11.03
N ASP F 378 14.34 -25.23 11.32
CA ASP F 378 15.67 -25.61 11.79
C ASP F 378 16.73 -25.42 10.71
N VAL F 379 16.38 -25.63 9.44
CA VAL F 379 17.38 -25.45 8.39
C VAL F 379 17.66 -23.97 8.18
N ILE F 380 16.66 -23.10 8.33
CA ILE F 380 16.91 -21.67 8.23
C ILE F 380 17.75 -21.20 9.42
N LYS F 381 17.50 -21.78 10.60
CA LYS F 381 18.33 -21.47 11.76
C LYS F 381 19.78 -21.88 11.54
N MET F 382 20.00 -23.09 11.05
CA MET F 382 21.36 -23.57 10.78
C MET F 382 22.03 -22.79 9.67
N MET F 383 21.25 -22.35 8.66
CA MET F 383 21.82 -21.58 7.57
C MET F 383 22.21 -20.19 8.01
N HIS F 384 21.43 -19.59 8.92
CA HIS F 384 21.83 -18.31 9.48
C HIS F 384 23.02 -18.45 10.43
N GLU F 385 23.09 -19.57 11.15
CA GLU F 385 24.22 -19.78 12.06
C GLU F 385 25.50 -20.09 11.30
N THR F 386 25.40 -20.71 10.12
CA THR F 386 26.58 -21.06 9.34
C THR F 386 26.96 -20.02 8.30
N LYS F 387 26.07 -19.08 7.99
CA LYS F 387 26.25 -17.95 7.07
C LYS F 387 26.26 -18.41 5.61
N VAL F 388 26.21 -19.71 5.34
CA VAL F 388 26.27 -20.19 3.97
C VAL F 388 24.95 -19.89 3.25
N LYS F 389 25.01 -19.93 1.91
CA LYS F 389 23.85 -19.71 1.07
C LYS F 389 23.22 -21.01 0.57
N GLU F 390 24.01 -21.88 -0.04
CA GLU F 390 23.50 -23.13 -0.58
C GLU F 390 23.77 -24.29 0.38
N VAL F 391 23.04 -25.38 0.16
CA VAL F 391 23.16 -26.59 0.97
C VAL F 391 22.81 -27.78 0.09
N ILE F 392 23.33 -28.95 0.46
CA ILE F 392 23.09 -30.19 -0.26
C ILE F 392 22.30 -31.12 0.66
N VAL F 393 21.17 -31.62 0.17
CA VAL F 393 20.27 -32.47 0.93
C VAL F 393 20.33 -33.89 0.39
N THR F 394 20.31 -34.87 1.30
CA THR F 394 20.49 -36.27 0.97
C THR F 394 19.53 -37.13 1.80
N GLU F 395 19.06 -38.22 1.20
CA GLU F 395 18.22 -39.18 1.91
C GLU F 395 18.99 -40.46 2.20
N THR F 403 25.67 -43.62 -0.27
CA THR F 403 24.41 -43.04 0.19
C THR F 403 23.67 -42.36 -0.96
N LYS F 404 22.34 -42.37 -0.88
CA LYS F 404 21.53 -41.76 -1.92
C LYS F 404 21.60 -40.23 -1.82
N LEU F 405 20.94 -39.56 -2.75
CA LEU F 405 21.03 -38.11 -2.87
C LEU F 405 19.69 -37.52 -3.27
N VAL F 406 19.35 -36.38 -2.68
CA VAL F 406 18.07 -35.71 -2.95
C VAL F 406 18.27 -34.49 -3.85
N GLY F 407 19.19 -33.60 -3.49
CA GLY F 407 19.45 -32.49 -4.40
C GLY F 407 20.07 -31.29 -3.67
N VAL F 408 19.85 -30.11 -4.25
CA VAL F 408 20.47 -28.88 -3.78
C VAL F 408 19.36 -27.91 -3.35
N LEU F 409 19.71 -26.98 -2.46
CA LEU F 409 18.74 -26.01 -1.97
C LEU F 409 19.45 -24.71 -1.64
N SER F 410 18.88 -23.59 -2.10
CA SER F 410 19.43 -22.27 -1.84
C SER F 410 18.47 -21.47 -0.97
N GLU F 411 19.04 -20.58 -0.16
CA GLU F 411 18.21 -19.77 0.75
C GLU F 411 17.27 -18.85 -0.01
N ASP F 412 17.65 -18.44 -1.22
CA ASP F 412 16.78 -17.60 -2.05
C ASP F 412 15.45 -18.31 -2.33
N HIS F 413 15.52 -19.52 -2.88
CA HIS F 413 14.30 -20.27 -3.14
C HIS F 413 13.58 -20.64 -1.84
N ILE F 414 14.33 -20.88 -0.77
CA ILE F 414 13.72 -21.13 0.54
C ILE F 414 12.80 -19.98 0.91
N ALA F 415 13.34 -18.76 0.92
CA ALA F 415 12.55 -17.59 1.29
C ALA F 415 11.39 -17.37 0.32
N HIS F 416 11.64 -17.50 -0.99
CA HIS F 416 10.59 -17.20 -1.96
C HIS F 416 9.44 -18.21 -1.88
N SER F 417 9.74 -19.47 -1.58
CA SER F 417 8.68 -20.45 -1.40
C SER F 417 8.00 -20.32 -0.04
N LEU F 418 8.74 -19.90 0.99
CA LEU F 418 8.14 -19.68 2.30
C LEU F 418 7.14 -18.54 2.27
N GLN F 419 7.49 -17.44 1.62
CA GLN F 419 6.57 -16.31 1.54
C GLN F 419 5.39 -16.58 0.62
N SER F 420 5.50 -17.54 -0.30
CA SER F 420 4.40 -17.86 -1.20
C SER F 420 3.31 -18.68 -0.52
N GLY F 421 3.46 -19.01 0.75
CA GLY F 421 2.48 -19.79 1.47
C GLY F 421 2.32 -21.23 1.02
N ARG F 422 3.30 -21.77 0.29
CA ARG F 422 3.27 -23.17 -0.12
C ARG F 422 4.40 -23.99 0.49
N CYS F 423 5.38 -23.35 1.10
CA CYS F 423 6.46 -24.04 1.82
C CYS F 423 6.41 -23.48 3.24
N ALA F 424 5.76 -24.22 4.13
CA ALA F 424 5.67 -23.82 5.53
C ALA F 424 6.99 -24.01 6.25
N MET F 425 7.10 -23.35 7.40
CA MET F 425 8.31 -23.49 8.22
C MET F 425 8.41 -24.87 8.83
N GLN F 426 7.27 -25.51 9.09
CA GLN F 426 7.23 -26.87 9.61
C GLN F 426 7.30 -27.92 8.50
N SER F 427 7.48 -27.51 7.24
CA SER F 427 7.52 -28.42 6.11
C SER F 427 8.90 -29.07 5.99
N PRO F 428 8.98 -30.26 5.39
CA PRO F 428 10.29 -30.87 5.17
C PRO F 428 11.03 -30.19 4.03
N VAL F 429 12.36 -30.31 4.07
CA VAL F 429 13.20 -29.63 3.09
C VAL F 429 12.99 -30.20 1.70
N LYS F 430 12.76 -31.51 1.60
CA LYS F 430 12.63 -32.16 0.29
C LYS F 430 11.54 -31.54 -0.57
N ASP F 431 10.57 -30.84 0.04
CA ASP F 431 9.51 -30.21 -0.74
C ASP F 431 10.04 -29.04 -1.56
N ILE F 432 10.99 -28.28 -1.02
CA ILE F 432 11.45 -27.05 -1.65
C ILE F 432 12.84 -27.18 -2.26
N ALA F 433 13.45 -28.35 -2.21
CA ALA F 433 14.80 -28.49 -2.74
C ALA F 433 14.79 -28.70 -4.25
N PHE F 434 15.94 -28.46 -4.87
CA PHE F 434 16.11 -28.71 -6.30
C PHE F 434 16.57 -30.16 -6.47
N LYS F 435 15.79 -30.94 -7.22
CA LYS F 435 16.00 -32.38 -7.31
C LYS F 435 16.80 -32.81 -8.52
N LYS F 436 17.03 -31.93 -9.49
CA LYS F 436 17.81 -32.25 -10.67
C LYS F 436 19.29 -31.98 -10.43
N LEU F 437 20.11 -33.01 -10.54
CA LEU F 437 21.55 -32.90 -10.33
C LEU F 437 22.25 -34.04 -11.06
N ALA F 438 23.56 -33.90 -11.23
CA ALA F 438 24.37 -34.89 -11.91
C ALA F 438 25.57 -35.25 -11.04
N LYS F 439 25.79 -36.56 -10.88
CA LYS F 439 26.91 -37.04 -10.07
C LYS F 439 28.19 -37.09 -10.89
N ALA F 440 29.29 -36.65 -10.27
CA ALA F 440 30.60 -36.63 -10.88
C ALA F 440 31.62 -37.17 -9.88
N LEU F 441 32.87 -37.27 -10.30
CA LEU F 441 33.94 -37.77 -9.45
C LEU F 441 35.17 -36.91 -9.66
N PRO F 442 36.01 -36.76 -8.62
CA PRO F 442 37.13 -35.83 -8.72
C PRO F 442 38.04 -36.08 -9.92
N SER F 443 38.15 -37.32 -10.36
CA SER F 443 38.97 -37.66 -11.51
C SER F 443 38.32 -37.31 -12.84
N ALA F 444 37.04 -36.96 -12.85
CA ALA F 444 36.35 -36.63 -14.08
C ALA F 444 36.92 -35.36 -14.70
N TYR F 445 37.01 -35.34 -16.02
CA TYR F 445 37.56 -34.20 -16.74
C TYR F 445 36.57 -33.02 -16.72
N LEU F 446 37.09 -31.85 -17.06
CA LEU F 446 36.22 -30.67 -17.16
C LEU F 446 35.30 -30.74 -18.37
N ARG F 447 35.74 -31.40 -19.45
CA ARG F 447 34.90 -31.50 -20.64
C ARG F 447 33.68 -32.37 -20.37
N ASP F 448 33.84 -33.45 -19.60
CA ASP F 448 32.72 -34.31 -19.31
C ASP F 448 31.73 -33.63 -18.37
N VAL F 449 32.23 -32.82 -17.44
CA VAL F 449 31.33 -32.07 -16.57
C VAL F 449 30.62 -30.97 -17.36
N ALA F 450 31.29 -30.37 -18.34
CA ALA F 450 30.63 -29.41 -19.21
C ALA F 450 29.56 -30.08 -20.06
N LYS F 451 29.80 -31.33 -20.48
CA LYS F 451 28.79 -32.08 -21.20
C LYS F 451 27.59 -32.40 -20.31
N ALA F 452 27.86 -32.80 -19.06
CA ALA F 452 26.77 -33.10 -18.13
C ALA F 452 25.98 -31.85 -17.76
N LEU F 453 26.63 -30.68 -17.79
CA LEU F 453 25.94 -29.43 -17.51
C LEU F 453 24.95 -29.06 -18.62
N ASP F 454 25.03 -29.71 -19.78
CA ASP F 454 24.06 -29.48 -20.83
C ASP F 454 22.69 -30.03 -20.48
N PHE F 455 22.61 -30.92 -19.49
CA PHE F 455 21.36 -31.53 -19.09
C PHE F 455 20.98 -31.27 -17.64
N SER F 456 21.94 -30.95 -16.77
CA SER F 456 21.68 -30.71 -15.36
C SER F 456 22.24 -29.36 -14.95
N PRO F 457 21.50 -28.58 -14.15
CA PRO F 457 22.02 -27.27 -13.75
C PRO F 457 23.20 -27.36 -12.80
N TYR F 458 23.15 -28.28 -11.84
CA TYR F 458 24.23 -28.46 -10.88
C TYR F 458 24.91 -29.82 -11.08
N VAL F 459 26.16 -29.90 -10.64
CA VAL F 459 26.92 -31.15 -10.68
C VAL F 459 27.60 -31.31 -9.32
N CYS F 460 27.29 -32.40 -8.64
CA CYS F 460 27.82 -32.70 -7.31
C CYS F 460 28.84 -33.83 -7.40
N VAL F 461 29.90 -33.73 -6.60
CA VAL F 461 30.99 -34.70 -6.63
C VAL F 461 30.73 -35.82 -5.63
N MET F 462 31.37 -36.95 -5.88
CA MET F 462 31.30 -38.13 -5.03
C MET F 462 32.71 -38.69 -4.84
N ASP F 463 33.11 -38.90 -3.59
CA ASP F 463 34.41 -39.49 -3.30
C ASP F 463 34.28 -40.99 -3.17
N GLU F 464 35.04 -41.73 -3.99
CA GLU F 464 34.95 -43.18 -4.06
C GLU F 464 35.52 -43.88 -2.84
N LYS F 465 36.04 -43.15 -1.86
CA LYS F 465 36.57 -43.76 -0.65
C LYS F 465 35.66 -43.50 0.55
N GLU F 492 37.26 -42.83 5.87
CA GLU F 492 36.64 -43.01 4.55
C GLU F 492 35.13 -42.77 4.63
N CYS F 493 34.74 -41.51 4.48
CA CYS F 493 33.35 -41.10 4.55
C CYS F 493 32.89 -40.51 3.22
N PRO F 494 31.60 -40.59 2.90
CA PRO F 494 31.10 -39.96 1.67
C PRO F 494 30.99 -38.45 1.85
N HIS F 495 32.08 -37.74 1.60
CA HIS F 495 32.19 -36.31 1.86
C HIS F 495 32.44 -35.57 0.54
N PHE F 496 31.34 -35.12 -0.07
CA PHE F 496 31.44 -34.30 -1.28
C PHE F 496 32.06 -32.95 -0.96
N LEU F 497 32.78 -32.40 -1.95
CA LEU F 497 33.57 -31.20 -1.74
C LEU F 497 32.90 -29.92 -2.22
N GLY F 498 31.95 -30.00 -3.16
CA GLY F 498 31.28 -28.78 -3.59
C GLY F 498 30.36 -29.03 -4.77
N VAL F 499 29.65 -27.97 -5.13
CA VAL F 499 28.75 -27.95 -6.27
C VAL F 499 29.30 -26.97 -7.29
N ILE F 500 29.06 -27.27 -8.57
CA ILE F 500 29.64 -26.54 -9.68
C ILE F 500 28.56 -26.21 -10.69
N THR F 501 28.58 -24.99 -11.22
CA THR F 501 27.67 -24.56 -12.27
C THR F 501 28.47 -23.98 -13.43
N ARG F 502 27.78 -23.71 -14.54
CA ARG F 502 28.45 -23.26 -15.75
C ARG F 502 29.17 -21.93 -15.56
N ILE F 503 28.59 -21.02 -14.76
CA ILE F 503 29.25 -19.74 -14.52
C ILE F 503 30.60 -19.96 -13.84
N ASP F 504 30.70 -21.00 -13.00
CA ASP F 504 32.00 -21.34 -12.42
C ASP F 504 32.99 -21.78 -13.49
N LEU F 505 32.51 -22.52 -14.50
CA LEU F 505 33.40 -22.91 -15.60
C LEU F 505 33.85 -21.70 -16.40
N LEU F 506 32.96 -20.72 -16.60
CA LEU F 506 33.36 -19.51 -17.32
C LEU F 506 34.35 -18.68 -16.49
N HIS F 507 34.15 -18.63 -15.18
CA HIS F 507 35.11 -17.93 -14.32
C HIS F 507 36.46 -18.62 -14.32
N TRP F 508 36.47 -19.96 -14.31
CA TRP F 508 37.73 -20.70 -14.38
C TRP F 508 38.42 -20.47 -15.72
N LEU F 509 37.66 -20.48 -16.82
CA LEU F 509 38.22 -20.16 -18.13
C LEU F 509 38.67 -18.70 -18.21
N ALA F 510 38.13 -17.83 -17.34
CA ALA F 510 38.60 -16.46 -17.26
C ALA F 510 39.94 -16.34 -16.55
N THR F 511 40.33 -17.37 -15.80
CA THR F 511 41.66 -17.41 -15.20
C THR F 511 42.71 -17.89 -16.20
N LYS F 512 42.28 -18.33 -17.37
CA LYS F 512 43.16 -18.71 -18.47
C LYS F 512 43.02 -17.69 -19.60
N GLN F 513 43.84 -17.85 -20.62
CA GLN F 513 43.78 -16.93 -21.76
C GLN F 513 43.83 -17.69 -23.08
#